data_1C7O
#
_entry.id   1C7O
#
_cell.length_a   89.373
_cell.length_b   107.929
_cell.length_c   176.156
_cell.angle_alpha   90.00
_cell.angle_beta   90.17
_cell.angle_gamma   90.00
#
_symmetry.space_group_name_H-M   'P 1 21 1'
#
loop_
_entity.id
_entity.type
_entity.pdbx_description
1 polymer CYSTALYSIN
2 non-polymer '(2E,3E)-4-(2-aminoethoxy)-2-[({3-hydroxy-2-methyl-5-[(phosphonooxy)methyl]pyridin-4-yl}methyl)imino]but-3-enoic acid'
3 water water
#
_entity_poly.entity_id   1
_entity_poly.type   'polypeptide(L)'
_entity_poly.pdbx_seq_one_letter_code
;MIYDFTTKISRKNLGSLKWDLMYSQNPEVGNEVVPLSVADMEFKNPPELIEGLKKYLDETVLGYTGPTEEYKKTVKKWMK
DRHQWDIQTDWIINTAGVVPAVFNAVREFTKPGDGVIIITPVYYPFFMAIKNQERKIIECELLEKDGYYTIDFQKLEKLS
KDKNNKALLFCSPHNPVGRVWKKDELQKIKDIVLKSDLMLWSDEIHFDLIMPGYEHTVFQSIDEQLADKTITFTAPSKTF
NIAGMGMSNIIIKNPDIRERFTKSRDATSGMPFTTLGYKACEICYKECGKWLDGCIKVIDKNQRIVKDFFEVNHPEIKAP
LIEGTYLQWIDFRALKMDHKAMEEFMIHKAQIFFDEGYIFGDGGIGFERINLAAPSSVIQESLERLNKALKDLKNRHLK
;
_entity_poly.pdbx_strand_id   A,B,C,D,E,F,G,H
#
# COMPACT_ATOMS: atom_id res chain seq x y z
N MET A 1 76.97 -39.68 -45.77
CA MET A 1 77.30 -41.01 -45.18
C MET A 1 76.22 -42.05 -45.47
N ILE A 2 76.54 -43.31 -45.15
CA ILE A 2 75.63 -44.45 -45.34
C ILE A 2 74.87 -44.69 -44.04
N TYR A 3 73.54 -44.78 -44.11
CA TYR A 3 72.75 -44.96 -42.90
C TYR A 3 72.19 -46.36 -42.70
N ASP A 4 72.51 -46.92 -41.53
CA ASP A 4 72.11 -48.26 -41.16
C ASP A 4 70.82 -48.31 -40.36
N PHE A 5 69.78 -48.88 -40.96
CA PHE A 5 68.49 -49.05 -40.31
C PHE A 5 68.13 -50.52 -40.50
N THR A 6 69.13 -51.34 -40.79
CA THR A 6 68.93 -52.76 -41.04
C THR A 6 69.62 -53.74 -40.10
N THR A 7 70.70 -53.32 -39.45
CA THR A 7 71.42 -54.20 -38.54
C THR A 7 70.66 -54.46 -37.25
N LYS A 8 70.44 -55.74 -36.94
CA LYS A 8 69.73 -56.09 -35.71
C LYS A 8 70.74 -56.00 -34.58
N ILE A 9 70.55 -55.06 -33.66
CA ILE A 9 71.50 -54.90 -32.56
C ILE A 9 71.02 -55.51 -31.26
N SER A 10 71.92 -55.56 -30.29
CA SER A 10 71.62 -56.10 -28.98
C SER A 10 72.05 -55.10 -27.90
N ARG A 11 71.15 -54.81 -26.96
CA ARG A 11 71.44 -53.87 -25.87
C ARG A 11 71.51 -54.63 -24.54
N LYS A 12 71.80 -55.92 -24.60
CA LYS A 12 71.88 -56.73 -23.39
C LYS A 12 73.11 -56.41 -22.52
N ASN A 13 72.88 -56.32 -21.22
CA ASN A 13 73.94 -56.05 -20.25
C ASN A 13 74.69 -54.75 -20.50
N LEU A 14 74.02 -53.76 -21.06
CA LEU A 14 74.67 -52.47 -21.32
C LEU A 14 74.00 -51.34 -20.55
N GLY A 15 73.03 -51.68 -19.70
CA GLY A 15 72.35 -50.68 -18.91
C GLY A 15 71.07 -50.10 -19.48
N SER A 16 70.64 -50.60 -20.64
CA SER A 16 69.41 -50.10 -21.27
C SER A 16 68.23 -50.36 -20.36
N LEU A 17 67.45 -49.33 -20.08
CA LEU A 17 66.28 -49.52 -19.24
C LEU A 17 65.24 -50.41 -19.92
N LYS A 18 65.18 -50.32 -21.24
CA LYS A 18 64.24 -51.14 -21.99
C LYS A 18 64.61 -52.61 -21.94
N TRP A 19 65.80 -52.95 -22.40
CA TRP A 19 66.22 -54.35 -22.38
C TRP A 19 66.23 -54.93 -20.98
N ASP A 20 66.83 -54.22 -20.03
CA ASP A 20 66.89 -54.70 -18.65
C ASP A 20 65.51 -54.96 -18.09
N LEU A 21 64.56 -54.10 -18.45
CA LEU A 21 63.18 -54.24 -17.99
C LEU A 21 62.60 -55.55 -18.54
N MET A 22 62.93 -55.85 -19.78
CA MET A 22 62.47 -57.08 -20.44
C MET A 22 62.90 -58.33 -19.68
N TYR A 23 64.20 -58.43 -19.36
CA TYR A 23 64.71 -59.58 -18.61
C TYR A 23 64.17 -59.56 -17.19
N SER A 24 63.79 -58.38 -16.73
CA SER A 24 63.22 -58.25 -15.39
C SER A 24 61.84 -58.92 -15.37
N GLN A 25 61.06 -58.69 -16.41
CA GLN A 25 59.72 -59.26 -16.52
C GLN A 25 59.70 -60.71 -17.00
N ASN A 26 60.56 -61.05 -17.94
CA ASN A 26 60.64 -62.41 -18.45
C ASN A 26 62.09 -62.87 -18.49
N PRO A 27 62.58 -63.40 -17.36
CA PRO A 27 63.97 -63.88 -17.26
C PRO A 27 64.26 -64.96 -18.30
N GLU A 28 63.21 -65.61 -18.78
CA GLU A 28 63.37 -66.68 -19.77
C GLU A 28 63.18 -66.25 -21.22
N VAL A 29 63.24 -64.95 -21.46
CA VAL A 29 63.07 -64.41 -22.81
C VAL A 29 64.09 -65.00 -23.78
N GLY A 30 63.71 -65.09 -25.04
CA GLY A 30 64.60 -65.63 -26.05
C GLY A 30 65.76 -64.69 -26.26
N ASN A 31 66.89 -65.22 -26.68
CA ASN A 31 68.07 -64.39 -26.90
C ASN A 31 67.95 -63.71 -28.26
N GLU A 32 66.88 -64.03 -29.00
CA GLU A 32 66.64 -63.45 -30.32
C GLU A 32 65.54 -62.39 -30.24
N VAL A 33 64.95 -62.23 -29.06
CA VAL A 33 63.88 -61.27 -28.84
C VAL A 33 64.35 -59.85 -28.58
N VAL A 34 63.75 -58.91 -29.30
CA VAL A 34 64.04 -57.50 -29.16
C VAL A 34 62.81 -56.83 -28.55
N PRO A 35 62.97 -56.13 -27.42
CA PRO A 35 61.81 -55.48 -26.82
C PRO A 35 61.29 -54.30 -27.66
N LEU A 36 59.99 -54.04 -27.59
CA LEU A 36 59.39 -52.96 -28.37
C LEU A 36 58.54 -52.04 -27.51
N SER A 37 58.99 -51.78 -26.29
CA SER A 37 58.28 -50.94 -25.34
C SER A 37 58.80 -49.50 -25.28
N VAL A 38 59.66 -49.23 -24.30
CA VAL A 38 60.26 -47.91 -24.08
C VAL A 38 60.57 -47.13 -25.36
N ALA A 39 60.30 -45.82 -25.32
CA ALA A 39 60.54 -44.97 -26.48
C ALA A 39 61.97 -44.49 -26.78
N ASP A 40 62.88 -45.41 -27.09
CA ASP A 40 64.23 -45.05 -27.51
C ASP A 40 64.42 -45.96 -28.72
N MET A 41 65.33 -45.62 -29.63
CA MET A 41 65.50 -46.41 -30.85
C MET A 41 66.42 -47.63 -30.82
N GLU A 42 66.09 -48.60 -31.67
CA GLU A 42 66.87 -49.82 -31.78
C GLU A 42 67.72 -49.69 -33.04
N PHE A 43 68.12 -48.44 -33.31
CA PHE A 43 68.96 -48.08 -34.45
C PHE A 43 70.24 -47.48 -33.91
N LYS A 44 71.36 -47.68 -34.61
CA LYS A 44 72.61 -47.10 -34.18
C LYS A 44 72.47 -45.60 -34.36
N ASN A 45 73.14 -44.83 -33.51
CA ASN A 45 73.08 -43.37 -33.59
C ASN A 45 73.64 -42.83 -34.89
N PRO A 46 73.20 -41.63 -35.31
CA PRO A 46 73.71 -41.05 -36.55
C PRO A 46 75.25 -41.09 -36.57
N PRO A 47 75.83 -41.46 -37.71
CA PRO A 47 77.29 -41.52 -37.82
C PRO A 47 77.94 -40.18 -37.53
N GLU A 48 77.40 -39.12 -38.10
CA GLU A 48 77.96 -37.78 -37.92
C GLU A 48 78.10 -37.44 -36.44
N LEU A 49 77.10 -37.83 -35.66
CA LEU A 49 77.09 -37.57 -34.23
C LEU A 49 78.25 -38.28 -33.57
N ILE A 50 78.37 -39.57 -33.84
CA ILE A 50 79.42 -40.38 -33.25
C ILE A 50 80.80 -39.84 -33.58
N GLU A 51 81.07 -39.65 -34.86
CA GLU A 51 82.38 -39.15 -35.26
C GLU A 51 82.63 -37.79 -34.65
N GLY A 52 81.59 -36.97 -34.60
CA GLY A 52 81.71 -35.65 -34.03
C GLY A 52 82.07 -35.72 -32.55
N LEU A 53 81.33 -36.54 -31.80
CA LEU A 53 81.57 -36.69 -30.38
C LEU A 53 82.98 -37.16 -30.06
N LYS A 54 83.49 -38.12 -30.80
CA LYS A 54 84.83 -38.64 -30.56
C LYS A 54 85.90 -37.59 -30.80
N LYS A 55 85.68 -36.76 -31.82
CA LYS A 55 86.59 -35.68 -32.20
C LYS A 55 86.60 -34.61 -31.11
N TYR A 56 85.43 -34.34 -30.58
CA TYR A 56 85.28 -33.33 -29.54
C TYR A 56 85.97 -33.81 -28.26
N LEU A 57 85.96 -35.12 -28.03
CA LEU A 57 86.57 -35.68 -26.84
C LEU A 57 88.09 -35.48 -26.81
N ASP A 58 88.72 -35.41 -27.98
CA ASP A 58 90.16 -35.23 -28.04
C ASP A 58 90.50 -33.76 -27.89
N GLU A 59 89.50 -32.90 -28.07
CA GLU A 59 89.71 -31.46 -27.99
C GLU A 59 89.39 -30.81 -26.63
N THR A 60 88.26 -31.22 -26.05
CA THR A 60 87.76 -30.61 -24.82
C THR A 60 88.25 -31.04 -23.45
N VAL A 61 87.71 -30.36 -22.45
CA VAL A 61 87.96 -30.60 -21.03
C VAL A 61 86.55 -30.81 -20.49
N LEU A 62 86.30 -31.94 -19.84
CA LEU A 62 84.97 -32.26 -19.33
C LEU A 62 84.58 -31.61 -17.99
N GLY A 63 84.71 -30.28 -17.90
CA GLY A 63 84.37 -29.58 -16.68
C GLY A 63 83.02 -28.91 -16.72
N TYR A 64 82.76 -27.99 -15.79
CA TYR A 64 81.47 -27.29 -15.76
C TYR A 64 81.21 -26.56 -17.07
N THR A 65 80.22 -27.05 -17.82
CA THR A 65 79.90 -26.46 -19.11
C THR A 65 78.47 -25.97 -19.21
N GLY A 66 78.29 -24.90 -19.99
CA GLY A 66 76.99 -24.32 -20.22
C GLY A 66 76.84 -24.12 -21.72
N PRO A 67 75.66 -23.68 -22.21
CA PRO A 67 75.42 -23.47 -23.64
C PRO A 67 76.15 -22.27 -24.25
N THR A 68 76.72 -22.46 -25.43
CA THR A 68 77.42 -21.37 -26.12
C THR A 68 76.43 -20.60 -26.98
N GLU A 69 76.83 -19.44 -27.47
CA GLU A 69 75.96 -18.63 -28.31
C GLU A 69 75.68 -19.36 -29.62
N GLU A 70 76.69 -20.07 -30.10
CA GLU A 70 76.56 -20.84 -31.33
C GLU A 70 75.53 -21.94 -31.11
N TYR A 71 75.54 -22.47 -29.88
CA TYR A 71 74.61 -23.54 -29.51
C TYR A 71 73.18 -23.03 -29.63
N LYS A 72 72.92 -21.86 -29.05
CA LYS A 72 71.60 -21.26 -29.06
C LYS A 72 71.12 -20.93 -30.46
N LYS A 73 71.97 -20.26 -31.24
CA LYS A 73 71.63 -19.91 -32.62
C LYS A 73 71.18 -21.15 -33.38
N THR A 74 71.90 -22.26 -33.17
CA THR A 74 71.60 -23.52 -33.83
C THR A 74 70.22 -24.03 -33.47
N VAL A 75 69.84 -23.92 -32.20
CA VAL A 75 68.52 -24.36 -31.77
C VAL A 75 67.45 -23.50 -32.41
N LYS A 76 67.72 -22.20 -32.53
CA LYS A 76 66.80 -21.25 -33.14
C LYS A 76 66.62 -21.56 -34.63
N LYS A 77 67.71 -21.91 -35.30
CA LYS A 77 67.67 -22.24 -36.73
C LYS A 77 66.83 -23.50 -36.97
N TRP A 78 67.05 -24.52 -36.15
CA TRP A 78 66.30 -25.77 -36.29
C TRP A 78 64.82 -25.48 -36.15
N MET A 79 64.48 -24.60 -35.22
CA MET A 79 63.08 -24.26 -34.99
C MET A 79 62.47 -23.53 -36.18
N LYS A 80 63.28 -22.71 -36.87
CA LYS A 80 62.79 -21.98 -38.04
C LYS A 80 62.71 -22.94 -39.22
N ASP A 81 63.84 -23.50 -39.61
CA ASP A 81 63.92 -24.43 -40.73
C ASP A 81 62.99 -25.63 -40.65
N ARG A 82 62.87 -26.22 -39.47
CA ARG A 82 62.04 -27.41 -39.32
C ARG A 82 60.60 -27.19 -38.86
N HIS A 83 60.32 -26.05 -38.25
CA HIS A 83 58.95 -25.82 -37.80
C HIS A 83 58.42 -24.42 -38.07
N GLN A 84 59.11 -23.68 -38.93
CA GLN A 84 58.68 -22.32 -39.27
C GLN A 84 58.36 -21.56 -37.99
N TRP A 85 59.09 -21.87 -36.94
CA TRP A 85 58.89 -21.26 -35.63
C TRP A 85 59.98 -20.25 -35.31
N ASP A 86 59.57 -19.01 -35.11
CA ASP A 86 60.50 -17.93 -34.80
C ASP A 86 60.73 -17.79 -33.30
N ILE A 87 61.95 -18.09 -32.86
CA ILE A 87 62.26 -18.00 -31.44
C ILE A 87 63.54 -17.21 -31.20
N GLN A 88 63.60 -16.58 -30.02
CA GLN A 88 64.77 -15.81 -29.62
C GLN A 88 65.66 -16.71 -28.78
N THR A 89 66.97 -16.46 -28.81
CA THR A 89 67.90 -17.30 -28.07
C THR A 89 67.71 -17.29 -26.55
N ASP A 90 67.29 -16.17 -25.99
CA ASP A 90 67.11 -16.10 -24.56
C ASP A 90 65.80 -16.70 -24.07
N TRP A 91 65.03 -17.26 -25.00
CA TRP A 91 63.77 -17.93 -24.66
C TRP A 91 64.17 -19.35 -24.22
N ILE A 92 65.39 -19.74 -24.57
CA ILE A 92 65.91 -21.07 -24.31
C ILE A 92 66.39 -21.34 -22.89
N ILE A 93 65.75 -22.29 -22.22
CA ILE A 93 66.12 -22.67 -20.89
C ILE A 93 66.41 -24.17 -20.94
N ASN A 94 67.57 -24.57 -20.44
CA ASN A 94 67.93 -25.98 -20.49
C ASN A 94 67.66 -26.75 -19.21
N THR A 95 67.32 -28.02 -19.39
CA THR A 95 67.05 -28.93 -18.29
C THR A 95 67.55 -30.30 -18.74
N ALA A 96 67.80 -31.20 -17.79
CA ALA A 96 68.29 -32.53 -18.11
C ALA A 96 67.28 -33.30 -18.94
N GLY A 97 66.01 -33.24 -18.56
CA GLY A 97 64.98 -33.93 -19.31
C GLY A 97 63.69 -33.15 -19.42
N VAL A 98 62.79 -33.63 -20.28
CA VAL A 98 61.50 -32.97 -20.48
C VAL A 98 60.53 -33.29 -19.34
N VAL A 99 60.59 -34.52 -18.82
CA VAL A 99 59.72 -34.90 -17.70
C VAL A 99 60.09 -34.08 -16.45
N PRO A 100 61.39 -33.97 -16.14
CA PRO A 100 61.76 -33.17 -14.96
C PRO A 100 61.27 -31.74 -15.16
N ALA A 101 61.38 -31.25 -16.40
CA ALA A 101 60.93 -29.91 -16.73
C ALA A 101 59.41 -29.81 -16.48
N VAL A 102 58.67 -30.85 -16.83
CA VAL A 102 57.23 -30.87 -16.63
C VAL A 102 56.90 -30.90 -15.15
N PHE A 103 57.69 -31.66 -14.38
CA PHE A 103 57.48 -31.74 -12.95
C PHE A 103 57.76 -30.37 -12.36
N ASN A 104 58.69 -29.67 -12.98
CA ASN A 104 59.08 -28.35 -12.52
C ASN A 104 58.00 -27.31 -12.82
N ALA A 105 57.28 -27.50 -13.92
CA ALA A 105 56.20 -26.59 -14.28
C ALA A 105 55.09 -26.68 -13.23
N VAL A 106 54.71 -27.90 -12.88
CA VAL A 106 53.67 -28.14 -11.88
C VAL A 106 54.05 -27.50 -10.56
N ARG A 107 55.27 -27.81 -10.13
CA ARG A 107 55.82 -27.32 -8.87
C ARG A 107 55.85 -25.81 -8.72
N GLU A 108 56.19 -25.11 -9.78
CA GLU A 108 56.29 -23.65 -9.72
C GLU A 108 55.02 -22.86 -9.98
N PHE A 109 54.21 -23.30 -10.94
CA PHE A 109 53.00 -22.56 -11.28
C PHE A 109 51.67 -23.04 -10.70
N THR A 110 51.72 -24.00 -9.79
CA THR A 110 50.51 -24.49 -9.12
C THR A 110 50.90 -24.82 -7.67
N LYS A 111 49.91 -25.18 -6.87
CA LYS A 111 50.15 -25.51 -5.48
C LYS A 111 49.25 -26.69 -5.08
N PRO A 112 49.61 -27.40 -4.00
CA PRO A 112 48.81 -28.55 -3.56
C PRO A 112 47.32 -28.23 -3.60
N GLY A 113 46.55 -29.10 -4.23
CA GLY A 113 45.11 -28.88 -4.34
C GLY A 113 44.70 -28.38 -5.71
N ASP A 114 45.55 -27.57 -6.35
CA ASP A 114 45.25 -27.05 -7.69
C ASP A 114 45.06 -28.17 -8.70
N GLY A 115 44.37 -27.86 -9.79
CA GLY A 115 44.16 -28.87 -10.82
C GLY A 115 44.95 -28.60 -12.08
N VAL A 116 45.37 -29.67 -12.74
CA VAL A 116 46.10 -29.57 -14.01
C VAL A 116 45.37 -30.46 -15.00
N ILE A 117 44.91 -29.86 -16.08
CA ILE A 117 44.17 -30.59 -17.11
C ILE A 117 45.10 -31.32 -18.07
N ILE A 118 44.84 -32.62 -18.25
CA ILE A 118 45.60 -33.44 -19.19
C ILE A 118 44.59 -34.23 -20.03
N ILE A 119 44.86 -34.33 -21.32
CA ILE A 119 43.97 -35.07 -22.21
C ILE A 119 44.41 -36.54 -22.26
N THR A 120 43.61 -37.39 -21.61
CA THR A 120 43.89 -38.82 -21.52
C THR A 120 43.12 -39.62 -22.57
N PRO A 121 43.60 -40.82 -22.92
CA PRO A 121 44.80 -41.50 -22.42
C PRO A 121 46.08 -40.84 -22.94
N VAL A 122 47.15 -40.86 -22.13
CA VAL A 122 48.40 -40.21 -22.52
C VAL A 122 49.60 -40.71 -21.70
N TYR A 123 50.79 -40.28 -22.11
CA TYR A 123 52.07 -40.60 -21.46
C TYR A 123 51.94 -40.55 -19.94
N TYR A 124 52.17 -41.68 -19.28
CA TYR A 124 52.00 -41.81 -17.83
C TYR A 124 52.65 -40.83 -16.87
N PRO A 125 53.83 -40.29 -17.22
CA PRO A 125 54.45 -39.34 -16.29
C PRO A 125 53.59 -38.10 -16.04
N PHE A 126 52.72 -37.75 -17.00
CA PHE A 126 51.84 -36.61 -16.84
C PHE A 126 51.01 -36.77 -15.57
N PHE A 127 50.44 -37.95 -15.37
CA PHE A 127 49.64 -38.19 -14.17
C PHE A 127 50.55 -38.05 -12.94
N MET A 128 51.76 -38.56 -13.04
CA MET A 128 52.71 -38.51 -11.94
C MET A 128 53.12 -37.10 -11.56
N ALA A 129 53.46 -36.29 -12.57
CA ALA A 129 53.88 -34.92 -12.32
C ALA A 129 52.88 -34.20 -11.42
N ILE A 130 51.60 -34.51 -11.64
CA ILE A 130 50.52 -33.89 -10.90
C ILE A 130 50.23 -34.53 -9.55
N LYS A 131 49.67 -35.74 -9.56
CA LYS A 131 49.31 -36.41 -8.31
C LYS A 131 50.42 -36.62 -7.29
N ASN A 132 51.65 -36.79 -7.76
CA ASN A 132 52.74 -37.02 -6.82
C ASN A 132 53.13 -35.75 -6.09
N GLN A 133 52.60 -34.61 -6.53
CA GLN A 133 52.92 -33.35 -5.88
C GLN A 133 51.69 -32.74 -5.24
N GLU A 134 50.76 -33.60 -4.84
CA GLU A 134 49.52 -33.17 -4.19
C GLU A 134 48.63 -32.27 -5.03
N ARG A 135 48.82 -32.29 -6.35
CA ARG A 135 47.96 -31.50 -7.23
C ARG A 135 46.86 -32.46 -7.70
N LYS A 136 45.81 -31.91 -8.33
CA LYS A 136 44.69 -32.73 -8.80
C LYS A 136 44.71 -32.98 -10.30
N ILE A 137 44.48 -34.24 -10.68
CA ILE A 137 44.46 -34.60 -12.10
C ILE A 137 43.06 -34.37 -12.66
N ILE A 138 42.98 -33.47 -13.63
CA ILE A 138 41.71 -33.17 -14.27
C ILE A 138 41.77 -33.77 -15.67
N GLU A 139 41.15 -34.94 -15.81
CA GLU A 139 41.13 -35.67 -17.07
C GLU A 139 40.06 -35.24 -18.07
N CYS A 140 40.49 -34.94 -19.28
CA CYS A 140 39.58 -34.57 -20.35
C CYS A 140 39.72 -35.65 -21.41
N GLU A 141 39.15 -36.82 -21.10
CA GLU A 141 39.19 -38.01 -21.95
C GLU A 141 38.95 -37.78 -23.44
N LEU A 142 39.79 -38.41 -24.25
CA LEU A 142 39.70 -38.31 -25.70
C LEU A 142 38.49 -39.06 -26.24
N LEU A 143 37.99 -38.60 -27.39
CA LEU A 143 36.86 -39.26 -28.01
C LEU A 143 37.45 -40.25 -29.01
N GLU A 144 37.06 -41.51 -28.90
CA GLU A 144 37.59 -42.55 -29.77
C GLU A 144 36.53 -43.11 -30.72
N LYS A 145 36.83 -43.04 -32.02
CA LYS A 145 35.93 -43.52 -33.07
C LYS A 145 36.70 -44.36 -34.09
N ASP A 146 36.35 -45.64 -34.18
CA ASP A 146 37.00 -46.52 -35.15
C ASP A 146 38.52 -46.48 -35.00
N GLY A 147 38.99 -46.02 -33.85
CA GLY A 147 40.43 -45.94 -33.65
C GLY A 147 40.97 -44.54 -33.90
N TYR A 148 40.08 -43.60 -34.19
CA TYR A 148 40.51 -42.23 -34.41
C TYR A 148 40.22 -41.36 -33.20
N TYR A 149 41.25 -40.71 -32.70
CA TYR A 149 41.12 -39.88 -31.53
C TYR A 149 40.97 -38.39 -31.81
N THR A 150 40.00 -37.79 -31.12
CA THR A 150 39.69 -36.37 -31.23
C THR A 150 39.44 -35.85 -29.82
N ILE A 151 39.48 -34.53 -29.69
CA ILE A 151 39.28 -33.88 -28.40
C ILE A 151 37.81 -33.60 -28.07
N ASP A 152 37.45 -33.84 -26.81
CA ASP A 152 36.10 -33.60 -26.34
C ASP A 152 36.08 -32.12 -25.98
N PHE A 153 36.02 -31.27 -27.00
CA PHE A 153 36.02 -29.82 -26.79
C PHE A 153 35.00 -29.35 -25.78
N GLN A 154 33.83 -29.97 -25.80
CA GLN A 154 32.76 -29.61 -24.87
C GLN A 154 33.24 -29.75 -23.43
N LYS A 155 33.86 -30.89 -23.12
CA LYS A 155 34.37 -31.11 -21.77
C LYS A 155 35.53 -30.18 -21.45
N LEU A 156 36.38 -29.93 -22.44
CA LEU A 156 37.54 -29.07 -22.26
C LEU A 156 37.10 -27.67 -21.80
N GLU A 157 36.27 -27.00 -22.59
CA GLU A 157 35.80 -25.67 -22.23
C GLU A 157 35.16 -25.65 -20.83
N LYS A 158 34.33 -26.64 -20.55
CA LYS A 158 33.68 -26.75 -19.26
C LYS A 158 34.76 -26.72 -18.17
N LEU A 159 35.76 -27.59 -18.30
CA LEU A 159 36.84 -27.69 -17.33
C LEU A 159 37.63 -26.40 -17.16
N SER A 160 37.84 -25.67 -18.26
CA SER A 160 38.59 -24.41 -18.21
C SER A 160 37.81 -23.33 -17.47
N LYS A 161 36.59 -23.64 -17.08
CA LYS A 161 35.75 -22.70 -16.35
C LYS A 161 35.97 -22.84 -14.86
N ASP A 162 36.39 -24.03 -14.43
CA ASP A 162 36.67 -24.27 -13.02
C ASP A 162 38.01 -23.60 -12.75
N LYS A 163 37.95 -22.41 -12.17
CA LYS A 163 39.14 -21.62 -11.86
C LYS A 163 40.17 -22.33 -11.00
N ASN A 164 39.81 -23.45 -10.38
CA ASN A 164 40.78 -24.19 -9.57
C ASN A 164 41.80 -24.89 -10.47
N ASN A 165 41.48 -24.99 -11.76
CA ASN A 165 42.35 -25.61 -12.73
C ASN A 165 43.28 -24.51 -13.25
N LYS A 166 44.57 -24.70 -13.05
CA LYS A 166 45.55 -23.70 -13.44
C LYS A 166 46.16 -23.81 -14.83
N ALA A 167 46.13 -24.99 -15.43
CA ALA A 167 46.72 -25.10 -16.76
C ALA A 167 46.48 -26.43 -17.46
N LEU A 168 46.63 -26.41 -18.78
CA LEU A 168 46.45 -27.58 -19.62
C LEU A 168 47.83 -28.10 -20.02
N LEU A 169 48.09 -29.38 -19.69
CA LEU A 169 49.35 -30.04 -20.02
C LEU A 169 49.11 -30.82 -21.31
N PHE A 170 49.55 -30.23 -22.42
CA PHE A 170 49.35 -30.78 -23.76
C PHE A 170 50.51 -31.60 -24.32
N CYS A 171 50.16 -32.73 -24.94
CA CYS A 171 51.14 -33.60 -25.56
C CYS A 171 50.91 -33.49 -27.07
N SER A 172 51.89 -32.96 -27.80
CA SER A 172 51.74 -32.77 -29.24
C SER A 172 53.06 -32.93 -30.02
N PRO A 173 53.21 -34.02 -30.80
CA PRO A 173 52.30 -35.12 -31.07
C PRO A 173 51.85 -35.84 -29.79
N HIS A 174 50.69 -36.49 -29.86
CA HIS A 174 50.12 -37.17 -28.71
C HIS A 174 50.44 -38.66 -28.51
N ASN A 175 51.35 -38.91 -27.57
CA ASN A 175 51.74 -40.27 -27.22
C ASN A 175 50.63 -40.69 -26.25
N PRO A 176 50.10 -41.93 -26.38
CA PRO A 176 50.41 -43.00 -27.33
C PRO A 176 49.48 -43.27 -28.51
N VAL A 177 48.63 -42.33 -28.89
CA VAL A 177 47.73 -42.61 -30.03
C VAL A 177 48.28 -42.16 -31.37
N GLY A 178 49.47 -41.55 -31.36
CA GLY A 178 50.08 -41.09 -32.60
C GLY A 178 49.44 -39.90 -33.28
N ARG A 179 48.46 -39.27 -32.62
CA ARG A 179 47.78 -38.12 -33.21
C ARG A 179 48.66 -36.88 -33.36
N VAL A 180 48.63 -36.29 -34.55
CA VAL A 180 49.35 -35.05 -34.83
C VAL A 180 48.21 -34.05 -34.96
N TRP A 181 48.09 -33.16 -33.99
CA TRP A 181 47.02 -32.17 -33.99
C TRP A 181 46.91 -31.30 -35.25
N LYS A 182 45.68 -31.07 -35.68
CA LYS A 182 45.39 -30.26 -36.86
C LYS A 182 45.30 -28.80 -36.46
N LYS A 183 45.70 -27.91 -37.37
CA LYS A 183 45.66 -26.48 -37.09
C LYS A 183 44.30 -26.04 -36.55
N ASP A 184 43.23 -26.57 -37.13
CA ASP A 184 41.89 -26.20 -36.70
C ASP A 184 41.52 -26.71 -35.30
N GLU A 185 42.13 -27.82 -34.88
CA GLU A 185 41.86 -28.36 -33.55
C GLU A 185 42.59 -27.48 -32.53
N LEU A 186 43.82 -27.12 -32.83
CA LEU A 186 44.62 -26.28 -31.95
C LEU A 186 43.92 -24.93 -31.77
N GLN A 187 43.37 -24.42 -32.86
CA GLN A 187 42.66 -23.15 -32.85
C GLN A 187 41.54 -23.19 -31.82
N LYS A 188 40.80 -24.29 -31.78
CA LYS A 188 39.69 -24.41 -30.83
C LYS A 188 40.20 -24.46 -29.40
N ILE A 189 41.32 -25.16 -29.19
CA ILE A 189 41.93 -25.27 -27.88
C ILE A 189 42.51 -23.91 -27.48
N LYS A 190 43.14 -23.23 -28.43
CA LYS A 190 43.71 -21.92 -28.16
C LYS A 190 42.66 -21.01 -27.55
N ASP A 191 41.51 -20.93 -28.22
CA ASP A 191 40.43 -20.07 -27.75
C ASP A 191 39.93 -20.39 -26.35
N ILE A 192 39.87 -21.68 -26.01
CA ILE A 192 39.42 -22.05 -24.68
C ILE A 192 40.43 -21.52 -23.67
N VAL A 193 41.71 -21.71 -23.98
CA VAL A 193 42.79 -21.26 -23.10
C VAL A 193 42.88 -19.74 -22.97
N LEU A 194 42.80 -19.03 -24.10
CA LEU A 194 42.88 -17.56 -24.09
C LEU A 194 41.67 -16.94 -23.41
N LYS A 195 40.56 -17.67 -23.44
CA LYS A 195 39.33 -17.19 -22.82
C LYS A 195 39.38 -17.43 -21.31
N SER A 196 40.34 -18.24 -20.86
CA SER A 196 40.48 -18.55 -19.44
C SER A 196 41.83 -18.13 -18.87
N ASP A 197 42.07 -18.51 -17.62
CA ASP A 197 43.34 -18.18 -16.97
C ASP A 197 44.27 -19.38 -16.99
N LEU A 198 44.13 -20.22 -18.01
CA LEU A 198 44.98 -21.41 -18.11
C LEU A 198 46.34 -21.15 -18.76
N MET A 199 47.36 -21.76 -18.19
CA MET A 199 48.70 -21.69 -18.75
C MET A 199 48.73 -22.85 -19.71
N LEU A 200 49.64 -22.81 -20.68
CA LEU A 200 49.75 -23.90 -21.64
C LEU A 200 51.14 -24.52 -21.55
N TRP A 201 51.17 -25.81 -21.20
CA TRP A 201 52.41 -26.57 -21.09
C TRP A 201 52.40 -27.60 -22.23
N SER A 202 52.87 -27.19 -23.40
CA SER A 202 52.88 -28.08 -24.55
C SER A 202 54.18 -28.89 -24.70
N ASP A 203 54.08 -30.19 -24.47
CA ASP A 203 55.21 -31.09 -24.57
C ASP A 203 55.25 -31.56 -26.01
N GLU A 204 56.19 -31.02 -26.79
CA GLU A 204 56.31 -31.35 -28.21
C GLU A 204 57.62 -32.08 -28.53
N ILE A 205 58.10 -32.88 -27.58
CA ILE A 205 59.35 -33.62 -27.75
C ILE A 205 59.34 -34.55 -28.98
N HIS A 206 58.14 -34.93 -29.40
CA HIS A 206 57.99 -35.81 -30.56
C HIS A 206 57.74 -35.08 -31.86
N PHE A 207 57.76 -33.75 -31.83
CA PHE A 207 57.45 -32.97 -33.01
C PHE A 207 58.32 -33.14 -34.26
N ASP A 208 59.41 -33.91 -34.17
CA ASP A 208 60.28 -34.12 -35.32
C ASP A 208 59.99 -35.47 -36.00
N LEU A 209 59.23 -36.32 -35.32
CA LEU A 209 58.89 -37.64 -35.84
C LEU A 209 57.46 -37.64 -36.37
N ILE A 210 57.26 -36.92 -37.47
CA ILE A 210 55.97 -36.79 -38.13
C ILE A 210 55.91 -37.75 -39.33
N MET A 211 54.85 -38.54 -39.39
CA MET A 211 54.69 -39.50 -40.48
C MET A 211 54.33 -38.87 -41.82
N PRO A 212 54.75 -39.51 -42.93
CA PRO A 212 54.47 -39.03 -44.28
C PRO A 212 52.97 -38.86 -44.43
N GLY A 213 52.53 -37.62 -44.64
CA GLY A 213 51.12 -37.34 -44.79
C GLY A 213 50.62 -36.32 -43.80
N TYR A 214 51.50 -35.80 -42.94
CA TYR A 214 51.09 -34.81 -41.95
C TYR A 214 52.15 -33.77 -41.64
N GLU A 215 51.71 -32.67 -41.04
CA GLU A 215 52.60 -31.59 -40.67
C GLU A 215 52.22 -31.16 -39.25
N HIS A 216 53.23 -31.03 -38.40
CA HIS A 216 53.03 -30.61 -37.01
C HIS A 216 53.10 -29.10 -36.91
N THR A 217 52.29 -28.56 -36.00
CA THR A 217 52.27 -27.12 -35.78
C THR A 217 52.62 -26.83 -34.32
N VAL A 218 53.66 -26.02 -34.11
CA VAL A 218 54.10 -25.66 -32.77
C VAL A 218 52.96 -24.84 -32.17
N PHE A 219 52.33 -25.38 -31.14
CA PHE A 219 51.20 -24.71 -30.53
C PHE A 219 51.32 -23.22 -30.27
N GLN A 220 52.40 -22.78 -29.64
CA GLN A 220 52.53 -21.37 -29.34
C GLN A 220 52.86 -20.46 -30.52
N SER A 221 53.07 -21.02 -31.71
CA SER A 221 53.41 -20.18 -32.86
C SER A 221 52.17 -19.65 -33.59
N ILE A 222 51.00 -20.13 -33.21
CA ILE A 222 49.75 -19.71 -33.87
C ILE A 222 49.15 -18.41 -33.32
N ASP A 223 49.53 -18.03 -32.10
CA ASP A 223 49.00 -16.82 -31.49
C ASP A 223 49.94 -16.26 -30.42
N GLU A 224 50.31 -14.99 -30.60
CA GLU A 224 51.22 -14.26 -29.71
C GLU A 224 50.80 -14.26 -28.23
N GLN A 225 49.53 -14.01 -27.98
CA GLN A 225 49.03 -13.96 -26.61
C GLN A 225 49.06 -15.32 -25.93
N LEU A 226 48.91 -16.39 -26.71
CA LEU A 226 48.97 -17.74 -26.15
C LEU A 226 50.44 -17.99 -25.78
N ALA A 227 51.35 -17.64 -26.69
CA ALA A 227 52.77 -17.81 -26.44
C ALA A 227 53.16 -17.08 -25.15
N ASP A 228 52.56 -15.92 -24.92
CA ASP A 228 52.83 -15.11 -23.73
C ASP A 228 52.63 -15.86 -22.41
N LYS A 229 51.79 -16.89 -22.43
CA LYS A 229 51.59 -17.69 -21.22
C LYS A 229 51.77 -19.16 -21.55
N THR A 230 52.76 -19.47 -22.38
CA THR A 230 53.03 -20.85 -22.75
C THR A 230 54.47 -21.28 -22.55
N ILE A 231 54.64 -22.54 -22.16
CA ILE A 231 55.94 -23.15 -21.96
C ILE A 231 55.94 -24.32 -22.92
N THR A 232 56.90 -24.33 -23.86
CA THR A 232 56.99 -25.42 -24.82
C THR A 232 58.18 -26.33 -24.54
N PHE A 233 57.92 -27.60 -24.27
CA PHE A 233 59.00 -28.54 -23.99
C PHE A 233 59.54 -29.20 -25.26
N THR A 234 60.81 -28.95 -25.59
CA THR A 234 61.37 -29.58 -26.76
C THR A 234 62.69 -30.24 -26.41
N ALA A 235 63.14 -31.15 -27.26
CA ALA A 235 64.40 -31.85 -27.06
C ALA A 235 64.83 -32.58 -28.33
N PRO A 236 66.13 -32.88 -28.46
CA PRO A 236 66.61 -33.59 -29.64
C PRO A 236 66.64 -35.10 -29.36
N SER A 237 66.40 -35.44 -28.10
CA SER A 237 66.43 -36.82 -27.64
C SER A 237 65.68 -37.87 -28.48
N LYS A 238 64.38 -37.69 -28.68
CA LYS A 238 63.62 -38.66 -29.47
C LYS A 238 63.99 -38.63 -30.94
N THR A 239 64.17 -37.41 -31.46
CA THR A 239 64.53 -37.20 -32.87
C THR A 239 65.75 -37.99 -33.30
N PHE A 240 66.86 -37.85 -32.57
CA PHE A 240 68.09 -38.52 -32.94
C PHE A 240 68.57 -39.68 -32.04
N ASN A 241 67.66 -40.22 -31.25
CA ASN A 241 67.94 -41.34 -30.35
C ASN A 241 69.05 -41.04 -29.34
N ILE A 242 68.94 -39.90 -28.65
CA ILE A 242 69.92 -39.53 -27.65
C ILE A 242 69.30 -39.15 -26.32
N ALA A 243 68.36 -39.98 -25.86
CA ALA A 243 67.72 -39.74 -24.58
C ALA A 243 68.79 -39.93 -23.52
N GLY A 244 69.92 -40.52 -23.94
CA GLY A 244 71.03 -40.75 -23.04
C GLY A 244 72.07 -39.65 -23.02
N MET A 245 71.78 -38.53 -23.69
CA MET A 245 72.73 -37.41 -23.71
C MET A 245 72.22 -36.27 -22.82
N GLY A 246 71.00 -36.47 -22.30
CA GLY A 246 70.38 -35.52 -21.40
C GLY A 246 70.51 -34.02 -21.67
N MET A 247 69.74 -33.52 -22.63
CA MET A 247 69.77 -32.10 -22.93
C MET A 247 68.47 -31.64 -23.52
N SER A 248 67.69 -30.89 -22.73
CA SER A 248 66.41 -30.40 -23.21
C SER A 248 66.50 -28.90 -23.50
N ASN A 249 65.60 -28.43 -24.36
CA ASN A 249 65.53 -27.02 -24.71
C ASN A 249 64.11 -26.54 -24.46
N ILE A 250 63.83 -26.10 -23.24
CA ILE A 250 62.49 -25.62 -22.91
C ILE A 250 62.39 -24.19 -23.39
N ILE A 251 61.44 -23.95 -24.30
CA ILE A 251 61.25 -22.62 -24.87
C ILE A 251 60.15 -21.87 -24.14
N ILE A 252 60.51 -20.69 -23.62
CA ILE A 252 59.58 -19.86 -22.86
C ILE A 252 59.74 -18.39 -23.27
N LYS A 253 58.72 -17.84 -23.92
CA LYS A 253 58.73 -16.45 -24.40
C LYS A 253 58.67 -15.38 -23.30
N ASN A 254 57.63 -15.45 -22.47
CA ASN A 254 57.46 -14.48 -21.40
C ASN A 254 58.59 -14.47 -20.39
N PRO A 255 59.28 -13.34 -20.24
CA PRO A 255 60.41 -13.19 -19.32
C PRO A 255 60.11 -13.56 -17.87
N ASP A 256 58.95 -13.14 -17.34
CA ASP A 256 58.61 -13.45 -15.97
C ASP A 256 58.33 -14.95 -15.74
N ILE A 257 57.55 -15.56 -16.62
CA ILE A 257 57.25 -16.98 -16.52
C ILE A 257 58.57 -17.74 -16.62
N ARG A 258 59.44 -17.30 -17.53
CA ARG A 258 60.74 -17.95 -17.72
C ARG A 258 61.61 -17.89 -16.44
N GLU A 259 61.70 -16.71 -15.83
CA GLU A 259 62.49 -16.56 -14.62
C GLU A 259 61.98 -17.45 -13.48
N ARG A 260 60.66 -17.60 -13.37
CA ARG A 260 60.07 -18.45 -12.34
C ARG A 260 60.44 -19.90 -12.58
N PHE A 261 60.42 -20.30 -13.84
CA PHE A 261 60.76 -21.66 -14.23
C PHE A 261 62.20 -21.95 -13.87
N THR A 262 63.09 -21.02 -14.20
CA THR A 262 64.51 -21.19 -13.91
C THR A 262 64.77 -21.26 -12.42
N LYS A 263 64.25 -20.31 -11.65
CA LYS A 263 64.49 -20.34 -10.21
C LYS A 263 63.97 -21.65 -9.62
N SER A 264 62.86 -22.13 -10.15
CA SER A 264 62.29 -23.38 -9.68
C SER A 264 63.19 -24.55 -10.04
N ARG A 265 63.70 -24.55 -11.28
CA ARG A 265 64.59 -25.59 -11.73
C ARG A 265 65.88 -25.62 -10.91
N ASP A 266 66.31 -24.45 -10.44
CA ASP A 266 67.54 -24.37 -9.67
C ASP A 266 67.36 -24.79 -8.21
N ALA A 267 66.11 -24.91 -7.77
CA ALA A 267 65.84 -25.33 -6.41
C ALA A 267 65.66 -26.84 -6.36
N THR A 268 65.61 -27.47 -7.53
CA THR A 268 65.44 -28.92 -7.62
C THR A 268 66.62 -29.62 -8.32
N SER A 269 66.60 -29.63 -9.65
CA SER A 269 67.68 -30.27 -10.38
C SER A 269 68.87 -29.38 -10.68
N GLY A 270 68.64 -28.08 -10.84
CA GLY A 270 69.74 -27.18 -11.14
C GLY A 270 70.09 -27.17 -12.62
N MET A 271 71.01 -26.31 -13.01
CA MET A 271 71.44 -26.19 -14.40
C MET A 271 72.23 -27.41 -14.84
N PRO A 272 72.01 -27.88 -16.07
CA PRO A 272 72.74 -29.05 -16.58
C PRO A 272 74.13 -28.59 -16.98
N PHE A 273 75.15 -29.33 -16.56
CA PHE A 273 76.53 -28.98 -16.89
C PHE A 273 77.13 -29.99 -17.87
N THR A 274 76.34 -30.99 -18.24
CA THR A 274 76.78 -32.04 -19.14
C THR A 274 77.31 -31.49 -20.48
N THR A 275 78.63 -31.38 -20.57
CA THR A 275 79.29 -30.87 -21.75
C THR A 275 78.94 -31.54 -23.09
N LEU A 276 78.88 -32.88 -23.12
CA LEU A 276 78.56 -33.59 -24.35
C LEU A 276 77.09 -33.41 -24.76
N GLY A 277 76.22 -33.24 -23.77
CA GLY A 277 74.81 -33.03 -24.08
C GLY A 277 74.63 -31.84 -25.03
N TYR A 278 75.31 -30.74 -24.75
CA TYR A 278 75.20 -29.56 -25.59
C TYR A 278 75.73 -29.82 -27.00
N LYS A 279 76.88 -30.48 -27.08
CA LYS A 279 77.51 -30.79 -28.35
C LYS A 279 76.69 -31.74 -29.24
N ALA A 280 76.11 -32.77 -28.62
CA ALA A 280 75.29 -33.73 -29.36
C ALA A 280 74.14 -33.03 -30.06
N CYS A 281 73.37 -32.25 -29.31
CA CYS A 281 72.23 -31.51 -29.85
C CYS A 281 72.68 -30.65 -31.02
N GLU A 282 73.75 -29.89 -30.83
CA GLU A 282 74.25 -29.02 -31.90
C GLU A 282 74.58 -29.84 -33.15
N ILE A 283 75.42 -30.86 -33.02
CA ILE A 283 75.78 -31.69 -34.17
C ILE A 283 74.58 -32.32 -34.90
N CYS A 284 73.69 -33.00 -34.18
CA CYS A 284 72.54 -33.60 -34.85
C CYS A 284 71.77 -32.54 -35.65
N TYR A 285 71.48 -31.42 -35.00
CA TYR A 285 70.75 -30.33 -35.63
C TYR A 285 71.43 -29.82 -36.90
N LYS A 286 72.76 -29.69 -36.85
CA LYS A 286 73.51 -29.21 -38.00
C LYS A 286 73.83 -30.25 -39.06
N GLU A 287 74.00 -31.51 -38.66
CA GLU A 287 74.39 -32.53 -39.62
C GLU A 287 73.55 -33.78 -39.86
N CYS A 288 72.64 -34.09 -38.96
CA CYS A 288 71.85 -35.31 -39.10
C CYS A 288 70.44 -35.21 -39.64
N GLY A 289 70.20 -34.20 -40.47
CA GLY A 289 68.89 -34.02 -41.05
C GLY A 289 68.53 -35.12 -42.03
N LYS A 290 69.50 -35.50 -42.88
CA LYS A 290 69.27 -36.57 -43.87
C LYS A 290 68.94 -37.87 -43.13
N TRP A 291 69.67 -38.09 -42.04
CA TRP A 291 69.50 -39.29 -41.23
C TRP A 291 68.08 -39.35 -40.69
N LEU A 292 67.60 -38.22 -40.20
CA LEU A 292 66.25 -38.14 -39.66
C LEU A 292 65.20 -38.49 -40.71
N ASP A 293 65.38 -37.97 -41.92
CA ASP A 293 64.44 -38.23 -42.99
C ASP A 293 64.43 -39.72 -43.30
N GLY A 294 65.61 -40.31 -43.41
CA GLY A 294 65.71 -41.73 -43.71
C GLY A 294 65.05 -42.54 -42.63
N CYS A 295 65.23 -42.10 -41.39
CA CYS A 295 64.68 -42.79 -40.23
C CYS A 295 63.15 -42.79 -40.21
N ILE A 296 62.55 -41.69 -40.65
CA ILE A 296 61.09 -41.60 -40.67
C ILE A 296 60.48 -42.55 -41.72
N LYS A 297 61.17 -42.75 -42.84
CA LYS A 297 60.69 -43.63 -43.90
C LYS A 297 60.56 -45.07 -43.42
N VAL A 298 61.57 -45.54 -42.69
CA VAL A 298 61.58 -46.89 -42.16
C VAL A 298 60.44 -47.06 -41.14
N ILE A 299 60.30 -46.07 -40.24
CA ILE A 299 59.25 -46.10 -39.23
C ILE A 299 57.88 -46.17 -39.92
N ASP A 300 57.70 -45.33 -40.93
CA ASP A 300 56.43 -45.30 -41.65
C ASP A 300 56.22 -46.65 -42.32
N LYS A 301 57.29 -47.20 -42.90
CA LYS A 301 57.21 -48.49 -43.57
C LYS A 301 56.78 -49.56 -42.58
N ASN A 302 57.35 -49.51 -41.38
CA ASN A 302 57.04 -50.49 -40.35
C ASN A 302 55.61 -50.42 -39.82
N GLN A 303 55.07 -49.22 -39.68
CA GLN A 303 53.70 -49.06 -39.17
C GLN A 303 52.71 -49.75 -40.12
N ARG A 304 53.01 -49.67 -41.42
CA ARG A 304 52.16 -50.28 -42.42
C ARG A 304 52.32 -51.80 -42.42
N ILE A 305 53.52 -52.29 -42.13
CA ILE A 305 53.71 -53.73 -42.08
C ILE A 305 52.87 -54.26 -40.93
N VAL A 306 52.87 -53.54 -39.82
CA VAL A 306 52.10 -53.94 -38.65
C VAL A 306 50.61 -53.94 -38.98
N LYS A 307 50.15 -52.84 -39.58
CA LYS A 307 48.74 -52.70 -39.95
C LYS A 307 48.29 -53.83 -40.89
N ASP A 308 49.10 -54.14 -41.89
CA ASP A 308 48.76 -55.20 -42.84
C ASP A 308 48.74 -56.55 -42.13
N PHE A 309 49.79 -56.84 -41.38
CA PHE A 309 49.92 -58.09 -40.65
C PHE A 309 48.64 -58.56 -39.96
N PHE A 310 48.00 -57.66 -39.21
CA PHE A 310 46.76 -58.02 -38.51
C PHE A 310 45.59 -58.22 -39.45
N GLU A 311 45.49 -57.37 -40.47
CA GLU A 311 44.41 -57.47 -41.44
C GLU A 311 44.44 -58.84 -42.09
N VAL A 312 45.64 -59.28 -42.45
CA VAL A 312 45.87 -60.55 -43.11
C VAL A 312 45.86 -61.74 -42.16
N ASN A 313 46.24 -61.52 -40.90
CA ASN A 313 46.34 -62.60 -39.93
C ASN A 313 45.35 -62.65 -38.78
N HIS A 314 44.96 -61.49 -38.25
CA HIS A 314 44.03 -61.45 -37.12
C HIS A 314 43.20 -60.17 -37.23
N PRO A 315 42.35 -60.09 -38.26
CA PRO A 315 41.46 -58.97 -38.57
C PRO A 315 40.76 -58.32 -37.38
N GLU A 316 40.40 -59.11 -36.39
CA GLU A 316 39.71 -58.53 -35.22
C GLU A 316 40.61 -57.64 -34.37
N ILE A 317 41.90 -57.58 -34.71
CA ILE A 317 42.84 -56.73 -33.98
C ILE A 317 43.21 -55.60 -34.95
N LYS A 318 43.17 -54.37 -34.47
CA LYS A 318 43.45 -53.24 -35.34
C LYS A 318 44.62 -52.34 -34.98
N ALA A 319 45.50 -52.18 -35.95
CA ALA A 319 46.69 -51.34 -35.81
C ALA A 319 46.65 -50.30 -36.92
N PRO A 320 45.76 -49.30 -36.78
CA PRO A 320 45.62 -48.22 -37.78
C PRO A 320 46.86 -47.35 -37.80
N LEU A 321 47.15 -46.76 -38.97
CA LEU A 321 48.32 -45.89 -39.12
C LEU A 321 48.27 -44.69 -38.18
N ILE A 322 49.45 -44.26 -37.75
CA ILE A 322 49.59 -43.11 -36.86
C ILE A 322 50.10 -41.94 -37.70
N GLU A 323 49.93 -40.73 -37.18
CA GLU A 323 50.34 -39.51 -37.88
C GLU A 323 51.70 -38.99 -37.40
N GLY A 324 52.02 -39.28 -36.14
CA GLY A 324 53.28 -38.82 -35.57
C GLY A 324 53.87 -39.80 -34.57
N THR A 325 55.11 -39.57 -34.17
CA THR A 325 55.85 -40.44 -33.26
C THR A 325 56.09 -41.76 -33.97
N TYR A 326 56.73 -42.70 -33.29
CA TYR A 326 56.98 -44.00 -33.88
C TYR A 326 56.43 -45.04 -32.93
N LEU A 327 55.42 -44.61 -32.18
CA LEU A 327 54.74 -45.47 -31.21
C LEU A 327 53.30 -45.70 -31.70
N GLN A 328 53.08 -46.86 -32.33
CA GLN A 328 51.78 -47.23 -32.88
C GLN A 328 50.83 -47.82 -31.85
N TRP A 329 49.59 -47.32 -31.86
CA TRP A 329 48.53 -47.71 -30.92
C TRP A 329 47.71 -48.87 -31.51
N ILE A 330 47.87 -50.07 -30.93
CA ILE A 330 47.16 -51.26 -31.42
C ILE A 330 46.00 -51.66 -30.51
N ASP A 331 44.85 -51.92 -31.12
CA ASP A 331 43.62 -52.29 -30.40
C ASP A 331 43.34 -53.81 -30.33
N PHE A 332 43.67 -54.40 -29.19
CA PHE A 332 43.45 -55.83 -28.97
C PHE A 332 42.16 -56.10 -28.19
N ARG A 333 41.24 -55.15 -28.22
CA ARG A 333 39.99 -55.33 -27.48
C ARG A 333 39.17 -56.56 -27.88
N ALA A 334 39.08 -56.84 -29.18
CA ALA A 334 38.32 -57.99 -29.64
C ALA A 334 38.82 -59.29 -29.01
N LEU A 335 40.03 -59.26 -28.46
CA LEU A 335 40.63 -60.43 -27.84
C LEU A 335 39.94 -60.76 -26.51
N LYS A 336 39.10 -59.85 -26.05
CA LYS A 336 38.37 -60.01 -24.80
C LYS A 336 39.21 -60.51 -23.62
N MET A 337 40.43 -60.00 -23.53
CA MET A 337 41.34 -60.36 -22.43
C MET A 337 41.51 -59.14 -21.53
N ASP A 338 41.46 -59.33 -20.21
CA ASP A 338 41.64 -58.20 -19.31
C ASP A 338 43.12 -57.83 -19.36
N HIS A 339 43.40 -56.53 -19.50
CA HIS A 339 44.77 -56.04 -19.63
C HIS A 339 45.85 -56.78 -18.84
N LYS A 340 45.55 -57.19 -17.62
CA LYS A 340 46.54 -57.90 -16.81
C LYS A 340 46.89 -59.27 -17.37
N ALA A 341 45.88 -60.03 -17.77
CA ALA A 341 46.08 -61.36 -18.33
C ALA A 341 46.61 -61.24 -19.76
N MET A 342 46.27 -60.15 -20.43
CA MET A 342 46.74 -59.93 -21.79
C MET A 342 48.23 -59.62 -21.74
N GLU A 343 48.63 -58.81 -20.77
CA GLU A 343 50.02 -58.43 -20.59
C GLU A 343 50.85 -59.69 -20.36
N GLU A 344 50.32 -60.57 -19.53
CA GLU A 344 50.93 -61.85 -19.18
C GLU A 344 51.14 -62.67 -20.44
N PHE A 345 50.14 -62.63 -21.32
CA PHE A 345 50.16 -63.35 -22.59
C PHE A 345 51.31 -62.86 -23.46
N MET A 346 51.31 -61.56 -23.72
CA MET A 346 52.33 -60.94 -24.56
C MET A 346 53.74 -61.22 -24.04
N ILE A 347 53.95 -60.92 -22.77
CA ILE A 347 55.25 -61.11 -22.14
C ILE A 347 55.72 -62.55 -22.21
N HIS A 348 54.93 -63.49 -21.71
CA HIS A 348 55.34 -64.88 -21.69
C HIS A 348 54.99 -65.79 -22.86
N LYS A 349 53.86 -65.56 -23.53
CA LYS A 349 53.50 -66.41 -24.66
C LYS A 349 54.09 -65.93 -25.95
N ALA A 350 53.81 -64.70 -26.33
CA ALA A 350 54.35 -64.16 -27.58
C ALA A 350 55.73 -63.58 -27.39
N GLN A 351 56.13 -63.38 -26.13
CA GLN A 351 57.43 -62.78 -25.84
C GLN A 351 57.61 -61.51 -26.67
N ILE A 352 56.55 -60.73 -26.76
CA ILE A 352 56.61 -59.48 -27.48
C ILE A 352 56.35 -58.42 -26.40
N PHE A 353 57.30 -57.53 -26.19
CA PHE A 353 57.20 -56.52 -25.15
C PHE A 353 56.77 -55.14 -25.62
N PHE A 354 55.49 -54.84 -25.40
CA PHE A 354 54.90 -53.55 -25.75
C PHE A 354 54.92 -52.67 -24.52
N ASP A 355 54.18 -51.58 -24.63
CA ASP A 355 53.98 -50.65 -23.54
C ASP A 355 52.47 -50.83 -23.36
N GLU A 356 52.11 -51.76 -22.48
CA GLU A 356 50.71 -52.08 -22.21
C GLU A 356 49.88 -50.80 -22.11
N GLY A 357 48.92 -50.67 -23.03
CA GLY A 357 48.05 -49.51 -23.08
C GLY A 357 47.47 -48.97 -21.80
N TYR A 358 47.08 -49.86 -20.89
CA TYR A 358 46.48 -49.44 -19.64
C TYR A 358 47.35 -48.53 -18.75
N ILE A 359 48.65 -48.46 -19.02
CA ILE A 359 49.50 -47.59 -18.21
C ILE A 359 49.30 -46.12 -18.59
N PHE A 360 48.65 -45.89 -19.73
CA PHE A 360 48.40 -44.52 -20.18
C PHE A 360 47.01 -44.05 -19.77
N GLY A 361 46.31 -44.87 -18.99
CA GLY A 361 44.96 -44.52 -18.56
C GLY A 361 43.93 -45.57 -18.95
N ASP A 362 42.82 -45.64 -18.22
CA ASP A 362 41.75 -46.60 -18.49
C ASP A 362 41.38 -46.66 -19.97
N GLY A 363 41.45 -45.52 -20.65
CA GLY A 363 41.12 -45.49 -22.06
C GLY A 363 42.09 -46.31 -22.88
N GLY A 364 43.16 -46.77 -22.25
CA GLY A 364 44.16 -47.56 -22.95
C GLY A 364 43.97 -49.06 -22.79
N ILE A 365 43.31 -49.45 -21.71
CA ILE A 365 43.01 -50.85 -21.42
C ILE A 365 42.48 -51.56 -22.67
N GLY A 366 43.23 -52.57 -23.12
CA GLY A 366 42.87 -53.32 -24.30
C GLY A 366 43.78 -52.99 -25.46
N PHE A 367 44.57 -51.93 -25.31
CA PHE A 367 45.49 -51.50 -26.36
C PHE A 367 46.93 -51.88 -26.01
N GLU A 368 47.79 -51.77 -27.01
CA GLU A 368 49.22 -52.05 -26.86
C GLU A 368 49.97 -51.02 -27.69
N ARG A 369 51.10 -50.53 -27.18
CA ARG A 369 51.89 -49.55 -27.92
C ARG A 369 53.17 -50.22 -28.41
N ILE A 370 53.33 -50.27 -29.73
CA ILE A 370 54.51 -50.90 -30.32
C ILE A 370 55.52 -49.87 -30.81
N ASN A 371 56.79 -50.09 -30.47
CA ASN A 371 57.86 -49.19 -30.89
C ASN A 371 58.31 -49.59 -32.29
N LEU A 372 58.07 -48.71 -33.26
CA LEU A 372 58.40 -48.96 -34.66
C LEU A 372 59.84 -48.60 -35.04
N ALA A 373 60.59 -48.01 -34.11
CA ALA A 373 61.97 -47.60 -34.39
C ALA A 373 62.95 -48.77 -34.29
N ALA A 374 62.91 -49.64 -35.28
CA ALA A 374 63.77 -50.81 -35.35
C ALA A 374 63.77 -51.28 -36.79
N PRO A 375 64.73 -52.15 -37.16
CA PRO A 375 64.76 -52.63 -38.55
C PRO A 375 63.45 -53.36 -38.86
N SER A 376 63.05 -53.32 -40.11
CA SER A 376 61.81 -53.97 -40.53
C SER A 376 61.87 -55.48 -40.31
N SER A 377 63.08 -56.02 -40.34
CA SER A 377 63.28 -57.45 -40.13
C SER A 377 62.91 -57.84 -38.70
N VAL A 378 63.34 -57.02 -37.74
CA VAL A 378 63.03 -57.30 -36.34
C VAL A 378 61.53 -57.15 -36.11
N ILE A 379 60.91 -56.20 -36.82
CA ILE A 379 59.46 -56.01 -36.68
C ILE A 379 58.74 -57.27 -37.17
N GLN A 380 59.22 -57.80 -38.29
CA GLN A 380 58.65 -59.00 -38.88
C GLN A 380 58.80 -60.18 -37.92
N GLU A 381 60.00 -60.35 -37.39
CA GLU A 381 60.26 -61.44 -36.47
C GLU A 381 59.28 -61.36 -35.31
N SER A 382 59.12 -60.15 -34.77
CA SER A 382 58.23 -59.91 -33.65
C SER A 382 56.79 -60.22 -33.99
N LEU A 383 56.34 -59.81 -35.17
CA LEU A 383 54.97 -60.08 -35.57
C LEU A 383 54.72 -61.56 -35.73
N GLU A 384 55.62 -62.23 -36.44
CA GLU A 384 55.51 -63.67 -36.69
C GLU A 384 55.40 -64.48 -35.39
N ARG A 385 56.16 -64.05 -34.38
CA ARG A 385 56.16 -64.70 -33.08
C ARG A 385 54.77 -64.55 -32.43
N LEU A 386 54.17 -63.36 -32.56
CA LEU A 386 52.85 -63.11 -31.99
C LEU A 386 51.82 -63.88 -32.81
N ASN A 387 52.06 -63.93 -34.11
CA ASN A 387 51.19 -64.64 -35.04
C ASN A 387 50.94 -66.05 -34.50
N LYS A 388 52.03 -66.75 -34.16
CA LYS A 388 51.93 -68.11 -33.63
C LYS A 388 51.22 -68.15 -32.28
N ALA A 389 51.58 -67.21 -31.39
CA ALA A 389 50.98 -67.14 -30.06
C ALA A 389 49.48 -66.93 -30.15
N LEU A 390 49.05 -66.11 -31.10
CA LEU A 390 47.63 -65.84 -31.29
C LEU A 390 46.87 -67.06 -31.78
N LYS A 391 47.47 -67.77 -32.75
CA LYS A 391 46.87 -68.98 -33.30
C LYS A 391 46.80 -70.05 -32.22
N ASP A 392 47.83 -70.12 -31.40
CA ASP A 392 47.87 -71.09 -30.31
C ASP A 392 46.78 -70.73 -29.30
N LEU A 393 46.54 -69.44 -29.12
CA LEU A 393 45.50 -68.97 -28.21
C LEU A 393 44.19 -69.32 -28.90
N LYS A 394 44.30 -69.57 -30.21
CA LYS A 394 43.18 -69.96 -31.08
C LYS A 394 42.32 -68.76 -31.51
N MET B 1 100.53 -44.59 -19.27
CA MET B 1 100.57 -43.49 -20.27
C MET B 1 101.31 -42.24 -19.74
N ILE B 2 101.65 -41.33 -20.64
CA ILE B 2 102.35 -40.09 -20.28
C ILE B 2 101.29 -39.08 -19.89
N TYR B 3 101.44 -38.47 -18.72
CA TYR B 3 100.45 -37.51 -18.26
C TYR B 3 100.90 -36.06 -18.35
N ASP B 4 100.06 -35.24 -19.00
CA ASP B 4 100.32 -33.82 -19.20
C ASP B 4 99.71 -32.98 -18.07
N PHE B 5 100.56 -32.29 -17.32
CA PHE B 5 100.13 -31.40 -16.23
C PHE B 5 100.87 -30.07 -16.37
N THR B 6 101.51 -29.90 -17.52
CA THR B 6 102.31 -28.72 -17.77
C THR B 6 101.79 -27.77 -18.87
N THR B 7 100.97 -28.31 -19.75
CA THR B 7 100.44 -27.53 -20.86
C THR B 7 99.35 -26.51 -20.50
N LYS B 8 99.68 -25.23 -20.63
CA LYS B 8 98.75 -24.15 -20.36
C LYS B 8 97.64 -24.23 -21.40
N ILE B 9 96.42 -24.44 -20.95
CA ILE B 9 95.31 -24.55 -21.90
C ILE B 9 94.42 -23.32 -21.92
N SER B 10 93.50 -23.28 -22.88
CA SER B 10 92.58 -22.18 -23.00
C SER B 10 91.17 -22.74 -23.16
N ARG B 11 90.24 -22.28 -22.33
CA ARG B 11 88.87 -22.76 -22.42
C ARG B 11 88.01 -21.62 -22.96
N LYS B 12 88.65 -20.63 -23.57
CA LYS B 12 87.90 -19.49 -24.11
C LYS B 12 86.89 -19.89 -25.18
N ASN B 13 85.69 -19.34 -25.05
CA ASN B 13 84.61 -19.60 -25.98
C ASN B 13 84.41 -21.10 -26.18
N LEU B 14 84.25 -21.84 -25.10
CA LEU B 14 84.07 -23.29 -25.18
C LEU B 14 82.93 -23.76 -24.29
N GLY B 15 82.26 -22.82 -23.64
CA GLY B 15 81.15 -23.19 -22.77
C GLY B 15 81.55 -23.39 -21.33
N SER B 16 82.83 -23.18 -21.03
CA SER B 16 83.30 -23.33 -19.66
C SER B 16 82.66 -22.24 -18.80
N LEU B 17 81.95 -22.65 -17.76
CA LEU B 17 81.32 -21.68 -16.88
C LEU B 17 82.37 -20.78 -16.26
N LYS B 18 83.49 -21.37 -15.86
CA LYS B 18 84.56 -20.61 -15.24
C LYS B 18 85.13 -19.50 -16.13
N TRP B 19 85.52 -19.85 -17.36
CA TRP B 19 86.08 -18.83 -18.24
C TRP B 19 85.07 -17.76 -18.64
N ASP B 20 83.84 -18.19 -18.92
CA ASP B 20 82.81 -17.24 -19.33
C ASP B 20 82.51 -16.24 -18.22
N LEU B 21 82.62 -16.69 -16.97
CA LEU B 21 82.38 -15.81 -15.84
C LEU B 21 83.45 -14.72 -15.86
N MET B 22 84.71 -15.14 -16.01
CA MET B 22 85.85 -14.24 -16.06
C MET B 22 85.65 -13.11 -17.09
N TYR B 23 85.39 -13.47 -18.35
CA TYR B 23 85.18 -12.48 -19.41
C TYR B 23 83.98 -11.58 -19.12
N SER B 24 82.97 -12.14 -18.47
CA SER B 24 81.78 -11.38 -18.12
C SER B 24 82.14 -10.34 -17.08
N GLN B 25 83.04 -10.69 -16.17
CA GLN B 25 83.44 -9.78 -15.12
C GLN B 25 84.44 -8.73 -15.60
N ASN B 26 85.35 -9.16 -16.47
CA ASN B 26 86.38 -8.27 -17.01
C ASN B 26 86.52 -8.54 -18.49
N PRO B 27 85.70 -7.86 -19.31
CA PRO B 27 85.71 -8.01 -20.76
C PRO B 27 87.06 -7.67 -21.38
N GLU B 28 87.84 -6.86 -20.68
CA GLU B 28 89.15 -6.43 -21.16
C GLU B 28 90.26 -7.34 -20.66
N VAL B 29 89.90 -8.43 -20.01
CA VAL B 29 90.91 -9.34 -19.48
C VAL B 29 91.91 -9.73 -20.57
N GLY B 30 93.17 -9.87 -20.17
CA GLY B 30 94.22 -10.25 -21.10
C GLY B 30 94.08 -11.69 -21.58
N ASN B 31 94.41 -11.92 -22.84
CA ASN B 31 94.29 -13.25 -23.43
C ASN B 31 95.16 -14.31 -22.75
N GLU B 32 96.21 -13.88 -22.06
CA GLU B 32 97.09 -14.84 -21.39
C GLU B 32 96.65 -15.26 -19.99
N VAL B 33 95.64 -14.57 -19.46
CA VAL B 33 95.13 -14.86 -18.12
C VAL B 33 94.30 -16.15 -18.03
N VAL B 34 94.47 -16.86 -16.93
CA VAL B 34 93.75 -18.09 -16.67
C VAL B 34 92.96 -17.90 -15.39
N PRO B 35 91.68 -18.25 -15.38
CA PRO B 35 90.89 -18.07 -14.15
C PRO B 35 91.28 -19.14 -13.13
N LEU B 36 91.32 -18.77 -11.84
CA LEU B 36 91.67 -19.69 -10.77
C LEU B 36 90.52 -19.74 -9.76
N SER B 37 89.29 -19.83 -10.26
CA SER B 37 88.10 -19.78 -9.43
C SER B 37 87.29 -21.08 -9.29
N VAL B 38 86.30 -21.28 -10.15
CA VAL B 38 85.44 -22.46 -10.13
C VAL B 38 86.25 -23.76 -9.95
N ALA B 39 85.66 -24.70 -9.22
CA ALA B 39 86.32 -25.97 -8.92
C ALA B 39 86.32 -27.07 -9.99
N ASP B 40 87.06 -26.83 -11.07
CA ASP B 40 87.24 -27.83 -12.11
C ASP B 40 88.68 -27.58 -12.52
N MET B 41 89.34 -28.59 -13.07
CA MET B 41 90.74 -28.51 -13.43
C MET B 41 91.10 -27.89 -14.78
N GLU B 42 92.23 -27.20 -14.79
CA GLU B 42 92.75 -26.60 -16.01
C GLU B 42 93.78 -27.57 -16.59
N PHE B 43 93.43 -28.86 -16.49
CA PHE B 43 94.25 -29.96 -16.99
C PHE B 43 93.33 -30.77 -17.88
N LYS B 44 93.90 -31.45 -18.88
CA LYS B 44 93.07 -32.30 -19.73
C LYS B 44 92.70 -33.49 -18.88
N ASN B 45 91.67 -34.22 -19.30
CA ASN B 45 91.23 -35.38 -18.54
C ASN B 45 92.16 -36.58 -18.70
N PRO B 46 92.01 -37.61 -17.85
CA PRO B 46 92.89 -38.78 -17.96
C PRO B 46 92.81 -39.38 -19.36
N PRO B 47 93.97 -39.66 -19.99
CA PRO B 47 94.00 -40.23 -21.35
C PRO B 47 93.16 -41.49 -21.46
N GLU B 48 93.23 -42.35 -20.43
CA GLU B 48 92.47 -43.59 -20.45
C GLU B 48 90.97 -43.31 -20.48
N LEU B 49 90.56 -42.22 -19.84
CA LEU B 49 89.16 -41.85 -19.84
C LEU B 49 88.72 -41.57 -21.28
N ILE B 50 89.42 -40.62 -21.91
CA ILE B 50 89.12 -40.23 -23.27
C ILE B 50 89.09 -41.43 -24.24
N GLU B 51 90.16 -42.22 -24.26
CA GLU B 51 90.20 -43.39 -25.14
C GLU B 51 89.01 -44.29 -24.86
N GLY B 52 88.73 -44.52 -23.59
CA GLY B 52 87.63 -45.38 -23.19
C GLY B 52 86.25 -44.95 -23.63
N LEU B 53 85.98 -43.66 -23.55
CA LEU B 53 84.68 -43.13 -23.94
C LEU B 53 84.54 -43.25 -25.46
N LYS B 54 85.61 -42.96 -26.19
CA LYS B 54 85.57 -43.05 -27.65
C LYS B 54 85.28 -44.49 -28.06
N LYS B 55 86.02 -45.42 -27.45
CA LYS B 55 85.87 -46.84 -27.73
C LYS B 55 84.45 -47.27 -27.39
N TYR B 56 83.90 -46.68 -26.34
CA TYR B 56 82.55 -46.99 -25.89
C TYR B 56 81.49 -46.54 -26.90
N LEU B 57 81.70 -45.36 -27.48
CA LEU B 57 80.75 -44.82 -28.45
C LEU B 57 80.51 -45.76 -29.63
N ASP B 58 81.51 -46.59 -29.95
CA ASP B 58 81.39 -47.52 -31.05
C ASP B 58 80.76 -48.84 -30.65
N GLU B 59 80.37 -48.98 -29.38
CA GLU B 59 79.80 -50.23 -28.91
C GLU B 59 78.42 -50.08 -28.29
N THR B 60 77.93 -48.86 -28.17
CA THR B 60 76.64 -48.66 -27.54
C THR B 60 75.78 -47.57 -28.18
N VAL B 61 74.49 -47.64 -27.87
CA VAL B 61 73.50 -46.69 -28.36
C VAL B 61 73.22 -45.70 -27.25
N LEU B 62 73.08 -44.42 -27.60
CA LEU B 62 72.87 -43.37 -26.60
C LEU B 62 71.43 -43.16 -26.10
N GLY B 63 70.72 -44.25 -25.80
CA GLY B 63 69.36 -44.16 -25.31
C GLY B 63 69.27 -44.24 -23.80
N TYR B 64 68.07 -44.46 -23.25
CA TYR B 64 67.91 -44.54 -21.79
C TYR B 64 68.87 -45.55 -21.16
N THR B 65 69.76 -45.05 -20.30
CA THR B 65 70.74 -45.92 -19.66
C THR B 65 70.73 -45.84 -18.15
N GLY B 66 71.02 -46.98 -17.53
CA GLY B 66 71.08 -47.05 -16.08
C GLY B 66 72.40 -47.71 -15.71
N PRO B 67 72.70 -47.85 -14.41
CA PRO B 67 73.95 -48.47 -13.98
C PRO B 67 73.87 -49.99 -14.08
N THR B 68 74.94 -50.61 -14.55
CA THR B 68 74.99 -52.06 -14.63
C THR B 68 75.51 -52.54 -13.28
N GLU B 69 75.53 -53.86 -13.08
CA GLU B 69 76.03 -54.39 -11.85
C GLU B 69 77.55 -54.24 -11.76
N GLU B 70 78.21 -54.26 -12.92
CA GLU B 70 79.65 -54.09 -12.95
C GLU B 70 80.01 -52.68 -12.50
N TYR B 71 79.21 -51.71 -12.96
CA TYR B 71 79.42 -50.32 -12.58
C TYR B 71 79.33 -50.18 -11.05
N LYS B 72 78.31 -50.82 -10.47
CA LYS B 72 78.10 -50.75 -9.03
C LYS B 72 79.21 -51.44 -8.26
N LYS B 73 79.68 -52.57 -8.77
CA LYS B 73 80.77 -53.30 -8.12
C LYS B 73 82.03 -52.42 -8.14
N THR B 74 82.25 -51.79 -9.29
CA THR B 74 83.40 -50.91 -9.49
C THR B 74 83.42 -49.77 -8.48
N VAL B 75 82.25 -49.16 -8.26
CA VAL B 75 82.12 -48.08 -7.29
C VAL B 75 82.47 -48.60 -5.90
N LYS B 76 81.96 -49.79 -5.60
CA LYS B 76 82.17 -50.45 -4.32
C LYS B 76 83.64 -50.80 -4.08
N LYS B 77 84.32 -51.21 -5.13
CA LYS B 77 85.72 -51.59 -5.03
C LYS B 77 86.59 -50.35 -4.79
N TRP B 78 86.22 -49.23 -5.39
CA TRP B 78 86.96 -47.99 -5.20
C TRP B 78 86.89 -47.54 -3.73
N MET B 79 85.74 -47.69 -3.10
CA MET B 79 85.57 -47.30 -1.70
C MET B 79 86.41 -48.17 -0.76
N LYS B 80 86.54 -49.45 -1.10
CA LYS B 80 87.32 -50.35 -0.26
C LYS B 80 88.79 -50.06 -0.47
N ASP B 81 89.21 -50.11 -1.72
CA ASP B 81 90.61 -49.88 -2.07
C ASP B 81 91.14 -48.50 -1.69
N ARG B 82 90.37 -47.46 -1.97
CA ARG B 82 90.79 -46.10 -1.67
C ARG B 82 90.36 -45.54 -0.31
N HIS B 83 89.31 -46.09 0.29
CA HIS B 83 88.87 -45.55 1.57
C HIS B 83 88.63 -46.51 2.73
N GLN B 84 89.05 -47.77 2.58
CA GLN B 84 88.89 -48.75 3.65
C GLN B 84 87.44 -48.70 4.12
N TRP B 85 86.54 -48.56 3.16
CA TRP B 85 85.13 -48.44 3.44
C TRP B 85 84.30 -49.50 2.69
N ASP B 86 83.62 -50.34 3.47
CA ASP B 86 82.77 -51.42 2.92
C ASP B 86 81.34 -50.97 2.70
N ILE B 87 80.95 -50.88 1.44
CA ILE B 87 79.59 -50.48 1.11
C ILE B 87 78.90 -51.61 0.35
N GLN B 88 77.57 -51.51 0.26
CA GLN B 88 76.80 -52.50 -0.47
C GLN B 88 76.42 -51.83 -1.78
N THR B 89 76.48 -52.58 -2.87
CA THR B 89 76.16 -52.01 -4.16
C THR B 89 74.73 -51.46 -4.20
N ASP B 90 73.83 -52.01 -3.40
CA ASP B 90 72.46 -51.52 -3.42
C ASP B 90 72.26 -50.34 -2.48
N TRP B 91 73.38 -49.78 -2.05
CA TRP B 91 73.41 -48.60 -1.19
C TRP B 91 73.57 -47.41 -2.15
N ILE B 92 73.96 -47.71 -3.38
CA ILE B 92 74.20 -46.71 -4.40
C ILE B 92 72.97 -46.12 -5.10
N ILE B 93 72.80 -44.81 -4.94
CA ILE B 93 71.70 -44.09 -5.58
C ILE B 93 72.35 -43.00 -6.41
N ASN B 94 72.03 -42.96 -7.69
CA ASN B 94 72.63 -41.96 -8.59
C ASN B 94 71.80 -40.70 -8.83
N THR B 95 72.52 -39.57 -8.91
CA THR B 95 71.93 -38.27 -9.19
C THR B 95 72.90 -37.63 -10.18
N ALA B 96 72.47 -36.57 -10.86
CA ALA B 96 73.30 -35.90 -11.85
C ALA B 96 74.43 -35.11 -11.21
N GLY B 97 74.28 -34.82 -9.92
CA GLY B 97 75.31 -34.08 -9.20
C GLY B 97 75.05 -34.10 -7.72
N VAL B 98 76.07 -33.73 -6.95
CA VAL B 98 75.94 -33.72 -5.51
C VAL B 98 75.01 -32.63 -4.97
N VAL B 99 75.12 -31.41 -5.50
CA VAL B 99 74.28 -30.31 -5.04
C VAL B 99 72.81 -30.66 -5.15
N PRO B 100 72.37 -31.17 -6.32
CA PRO B 100 70.95 -31.53 -6.46
C PRO B 100 70.58 -32.57 -5.43
N ALA B 101 71.52 -33.47 -5.13
CA ALA B 101 71.27 -34.52 -4.15
C ALA B 101 71.10 -33.92 -2.76
N VAL B 102 71.81 -32.83 -2.48
CA VAL B 102 71.69 -32.18 -1.18
C VAL B 102 70.36 -31.46 -1.05
N PHE B 103 69.93 -30.83 -2.16
CA PHE B 103 68.65 -30.12 -2.19
C PHE B 103 67.56 -31.17 -1.96
N ASN B 104 67.70 -32.30 -2.64
CA ASN B 104 66.74 -33.37 -2.53
C ASN B 104 66.65 -33.87 -1.10
N ALA B 105 67.77 -33.81 -0.39
CA ALA B 105 67.84 -34.25 1.01
C ALA B 105 67.04 -33.31 1.91
N VAL B 106 67.21 -32.01 1.69
CA VAL B 106 66.50 -31.01 2.48
C VAL B 106 65.00 -31.23 2.28
N ARG B 107 64.59 -31.23 1.02
CA ARG B 107 63.22 -31.41 0.61
C ARG B 107 62.51 -32.61 1.24
N GLU B 108 63.15 -33.77 1.20
CA GLU B 108 62.57 -35.00 1.72
C GLU B 108 62.62 -35.20 3.22
N PHE B 109 63.74 -34.87 3.84
CA PHE B 109 63.87 -35.10 5.27
C PHE B 109 63.64 -33.94 6.23
N THR B 110 63.17 -32.81 5.74
CA THR B 110 62.88 -31.68 6.61
C THR B 110 61.70 -30.97 5.96
N LYS B 111 61.13 -30.02 6.68
CA LYS B 111 60.00 -29.26 6.15
C LYS B 111 60.29 -27.77 6.32
N PRO B 112 59.43 -26.91 5.79
CA PRO B 112 59.66 -25.46 5.93
C PRO B 112 59.65 -25.08 7.41
N GLY B 113 60.65 -24.33 7.83
CA GLY B 113 60.75 -23.90 9.21
C GLY B 113 61.80 -24.69 9.98
N ASP B 114 62.03 -25.93 9.55
CA ASP B 114 63.00 -26.78 10.22
C ASP B 114 64.41 -26.19 10.08
N GLY B 115 65.29 -26.54 11.01
CA GLY B 115 66.66 -26.05 10.94
C GLY B 115 67.63 -27.09 10.38
N VAL B 116 68.63 -26.61 9.65
CA VAL B 116 69.66 -27.48 9.09
C VAL B 116 70.99 -26.85 9.49
N ILE B 117 71.83 -27.62 10.19
CA ILE B 117 73.10 -27.11 10.64
C ILE B 117 74.24 -27.25 9.63
N ILE B 118 74.91 -26.14 9.34
CA ILE B 118 76.07 -26.15 8.43
C ILE B 118 77.20 -25.50 9.22
N ILE B 119 78.41 -25.98 8.98
CA ILE B 119 79.60 -25.47 9.66
C ILE B 119 80.29 -24.50 8.72
N THR B 120 80.19 -23.22 9.05
CA THR B 120 80.71 -22.12 8.23
C THR B 120 82.07 -21.52 8.61
N PRO B 121 82.75 -20.86 7.66
CA PRO B 121 82.37 -20.62 6.25
C PRO B 121 82.37 -21.91 5.44
N VAL B 122 81.55 -21.95 4.38
CA VAL B 122 81.45 -23.16 3.58
C VAL B 122 80.92 -22.91 2.16
N TYR B 123 81.07 -23.93 1.32
CA TYR B 123 80.61 -23.92 -0.07
C TYR B 123 79.17 -23.36 -0.09
N TYR B 124 79.04 -22.12 -0.56
CA TYR B 124 77.78 -21.39 -0.61
C TYR B 124 76.51 -22.13 -0.99
N PRO B 125 76.59 -23.12 -1.90
CA PRO B 125 75.33 -23.80 -2.23
C PRO B 125 74.68 -24.46 -1.04
N PHE B 126 75.47 -24.77 -0.01
CA PHE B 126 74.91 -25.38 1.19
C PHE B 126 73.84 -24.45 1.74
N PHE B 127 74.09 -23.15 1.65
CA PHE B 127 73.15 -22.14 2.13
C PHE B 127 71.87 -22.13 1.31
N MET B 128 72.03 -22.09 -0.01
CA MET B 128 70.91 -22.05 -0.91
C MET B 128 70.01 -23.26 -0.71
N ALA B 129 70.62 -24.44 -0.67
CA ALA B 129 69.88 -25.68 -0.49
C ALA B 129 68.92 -25.55 0.67
N ILE B 130 69.35 -24.85 1.70
CA ILE B 130 68.54 -24.66 2.89
C ILE B 130 67.55 -23.49 2.79
N LYS B 131 68.07 -22.27 2.70
CA LYS B 131 67.19 -21.09 2.65
C LYS B 131 66.29 -21.00 1.41
N ASN B 132 66.78 -21.37 0.23
CA ASN B 132 65.94 -21.28 -0.95
C ASN B 132 64.73 -22.22 -0.91
N GLN B 133 64.61 -23.00 0.17
CA GLN B 133 63.49 -23.91 0.31
C GLN B 133 62.75 -23.69 1.63
N GLU B 134 62.81 -22.46 2.14
CA GLU B 134 62.13 -22.10 3.38
C GLU B 134 62.63 -22.78 4.63
N ARG B 135 63.80 -23.42 4.56
CA ARG B 135 64.34 -24.05 5.75
C ARG B 135 65.30 -23.06 6.39
N LYS B 136 65.51 -23.20 7.69
CA LYS B 136 66.38 -22.29 8.44
C LYS B 136 67.84 -22.70 8.47
N ILE B 137 68.72 -21.76 8.11
CA ILE B 137 70.15 -21.99 8.13
C ILE B 137 70.64 -21.76 9.56
N ILE B 138 71.19 -22.81 10.17
CA ILE B 138 71.72 -22.72 11.52
C ILE B 138 73.23 -22.84 11.44
N GLU B 139 73.91 -21.71 11.57
CA GLU B 139 75.36 -21.68 11.44
C GLU B 139 76.17 -22.03 12.68
N CYS B 140 77.10 -22.97 12.51
CA CYS B 140 78.00 -23.37 13.58
C CYS B 140 79.37 -22.94 13.04
N GLU B 141 79.70 -21.66 13.21
CA GLU B 141 80.95 -21.10 12.71
C GLU B 141 82.22 -21.80 13.16
N LEU B 142 83.08 -22.08 12.18
CA LEU B 142 84.37 -22.72 12.43
C LEU B 142 85.23 -21.79 13.25
N LEU B 143 86.12 -22.36 14.05
CA LEU B 143 87.03 -21.56 14.87
C LEU B 143 88.33 -21.38 14.07
N GLU B 144 88.76 -20.15 13.89
CA GLU B 144 89.97 -19.87 13.12
C GLU B 144 91.11 -19.39 14.02
N LYS B 145 92.04 -20.29 14.32
CA LYS B 145 93.19 -19.98 15.16
C LYS B 145 94.49 -19.97 14.34
N ASP B 146 95.02 -18.77 14.10
CA ASP B 146 96.24 -18.63 13.33
C ASP B 146 96.15 -19.26 11.94
N GLY B 147 94.96 -19.26 11.37
CA GLY B 147 94.80 -19.82 10.05
C GLY B 147 94.36 -21.27 9.97
N TYR B 148 94.25 -21.95 11.12
CA TYR B 148 93.81 -23.33 11.12
C TYR B 148 92.39 -23.37 11.67
N TYR B 149 91.49 -24.03 10.94
CA TYR B 149 90.10 -24.12 11.34
C TYR B 149 89.73 -25.41 12.07
N THR B 150 89.05 -25.26 13.21
CA THR B 150 88.59 -26.41 13.98
C THR B 150 87.11 -26.21 14.31
N ILE B 151 86.47 -27.27 14.76
CA ILE B 151 85.05 -27.23 15.08
C ILE B 151 84.75 -26.76 16.50
N ASP B 152 83.76 -25.87 16.61
CA ASP B 152 83.31 -25.35 17.90
C ASP B 152 82.36 -26.41 18.43
N PHE B 153 82.89 -27.42 19.11
CA PHE B 153 82.07 -28.50 19.63
C PHE B 153 81.05 -28.07 20.64
N GLN B 154 81.36 -27.02 21.40
CA GLN B 154 80.44 -26.52 22.40
C GLN B 154 79.18 -26.03 21.70
N LYS B 155 79.36 -25.16 20.73
CA LYS B 155 78.23 -24.62 19.98
C LYS B 155 77.48 -25.73 19.26
N LEU B 156 78.22 -26.65 18.65
CA LEU B 156 77.59 -27.75 17.92
C LEU B 156 76.70 -28.55 18.84
N GLU B 157 77.22 -28.92 20.02
CA GLU B 157 76.42 -29.68 20.96
C GLU B 157 75.15 -28.94 21.31
N LYS B 158 75.28 -27.64 21.57
CA LYS B 158 74.14 -26.82 21.91
C LYS B 158 73.08 -26.90 20.81
N LEU B 159 73.50 -26.66 19.58
CA LEU B 159 72.61 -26.68 18.43
C LEU B 159 71.86 -28.01 18.27
N SER B 160 72.52 -29.12 18.59
CA SER B 160 71.90 -30.43 18.46
C SER B 160 70.81 -30.63 19.49
N LYS B 161 70.78 -29.75 20.49
CA LYS B 161 69.76 -29.84 21.55
C LYS B 161 68.47 -29.14 21.13
N ASP B 162 68.48 -28.47 19.99
CA ASP B 162 67.29 -27.79 19.51
C ASP B 162 66.57 -28.73 18.58
N LYS B 163 65.51 -29.36 19.09
CA LYS B 163 64.71 -30.31 18.33
C LYS B 163 64.28 -29.81 16.96
N ASN B 164 64.21 -28.49 16.78
CA ASN B 164 63.80 -27.95 15.48
C ASN B 164 64.89 -28.16 14.44
N ASN B 165 66.09 -28.48 14.91
CA ASN B 165 67.19 -28.73 13.99
C ASN B 165 67.12 -30.21 13.65
N LYS B 166 67.07 -30.51 12.36
CA LYS B 166 66.92 -31.87 11.89
C LYS B 166 68.13 -32.53 11.26
N ALA B 167 69.17 -31.78 10.95
CA ALA B 167 70.33 -32.44 10.34
C ALA B 167 71.59 -31.60 10.36
N LEU B 168 72.72 -32.30 10.20
CA LEU B 168 74.03 -31.66 10.14
C LEU B 168 74.52 -31.83 8.72
N LEU B 169 74.56 -30.73 7.98
CA LEU B 169 75.04 -30.75 6.60
C LEU B 169 76.53 -30.52 6.73
N PHE B 170 77.28 -31.60 6.58
CA PHE B 170 78.73 -31.60 6.76
C PHE B 170 79.49 -31.68 5.44
N CYS B 171 80.66 -31.04 5.40
CA CYS B 171 81.52 -31.03 4.21
C CYS B 171 82.87 -31.64 4.60
N SER B 172 83.27 -32.73 3.94
CA SER B 172 84.52 -33.43 4.26
C SER B 172 85.22 -34.10 3.08
N PRO B 173 86.38 -33.58 2.66
CA PRO B 173 87.16 -32.42 3.13
C PRO B 173 86.37 -31.13 3.04
N HIS B 174 86.72 -30.17 3.90
CA HIS B 174 86.01 -28.91 3.95
C HIS B 174 86.39 -27.76 3.00
N ASN B 175 85.57 -27.54 1.98
CA ASN B 175 85.75 -26.44 1.02
C ASN B 175 85.14 -25.24 1.76
N PRO B 176 85.81 -24.08 1.78
CA PRO B 176 87.10 -23.72 1.18
C PRO B 176 88.37 -23.79 2.02
N VAL B 177 88.26 -24.01 3.32
CA VAL B 177 89.45 -24.02 4.17
C VAL B 177 90.37 -25.22 4.00
N GLY B 178 89.98 -26.18 3.18
CA GLY B 178 90.81 -27.34 2.95
C GLY B 178 91.14 -28.24 4.13
N ARG B 179 90.22 -28.35 5.09
CA ARG B 179 90.43 -29.20 6.25
C ARG B 179 90.07 -30.67 6.00
N VAL B 180 90.98 -31.58 6.32
CA VAL B 180 90.71 -33.02 6.21
C VAL B 180 90.54 -33.44 7.67
N TRP B 181 89.29 -33.61 8.10
CA TRP B 181 88.96 -33.96 9.48
C TRP B 181 89.65 -35.19 10.04
N LYS B 182 90.15 -35.08 11.26
CA LYS B 182 90.85 -36.18 11.91
C LYS B 182 89.82 -37.11 12.52
N LYS B 183 90.23 -38.37 12.76
CA LYS B 183 89.32 -39.33 13.35
C LYS B 183 88.78 -38.82 14.69
N ASP B 184 89.65 -38.21 15.49
CA ASP B 184 89.26 -37.68 16.79
C ASP B 184 88.14 -36.66 16.67
N GLU B 185 88.28 -35.74 15.73
CA GLU B 185 87.26 -34.73 15.49
C GLU B 185 85.94 -35.39 15.07
N LEU B 186 86.02 -36.38 14.18
CA LEU B 186 84.83 -37.06 13.70
C LEU B 186 84.13 -37.83 14.82
N GLN B 187 84.91 -38.48 15.68
CA GLN B 187 84.35 -39.24 16.78
C GLN B 187 83.53 -38.32 17.70
N LYS B 188 84.06 -37.13 17.98
CA LYS B 188 83.38 -36.17 18.85
C LYS B 188 82.06 -35.73 18.24
N ILE B 189 82.10 -35.43 16.95
CA ILE B 189 80.90 -34.99 16.25
C ILE B 189 79.90 -36.12 16.30
N LYS B 190 80.40 -37.34 16.19
CA LYS B 190 79.55 -38.52 16.21
C LYS B 190 78.75 -38.68 17.49
N ASP B 191 79.43 -38.64 18.64
CA ASP B 191 78.72 -38.80 19.90
C ASP B 191 77.58 -37.77 20.02
N ILE B 192 77.86 -36.54 19.62
CA ILE B 192 76.86 -35.47 19.68
C ILE B 192 75.68 -35.81 18.77
N VAL B 193 75.96 -36.24 17.55
CA VAL B 193 74.91 -36.59 16.61
C VAL B 193 74.12 -37.81 17.10
N LEU B 194 74.81 -38.83 17.56
CA LEU B 194 74.16 -40.05 18.03
C LEU B 194 73.32 -39.78 19.27
N LYS B 195 73.67 -38.73 20.01
CA LYS B 195 72.91 -38.39 21.20
C LYS B 195 71.68 -37.55 20.84
N SER B 196 71.66 -36.97 19.65
CA SER B 196 70.53 -36.15 19.22
C SER B 196 69.69 -36.90 18.21
N ASP B 197 68.81 -36.20 17.51
CA ASP B 197 67.97 -36.82 16.49
C ASP B 197 68.38 -36.35 15.11
N LEU B 198 69.54 -35.73 15.03
CA LEU B 198 70.10 -35.21 13.78
C LEU B 198 70.52 -36.29 12.79
N MET B 199 70.17 -36.09 11.53
CA MET B 199 70.57 -36.99 10.46
C MET B 199 71.93 -36.42 10.01
N LEU B 200 72.79 -37.25 9.42
CA LEU B 200 74.07 -36.73 8.95
C LEU B 200 74.11 -36.75 7.43
N TRP B 201 74.32 -35.58 6.83
CA TRP B 201 74.44 -35.48 5.38
C TRP B 201 75.90 -35.09 5.20
N SER B 202 76.71 -36.03 4.76
CA SER B 202 78.14 -35.79 4.60
C SER B 202 78.63 -35.69 3.15
N ASP B 203 78.84 -34.45 2.71
CA ASP B 203 79.31 -34.17 1.35
C ASP B 203 80.81 -34.46 1.27
N GLU B 204 81.16 -35.62 0.73
CA GLU B 204 82.55 -36.00 0.64
C GLU B 204 83.01 -36.07 -0.80
N ILE B 205 82.64 -35.05 -1.58
CA ILE B 205 82.99 -35.00 -3.00
C ILE B 205 84.48 -34.75 -3.26
N HIS B 206 85.18 -34.19 -2.28
CA HIS B 206 86.61 -33.94 -2.44
C HIS B 206 87.47 -35.01 -1.80
N PHE B 207 86.85 -36.10 -1.32
CA PHE B 207 87.61 -37.11 -0.60
C PHE B 207 88.77 -37.87 -1.24
N ASP B 208 88.95 -37.76 -2.56
CA ASP B 208 90.09 -38.44 -3.19
C ASP B 208 91.27 -37.49 -3.33
N LEU B 209 91.04 -36.19 -3.17
CA LEU B 209 92.11 -35.20 -3.30
C LEU B 209 92.70 -34.81 -1.94
N ILE B 210 93.55 -35.68 -1.40
CA ILE B 210 94.17 -35.47 -0.11
C ILE B 210 95.67 -35.22 -0.27
N MET B 211 96.15 -34.13 0.29
CA MET B 211 97.57 -33.77 0.21
C MET B 211 98.44 -34.78 0.94
N PRO B 212 99.66 -35.02 0.42
CA PRO B 212 100.58 -35.97 1.05
C PRO B 212 100.71 -35.65 2.52
N GLY B 213 100.72 -36.67 3.36
CA GLY B 213 100.85 -36.45 4.79
C GLY B 213 99.52 -36.53 5.53
N TYR B 214 98.42 -36.59 4.81
CA TYR B 214 97.12 -36.66 5.44
C TYR B 214 96.27 -37.79 4.88
N GLU B 215 95.24 -38.19 5.63
CA GLU B 215 94.37 -39.27 5.22
C GLU B 215 92.90 -38.98 5.52
N HIS B 216 92.05 -39.14 4.51
CA HIS B 216 90.63 -38.88 4.68
C HIS B 216 89.95 -40.07 5.36
N THR B 217 88.91 -39.78 6.11
CA THR B 217 88.15 -40.82 6.79
C THR B 217 86.67 -40.62 6.44
N VAL B 218 86.09 -41.60 5.75
CA VAL B 218 84.68 -41.49 5.41
C VAL B 218 83.93 -41.52 6.75
N PHE B 219 83.22 -40.44 7.00
CA PHE B 219 82.48 -40.27 8.24
C PHE B 219 81.59 -41.44 8.71
N GLN B 220 80.74 -41.96 7.83
CA GLN B 220 79.86 -43.06 8.24
C GLN B 220 80.58 -44.41 8.44
N SER B 221 81.84 -44.50 8.02
CA SER B 221 82.57 -45.75 8.15
C SER B 221 83.08 -46.02 9.56
N ILE B 222 83.01 -45.02 10.43
CA ILE B 222 83.50 -45.18 11.80
C ILE B 222 82.51 -45.75 12.80
N ASP B 223 81.24 -45.82 12.43
CA ASP B 223 80.23 -46.34 13.34
C ASP B 223 78.96 -46.81 12.66
N GLU B 224 78.54 -48.04 12.97
CA GLU B 224 77.34 -48.67 12.42
C GLU B 224 76.12 -47.80 12.66
N GLN B 225 75.93 -47.39 13.91
CA GLN B 225 74.79 -46.59 14.29
C GLN B 225 74.74 -45.25 13.57
N LEU B 226 75.90 -44.63 13.37
CA LEU B 226 75.93 -43.36 12.67
C LEU B 226 75.50 -43.59 11.22
N ALA B 227 76.13 -44.57 10.58
CA ALA B 227 75.81 -44.92 9.20
C ALA B 227 74.30 -45.07 9.05
N ASP B 228 73.66 -45.77 9.99
CA ASP B 228 72.21 -45.97 9.96
C ASP B 228 71.45 -44.69 9.64
N LYS B 229 72.01 -43.54 10.01
CA LYS B 229 71.33 -42.28 9.70
C LYS B 229 72.23 -41.27 9.02
N THR B 230 72.98 -41.73 8.02
CA THR B 230 73.88 -40.86 7.27
C THR B 230 73.66 -41.04 5.78
N ILE B 231 73.79 -39.94 5.04
CA ILE B 231 73.69 -39.94 3.58
C ILE B 231 75.01 -39.33 3.17
N THR B 232 75.82 -40.11 2.48
CA THR B 232 77.12 -39.64 2.04
C THR B 232 77.09 -39.35 0.54
N PHE B 233 77.45 -38.12 0.19
CA PHE B 233 77.48 -37.71 -1.21
C PHE B 233 78.89 -37.90 -1.74
N THR B 234 79.00 -38.58 -2.89
CA THR B 234 80.31 -38.79 -3.50
C THR B 234 80.16 -38.77 -5.01
N ALA B 235 81.28 -38.56 -5.69
CA ALA B 235 81.30 -38.52 -7.14
C ALA B 235 82.73 -38.59 -7.57
N PRO B 236 82.98 -38.79 -8.88
CA PRO B 236 84.33 -38.87 -9.43
C PRO B 236 84.61 -37.59 -10.20
N SER B 237 83.64 -36.69 -10.19
CA SER B 237 83.73 -35.42 -10.90
C SER B 237 84.92 -34.57 -10.48
N LYS B 238 85.05 -34.31 -9.19
CA LYS B 238 86.20 -33.53 -8.73
C LYS B 238 87.49 -34.31 -8.92
N THR B 239 87.50 -35.56 -8.46
CA THR B 239 88.70 -36.38 -8.57
C THR B 239 89.28 -36.42 -9.99
N PHE B 240 88.44 -36.67 -10.99
CA PHE B 240 88.93 -36.78 -12.36
C PHE B 240 88.50 -35.69 -13.36
N ASN B 241 88.15 -34.51 -12.83
CA ASN B 241 87.77 -33.39 -13.66
C ASN B 241 86.62 -33.67 -14.61
N ILE B 242 85.60 -34.38 -14.14
CA ILE B 242 84.47 -34.70 -14.98
C ILE B 242 83.12 -34.19 -14.47
N ALA B 243 83.10 -32.95 -13.96
CA ALA B 243 81.87 -32.33 -13.48
C ALA B 243 80.91 -32.12 -14.66
N GLY B 244 81.42 -32.34 -15.87
CA GLY B 244 80.61 -32.19 -17.07
C GLY B 244 79.99 -33.49 -17.56
N MET B 245 80.28 -34.60 -16.90
CA MET B 245 79.72 -35.89 -17.30
C MET B 245 78.42 -36.21 -16.56
N GLY B 246 78.13 -35.42 -15.53
CA GLY B 246 76.90 -35.56 -14.75
C GLY B 246 76.54 -36.87 -14.08
N MET B 247 77.38 -37.33 -13.15
CA MET B 247 77.10 -38.57 -12.43
C MET B 247 77.62 -38.54 -11.00
N SER B 248 76.79 -38.99 -10.06
CA SER B 248 77.15 -39.02 -8.66
C SER B 248 76.71 -40.33 -8.02
N ASN B 249 77.39 -40.69 -6.93
CA ASN B 249 77.07 -41.89 -6.22
C ASN B 249 76.75 -41.53 -4.77
N ILE B 250 75.46 -41.48 -4.47
CA ILE B 250 74.98 -41.16 -3.15
C ILE B 250 74.90 -42.48 -2.40
N ILE B 251 75.63 -42.60 -1.30
CA ILE B 251 75.66 -43.82 -0.50
C ILE B 251 74.68 -43.67 0.66
N ILE B 252 73.68 -44.55 0.69
CA ILE B 252 72.66 -44.55 1.74
C ILE B 252 72.39 -45.97 2.22
N LYS B 253 72.85 -46.27 3.43
CA LYS B 253 72.68 -47.60 4.03
C LYS B 253 71.24 -47.90 4.41
N ASN B 254 70.64 -47.02 5.22
CA ASN B 254 69.27 -47.19 5.67
C ASN B 254 68.26 -47.34 4.52
N PRO B 255 67.68 -48.53 4.37
CA PRO B 255 66.72 -48.81 3.30
C PRO B 255 65.58 -47.78 3.22
N ASP B 256 65.04 -47.40 4.37
CA ASP B 256 63.94 -46.43 4.45
C ASP B 256 64.36 -45.04 3.98
N ILE B 257 65.48 -44.56 4.50
CA ILE B 257 66.04 -43.26 4.14
C ILE B 257 66.35 -43.25 2.65
N ARG B 258 66.90 -44.37 2.18
CA ARG B 258 67.26 -44.54 0.78
C ARG B 258 66.07 -44.50 -0.18
N GLU B 259 64.99 -45.19 0.19
CA GLU B 259 63.79 -45.22 -0.65
C GLU B 259 63.11 -43.87 -0.61
N ARG B 260 63.16 -43.21 0.54
CA ARG B 260 62.56 -41.89 0.68
C ARG B 260 63.34 -40.89 -0.16
N PHE B 261 64.66 -41.07 -0.21
CA PHE B 261 65.51 -40.17 -1.00
C PHE B 261 65.21 -40.38 -2.48
N THR B 262 64.99 -41.63 -2.85
CA THR B 262 64.72 -41.95 -4.23
C THR B 262 63.38 -41.44 -4.71
N LYS B 263 62.32 -41.67 -3.92
CA LYS B 263 61.00 -41.21 -4.31
C LYS B 263 60.99 -39.68 -4.43
N SER B 264 61.78 -39.01 -3.61
CA SER B 264 61.87 -37.56 -3.66
C SER B 264 62.65 -37.15 -4.90
N ARG B 265 63.64 -37.96 -5.27
CA ARG B 265 64.47 -37.68 -6.43
C ARG B 265 63.66 -37.86 -7.71
N ASP B 266 62.84 -38.91 -7.74
CA ASP B 266 62.02 -39.19 -8.90
C ASP B 266 60.86 -38.23 -9.14
N ALA B 267 60.52 -37.41 -8.13
CA ALA B 267 59.44 -36.45 -8.31
C ALA B 267 60.05 -35.06 -8.58
N THR B 268 61.38 -34.99 -8.63
CA THR B 268 62.05 -33.72 -8.88
C THR B 268 62.97 -33.78 -10.10
N SER B 269 64.15 -34.37 -9.95
CA SER B 269 65.08 -34.47 -11.07
C SER B 269 64.96 -35.79 -11.83
N GLY B 270 64.43 -36.81 -11.17
CA GLY B 270 64.29 -38.10 -11.80
C GLY B 270 65.62 -38.85 -11.80
N MET B 271 65.66 -40.02 -12.41
CA MET B 271 66.86 -40.84 -12.50
C MET B 271 67.75 -40.34 -13.63
N PRO B 272 69.08 -40.39 -13.45
CA PRO B 272 70.00 -39.94 -14.49
C PRO B 272 70.06 -40.99 -15.60
N PHE B 273 69.76 -40.61 -16.83
CA PHE B 273 69.79 -41.59 -17.92
C PHE B 273 71.06 -41.51 -18.77
N THR B 274 71.89 -40.52 -18.46
CA THR B 274 73.16 -40.30 -19.14
C THR B 274 73.88 -41.62 -19.35
N THR B 275 74.21 -41.93 -20.60
CA THR B 275 74.89 -43.18 -20.92
C THR B 275 76.40 -43.13 -20.66
N LEU B 276 77.04 -42.02 -21.01
CA LEU B 276 78.47 -41.88 -20.81
C LEU B 276 78.84 -41.45 -19.39
N GLY B 277 77.84 -41.00 -18.63
CA GLY B 277 78.08 -40.59 -17.25
C GLY B 277 78.55 -41.76 -16.41
N TYR B 278 77.79 -42.87 -16.46
CA TYR B 278 78.13 -44.08 -15.73
C TYR B 278 79.45 -44.63 -16.22
N LYS B 279 79.58 -44.71 -17.53
CA LYS B 279 80.79 -45.24 -18.13
C LYS B 279 82.05 -44.48 -17.72
N ALA B 280 81.98 -43.15 -17.70
CA ALA B 280 83.13 -42.35 -17.32
C ALA B 280 83.59 -42.62 -15.88
N CYS B 281 82.64 -42.88 -14.98
CA CYS B 281 82.96 -43.18 -13.59
C CYS B 281 83.68 -44.53 -13.52
N GLU B 282 83.12 -45.51 -14.20
CA GLU B 282 83.69 -46.85 -14.22
C GLU B 282 85.13 -46.85 -14.77
N ILE B 283 85.35 -46.18 -15.90
CA ILE B 283 86.69 -46.13 -16.47
C ILE B 283 87.68 -45.45 -15.52
N CYS B 284 87.33 -44.28 -15.02
CA CYS B 284 88.23 -43.57 -14.13
C CYS B 284 88.66 -44.46 -12.95
N TYR B 285 87.68 -45.06 -12.28
CA TYR B 285 87.95 -45.92 -11.11
C TYR B 285 88.83 -47.12 -11.42
N LYS B 286 88.63 -47.69 -12.60
CA LYS B 286 89.41 -48.86 -12.99
C LYS B 286 90.76 -48.55 -13.61
N GLU B 287 90.85 -47.44 -14.32
CA GLU B 287 92.09 -47.13 -15.03
C GLU B 287 92.83 -45.83 -14.76
N CYS B 288 92.23 -44.90 -14.02
CA CYS B 288 92.91 -43.63 -13.85
C CYS B 288 93.55 -43.34 -12.50
N GLY B 289 93.82 -44.39 -11.74
CA GLY B 289 94.45 -44.23 -10.43
C GLY B 289 95.82 -43.57 -10.47
N LYS B 290 96.65 -43.90 -11.46
CA LYS B 290 97.99 -43.32 -11.58
C LYS B 290 97.92 -41.83 -11.95
N TRP B 291 96.98 -41.50 -12.82
CA TRP B 291 96.81 -40.11 -13.24
C TRP B 291 96.48 -39.26 -12.00
N LEU B 292 95.54 -39.74 -11.19
CA LEU B 292 95.18 -39.01 -9.97
C LEU B 292 96.39 -38.76 -9.06
N ASP B 293 97.25 -39.77 -8.92
CA ASP B 293 98.44 -39.63 -8.08
C ASP B 293 99.37 -38.55 -8.62
N GLY B 294 99.55 -38.53 -9.93
CA GLY B 294 100.42 -37.54 -10.54
C GLY B 294 99.84 -36.15 -10.33
N CYS B 295 98.52 -36.06 -10.50
CA CYS B 295 97.79 -34.80 -10.33
C CYS B 295 97.91 -34.25 -8.89
N ILE B 296 97.79 -35.13 -7.91
CA ILE B 296 97.90 -34.73 -6.51
C ILE B 296 99.28 -34.15 -6.25
N LYS B 297 100.31 -34.76 -6.82
CA LYS B 297 101.68 -34.27 -6.64
C LYS B 297 101.82 -32.84 -7.13
N VAL B 298 101.31 -32.59 -8.33
CA VAL B 298 101.38 -31.24 -8.89
C VAL B 298 100.63 -30.26 -7.99
N ILE B 299 99.48 -30.67 -7.48
CA ILE B 299 98.68 -29.82 -6.62
C ILE B 299 99.43 -29.48 -5.36
N ASP B 300 100.13 -30.46 -4.81
CA ASP B 300 100.87 -30.23 -3.59
C ASP B 300 102.02 -29.26 -3.86
N LYS B 301 102.65 -29.40 -5.02
CA LYS B 301 103.76 -28.52 -5.38
C LYS B 301 103.26 -27.08 -5.55
N ASN B 302 102.02 -26.94 -6.03
CA ASN B 302 101.43 -25.64 -6.23
C ASN B 302 101.08 -24.90 -4.94
N GLN B 303 100.48 -25.60 -3.98
CA GLN B 303 100.12 -24.96 -2.72
C GLN B 303 101.40 -24.43 -2.04
N ARG B 304 102.51 -25.14 -2.22
CA ARG B 304 103.78 -24.75 -1.63
C ARG B 304 104.39 -23.56 -2.37
N ILE B 305 104.11 -23.45 -3.66
CA ILE B 305 104.62 -22.33 -4.44
C ILE B 305 103.86 -21.09 -3.96
N VAL B 306 102.55 -21.22 -3.87
CA VAL B 306 101.71 -20.11 -3.43
C VAL B 306 102.15 -19.64 -2.05
N LYS B 307 102.39 -20.58 -1.15
CA LYS B 307 102.81 -20.23 0.22
C LYS B 307 104.13 -19.50 0.24
N ASP B 308 105.10 -20.00 -0.54
CA ASP B 308 106.41 -19.38 -0.59
C ASP B 308 106.33 -18.01 -1.26
N PHE B 309 105.44 -17.88 -2.25
CA PHE B 309 105.29 -16.61 -2.96
C PHE B 309 104.97 -15.48 -1.99
N PHE B 310 103.99 -15.69 -1.11
CA PHE B 310 103.65 -14.64 -0.17
C PHE B 310 104.71 -14.45 0.91
N GLU B 311 105.40 -15.52 1.30
CA GLU B 311 106.43 -15.37 2.33
C GLU B 311 107.59 -14.56 1.81
N VAL B 312 107.79 -14.61 0.50
CA VAL B 312 108.88 -13.89 -0.13
C VAL B 312 108.55 -12.45 -0.52
N ASN B 313 107.40 -12.27 -1.18
CA ASN B 313 107.01 -10.94 -1.66
C ASN B 313 106.07 -10.08 -0.83
N HIS B 314 105.11 -10.69 -0.13
CA HIS B 314 104.14 -9.94 0.68
C HIS B 314 103.76 -10.74 1.92
N PRO B 315 104.69 -10.80 2.90
CA PRO B 315 104.57 -11.50 4.18
C PRO B 315 103.32 -11.22 5.01
N GLU B 316 102.72 -10.06 4.86
CA GLU B 316 101.54 -9.78 5.66
C GLU B 316 100.34 -10.59 5.16
N ILE B 317 100.46 -11.14 3.96
CA ILE B 317 99.42 -11.98 3.38
C ILE B 317 99.86 -13.43 3.64
N LYS B 318 98.93 -14.31 3.97
CA LYS B 318 99.29 -15.70 4.27
C LYS B 318 98.52 -16.76 3.48
N ALA B 319 99.25 -17.70 2.89
CA ALA B 319 98.65 -18.79 2.13
C ALA B 319 99.16 -20.11 2.71
N PRO B 320 98.60 -20.53 3.84
CA PRO B 320 99.04 -21.79 4.47
C PRO B 320 98.69 -23.04 3.67
N LEU B 321 99.49 -24.08 3.88
CA LEU B 321 99.29 -25.35 3.21
C LEU B 321 97.96 -25.93 3.66
N ILE B 322 97.36 -26.74 2.79
CA ILE B 322 96.09 -27.38 3.07
C ILE B 322 96.21 -28.88 3.21
N GLU B 323 95.19 -29.50 3.76
CA GLU B 323 95.21 -30.95 3.95
C GLU B 323 94.49 -31.67 2.83
N GLY B 324 93.46 -31.02 2.29
CA GLY B 324 92.69 -31.64 1.23
C GLY B 324 92.14 -30.65 0.22
N THR B 325 91.55 -31.21 -0.84
CA THR B 325 90.99 -30.45 -1.95
C THR B 325 92.17 -29.77 -2.64
N TYR B 326 91.92 -29.14 -3.79
CA TYR B 326 92.98 -28.43 -4.48
C TYR B 326 92.64 -26.94 -4.48
N LEU B 327 91.91 -26.53 -3.44
CA LEU B 327 91.48 -25.14 -3.24
C LEU B 327 92.16 -24.61 -1.98
N GLN B 328 93.09 -23.68 -2.16
CA GLN B 328 93.84 -23.09 -1.04
C GLN B 328 93.26 -21.77 -0.54
N TRP B 329 93.11 -21.66 0.78
CA TRP B 329 92.53 -20.49 1.46
C TRP B 329 93.61 -19.46 1.78
N ILE B 330 93.53 -18.29 1.16
CA ILE B 330 94.53 -17.25 1.40
C ILE B 330 93.98 -16.06 2.18
N ASP B 331 94.63 -15.78 3.30
CA ASP B 331 94.27 -14.68 4.20
C ASP B 331 94.80 -13.33 3.69
N PHE B 332 93.92 -12.50 3.13
CA PHE B 332 94.31 -11.20 2.62
C PHE B 332 93.87 -10.06 3.55
N ARG B 333 93.45 -10.38 4.77
CA ARG B 333 92.98 -9.36 5.70
C ARG B 333 93.99 -8.26 6.02
N ALA B 334 95.27 -8.60 6.09
CA ALA B 334 96.31 -7.62 6.41
C ALA B 334 96.37 -6.52 5.34
N LEU B 335 95.70 -6.75 4.21
CA LEU B 335 95.70 -5.79 3.13
C LEU B 335 94.75 -4.63 3.44
N LYS B 336 93.87 -4.85 4.41
CA LYS B 336 92.90 -3.85 4.86
C LYS B 336 91.89 -3.33 3.84
N MET B 337 91.54 -4.13 2.84
CA MET B 337 90.55 -3.70 1.86
C MET B 337 89.21 -4.39 2.15
N ASP B 338 88.10 -3.68 1.96
CA ASP B 338 86.79 -4.30 2.21
C ASP B 338 86.60 -5.29 1.05
N HIS B 339 86.02 -6.45 1.35
CA HIS B 339 85.86 -7.49 0.34
C HIS B 339 85.40 -7.07 -1.04
N LYS B 340 84.51 -6.09 -1.12
CA LYS B 340 84.05 -5.67 -2.45
C LYS B 340 85.16 -4.94 -3.18
N ALA B 341 85.85 -4.06 -2.48
CA ALA B 341 86.94 -3.30 -3.08
C ALA B 341 88.09 -4.24 -3.43
N MET B 342 88.35 -5.22 -2.56
CA MET B 342 89.41 -6.19 -2.81
C MET B 342 89.10 -6.95 -4.10
N GLU B 343 87.88 -7.46 -4.18
CA GLU B 343 87.42 -8.17 -5.36
C GLU B 343 87.67 -7.30 -6.59
N GLU B 344 87.30 -6.03 -6.48
CA GLU B 344 87.48 -5.06 -7.54
C GLU B 344 88.96 -5.00 -7.90
N PHE B 345 89.79 -4.84 -6.89
CA PHE B 345 91.22 -4.79 -7.09
C PHE B 345 91.70 -6.02 -7.83
N MET B 346 91.36 -7.20 -7.31
CA MET B 346 91.77 -8.46 -7.91
C MET B 346 91.36 -8.63 -9.38
N ILE B 347 90.07 -8.45 -9.65
CA ILE B 347 89.57 -8.59 -11.02
C ILE B 347 90.16 -7.60 -12.03
N HIS B 348 90.16 -6.31 -11.70
CA HIS B 348 90.65 -5.32 -12.66
C HIS B 348 92.10 -4.86 -12.56
N LYS B 349 92.71 -4.96 -11.38
CA LYS B 349 94.09 -4.53 -11.25
C LYS B 349 95.07 -5.69 -11.43
N ALA B 350 94.80 -6.81 -10.76
CA ALA B 350 95.68 -7.97 -10.84
C ALA B 350 95.18 -8.98 -11.84
N GLN B 351 93.95 -8.81 -12.30
CA GLN B 351 93.34 -9.73 -13.25
C GLN B 351 93.58 -11.15 -12.77
N ILE B 352 93.40 -11.35 -11.48
CA ILE B 352 93.56 -12.66 -10.89
C ILE B 352 92.15 -12.99 -10.42
N PHE B 353 91.63 -14.16 -10.82
CA PHE B 353 90.28 -14.52 -10.47
C PHE B 353 90.16 -15.67 -9.48
N PHE B 354 89.95 -15.30 -8.21
CA PHE B 354 89.78 -16.25 -7.12
C PHE B 354 88.29 -16.44 -6.92
N ASP B 355 87.96 -17.10 -5.82
CA ASP B 355 86.59 -17.29 -5.41
C ASP B 355 86.64 -16.45 -4.15
N GLU B 356 86.21 -15.19 -4.27
CA GLU B 356 86.22 -14.24 -3.17
C GLU B 356 85.71 -14.87 -1.87
N GLY B 357 86.51 -14.77 -0.83
CA GLY B 357 86.16 -15.38 0.43
C GLY B 357 84.77 -15.11 0.95
N TYR B 358 84.29 -13.88 0.77
CA TYR B 358 82.98 -13.49 1.28
C TYR B 358 81.79 -14.31 0.79
N ILE B 359 81.91 -14.98 -0.36
CA ILE B 359 80.79 -15.78 -0.87
C ILE B 359 80.59 -17.09 -0.13
N PHE B 360 81.51 -17.44 0.76
CA PHE B 360 81.37 -18.68 1.52
C PHE B 360 80.80 -18.38 2.89
N GLY B 361 80.56 -17.09 3.15
CA GLY B 361 80.02 -16.68 4.44
C GLY B 361 80.82 -15.49 4.93
N ASP B 362 80.35 -14.83 5.99
CA ASP B 362 81.07 -13.67 6.52
C ASP B 362 82.45 -14.04 7.05
N GLY B 363 82.60 -15.28 7.53
CA GLY B 363 83.87 -15.73 8.04
C GLY B 363 84.91 -15.80 6.93
N GLY B 364 84.47 -15.76 5.68
CA GLY B 364 85.38 -15.80 4.56
C GLY B 364 85.76 -14.40 4.09
N ILE B 365 85.21 -13.39 4.76
CA ILE B 365 85.49 -12.00 4.41
C ILE B 365 86.96 -11.62 4.66
N GLY B 366 87.68 -11.34 3.57
CA GLY B 366 89.08 -10.97 3.70
C GLY B 366 89.97 -12.07 3.17
N PHE B 367 89.39 -13.21 2.85
CA PHE B 367 90.16 -14.32 2.34
C PHE B 367 89.89 -14.48 0.84
N GLU B 368 90.75 -15.25 0.16
CA GLU B 368 90.59 -15.53 -1.26
C GLU B 368 90.87 -17.02 -1.42
N ARG B 369 90.18 -17.66 -2.34
CA ARG B 369 90.41 -19.07 -2.55
C ARG B 369 91.00 -19.25 -3.95
N ILE B 370 92.17 -19.83 -4.01
CA ILE B 370 92.82 -20.06 -5.29
C ILE B 370 92.70 -21.52 -5.74
N ASN B 371 92.37 -21.73 -7.01
CA ASN B 371 92.27 -23.08 -7.57
C ASN B 371 93.68 -23.53 -7.98
N LEU B 372 94.23 -24.51 -7.26
CA LEU B 372 95.57 -25.01 -7.53
C LEU B 372 95.70 -26.04 -8.66
N ALA B 373 94.58 -26.45 -9.25
CA ALA B 373 94.64 -27.45 -10.31
C ALA B 373 94.96 -26.88 -11.70
N ALA B 374 96.23 -26.55 -11.89
CA ALA B 374 96.72 -26.01 -13.14
C ALA B 374 98.23 -26.25 -13.21
N PRO B 375 98.83 -26.06 -14.38
CA PRO B 375 100.28 -26.28 -14.45
C PRO B 375 100.96 -25.36 -13.47
N SER B 376 102.10 -25.79 -12.92
CA SER B 376 102.81 -24.96 -11.97
C SER B 376 103.20 -23.64 -12.62
N SER B 377 103.47 -23.66 -13.91
CA SER B 377 103.85 -22.43 -14.59
C SER B 377 102.70 -21.42 -14.66
N VAL B 378 101.47 -21.91 -14.78
CA VAL B 378 100.30 -21.03 -14.85
C VAL B 378 100.13 -20.32 -13.50
N ILE B 379 100.39 -21.05 -12.43
CA ILE B 379 100.28 -20.51 -11.08
C ILE B 379 101.33 -19.41 -10.88
N GLN B 380 102.56 -19.65 -11.35
CA GLN B 380 103.65 -18.67 -11.24
C GLN B 380 103.33 -17.40 -12.03
N GLU B 381 102.77 -17.58 -13.22
CA GLU B 381 102.40 -16.42 -14.06
C GLU B 381 101.43 -15.54 -13.30
N SER B 382 100.34 -16.15 -12.83
CA SER B 382 99.30 -15.46 -12.08
C SER B 382 99.86 -14.73 -10.87
N LEU B 383 100.66 -15.43 -10.07
CA LEU B 383 101.24 -14.82 -8.88
C LEU B 383 102.12 -13.62 -9.25
N GLU B 384 102.94 -13.75 -10.28
CA GLU B 384 103.79 -12.64 -10.68
C GLU B 384 102.98 -11.41 -11.10
N ARG B 385 101.80 -11.63 -11.68
CA ARG B 385 100.93 -10.54 -12.10
C ARG B 385 100.34 -9.89 -10.87
N LEU B 386 100.10 -10.69 -9.83
CA LEU B 386 99.54 -10.18 -8.57
C LEU B 386 100.62 -9.42 -7.81
N ASN B 387 101.85 -9.89 -7.96
CA ASN B 387 102.99 -9.27 -7.31
C ASN B 387 103.10 -7.81 -7.79
N LYS B 388 103.03 -7.62 -9.10
CA LYS B 388 103.11 -6.29 -9.68
C LYS B 388 101.93 -5.44 -9.22
N ALA B 389 100.75 -6.04 -9.17
CA ALA B 389 99.55 -5.34 -8.77
C ALA B 389 99.59 -4.89 -7.31
N LEU B 390 100.07 -5.77 -6.42
CA LEU B 390 100.15 -5.42 -5.01
C LEU B 390 101.25 -4.39 -4.75
N LYS B 391 102.31 -4.43 -5.55
CA LYS B 391 103.39 -3.46 -5.41
C LYS B 391 102.86 -2.08 -5.80
N ASP B 392 102.10 -2.02 -6.88
CA ASP B 392 101.53 -0.75 -7.33
C ASP B 392 100.55 -0.22 -6.29
N LEU B 393 99.77 -1.12 -5.70
CA LEU B 393 98.80 -0.72 -4.67
C LEU B 393 99.65 -0.04 -3.60
N LYS B 394 100.92 -0.43 -3.56
CA LYS B 394 101.92 0.10 -2.63
C LYS B 394 101.85 -0.66 -1.31
N MET C 1 -30.86 71.27 1.71
CA MET C 1 -30.14 70.56 2.81
C MET C 1 -28.71 70.20 2.42
N ILE C 2 -27.96 69.68 3.40
CA ILE C 2 -26.58 69.27 3.17
C ILE C 2 -26.58 67.80 2.80
N TYR C 3 -25.96 67.46 1.68
CA TYR C 3 -25.93 66.07 1.21
C TYR C 3 -24.62 65.36 1.51
N ASP C 4 -24.74 64.09 1.85
CA ASP C 4 -23.59 63.26 2.21
C ASP C 4 -23.27 62.16 1.20
N PHE C 5 -22.13 62.31 0.53
CA PHE C 5 -21.66 61.33 -0.45
C PHE C 5 -20.23 60.93 -0.05
N THR C 6 -19.86 61.29 1.18
CA THR C 6 -18.54 61.00 1.71
C THR C 6 -18.49 59.86 2.74
N THR C 7 -19.53 59.73 3.56
CA THR C 7 -19.56 58.70 4.59
C THR C 7 -19.60 57.27 4.04
N LYS C 8 -18.59 56.48 4.40
CA LYS C 8 -18.50 55.08 3.97
C LYS C 8 -19.46 54.26 4.80
N ILE C 9 -20.53 53.77 4.18
CA ILE C 9 -21.53 52.99 4.89
C ILE C 9 -21.24 51.49 4.93
N SER C 10 -22.01 50.79 5.76
CA SER C 10 -21.87 49.35 5.92
C SER C 10 -23.26 48.72 5.90
N ARG C 11 -23.51 47.82 4.94
CA ARG C 11 -24.81 47.17 4.80
C ARG C 11 -24.81 45.69 5.25
N LYS C 12 -23.80 45.32 6.06
CA LYS C 12 -23.67 43.95 6.54
C LYS C 12 -24.81 43.49 7.47
N ASN C 13 -25.32 42.30 7.20
CA ASN C 13 -26.40 41.71 8.00
C ASN C 13 -27.67 42.57 8.07
N LEU C 14 -27.95 43.32 7.02
CA LEU C 14 -29.12 44.18 6.97
C LEU C 14 -30.05 43.71 5.87
N GLY C 15 -29.85 42.47 5.44
CA GLY C 15 -30.68 41.89 4.39
C GLY C 15 -30.37 42.39 2.99
N SER C 16 -29.24 43.09 2.83
CA SER C 16 -28.88 43.60 1.52
C SER C 16 -28.40 42.52 0.58
N LEU C 17 -29.13 42.34 -0.52
CA LEU C 17 -28.76 41.34 -1.51
C LEU C 17 -27.30 41.49 -1.95
N LYS C 18 -26.90 42.72 -2.25
CA LYS C 18 -25.54 42.99 -2.70
C LYS C 18 -24.47 42.53 -1.71
N TRP C 19 -24.59 42.96 -0.46
CA TRP C 19 -23.60 42.57 0.55
C TRP C 19 -23.67 41.09 0.90
N ASP C 20 -24.88 40.56 1.05
CA ASP C 20 -25.06 39.16 1.37
C ASP C 20 -24.43 38.29 0.28
N LEU C 21 -24.46 38.76 -0.96
CA LEU C 21 -23.88 37.99 -2.04
C LEU C 21 -22.35 37.97 -1.88
N MET C 22 -21.80 39.07 -1.39
CA MET C 22 -20.36 39.18 -1.19
C MET C 22 -19.89 38.16 -0.14
N TYR C 23 -20.47 38.21 1.05
CA TYR C 23 -20.10 37.28 2.12
C TYR C 23 -20.35 35.84 1.70
N SER C 24 -21.37 35.64 0.86
CA SER C 24 -21.69 34.31 0.38
C SER C 24 -20.57 33.83 -0.55
N GLN C 25 -20.05 34.72 -1.38
CA GLN C 25 -18.99 34.37 -2.31
C GLN C 25 -17.62 34.28 -1.64
N ASN C 26 -17.40 35.12 -0.63
CA ASN C 26 -16.14 35.10 0.10
C ASN C 26 -16.36 35.40 1.58
N PRO C 27 -16.65 34.35 2.36
CA PRO C 27 -16.89 34.47 3.79
C PRO C 27 -15.72 35.07 4.57
N GLU C 28 -14.53 35.06 3.98
CA GLU C 28 -13.37 35.63 4.65
C GLU C 28 -13.06 37.06 4.23
N VAL C 29 -13.93 37.65 3.42
CA VAL C 29 -13.69 39.01 2.97
C VAL C 29 -13.48 39.94 4.16
N GLY C 30 -12.46 40.80 4.07
CA GLY C 30 -12.18 41.73 5.16
C GLY C 30 -13.39 42.58 5.48
N ASN C 31 -13.43 43.12 6.69
CA ASN C 31 -14.58 43.94 7.10
C ASN C 31 -14.56 45.35 6.53
N GLU C 32 -13.42 45.79 5.99
CA GLU C 32 -13.36 47.13 5.42
C GLU C 32 -13.81 47.11 3.96
N VAL C 33 -13.99 45.92 3.42
CA VAL C 33 -14.40 45.78 2.03
C VAL C 33 -15.84 46.18 1.77
N VAL C 34 -16.04 46.87 0.65
CA VAL C 34 -17.34 47.34 0.21
C VAL C 34 -17.60 46.79 -1.19
N PRO C 35 -18.71 46.05 -1.37
CA PRO C 35 -19.03 45.48 -2.68
C PRO C 35 -19.30 46.56 -3.71
N LEU C 36 -18.93 46.30 -4.95
CA LEU C 36 -19.12 47.26 -6.02
C LEU C 36 -19.86 46.61 -7.19
N SER C 37 -20.86 45.79 -6.86
CA SER C 37 -21.61 45.06 -7.87
C SER C 37 -23.03 45.53 -8.20
N VAL C 38 -24.02 44.93 -7.54
CA VAL C 38 -25.44 45.24 -7.72
C VAL C 38 -25.73 46.73 -7.88
N ALA C 39 -26.64 47.03 -8.79
CA ALA C 39 -27.02 48.41 -9.08
C ALA C 39 -27.89 49.14 -8.05
N ASP C 40 -27.33 49.39 -6.88
CA ASP C 40 -28.01 50.20 -5.88
C ASP C 40 -26.88 50.97 -5.21
N MET C 41 -27.20 52.16 -4.70
CA MET C 41 -26.19 53.05 -4.12
C MET C 41 -25.71 52.83 -2.69
N GLU C 42 -24.41 53.08 -2.49
CA GLU C 42 -23.78 53.00 -1.18
C GLU C 42 -23.82 54.42 -0.65
N PHE C 43 -24.99 55.02 -0.80
CA PHE C 43 -25.26 56.39 -0.36
C PHE C 43 -26.55 56.37 0.44
N LYS C 44 -26.64 57.21 1.46
CA LYS C 44 -27.88 57.26 2.18
C LYS C 44 -28.84 57.92 1.20
N ASN C 45 -30.14 57.66 1.34
CA ASN C 45 -31.14 58.21 0.45
C ASN C 45 -31.28 59.72 0.68
N PRO C 46 -31.93 60.43 -0.25
CA PRO C 46 -32.13 61.87 -0.12
C PRO C 46 -32.81 62.19 1.21
N PRO C 47 -32.32 63.24 1.91
CA PRO C 47 -32.89 63.65 3.21
C PRO C 47 -34.36 64.10 3.11
N GLU C 48 -34.71 64.71 1.98
CA GLU C 48 -36.07 65.17 1.78
C GLU C 48 -37.00 63.98 1.59
N LEU C 49 -36.45 62.82 1.23
CA LEU C 49 -37.25 61.63 1.05
C LEU C 49 -37.50 60.95 2.39
N ILE C 50 -36.44 60.81 3.17
CA ILE C 50 -36.54 60.19 4.48
C ILE C 50 -37.48 61.00 5.35
N GLU C 51 -37.29 62.32 5.38
CA GLU C 51 -38.15 63.19 6.18
C GLU C 51 -39.57 63.16 5.64
N GLY C 52 -39.70 63.15 4.33
CA GLY C 52 -41.00 63.12 3.72
C GLY C 52 -41.77 61.88 4.12
N LEU C 53 -41.10 60.73 4.05
CA LEU C 53 -41.71 59.45 4.39
C LEU C 53 -42.10 59.39 5.86
N LYS C 54 -41.27 59.93 6.75
CA LYS C 54 -41.61 59.90 8.17
C LYS C 54 -42.80 60.80 8.41
N LYS C 55 -42.85 61.91 7.67
CA LYS C 55 -43.93 62.86 7.78
C LYS C 55 -45.23 62.23 7.30
N TYR C 56 -45.13 61.43 6.24
CA TYR C 56 -46.28 60.77 5.64
C TYR C 56 -46.85 59.69 6.58
N LEU C 57 -45.95 58.95 7.21
CA LEU C 57 -46.36 57.89 8.13
C LEU C 57 -47.23 58.39 9.27
N ASP C 58 -47.21 59.69 9.52
CA ASP C 58 -48.03 60.26 10.58
C ASP C 58 -49.35 60.79 10.05
N GLU C 59 -49.55 60.74 8.73
CA GLU C 59 -50.76 61.27 8.14
C GLU C 59 -51.57 60.23 7.41
N THR C 60 -51.03 59.02 7.29
CA THR C 60 -51.76 58.00 6.56
C THR C 60 -51.84 56.66 7.28
N VAL C 61 -52.63 55.79 6.68
CA VAL C 61 -52.84 54.43 7.16
C VAL C 61 -52.26 53.55 6.07
N LEU C 62 -51.54 52.50 6.46
CA LEU C 62 -50.91 51.61 5.50
C LEU C 62 -51.80 50.54 4.87
N GLY C 63 -52.97 50.93 4.38
CA GLY C 63 -53.89 49.98 3.77
C GLY C 63 -53.78 49.95 2.26
N TYR C 64 -54.67 49.20 1.60
CA TYR C 64 -54.68 49.08 0.13
C TYR C 64 -54.67 50.47 -0.49
N THR C 65 -53.56 50.81 -1.13
CA THR C 65 -53.39 52.12 -1.76
C THR C 65 -53.09 52.04 -3.25
N GLY C 66 -53.42 53.12 -3.95
CA GLY C 66 -53.18 53.23 -5.36
C GLY C 66 -52.70 54.64 -5.64
N PRO C 67 -52.23 54.94 -6.86
CA PRO C 67 -51.74 56.28 -7.19
C PRO C 67 -52.85 57.34 -7.20
N THR C 68 -52.56 58.51 -6.66
CA THR C 68 -53.53 59.60 -6.65
C THR C 68 -53.42 60.32 -7.99
N GLU C 69 -54.30 61.28 -8.24
CA GLU C 69 -54.22 62.01 -9.48
C GLU C 69 -52.98 62.90 -9.39
N GLU C 70 -52.70 63.40 -8.19
CA GLU C 70 -51.54 64.24 -7.96
C GLU C 70 -50.29 63.42 -8.30
N TYR C 71 -50.26 62.18 -7.83
CA TYR C 71 -49.12 61.31 -8.09
C TYR C 71 -48.88 61.24 -9.61
N LYS C 72 -49.94 60.98 -10.37
CA LYS C 72 -49.82 60.87 -11.80
C LYS C 72 -49.31 62.14 -12.46
N LYS C 73 -49.82 63.29 -12.03
CA LYS C 73 -49.40 64.57 -12.60
C LYS C 73 -47.89 64.78 -12.39
N THR C 74 -47.43 64.46 -11.19
CA THR C 74 -46.03 64.61 -10.87
C THR C 74 -45.18 63.78 -11.83
N VAL C 75 -45.55 62.52 -12.04
CA VAL C 75 -44.80 61.67 -12.97
C VAL C 75 -44.80 62.31 -14.35
N LYS C 76 -45.95 62.86 -14.73
CA LYS C 76 -46.11 63.52 -16.01
C LYS C 76 -45.15 64.71 -16.10
N LYS C 77 -45.08 65.48 -15.01
CA LYS C 77 -44.22 66.66 -14.98
C LYS C 77 -42.75 66.29 -15.11
N TRP C 78 -42.33 65.28 -14.38
CA TRP C 78 -40.95 64.84 -14.42
C TRP C 78 -40.57 64.58 -15.87
N MET C 79 -41.41 63.81 -16.55
CA MET C 79 -41.17 63.46 -17.94
C MET C 79 -41.01 64.69 -18.84
N LYS C 80 -41.70 65.78 -18.50
CA LYS C 80 -41.63 67.01 -19.30
C LYS C 80 -40.38 67.82 -18.93
N ASP C 81 -40.31 68.21 -17.66
CA ASP C 81 -39.22 68.99 -17.12
C ASP C 81 -37.84 68.37 -17.33
N ARG C 82 -37.74 67.07 -17.07
CA ARG C 82 -36.49 66.35 -17.18
C ARG C 82 -36.17 65.65 -18.51
N HIS C 83 -37.17 65.41 -19.35
CA HIS C 83 -36.92 64.73 -20.62
C HIS C 83 -37.64 65.30 -21.84
N GLN C 84 -38.27 66.47 -21.70
CA GLN C 84 -39.00 67.06 -22.81
C GLN C 84 -39.89 65.98 -23.43
N TRP C 85 -40.50 65.19 -22.57
CA TRP C 85 -41.39 64.12 -23.02
C TRP C 85 -42.79 64.43 -22.51
N ASP C 86 -43.72 64.59 -23.44
CA ASP C 86 -45.10 64.90 -23.11
C ASP C 86 -45.92 63.64 -23.08
N ILE C 87 -46.32 63.22 -21.88
CA ILE C 87 -47.13 62.01 -21.75
C ILE C 87 -48.49 62.37 -21.14
N GLN C 88 -49.42 61.41 -21.16
CA GLN C 88 -50.74 61.61 -20.59
C GLN C 88 -50.82 60.80 -19.29
N THR C 89 -51.39 61.40 -18.24
CA THR C 89 -51.49 60.71 -16.95
C THR C 89 -52.10 59.32 -17.01
N ASP C 90 -52.90 59.01 -18.03
CA ASP C 90 -53.49 57.68 -18.08
C ASP C 90 -52.68 56.70 -18.94
N TRP C 91 -51.42 57.07 -19.19
CA TRP C 91 -50.51 56.22 -19.94
C TRP C 91 -49.76 55.41 -18.88
N ILE C 92 -49.83 55.91 -17.65
CA ILE C 92 -49.14 55.32 -16.50
C ILE C 92 -49.73 54.06 -15.86
N ILE C 93 -49.01 52.95 -16.01
CA ILE C 93 -49.39 51.68 -15.43
C ILE C 93 -48.26 51.36 -14.45
N ASN C 94 -48.61 51.06 -13.20
CA ASN C 94 -47.62 50.76 -12.17
C ASN C 94 -47.38 49.28 -11.94
N THR C 95 -46.14 48.93 -11.62
CA THR C 95 -45.76 47.55 -11.32
C THR C 95 -44.78 47.60 -10.15
N ALA C 96 -44.54 46.46 -9.53
CA ALA C 96 -43.61 46.40 -8.41
C ALA C 96 -42.16 46.64 -8.87
N GLY C 97 -41.91 46.48 -10.17
CA GLY C 97 -40.58 46.67 -10.72
C GLY C 97 -40.58 46.58 -12.23
N VAL C 98 -39.44 46.92 -12.85
CA VAL C 98 -39.28 46.91 -14.30
C VAL C 98 -39.10 45.51 -14.87
N VAL C 99 -38.26 44.71 -14.23
CA VAL C 99 -38.03 43.35 -14.69
C VAL C 99 -39.38 42.63 -14.75
N PRO C 100 -40.17 42.70 -13.66
CA PRO C 100 -41.47 42.03 -13.66
C PRO C 100 -42.31 42.53 -14.85
N ALA C 101 -42.21 43.83 -15.13
CA ALA C 101 -42.92 44.43 -16.24
C ALA C 101 -42.44 43.82 -17.55
N VAL C 102 -41.12 43.74 -17.72
CA VAL C 102 -40.58 43.15 -18.95
C VAL C 102 -41.09 41.72 -19.12
N PHE C 103 -40.95 40.92 -18.06
CA PHE C 103 -41.44 39.54 -18.12
C PHE C 103 -42.89 39.52 -18.54
N ASN C 104 -43.63 40.56 -18.14
CA ASN C 104 -45.04 40.67 -18.43
C ASN C 104 -45.28 41.01 -19.91
N ALA C 105 -44.36 41.77 -20.49
CA ALA C 105 -44.50 42.14 -21.90
C ALA C 105 -44.34 40.90 -22.78
N VAL C 106 -43.34 40.09 -22.46
CA VAL C 106 -43.05 38.85 -23.18
C VAL C 106 -44.25 37.92 -23.13
N ARG C 107 -44.79 37.77 -21.93
CA ARG C 107 -45.93 36.90 -21.68
C ARG C 107 -47.18 37.30 -22.46
N GLU C 108 -47.49 38.59 -22.48
CA GLU C 108 -48.69 39.08 -23.16
C GLU C 108 -48.60 39.30 -24.66
N PHE C 109 -47.44 39.70 -25.16
CA PHE C 109 -47.33 39.98 -26.58
C PHE C 109 -46.53 39.02 -27.46
N THR C 110 -46.23 37.84 -26.92
CA THR C 110 -45.51 36.84 -27.69
C THR C 110 -46.01 35.49 -27.21
N LYS C 111 -45.65 34.44 -27.94
CA LYS C 111 -46.04 33.10 -27.58
C LYS C 111 -44.78 32.27 -27.67
N PRO C 112 -44.75 31.11 -27.01
CA PRO C 112 -43.55 30.28 -27.08
C PRO C 112 -43.06 30.10 -28.51
N GLY C 113 -41.75 30.11 -28.71
CA GLY C 113 -41.22 29.95 -30.05
C GLY C 113 -41.01 31.27 -30.76
N ASP C 114 -41.78 32.29 -30.39
CA ASP C 114 -41.62 33.60 -31.01
C ASP C 114 -40.28 34.15 -30.54
N GLY C 115 -39.71 35.06 -31.31
CA GLY C 115 -38.43 35.60 -30.93
C GLY C 115 -38.47 37.04 -30.46
N VAL C 116 -37.53 37.38 -29.59
CA VAL C 116 -37.41 38.74 -29.10
C VAL C 116 -35.96 39.15 -29.34
N ILE C 117 -35.77 40.30 -29.99
CA ILE C 117 -34.42 40.77 -30.29
C ILE C 117 -33.90 41.68 -29.19
N ILE C 118 -32.68 41.38 -28.71
CA ILE C 118 -32.03 42.19 -27.69
C ILE C 118 -30.62 42.50 -28.17
N ILE C 119 -30.16 43.70 -27.85
CA ILE C 119 -28.83 44.13 -28.26
C ILE C 119 -27.86 43.81 -27.12
N THR C 120 -26.94 42.88 -27.37
CA THR C 120 -25.97 42.41 -26.38
C THR C 120 -24.53 42.92 -26.55
N PRO C 121 -23.72 42.87 -25.48
CA PRO C 121 -24.07 42.39 -24.13
C PRO C 121 -25.02 43.33 -23.40
N VAL C 122 -25.86 42.79 -22.53
CA VAL C 122 -26.82 43.62 -21.81
C VAL C 122 -27.31 42.96 -20.52
N TYR C 123 -27.90 43.78 -19.65
CA TYR C 123 -28.46 43.36 -18.37
C TYR C 123 -29.08 41.96 -18.48
N TYR C 124 -28.40 40.98 -17.90
CA TYR C 124 -28.80 39.58 -17.96
C TYR C 124 -30.29 39.20 -17.82
N PRO C 125 -31.06 39.95 -17.02
CA PRO C 125 -32.46 39.55 -16.94
C PRO C 125 -33.23 39.65 -18.26
N PHE C 126 -32.63 40.29 -19.26
CA PHE C 126 -33.29 40.39 -20.56
C PHE C 126 -33.31 38.99 -21.20
N PHE C 127 -32.25 38.21 -20.97
CA PHE C 127 -32.16 36.85 -21.52
C PHE C 127 -33.20 35.96 -20.84
N MET C 128 -33.23 36.03 -19.52
CA MET C 128 -34.12 35.24 -18.70
C MET C 128 -35.59 35.53 -18.99
N ALA C 129 -35.92 36.81 -19.20
CA ALA C 129 -37.29 37.19 -19.48
C ALA C 129 -37.77 36.52 -20.77
N ILE C 130 -36.85 35.95 -21.53
CA ILE C 130 -37.19 35.32 -22.79
C ILE C 130 -37.17 33.78 -22.80
N LYS C 131 -36.02 33.18 -22.52
CA LYS C 131 -35.91 31.72 -22.52
C LYS C 131 -36.66 31.05 -21.38
N ASN C 132 -36.79 31.75 -20.26
CA ASN C 132 -37.52 31.18 -19.12
C ASN C 132 -39.00 31.10 -19.44
N GLN C 133 -39.42 31.76 -20.51
CA GLN C 133 -40.83 31.73 -20.91
C GLN C 133 -41.03 31.07 -22.25
N GLU C 134 -40.12 30.17 -22.62
CA GLU C 134 -40.23 29.45 -23.89
C GLU C 134 -40.03 30.28 -25.15
N ARG C 135 -39.68 31.55 -25.00
CA ARG C 135 -39.46 32.39 -26.18
C ARG C 135 -38.01 32.30 -26.64
N LYS C 136 -37.72 32.83 -27.82
CA LYS C 136 -36.35 32.78 -28.35
C LYS C 136 -35.62 34.11 -28.27
N ILE C 137 -34.38 34.05 -27.79
CA ILE C 137 -33.51 35.22 -27.67
C ILE C 137 -32.82 35.45 -29.02
N ILE C 138 -33.05 36.60 -29.62
CA ILE C 138 -32.44 36.92 -30.90
C ILE C 138 -31.40 38.02 -30.64
N GLU C 139 -30.14 37.61 -30.60
CA GLU C 139 -29.04 38.51 -30.32
C GLU C 139 -28.56 39.36 -31.48
N CYS C 140 -28.47 40.66 -31.24
CA CYS C 140 -27.98 41.60 -32.22
C CYS C 140 -26.79 42.22 -31.48
N GLU C 141 -25.66 41.52 -31.53
CA GLU C 141 -24.44 41.92 -30.84
C GLU C 141 -24.01 43.35 -31.15
N LEU C 142 -23.50 44.03 -30.14
CA LEU C 142 -23.04 45.40 -30.30
C LEU C 142 -21.66 45.40 -30.90
N LEU C 143 -21.35 46.46 -31.65
CA LEU C 143 -20.04 46.61 -32.27
C LEU C 143 -19.13 47.28 -31.25
N GLU C 144 -18.04 46.60 -30.89
CA GLU C 144 -17.11 47.16 -29.94
C GLU C 144 -15.87 47.66 -30.70
N LYS C 145 -15.76 48.97 -30.77
CA LYS C 145 -14.66 49.62 -31.46
C LYS C 145 -13.88 50.45 -30.47
N ASP C 146 -12.66 50.04 -30.16
CA ASP C 146 -11.82 50.76 -29.20
C ASP C 146 -12.53 51.02 -27.88
N GLY C 147 -13.36 50.07 -27.44
CA GLY C 147 -14.06 50.23 -26.19
C GLY C 147 -15.33 51.06 -26.29
N TYR C 148 -15.72 51.44 -27.51
CA TYR C 148 -16.94 52.21 -27.69
C TYR C 148 -17.95 51.31 -28.40
N TYR C 149 -19.13 51.16 -27.81
CA TYR C 149 -20.17 50.30 -28.36
C TYR C 149 -21.19 51.00 -29.24
N THR C 150 -21.41 50.45 -30.43
CA THR C 150 -22.38 51.01 -31.37
C THR C 150 -23.28 49.90 -31.87
N ILE C 151 -24.34 50.28 -32.56
CA ILE C 151 -25.32 49.32 -33.05
C ILE C 151 -25.06 48.80 -34.46
N ASP C 152 -25.15 47.49 -34.60
CA ASP C 152 -24.97 46.84 -35.89
C ASP C 152 -26.34 46.95 -36.59
N PHE C 153 -26.61 48.12 -37.15
CA PHE C 153 -27.88 48.36 -37.84
C PHE C 153 -28.21 47.35 -38.92
N GLN C 154 -27.20 46.99 -39.72
CA GLN C 154 -27.39 46.05 -40.80
C GLN C 154 -27.94 44.71 -40.30
N LYS C 155 -27.37 44.20 -39.23
CA LYS C 155 -27.83 42.94 -38.67
C LYS C 155 -29.21 43.14 -38.08
N LEU C 156 -29.43 44.32 -37.49
CA LEU C 156 -30.71 44.64 -36.86
C LEU C 156 -31.82 44.61 -37.90
N GLU C 157 -31.52 45.10 -39.09
CA GLU C 157 -32.49 45.11 -40.17
C GLU C 157 -32.79 43.69 -40.63
N LYS C 158 -31.74 42.89 -40.81
CA LYS C 158 -31.90 41.49 -41.21
C LYS C 158 -32.86 40.82 -40.23
N LEU C 159 -32.58 40.95 -38.94
CA LEU C 159 -33.41 40.34 -37.90
C LEU C 159 -34.86 40.84 -37.89
N SER C 160 -35.08 42.09 -38.29
CA SER C 160 -36.44 42.63 -38.30
C SER C 160 -37.26 42.12 -39.48
N LYS C 161 -36.59 41.43 -40.41
CA LYS C 161 -37.26 40.88 -41.58
C LYS C 161 -37.87 39.54 -41.20
N ASP C 162 -37.34 38.95 -40.13
CA ASP C 162 -37.83 37.68 -39.65
C ASP C 162 -39.11 37.91 -38.84
N LYS C 163 -40.24 37.57 -39.46
CA LYS C 163 -41.55 37.72 -38.85
C LYS C 163 -41.72 36.92 -37.56
N ASN C 164 -40.85 35.95 -37.32
CA ASN C 164 -40.97 35.17 -36.10
C ASN C 164 -40.53 35.99 -34.90
N ASN C 165 -39.88 37.13 -35.16
CA ASN C 165 -39.43 38.03 -34.11
C ASN C 165 -40.53 39.10 -33.98
N LYS C 166 -41.05 39.30 -32.78
CA LYS C 166 -42.13 40.27 -32.60
C LYS C 166 -41.72 41.56 -31.90
N ALA C 167 -40.58 41.57 -31.21
CA ALA C 167 -40.21 42.78 -30.52
C ALA C 167 -38.70 43.00 -30.36
N LEU C 168 -38.36 44.26 -30.11
CA LEU C 168 -36.97 44.66 -29.86
C LEU C 168 -36.96 45.13 -28.42
N LEU C 169 -36.30 44.36 -27.56
CA LEU C 169 -36.20 44.71 -26.15
C LEU C 169 -34.95 45.56 -26.00
N PHE C 170 -35.18 46.87 -25.95
CA PHE C 170 -34.12 47.87 -25.88
C PHE C 170 -33.81 48.35 -24.47
N CYS C 171 -32.53 48.59 -24.21
CA CYS C 171 -32.05 49.08 -22.94
C CYS C 171 -31.47 50.45 -23.23
N SER C 172 -31.99 51.49 -22.58
CA SER C 172 -31.52 52.85 -22.85
C SER C 172 -31.77 53.86 -21.71
N PRO C 173 -30.70 54.36 -21.06
CA PRO C 173 -29.26 54.07 -21.25
C PRO C 173 -28.96 52.58 -21.21
N HIS C 174 -27.89 52.20 -21.90
CA HIS C 174 -27.52 50.80 -21.98
C HIS C 174 -26.54 50.29 -20.92
N ASN C 175 -27.03 49.41 -20.07
CA ASN C 175 -26.22 48.78 -19.02
C ASN C 175 -25.73 47.50 -19.67
N PRO C 176 -24.45 47.12 -19.47
CA PRO C 176 -23.35 47.71 -18.70
C PRO C 176 -22.34 48.61 -19.42
N VAL C 177 -22.52 48.85 -20.71
CA VAL C 177 -21.54 49.66 -21.43
C VAL C 177 -21.66 51.15 -21.18
N GLY C 178 -22.76 51.56 -20.57
CA GLY C 178 -22.96 52.97 -20.29
C GLY C 178 -23.22 53.87 -21.50
N ARG C 179 -23.76 53.32 -22.58
CA ARG C 179 -24.05 54.13 -23.76
C ARG C 179 -25.36 54.88 -23.60
N VAL C 180 -25.36 56.14 -24.04
CA VAL C 180 -26.56 56.95 -24.03
C VAL C 180 -26.80 57.23 -25.51
N TRP C 181 -27.67 56.43 -26.11
CA TRP C 181 -27.98 56.52 -27.54
C TRP C 181 -28.25 57.91 -28.06
N LYS C 182 -27.57 58.24 -29.16
CA LYS C 182 -27.72 59.55 -29.79
C LYS C 182 -29.01 59.58 -30.59
N LYS C 183 -29.51 60.78 -30.87
CA LYS C 183 -30.72 60.91 -31.65
C LYS C 183 -30.51 60.26 -33.03
N ASP C 184 -29.31 60.38 -33.59
CA ASP C 184 -29.05 59.78 -34.92
C ASP C 184 -29.23 58.28 -34.90
N GLU C 185 -28.84 57.65 -33.80
CA GLU C 185 -28.94 56.21 -33.67
C GLU C 185 -30.37 55.74 -33.48
N LEU C 186 -31.16 56.53 -32.77
CA LEU C 186 -32.56 56.21 -32.49
C LEU C 186 -33.39 56.37 -33.77
N GLN C 187 -33.09 57.39 -34.55
CA GLN C 187 -33.82 57.63 -35.79
C GLN C 187 -33.61 56.44 -36.72
N LYS C 188 -32.38 55.92 -36.77
CA LYS C 188 -32.09 54.78 -37.63
C LYS C 188 -32.85 53.52 -37.20
N ILE C 189 -32.86 53.26 -35.90
CA ILE C 189 -33.54 52.10 -35.35
C ILE C 189 -35.05 52.27 -35.51
N LYS C 190 -35.50 53.51 -35.43
CA LYS C 190 -36.92 53.82 -35.58
C LYS C 190 -37.42 53.42 -36.97
N ASP C 191 -36.77 53.96 -38.00
CA ASP C 191 -37.15 53.65 -39.37
C ASP C 191 -37.20 52.15 -39.63
N ILE C 192 -36.30 51.39 -39.01
CA ILE C 192 -36.29 49.95 -39.20
C ILE C 192 -37.49 49.32 -38.49
N VAL C 193 -37.73 49.76 -37.26
CA VAL C 193 -38.84 49.25 -36.47
C VAL C 193 -40.19 49.51 -37.16
N LEU C 194 -40.44 50.77 -37.51
CA LEU C 194 -41.67 51.14 -38.16
C LEU C 194 -41.91 50.36 -39.44
N LYS C 195 -40.84 49.96 -40.11
CA LYS C 195 -40.97 49.20 -41.35
C LYS C 195 -41.27 47.74 -41.05
N SER C 196 -41.13 47.34 -39.79
CA SER C 196 -41.39 45.96 -39.41
C SER C 196 -42.63 45.86 -38.53
N ASP C 197 -42.94 44.65 -38.10
CA ASP C 197 -44.10 44.44 -37.23
C ASP C 197 -43.61 44.27 -35.81
N LEU C 198 -42.41 44.79 -35.55
CA LEU C 198 -41.82 44.71 -34.23
C LEU C 198 -42.48 45.70 -33.27
N MET C 199 -42.48 45.33 -32.00
CA MET C 199 -42.97 46.17 -30.93
C MET C 199 -41.69 46.71 -30.30
N LEU C 200 -41.80 47.86 -29.63
CA LEU C 200 -40.62 48.41 -28.99
C LEU C 200 -40.78 48.36 -27.46
N TRP C 201 -39.88 47.62 -26.80
CA TRP C 201 -39.90 47.56 -25.35
C TRP C 201 -38.63 48.31 -24.96
N SER C 202 -38.78 49.55 -24.50
CA SER C 202 -37.64 50.39 -24.13
C SER C 202 -37.44 50.59 -22.64
N ASP C 203 -36.50 49.84 -22.08
CA ASP C 203 -36.19 49.94 -20.67
C ASP C 203 -35.31 51.16 -20.48
N GLU C 204 -35.88 52.21 -19.90
CA GLU C 204 -35.15 53.46 -19.68
C GLU C 204 -35.04 53.81 -18.20
N ILE C 205 -34.89 52.78 -17.36
CA ILE C 205 -34.81 52.95 -15.93
C ILE C 205 -33.59 53.78 -15.44
N HIS C 206 -32.58 53.93 -16.28
CA HIS C 206 -31.39 54.69 -15.92
C HIS C 206 -31.38 56.09 -16.53
N PHE C 207 -32.43 56.46 -17.26
CA PHE C 207 -32.46 57.75 -17.97
C PHE C 207 -32.31 59.06 -17.22
N ASP C 208 -32.20 59.02 -15.89
CA ASP C 208 -32.01 60.25 -15.13
C ASP C 208 -30.53 60.37 -14.78
N LEU C 209 -29.83 59.24 -14.82
CA LEU C 209 -28.41 59.20 -14.47
C LEU C 209 -27.51 59.39 -15.68
N ILE C 210 -27.42 60.64 -16.14
CA ILE C 210 -26.61 60.96 -17.31
C ILE C 210 -25.38 61.77 -16.89
N MET C 211 -24.22 61.40 -17.41
CA MET C 211 -23.01 62.14 -17.07
C MET C 211 -23.01 63.47 -17.80
N PRO C 212 -22.27 64.46 -17.28
CA PRO C 212 -22.22 65.78 -17.92
C PRO C 212 -21.74 65.61 -19.36
N GLY C 213 -22.26 66.43 -20.26
CA GLY C 213 -21.83 66.34 -21.64
C GLY C 213 -22.79 65.61 -22.55
N TYR C 214 -23.64 64.75 -21.99
CA TYR C 214 -24.59 64.00 -22.79
C TYR C 214 -26.03 64.27 -22.40
N GLU C 215 -26.97 63.83 -23.23
CA GLU C 215 -28.38 64.06 -22.99
C GLU C 215 -29.15 62.82 -23.44
N HIS C 216 -30.03 62.33 -22.59
CA HIS C 216 -30.81 61.15 -22.94
C HIS C 216 -32.02 61.55 -23.78
N THR C 217 -32.51 60.62 -24.59
CA THR C 217 -33.69 60.88 -25.42
C THR C 217 -34.66 59.70 -25.29
N VAL C 218 -35.82 59.97 -24.69
CA VAL C 218 -36.84 58.95 -24.53
C VAL C 218 -37.17 58.49 -25.94
N PHE C 219 -36.97 57.20 -26.20
CA PHE C 219 -37.20 56.63 -27.52
C PHE C 219 -38.56 56.93 -28.16
N GLN C 220 -39.66 56.60 -27.49
CA GLN C 220 -40.99 56.82 -28.05
C GLN C 220 -41.34 58.29 -28.26
N SER C 221 -40.49 59.20 -27.78
CA SER C 221 -40.76 60.62 -27.93
C SER C 221 -40.37 61.19 -29.29
N ILE C 222 -39.54 60.48 -30.04
CA ILE C 222 -39.11 61.00 -31.34
C ILE C 222 -40.07 60.67 -32.49
N ASP C 223 -41.15 59.95 -32.20
CA ASP C 223 -42.09 59.60 -33.25
C ASP C 223 -43.44 59.12 -32.74
N GLU C 224 -44.51 59.72 -33.29
CA GLU C 224 -45.88 59.38 -32.92
C GLU C 224 -46.21 57.94 -33.24
N GLN C 225 -45.94 57.53 -34.46
CA GLN C 225 -46.22 56.17 -34.90
C GLN C 225 -45.46 55.16 -34.06
N LEU C 226 -44.22 55.51 -33.70
CA LEU C 226 -43.39 54.61 -32.89
C LEU C 226 -44.02 54.45 -31.52
N ALA C 227 -44.47 55.56 -30.96
CA ALA C 227 -45.12 55.57 -29.65
C ALA C 227 -46.34 54.66 -29.64
N ASP C 228 -47.07 54.62 -30.76
CA ASP C 228 -48.27 53.80 -30.87
C ASP C 228 -48.05 52.32 -30.58
N LYS C 229 -46.83 51.84 -30.74
CA LYS C 229 -46.52 50.44 -30.46
C LYS C 229 -45.27 50.31 -29.58
N THR C 230 -45.17 51.21 -28.60
CA THR C 230 -44.04 51.21 -27.67
C THR C 230 -44.45 51.17 -26.21
N ILE C 231 -43.69 50.41 -25.43
CA ILE C 231 -43.87 50.30 -23.99
C ILE C 231 -42.56 50.80 -23.40
N THR C 232 -42.62 51.88 -22.63
CA THR C 232 -41.42 52.44 -22.01
C THR C 232 -41.40 52.17 -20.52
N PHE C 233 -40.40 51.41 -20.06
CA PHE C 233 -40.27 51.09 -18.65
C PHE C 233 -39.43 52.13 -17.93
N THR C 234 -40.05 52.87 -17.02
CA THR C 234 -39.35 53.90 -16.24
C THR C 234 -39.66 53.71 -14.78
N ALA C 235 -38.76 54.21 -13.93
CA ALA C 235 -38.93 54.11 -12.48
C ALA C 235 -38.05 55.13 -11.80
N PRO C 236 -38.26 55.37 -10.50
CA PRO C 236 -37.43 56.35 -9.80
C PRO C 236 -36.38 55.61 -8.99
N SER C 237 -36.48 54.29 -8.98
CA SER C 237 -35.60 53.42 -8.22
C SER C 237 -34.10 53.69 -8.35
N LYS C 238 -33.57 53.61 -9.56
CA LYS C 238 -32.14 53.85 -9.74
C LYS C 238 -31.72 55.30 -9.46
N THR C 239 -32.51 56.25 -9.98
CA THR C 239 -32.25 57.67 -9.78
C THR C 239 -32.00 58.03 -8.29
N PHE C 240 -32.94 57.68 -7.43
CA PHE C 240 -32.86 58.00 -6.00
C PHE C 240 -32.55 56.84 -5.06
N ASN C 241 -31.95 55.79 -5.59
CA ASN C 241 -31.56 54.62 -4.80
C ASN C 241 -32.70 54.03 -3.95
N ILE C 242 -33.91 53.98 -4.50
CA ILE C 242 -35.04 53.42 -3.76
C ILE C 242 -35.62 52.18 -4.45
N ALA C 243 -34.74 51.24 -4.82
CA ALA C 243 -35.18 50.01 -5.47
C ALA C 243 -35.87 49.14 -4.42
N GLY C 244 -35.88 49.62 -3.18
CA GLY C 244 -36.52 48.89 -2.11
C GLY C 244 -37.93 49.36 -1.85
N MET C 245 -38.37 50.40 -2.55
CA MET C 245 -39.73 50.91 -2.37
C MET C 245 -40.76 50.24 -3.28
N GLY C 246 -40.28 49.43 -4.22
CA GLY C 246 -41.17 48.70 -5.10
C GLY C 246 -42.22 49.43 -5.93
N MET C 247 -41.79 50.45 -6.68
CA MET C 247 -42.73 51.20 -7.52
C MET C 247 -42.12 51.54 -8.88
N SER C 248 -42.86 51.27 -9.95
CA SER C 248 -42.40 51.55 -11.30
C SER C 248 -43.50 52.23 -12.09
N ASN C 249 -43.13 53.06 -13.05
CA ASN C 249 -44.10 53.75 -13.89
C ASN C 249 -43.89 53.29 -15.33
N ILE C 250 -44.71 52.36 -15.77
CA ILE C 250 -44.64 51.83 -17.14
C ILE C 250 -45.55 52.68 -18.03
N ILE C 251 -44.95 53.39 -18.97
CA ILE C 251 -45.68 54.28 -19.88
C ILE C 251 -46.10 53.58 -21.16
N ILE C 252 -47.40 53.55 -21.39
CA ILE C 252 -47.97 52.91 -22.57
C ILE C 252 -49.08 53.77 -23.18
N LYS C 253 -48.75 54.44 -24.27
CA LYS C 253 -49.67 55.32 -24.99
C LYS C 253 -50.89 54.63 -25.59
N ASN C 254 -50.65 53.50 -26.25
CA ASN C 254 -51.72 52.77 -26.90
C ASN C 254 -52.68 52.08 -25.93
N PRO C 255 -53.98 52.42 -26.01
CA PRO C 255 -55.01 51.85 -25.15
C PRO C 255 -55.13 50.34 -25.25
N ASP C 256 -55.22 49.82 -26.47
CA ASP C 256 -55.34 48.38 -26.65
C ASP C 256 -54.15 47.67 -25.98
N ILE C 257 -52.95 48.11 -26.32
CA ILE C 257 -51.75 47.53 -25.75
C ILE C 257 -51.72 47.70 -24.23
N ARG C 258 -52.06 48.91 -23.79
CA ARG C 258 -52.09 49.21 -22.35
C ARG C 258 -53.03 48.28 -21.60
N GLU C 259 -54.26 48.15 -22.08
CA GLU C 259 -55.23 47.29 -21.42
C GLU C 259 -54.75 45.85 -21.38
N ARG C 260 -54.14 45.40 -22.47
CA ARG C 260 -53.63 44.04 -22.53
C ARG C 260 -52.50 43.83 -21.52
N PHE C 261 -51.68 44.86 -21.31
CA PHE C 261 -50.57 44.78 -20.37
C PHE C 261 -51.14 44.74 -18.96
N THR C 262 -52.19 45.54 -18.75
CA THR C 262 -52.81 45.61 -17.44
C THR C 262 -53.57 44.36 -17.06
N LYS C 263 -54.25 43.74 -18.02
CA LYS C 263 -55.01 42.53 -17.74
C LYS C 263 -54.02 41.42 -17.36
N SER C 264 -52.93 41.34 -18.11
CA SER C 264 -51.91 40.31 -17.86
C SER C 264 -51.21 40.55 -16.53
N ARG C 265 -50.97 41.81 -16.19
CA ARG C 265 -50.31 42.11 -14.92
C ARG C 265 -51.19 41.59 -13.80
N ASP C 266 -52.48 41.87 -13.90
CA ASP C 266 -53.40 41.45 -12.87
C ASP C 266 -53.58 39.95 -12.69
N ALA C 267 -53.27 39.15 -13.71
CA ALA C 267 -53.43 37.71 -13.57
C ALA C 267 -52.15 37.07 -13.03
N THR C 268 -51.07 37.85 -13.00
CA THR C 268 -49.78 37.38 -12.55
C THR C 268 -49.31 37.94 -11.21
N SER C 269 -48.96 39.23 -11.19
CA SER C 269 -48.50 39.86 -9.96
C SER C 269 -49.56 40.72 -9.30
N GLY C 270 -50.52 41.18 -10.09
CA GLY C 270 -51.56 42.03 -9.56
C GLY C 270 -51.08 43.47 -9.43
N MET C 271 -52.01 44.36 -9.09
CA MET C 271 -51.71 45.78 -8.91
C MET C 271 -50.85 45.97 -7.66
N PRO C 272 -49.94 46.95 -7.68
CA PRO C 272 -49.09 47.21 -6.51
C PRO C 272 -49.84 48.06 -5.48
N PHE C 273 -50.03 47.54 -4.27
CA PHE C 273 -50.75 48.25 -3.22
C PHE C 273 -49.85 49.04 -2.27
N THR C 274 -48.54 48.87 -2.41
CA THR C 274 -47.59 49.57 -1.56
C THR C 274 -47.98 51.03 -1.36
N THR C 275 -48.13 51.43 -0.11
CA THR C 275 -48.52 52.79 0.23
C THR C 275 -47.38 53.82 0.20
N LEU C 276 -46.20 53.44 0.70
CA LEU C 276 -45.07 54.38 0.70
C LEU C 276 -44.36 54.41 -0.65
N GLY C 277 -44.57 53.36 -1.44
CA GLY C 277 -43.94 53.29 -2.74
C GLY C 277 -44.36 54.43 -3.65
N TYR C 278 -45.65 54.73 -3.72
CA TYR C 278 -46.10 55.81 -4.57
C TYR C 278 -45.61 57.14 -4.03
N LYS C 279 -45.79 57.32 -2.73
CA LYS C 279 -45.39 58.53 -2.04
C LYS C 279 -43.91 58.84 -2.22
N ALA C 280 -43.09 57.81 -2.16
CA ALA C 280 -41.64 57.97 -2.31
C ALA C 280 -41.30 58.55 -3.68
N CYS C 281 -41.93 58.00 -4.71
CA CYS C 281 -41.68 58.48 -6.06
C CYS C 281 -42.07 59.95 -6.15
N GLU C 282 -43.20 60.29 -5.56
CA GLU C 282 -43.70 61.67 -5.59
C GLU C 282 -42.79 62.64 -4.85
N ILE C 283 -42.30 62.23 -3.69
CA ILE C 283 -41.42 63.12 -2.93
C ILE C 283 -40.09 63.29 -3.67
N CYS C 284 -39.63 62.24 -4.33
CA CYS C 284 -38.36 62.31 -5.04
C CYS C 284 -38.41 63.24 -6.25
N TYR C 285 -39.51 63.17 -6.99
CA TYR C 285 -39.67 64.00 -8.17
C TYR C 285 -39.91 65.47 -7.81
N LYS C 286 -40.50 65.71 -6.65
CA LYS C 286 -40.81 67.07 -6.20
C LYS C 286 -39.76 67.75 -5.34
N GLU C 287 -38.95 66.96 -4.64
CA GLU C 287 -37.98 67.56 -3.73
C GLU C 287 -36.50 67.17 -3.80
N CYS C 288 -36.16 66.12 -4.53
CA CYS C 288 -34.78 65.68 -4.54
C CYS C 288 -33.97 65.92 -5.80
N GLY C 289 -34.33 66.95 -6.55
CA GLY C 289 -33.59 67.26 -7.76
C GLY C 289 -32.16 67.69 -7.45
N LYS C 290 -32.00 68.45 -6.37
CA LYS C 290 -30.71 68.97 -5.92
C LYS C 290 -29.76 67.85 -5.46
N TRP C 291 -30.34 66.82 -4.82
CA TRP C 291 -29.58 65.67 -4.33
C TRP C 291 -29.10 64.88 -5.54
N LEU C 292 -29.99 64.74 -6.52
CA LEU C 292 -29.66 64.00 -7.74
C LEU C 292 -28.46 64.62 -8.42
N ASP C 293 -28.52 65.94 -8.62
CA ASP C 293 -27.42 66.65 -9.27
C ASP C 293 -26.11 66.45 -8.52
N GLY C 294 -26.16 66.51 -7.19
CA GLY C 294 -24.96 66.32 -6.41
C GLY C 294 -24.41 64.92 -6.53
N CYS C 295 -25.30 63.96 -6.63
CA CYS C 295 -24.93 62.56 -6.76
C CYS C 295 -24.24 62.33 -8.11
N ILE C 296 -24.76 62.98 -9.15
CA ILE C 296 -24.19 62.84 -10.48
C ILE C 296 -22.76 63.37 -10.53
N LYS C 297 -22.49 64.43 -9.78
CA LYS C 297 -21.12 64.96 -9.76
C LYS C 297 -20.15 63.96 -9.17
N VAL C 298 -20.50 63.36 -8.03
CA VAL C 298 -19.63 62.39 -7.39
C VAL C 298 -19.38 61.18 -8.32
N ILE C 299 -20.43 60.72 -9.00
CA ILE C 299 -20.34 59.60 -9.92
C ILE C 299 -19.36 59.89 -11.04
N ASP C 300 -19.50 61.05 -11.64
CA ASP C 300 -18.63 61.50 -12.71
C ASP C 300 -17.20 61.63 -12.15
N LYS C 301 -17.07 62.19 -10.95
CA LYS C 301 -15.77 62.35 -10.35
C LYS C 301 -15.12 60.98 -10.17
N ASN C 302 -15.94 59.98 -9.85
CA ASN C 302 -15.44 58.64 -9.66
C ASN C 302 -15.01 57.92 -10.94
N GLN C 303 -15.83 57.98 -11.98
CA GLN C 303 -15.47 57.32 -13.23
C GLN C 303 -14.11 57.83 -13.68
N ARG C 304 -13.85 59.10 -13.41
CA ARG C 304 -12.60 59.74 -13.79
C ARG C 304 -11.47 59.26 -12.89
N ILE C 305 -11.79 58.96 -11.63
CA ILE C 305 -10.78 58.47 -10.72
C ILE C 305 -10.40 57.05 -11.18
N VAL C 306 -11.40 56.26 -11.58
CA VAL C 306 -11.16 54.90 -12.04
C VAL C 306 -10.35 54.90 -13.33
N LYS C 307 -10.81 55.67 -14.31
CA LYS C 307 -10.15 55.77 -15.62
C LYS C 307 -8.68 56.14 -15.44
N ASP C 308 -8.44 57.11 -14.57
CA ASP C 308 -7.08 57.56 -14.34
C ASP C 308 -6.29 56.54 -13.53
N PHE C 309 -6.96 55.83 -12.62
CA PHE C 309 -6.27 54.83 -11.82
C PHE C 309 -5.53 53.81 -12.70
N PHE C 310 -6.19 53.34 -13.74
CA PHE C 310 -5.58 52.37 -14.64
C PHE C 310 -4.52 52.94 -15.60
N GLU C 311 -4.61 54.22 -15.93
CA GLU C 311 -3.62 54.82 -16.82
C GLU C 311 -2.34 55.04 -16.05
N VAL C 312 -2.49 55.25 -14.75
CA VAL C 312 -1.37 55.49 -13.88
C VAL C 312 -0.70 54.22 -13.39
N ASN C 313 -1.49 53.18 -13.10
CA ASN C 313 -0.93 51.93 -12.55
C ASN C 313 -0.91 50.68 -13.41
N HIS C 314 -1.90 50.53 -14.28
CA HIS C 314 -1.98 49.35 -15.14
C HIS C 314 -2.57 49.78 -16.49
N PRO C 315 -1.77 50.50 -17.29
CA PRO C 315 -2.12 51.02 -18.61
C PRO C 315 -2.71 50.02 -19.58
N GLU C 316 -2.48 48.72 -19.39
CA GLU C 316 -3.01 47.74 -20.32
C GLU C 316 -4.49 47.46 -20.07
N ILE C 317 -4.97 47.86 -18.90
CA ILE C 317 -6.37 47.69 -18.53
C ILE C 317 -7.02 49.05 -18.77
N LYS C 318 -8.20 49.06 -19.38
CA LYS C 318 -8.87 50.33 -19.68
C LYS C 318 -10.27 50.50 -19.12
N ALA C 319 -10.50 51.67 -18.54
CA ALA C 319 -11.78 52.03 -17.96
C ALA C 319 -12.16 53.40 -18.53
N PRO C 320 -12.68 53.43 -19.76
CA PRO C 320 -13.08 54.69 -20.39
C PRO C 320 -14.30 55.32 -19.75
N LEU C 321 -14.46 56.63 -19.91
CA LEU C 321 -15.59 57.32 -19.34
C LEU C 321 -16.88 56.78 -19.96
N ILE C 322 -17.99 56.96 -19.24
CA ILE C 322 -19.27 56.48 -19.74
C ILE C 322 -20.20 57.65 -19.94
N GLU C 323 -21.26 57.43 -20.71
CA GLU C 323 -22.22 58.48 -20.99
C GLU C 323 -23.38 58.46 -20.02
N GLY C 324 -23.76 57.27 -19.56
CA GLY C 324 -24.89 57.15 -18.63
C GLY C 324 -24.78 56.04 -17.61
N THR C 325 -25.69 56.05 -16.64
CA THR C 325 -25.74 55.10 -15.52
C THR C 325 -24.53 55.40 -14.65
N TYR C 326 -24.47 54.79 -13.47
CA TYR C 326 -23.32 54.98 -12.58
C TYR C 326 -22.55 53.67 -12.52
N LEU C 327 -22.60 52.95 -13.63
CA LEU C 327 -21.94 51.65 -13.77
C LEU C 327 -20.92 51.71 -14.90
N GLN C 328 -19.63 51.66 -14.55
CA GLN C 328 -18.56 51.74 -15.53
C GLN C 328 -18.09 50.37 -16.05
N TRP C 329 -17.87 50.28 -17.36
CA TRP C 329 -17.45 49.05 -18.06
C TRP C 329 -15.93 49.08 -18.25
N ILE C 330 -15.22 48.18 -17.58
CA ILE C 330 -13.75 48.13 -17.67
C ILE C 330 -13.26 46.97 -18.51
N ASP C 331 -12.33 47.24 -19.43
CA ASP C 331 -11.77 46.20 -20.29
C ASP C 331 -10.53 45.59 -19.62
N PHE C 332 -10.64 44.34 -19.21
CA PHE C 332 -9.56 43.60 -18.55
C PHE C 332 -8.98 42.52 -19.44
N ARG C 333 -9.25 42.56 -20.74
CA ARG C 333 -8.74 41.52 -21.63
C ARG C 333 -7.22 41.36 -21.69
N ALA C 334 -6.46 42.47 -21.58
CA ALA C 334 -5.00 42.39 -21.63
C ALA C 334 -4.39 41.61 -20.47
N LEU C 335 -5.24 41.23 -19.51
CA LEU C 335 -4.81 40.46 -18.34
C LEU C 335 -4.67 38.99 -18.74
N LYS C 336 -5.20 38.66 -19.91
CA LYS C 336 -5.13 37.31 -20.47
C LYS C 336 -5.65 36.20 -19.55
N MET C 337 -6.76 36.45 -18.88
CA MET C 337 -7.39 35.49 -17.98
C MET C 337 -8.83 35.20 -18.41
N ASP C 338 -9.22 33.93 -18.38
CA ASP C 338 -10.59 33.55 -18.75
C ASP C 338 -11.51 34.09 -17.64
N HIS C 339 -12.72 34.48 -18.01
CA HIS C 339 -13.66 35.06 -17.07
C HIS C 339 -13.78 34.36 -15.72
N LYS C 340 -13.87 33.02 -15.71
CA LYS C 340 -13.97 32.30 -14.43
C LYS C 340 -12.73 32.49 -13.55
N ALA C 341 -11.55 32.32 -14.15
CA ALA C 341 -10.31 32.47 -13.42
C ALA C 341 -10.15 33.91 -12.93
N MET C 342 -10.64 34.85 -13.73
CA MET C 342 -10.56 36.27 -13.38
C MET C 342 -11.48 36.54 -12.20
N GLU C 343 -12.72 36.06 -12.29
CA GLU C 343 -13.71 36.22 -11.24
C GLU C 343 -13.12 35.71 -9.93
N GLU C 344 -12.44 34.56 -10.00
CA GLU C 344 -11.81 33.96 -8.82
C GLU C 344 -10.80 34.95 -8.24
N PHE C 345 -9.88 35.39 -9.07
CA PHE C 345 -8.86 36.35 -8.67
C PHE C 345 -9.48 37.57 -7.97
N MET C 346 -10.45 38.18 -8.65
CA MET C 346 -11.11 39.36 -8.09
C MET C 346 -11.74 39.05 -6.73
N ILE C 347 -12.54 37.99 -6.68
CA ILE C 347 -13.20 37.62 -5.44
C ILE C 347 -12.28 37.28 -4.28
N HIS C 348 -11.31 36.39 -4.51
CA HIS C 348 -10.44 35.97 -3.43
C HIS C 348 -9.09 36.69 -3.27
N LYS C 349 -8.49 37.16 -4.35
CA LYS C 349 -7.22 37.84 -4.22
C LYS C 349 -7.34 39.34 -4.03
N ALA C 350 -8.11 39.98 -4.90
CA ALA C 350 -8.30 41.41 -4.83
C ALA C 350 -9.46 41.78 -3.93
N GLN C 351 -10.32 40.81 -3.64
CA GLN C 351 -11.50 41.05 -2.80
C GLN C 351 -12.23 42.31 -3.26
N ILE C 352 -12.41 42.44 -4.56
CA ILE C 352 -13.15 43.57 -5.11
C ILE C 352 -14.32 42.91 -5.84
N PHE C 353 -15.54 43.29 -5.50
CA PHE C 353 -16.70 42.65 -6.10
C PHE C 353 -17.41 43.36 -7.23
N PHE C 354 -16.98 43.03 -8.45
CA PHE C 354 -17.57 43.61 -9.65
C PHE C 354 -18.81 42.84 -10.03
N ASP C 355 -19.37 43.22 -11.17
CA ASP C 355 -20.49 42.51 -11.74
C ASP C 355 -19.73 41.99 -12.95
N GLU C 356 -19.15 40.80 -12.78
CA GLU C 356 -18.35 40.14 -13.80
C GLU C 356 -19.02 40.26 -15.16
N GLY C 357 -18.31 40.93 -16.08
CA GLY C 357 -18.82 41.17 -17.42
C GLY C 357 -19.43 40.01 -18.20
N TYR C 358 -19.08 38.78 -17.86
CA TYR C 358 -19.63 37.66 -18.61
C TYR C 358 -21.12 37.42 -18.35
N ILE C 359 -21.60 37.80 -17.18
CA ILE C 359 -23.00 37.59 -16.86
C ILE C 359 -23.91 38.38 -17.80
N PHE C 360 -23.30 39.22 -18.63
CA PHE C 360 -24.08 40.02 -19.57
C PHE C 360 -24.00 39.38 -20.95
N GLY C 361 -23.33 38.24 -21.03
CA GLY C 361 -23.20 37.56 -22.31
C GLY C 361 -21.75 37.39 -22.69
N ASP C 362 -21.49 36.65 -23.75
CA ASP C 362 -20.13 36.41 -24.21
C ASP C 362 -19.39 37.71 -24.50
N GLY C 363 -20.08 38.64 -25.14
CA GLY C 363 -19.46 39.91 -25.46
C GLY C 363 -18.93 40.65 -24.24
N GLY C 364 -19.29 40.16 -23.06
CA GLY C 364 -18.85 40.80 -21.83
C GLY C 364 -17.71 40.02 -21.19
N ILE C 365 -17.25 38.97 -21.86
CA ILE C 365 -16.15 38.19 -21.32
C ILE C 365 -14.87 39.00 -21.33
N GLY C 366 -14.21 39.08 -20.18
CA GLY C 366 -12.98 39.83 -20.10
C GLY C 366 -13.15 41.23 -19.54
N PHE C 367 -14.40 41.63 -19.31
CA PHE C 367 -14.71 42.95 -18.76
C PHE C 367 -15.19 42.85 -17.32
N GLU C 368 -15.23 43.99 -16.66
CA GLU C 368 -15.69 44.09 -15.28
C GLU C 368 -16.55 45.34 -15.18
N ARG C 369 -17.72 45.22 -14.54
CA ARG C 369 -18.59 46.39 -14.40
C ARG C 369 -18.45 46.83 -12.95
N ILE C 370 -18.12 48.09 -12.75
CA ILE C 370 -17.92 48.62 -11.42
C ILE C 370 -18.98 49.64 -11.06
N ASN C 371 -19.48 49.55 -9.82
CA ASN C 371 -20.51 50.47 -9.34
C ASN C 371 -19.84 51.72 -8.76
N LEU C 372 -20.01 52.84 -9.45
CA LEU C 372 -19.44 54.11 -9.05
C LEU C 372 -20.22 54.86 -7.98
N ALA C 373 -21.46 54.46 -7.72
CA ALA C 373 -22.27 55.14 -6.72
C ALA C 373 -21.82 54.84 -5.29
N ALA C 374 -20.74 55.51 -4.88
CA ALA C 374 -20.19 55.34 -3.56
C ALA C 374 -19.24 56.50 -3.30
N PRO C 375 -18.84 56.72 -2.05
CA PRO C 375 -17.92 57.84 -1.80
C PRO C 375 -16.63 57.65 -2.60
N SER C 376 -16.04 58.76 -3.02
CA SER C 376 -14.81 58.69 -3.79
C SER C 376 -13.73 57.95 -2.97
N SER C 377 -13.65 58.27 -1.69
CA SER C 377 -12.69 57.61 -0.80
C SER C 377 -12.88 56.08 -0.81
N VAL C 378 -14.13 55.64 -0.92
CA VAL C 378 -14.44 54.22 -0.94
C VAL C 378 -13.92 53.60 -2.23
N ILE C 379 -14.00 54.36 -3.31
CA ILE C 379 -13.52 53.91 -4.60
C ILE C 379 -11.99 53.80 -4.57
N GLN C 380 -11.34 54.83 -4.04
CA GLN C 380 -9.87 54.84 -3.93
C GLN C 380 -9.36 53.62 -3.16
N GLU C 381 -9.97 53.32 -2.01
CA GLU C 381 -9.57 52.15 -1.20
C GLU C 381 -9.58 50.88 -2.03
N SER C 382 -10.75 50.60 -2.61
CA SER C 382 -10.97 49.41 -3.42
C SER C 382 -9.91 49.31 -4.50
N LEU C 383 -9.73 50.40 -5.23
CA LEU C 383 -8.75 50.45 -6.30
C LEU C 383 -7.33 50.19 -5.81
N GLU C 384 -6.97 50.76 -4.67
CA GLU C 384 -5.64 50.57 -4.13
C GLU C 384 -5.41 49.12 -3.69
N ARG C 385 -6.46 48.49 -3.16
CA ARG C 385 -6.37 47.11 -2.75
C ARG C 385 -6.24 46.28 -4.02
N LEU C 386 -6.93 46.69 -5.07
CA LEU C 386 -6.87 45.96 -6.34
C LEU C 386 -5.49 46.12 -6.94
N ASN C 387 -4.92 47.31 -6.75
CA ASN C 387 -3.59 47.61 -7.27
C ASN C 387 -2.56 46.59 -6.78
N LYS C 388 -2.57 46.28 -5.49
CA LYS C 388 -1.64 45.32 -4.93
C LYS C 388 -1.85 43.92 -5.51
N ALA C 389 -3.10 43.45 -5.48
CA ALA C 389 -3.41 42.12 -5.99
C ALA C 389 -2.95 41.98 -7.45
N LEU C 390 -3.10 43.05 -8.23
CA LEU C 390 -2.71 43.03 -9.63
C LEU C 390 -1.19 42.97 -9.74
N LYS C 391 -0.51 43.76 -8.93
CA LYS C 391 0.94 43.77 -8.96
C LYS C 391 1.46 42.40 -8.58
N ASP C 392 0.88 41.81 -7.54
CA ASP C 392 1.29 40.48 -7.10
C ASP C 392 1.03 39.46 -8.21
N LEU C 393 -0.13 39.58 -8.86
CA LEU C 393 -0.45 38.68 -9.95
C LEU C 393 0.69 38.82 -10.96
N LYS C 394 1.48 39.87 -10.76
CA LYS C 394 2.64 40.20 -11.58
C LYS C 394 2.20 40.77 -12.91
N MET D 1 -47.61 51.60 25.40
CA MET D 1 -48.07 52.92 24.87
C MET D 1 -49.58 53.07 24.94
N ILE D 2 -50.07 54.21 24.46
CA ILE D 2 -51.50 54.52 24.45
C ILE D 2 -52.02 54.18 23.05
N TYR D 3 -53.11 53.40 23.00
CA TYR D 3 -53.68 52.96 21.74
C TYR D 3 -54.96 53.66 21.35
N ASP D 4 -54.93 54.29 20.19
CA ASP D 4 -56.05 55.04 19.67
C ASP D 4 -56.95 54.20 18.78
N PHE D 5 -58.20 54.04 19.19
CA PHE D 5 -59.19 53.29 18.44
C PHE D 5 -60.47 54.11 18.42
N THR D 6 -60.38 55.33 18.95
CA THR D 6 -61.55 56.20 19.01
C THR D 6 -61.55 57.37 18.03
N THR D 7 -60.37 57.82 17.59
CA THR D 7 -60.27 58.94 16.66
C THR D 7 -60.79 58.61 15.26
N LYS D 8 -61.75 59.40 14.80
CA LYS D 8 -62.34 59.21 13.48
C LYS D 8 -61.39 59.81 12.46
N ILE D 9 -60.94 59.00 11.51
CA ILE D 9 -59.99 59.48 10.50
C ILE D 9 -60.57 59.57 9.10
N SER D 10 -59.80 60.20 8.20
CA SER D 10 -60.20 60.36 6.82
C SER D 10 -59.09 59.90 5.88
N ARG D 11 -59.46 59.20 4.82
CA ARG D 11 -58.51 58.70 3.84
C ARG D 11 -58.80 59.30 2.47
N LYS D 12 -59.61 60.35 2.43
CA LYS D 12 -59.94 60.98 1.16
C LYS D 12 -58.67 61.53 0.48
N ASN D 13 -58.64 61.46 -0.84
CA ASN D 13 -57.50 61.93 -1.64
C ASN D 13 -56.15 61.44 -1.14
N LEU D 14 -56.06 60.16 -0.79
CA LEU D 14 -54.80 59.59 -0.30
C LEU D 14 -54.51 58.28 -1.02
N GLY D 15 -55.26 58.03 -2.09
CA GLY D 15 -55.07 56.82 -2.87
C GLY D 15 -55.64 55.58 -2.22
N SER D 16 -56.52 55.75 -1.24
CA SER D 16 -57.14 54.62 -0.60
C SER D 16 -58.13 54.03 -1.58
N LEU D 17 -57.92 52.78 -1.98
CA LEU D 17 -58.83 52.14 -2.91
C LEU D 17 -60.25 52.13 -2.38
N LYS D 18 -60.38 51.89 -1.07
CA LYS D 18 -61.68 51.84 -0.44
C LYS D 18 -62.38 53.19 -0.53
N TRP D 19 -61.74 54.25 -0.07
CA TRP D 19 -62.35 55.57 -0.12
C TRP D 19 -62.56 56.11 -1.54
N ASP D 20 -61.70 55.72 -2.48
CA ASP D 20 -61.85 56.18 -3.85
C ASP D 20 -62.97 55.43 -4.56
N LEU D 21 -63.18 54.18 -4.17
CA LEU D 21 -64.28 53.40 -4.76
C LEU D 21 -65.60 54.04 -4.33
N MET D 22 -65.67 54.47 -3.07
CA MET D 22 -66.86 55.13 -2.55
C MET D 22 -67.23 56.42 -3.30
N TYR D 23 -66.30 57.37 -3.40
CA TYR D 23 -66.57 58.62 -4.10
C TYR D 23 -66.92 58.34 -5.57
N SER D 24 -66.41 57.23 -6.07
CA SER D 24 -66.65 56.81 -7.43
C SER D 24 -68.08 56.35 -7.60
N GLN D 25 -68.61 55.73 -6.55
CA GLN D 25 -69.97 55.21 -6.56
C GLN D 25 -71.02 56.28 -6.22
N ASN D 26 -70.72 57.10 -5.23
CA ASN D 26 -71.62 58.15 -4.81
C ASN D 26 -70.81 59.45 -4.67
N PRO D 27 -70.58 60.15 -5.79
CA PRO D 27 -69.83 61.40 -5.81
C PRO D 27 -70.40 62.48 -4.89
N GLU D 28 -71.65 62.33 -4.48
CA GLU D 28 -72.29 63.30 -3.61
C GLU D 28 -72.31 62.88 -2.14
N VAL D 29 -71.60 61.80 -1.82
CA VAL D 29 -71.57 61.32 -0.45
C VAL D 29 -71.03 62.40 0.49
N GLY D 30 -71.70 62.58 1.64
CA GLY D 30 -71.29 63.58 2.61
C GLY D 30 -69.89 63.31 3.12
N ASN D 31 -69.19 64.38 3.53
CA ASN D 31 -67.82 64.23 4.01
C ASN D 31 -67.77 63.56 5.38
N GLU D 32 -68.93 63.29 5.98
CA GLU D 32 -68.97 62.66 7.29
C GLU D 32 -69.01 61.14 7.17
N VAL D 33 -69.28 60.66 5.97
CA VAL D 33 -69.39 59.24 5.69
C VAL D 33 -68.05 58.48 5.66
N VAL D 34 -68.02 57.32 6.28
CA VAL D 34 -66.85 56.47 6.31
C VAL D 34 -67.24 55.12 5.75
N PRO D 35 -66.59 54.68 4.67
CA PRO D 35 -66.89 53.39 4.04
C PRO D 35 -66.59 52.20 4.96
N LEU D 36 -67.43 51.18 4.89
CA LEU D 36 -67.25 49.98 5.71
C LEU D 36 -67.19 48.74 4.85
N SER D 37 -66.44 48.84 3.76
CA SER D 37 -66.31 47.76 2.79
C SER D 37 -64.99 46.98 2.82
N VAL D 38 -64.04 47.46 2.01
CA VAL D 38 -62.72 46.85 1.88
C VAL D 38 -62.11 46.46 3.22
N ALA D 39 -61.45 45.31 3.23
CA ALA D 39 -60.83 44.82 4.45
C ALA D 39 -59.50 45.43 4.89
N ASP D 40 -59.52 46.70 5.27
CA ASP D 40 -58.35 47.37 5.84
C ASP D 40 -58.95 48.27 6.91
N MET D 41 -58.23 48.45 8.02
CA MET D 41 -58.73 49.20 9.15
C MET D 41 -58.82 50.72 9.08
N GLU D 42 -59.90 51.25 9.65
CA GLU D 42 -60.08 52.70 9.71
C GLU D 42 -59.46 53.14 11.05
N PHE D 43 -58.41 52.42 11.43
CA PHE D 43 -57.65 52.69 12.66
C PHE D 43 -56.24 53.11 12.30
N LYS D 44 -55.68 54.05 13.04
CA LYS D 44 -54.30 54.46 12.79
C LYS D 44 -53.49 53.21 13.13
N ASN D 45 -52.36 53.02 12.47
CA ASN D 45 -51.51 51.84 12.71
C ASN D 45 -50.90 51.85 14.12
N PRO D 46 -50.43 50.68 14.59
CA PRO D 46 -49.81 50.52 15.92
C PRO D 46 -48.68 51.53 16.10
N PRO D 47 -48.68 52.26 17.22
CA PRO D 47 -47.60 53.24 17.43
C PRO D 47 -46.21 52.64 17.30
N GLU D 48 -45.98 51.50 17.95
CA GLU D 48 -44.68 50.86 17.89
C GLU D 48 -44.20 50.67 16.45
N LEU D 49 -45.11 50.35 15.55
CA LEU D 49 -44.74 50.17 14.15
C LEU D 49 -44.35 51.50 13.51
N ILE D 50 -45.18 52.51 13.68
CA ILE D 50 -44.90 53.82 13.10
C ILE D 50 -43.55 54.36 13.58
N GLU D 51 -43.28 54.22 14.87
CA GLU D 51 -42.02 54.70 15.44
C GLU D 51 -40.87 53.82 14.99
N GLY D 52 -41.15 52.54 14.79
CA GLY D 52 -40.14 51.60 14.35
C GLY D 52 -39.71 51.90 12.94
N LEU D 53 -40.69 52.11 12.07
CA LEU D 53 -40.42 52.41 10.67
C LEU D 53 -39.64 53.73 10.53
N LYS D 54 -39.89 54.68 11.44
CA LYS D 54 -39.22 55.96 11.37
C LYS D 54 -37.77 55.83 11.83
N LYS D 55 -37.57 55.00 12.84
CA LYS D 55 -36.23 54.77 13.36
C LYS D 55 -35.44 54.09 12.25
N TYR D 56 -36.07 53.13 11.60
CA TYR D 56 -35.44 52.37 10.53
C TYR D 56 -35.06 53.26 9.34
N LEU D 57 -35.97 54.15 8.96
CA LEU D 57 -35.75 55.06 7.83
C LEU D 57 -34.50 55.93 8.01
N ASP D 58 -34.18 56.26 9.24
CA ASP D 58 -33.00 57.07 9.52
C ASP D 58 -31.72 56.25 9.49
N GLU D 59 -31.86 54.94 9.57
CA GLU D 59 -30.71 54.04 9.59
C GLU D 59 -30.38 53.33 8.31
N THR D 60 -31.41 52.90 7.57
CA THR D 60 -31.20 52.10 6.38
C THR D 60 -31.09 52.74 5.01
N VAL D 61 -30.69 51.92 4.03
CA VAL D 61 -30.54 52.30 2.63
C VAL D 61 -31.70 51.56 1.94
N LEU D 62 -32.53 52.28 1.21
CA LEU D 62 -33.68 51.66 0.56
C LEU D 62 -33.37 50.84 -0.70
N GLY D 63 -32.23 50.16 -0.72
CA GLY D 63 -31.84 49.36 -1.88
C GLY D 63 -32.47 47.99 -1.97
N TYR D 64 -31.89 47.13 -2.81
CA TYR D 64 -32.39 45.75 -2.99
C TYR D 64 -32.25 45.01 -1.68
N THR D 65 -33.40 44.69 -1.08
CA THR D 65 -33.44 44.02 0.21
C THR D 65 -34.16 42.68 0.17
N GLY D 66 -33.63 41.73 0.94
CA GLY D 66 -34.21 40.40 1.04
C GLY D 66 -34.42 40.17 2.52
N PRO D 67 -35.00 39.05 2.94
CA PRO D 67 -35.24 38.76 4.36
C PRO D 67 -34.00 38.31 5.14
N THR D 68 -33.88 38.77 6.38
CA THR D 68 -32.76 38.36 7.24
C THR D 68 -33.16 37.09 7.98
N GLU D 69 -32.18 36.47 8.64
CA GLU D 69 -32.45 35.25 9.39
C GLU D 69 -33.29 35.57 10.61
N GLU D 70 -33.04 36.75 11.18
CA GLU D 70 -33.78 37.19 12.35
C GLU D 70 -35.25 37.40 11.97
N TYR D 71 -35.48 37.84 10.74
CA TYR D 71 -36.84 38.05 10.26
C TYR D 71 -37.57 36.72 10.23
N LYS D 72 -36.90 35.70 9.70
CA LYS D 72 -37.49 34.37 9.61
C LYS D 72 -37.76 33.80 11.00
N LYS D 73 -36.79 33.94 11.90
CA LYS D 73 -36.97 33.46 13.27
C LYS D 73 -38.21 34.09 13.88
N THR D 74 -38.41 35.37 13.61
CA THR D 74 -39.55 36.11 14.15
C THR D 74 -40.89 35.57 13.69
N VAL D 75 -40.97 35.25 12.40
CA VAL D 75 -42.20 34.71 11.83
C VAL D 75 -42.43 33.32 12.45
N LYS D 76 -41.38 32.51 12.44
CA LYS D 76 -41.41 31.16 13.01
C LYS D 76 -41.86 31.23 14.48
N LYS D 77 -41.37 32.24 15.20
CA LYS D 77 -41.72 32.43 16.60
C LYS D 77 -43.21 32.77 16.73
N TRP D 78 -43.67 33.73 15.93
CA TRP D 78 -45.06 34.13 15.97
C TRP D 78 -45.99 32.97 15.70
N MET D 79 -45.55 32.01 14.88
CA MET D 79 -46.38 30.85 14.59
C MET D 79 -46.49 29.96 15.82
N LYS D 80 -45.36 29.76 16.51
CA LYS D 80 -45.34 28.93 17.70
C LYS D 80 -46.13 29.56 18.85
N ASP D 81 -45.74 30.78 19.23
CA ASP D 81 -46.39 31.47 20.34
C ASP D 81 -47.87 31.74 20.11
N ARG D 82 -48.21 32.18 18.90
CA ARG D 82 -49.59 32.52 18.60
C ARG D 82 -50.45 31.41 18.03
N HIS D 83 -49.84 30.37 17.47
CA HIS D 83 -50.64 29.30 16.89
C HIS D 83 -50.20 27.88 17.21
N GLN D 84 -49.31 27.72 18.19
CA GLN D 84 -48.83 26.40 18.57
C GLN D 84 -48.52 25.61 17.31
N TRP D 85 -47.90 26.30 16.36
CA TRP D 85 -47.57 25.71 15.06
C TRP D 85 -46.07 25.75 14.83
N ASP D 86 -45.47 24.57 14.69
CA ASP D 86 -44.03 24.43 14.48
C ASP D 86 -43.63 24.44 13.00
N ILE D 87 -42.94 25.49 12.59
CA ILE D 87 -42.48 25.60 11.21
C ILE D 87 -40.97 25.80 11.15
N GLN D 88 -40.38 25.36 10.04
CA GLN D 88 -38.95 25.51 9.83
C GLN D 88 -38.76 26.80 9.07
N THR D 89 -37.69 27.54 9.37
CA THR D 89 -37.44 28.81 8.68
C THR D 89 -37.39 28.69 7.17
N ASP D 90 -36.93 27.55 6.65
CA ASP D 90 -36.84 27.41 5.21
C ASP D 90 -38.16 27.06 4.53
N TRP D 91 -39.24 27.07 5.30
CA TRP D 91 -40.57 26.79 4.76
C TRP D 91 -41.17 28.11 4.29
N ILE D 92 -40.51 29.19 4.67
CA ILE D 92 -41.00 30.55 4.38
C ILE D 92 -40.66 31.13 3.01
N ILE D 93 -41.69 31.33 2.19
CA ILE D 93 -41.55 31.92 0.87
C ILE D 93 -42.33 33.24 0.85
N ASN D 94 -41.66 34.32 0.45
CA ASN D 94 -42.27 35.64 0.43
C ASN D 94 -42.91 36.04 -0.90
N THR D 95 -44.08 36.65 -0.83
CA THR D 95 -44.81 37.14 -2.00
C THR D 95 -45.31 38.55 -1.66
N ALA D 96 -45.66 39.33 -2.67
CA ALA D 96 -46.12 40.69 -2.41
C ALA D 96 -47.48 40.72 -1.73
N GLY D 97 -48.23 39.63 -1.87
CA GLY D 97 -49.53 39.53 -1.25
C GLY D 97 -49.99 38.09 -1.29
N VAL D 98 -51.12 37.78 -0.64
CA VAL D 98 -51.63 36.42 -0.65
C VAL D 98 -52.40 36.12 -1.94
N VAL D 99 -53.10 37.11 -2.47
CA VAL D 99 -53.84 36.88 -3.71
C VAL D 99 -52.86 36.46 -4.80
N PRO D 100 -51.76 37.19 -4.96
CA PRO D 100 -50.78 36.81 -5.98
C PRO D 100 -50.25 35.39 -5.80
N ALA D 101 -50.09 34.98 -4.55
CA ALA D 101 -49.59 33.63 -4.25
C ALA D 101 -50.66 32.60 -4.63
N VAL D 102 -51.93 32.94 -4.42
CA VAL D 102 -53.02 32.04 -4.77
C VAL D 102 -53.05 31.90 -6.30
N PHE D 103 -53.04 33.01 -7.01
CA PHE D 103 -53.05 32.98 -8.47
C PHE D 103 -51.86 32.13 -8.93
N ASN D 104 -50.75 32.25 -8.23
CA ASN D 104 -49.55 31.51 -8.57
C ASN D 104 -49.69 30.01 -8.30
N ALA D 105 -50.50 29.65 -7.31
CA ALA D 105 -50.70 28.24 -6.97
C ALA D 105 -51.52 27.58 -8.08
N VAL D 106 -52.52 28.28 -8.56
CA VAL D 106 -53.38 27.76 -9.62
C VAL D 106 -52.52 27.60 -10.88
N ARG D 107 -51.66 28.58 -11.12
CA ARG D 107 -50.79 28.59 -12.28
C ARG D 107 -49.68 27.53 -12.28
N GLU D 108 -49.27 27.06 -11.10
CA GLU D 108 -48.19 26.09 -11.04
C GLU D 108 -48.57 24.62 -10.77
N PHE D 109 -49.74 24.39 -10.20
CA PHE D 109 -50.11 23.02 -9.90
C PHE D 109 -51.38 22.52 -10.59
N THR D 110 -51.82 23.27 -11.59
CA THR D 110 -52.98 22.90 -12.38
C THR D 110 -52.73 23.39 -13.80
N LYS D 111 -53.46 22.84 -14.75
CA LYS D 111 -53.34 23.22 -16.15
C LYS D 111 -54.76 23.52 -16.61
N PRO D 112 -54.91 24.37 -17.65
CA PRO D 112 -56.24 24.72 -18.17
C PRO D 112 -57.21 23.53 -18.26
N GLY D 113 -58.43 23.72 -17.76
CA GLY D 113 -59.41 22.66 -17.80
C GLY D 113 -59.55 21.98 -16.44
N ASP D 114 -58.47 21.98 -15.67
CA ASP D 114 -58.47 21.38 -14.33
C ASP D 114 -59.44 22.10 -13.39
N GLY D 115 -59.90 21.40 -12.37
CA GLY D 115 -60.84 21.99 -11.44
C GLY D 115 -60.25 22.31 -10.07
N VAL D 116 -60.74 23.41 -9.48
CA VAL D 116 -60.30 23.82 -8.16
C VAL D 116 -61.57 23.95 -7.34
N ILE D 117 -61.58 23.32 -6.17
CA ILE D 117 -62.75 23.36 -5.32
C ILE D 117 -62.72 24.49 -4.29
N ILE D 118 -63.71 25.38 -4.36
CA ILE D 118 -63.82 26.44 -3.38
C ILE D 118 -65.15 26.30 -2.67
N ILE D 119 -65.15 26.62 -1.38
CA ILE D 119 -66.34 26.55 -0.56
C ILE D 119 -66.96 27.95 -0.57
N THR D 120 -68.13 28.06 -1.19
CA THR D 120 -68.81 29.35 -1.32
C THR D 120 -70.01 29.57 -0.42
N PRO D 121 -70.42 30.84 -0.21
CA PRO D 121 -69.82 32.05 -0.78
C PRO D 121 -68.46 32.36 -0.14
N VAL D 122 -67.57 32.97 -0.91
CA VAL D 122 -66.23 33.27 -0.39
C VAL D 122 -65.56 34.45 -1.08
N TYR D 123 -64.49 34.94 -0.47
CA TYR D 123 -63.69 36.06 -0.99
C TYR D 123 -63.59 35.88 -2.51
N TYR D 124 -64.17 36.82 -3.24
CA TYR D 124 -64.24 36.77 -4.70
C TYR D 124 -62.97 36.51 -5.54
N PRO D 125 -61.81 37.02 -5.11
CA PRO D 125 -60.60 36.77 -5.91
C PRO D 125 -60.32 35.28 -6.06
N PHE D 126 -60.92 34.48 -5.17
CA PHE D 126 -60.77 33.04 -5.22
C PHE D 126 -61.29 32.57 -6.57
N PHE D 127 -62.48 33.04 -6.94
CA PHE D 127 -63.09 32.66 -8.22
C PHE D 127 -62.15 33.06 -9.36
N MET D 128 -61.77 34.33 -9.34
CA MET D 128 -60.89 34.93 -10.33
C MET D 128 -59.56 34.18 -10.52
N ALA D 129 -58.92 33.83 -9.42
CA ALA D 129 -57.64 33.12 -9.47
C ALA D 129 -57.78 31.85 -10.29
N ILE D 130 -59.00 31.35 -10.36
CA ILE D 130 -59.32 30.12 -11.09
C ILE D 130 -59.79 30.33 -12.53
N LYS D 131 -60.91 31.02 -12.70
CA LYS D 131 -61.48 31.24 -14.02
C LYS D 131 -60.67 32.15 -14.93
N ASN D 132 -59.97 33.13 -14.37
CA ASN D 132 -59.20 34.05 -15.20
C ASN D 132 -58.00 33.36 -15.82
N GLN D 133 -57.68 32.17 -15.31
CA GLN D 133 -56.54 31.43 -15.82
C GLN D 133 -56.93 30.12 -16.50
N GLU D 134 -58.10 30.09 -17.13
CA GLU D 134 -58.55 28.89 -17.83
C GLU D 134 -58.78 27.64 -16.96
N ARG D 135 -58.95 27.83 -15.66
CA ARG D 135 -59.22 26.70 -14.77
C ARG D 135 -60.71 26.72 -14.44
N LYS D 136 -61.26 25.57 -14.06
CA LYS D 136 -62.68 25.50 -13.74
C LYS D 136 -62.95 25.64 -12.24
N ILE D 137 -63.99 26.42 -11.93
CA ILE D 137 -64.39 26.65 -10.55
C ILE D 137 -65.37 25.58 -10.10
N ILE D 138 -64.98 24.81 -9.10
CA ILE D 138 -65.84 23.76 -8.55
C ILE D 138 -66.41 24.26 -7.22
N GLU D 139 -67.69 24.62 -7.23
CA GLU D 139 -68.34 25.13 -6.03
C GLU D 139 -68.87 24.08 -5.06
N CYS D 140 -68.57 24.29 -3.78
CA CYS D 140 -69.03 23.41 -2.72
C CYS D 140 -69.77 24.29 -1.72
N GLU D 141 -70.88 24.88 -2.18
CA GLU D 141 -71.72 25.79 -1.39
C GLU D 141 -71.93 25.39 0.08
N LEU D 142 -71.71 26.34 0.97
CA LEU D 142 -71.89 26.14 2.41
C LEU D 142 -73.35 25.86 2.76
N LEU D 143 -73.57 25.27 3.93
CA LEU D 143 -74.91 24.97 4.42
C LEU D 143 -75.26 26.09 5.40
N GLU D 144 -76.40 26.73 5.20
CA GLU D 144 -76.82 27.83 6.08
C GLU D 144 -78.02 27.47 6.93
N LYS D 145 -77.83 27.53 8.24
CA LYS D 145 -78.90 27.23 9.19
C LYS D 145 -79.07 28.37 10.17
N ASP D 146 -80.09 29.19 9.95
CA ASP D 146 -80.37 30.31 10.84
C ASP D 146 -79.15 31.22 10.97
N GLY D 147 -78.45 31.43 9.87
CA GLY D 147 -77.28 32.28 9.89
C GLY D 147 -75.99 31.57 10.23
N TYR D 148 -76.07 30.29 10.64
CA TYR D 148 -74.87 29.55 10.96
C TYR D 148 -74.44 28.74 9.74
N TYR D 149 -73.19 28.92 9.34
CA TYR D 149 -72.66 28.22 8.17
C TYR D 149 -71.79 27.01 8.52
N THR D 150 -72.04 25.90 7.84
CA THR D 150 -71.28 24.67 8.02
C THR D 150 -70.88 24.14 6.66
N ILE D 151 -70.02 23.13 6.66
CA ILE D 151 -69.54 22.54 5.43
C ILE D 151 -70.40 21.37 4.95
N ASP D 152 -70.55 21.24 3.64
CA ASP D 152 -71.31 20.16 3.05
C ASP D 152 -70.31 19.04 2.79
N PHE D 153 -69.92 18.34 3.85
CA PHE D 153 -68.96 17.26 3.75
C PHE D 153 -69.37 16.21 2.72
N GLN D 154 -70.67 16.00 2.60
CA GLN D 154 -71.19 15.04 1.65
C GLN D 154 -70.80 15.43 0.22
N LYS D 155 -71.20 16.64 -0.19
CA LYS D 155 -70.89 17.14 -1.53
C LYS D 155 -69.39 17.24 -1.78
N LEU D 156 -68.65 17.66 -0.75
CA LEU D 156 -67.20 17.79 -0.87
C LEU D 156 -66.56 16.45 -1.14
N GLU D 157 -67.17 15.39 -0.63
CA GLU D 157 -66.63 14.06 -0.85
C GLU D 157 -66.96 13.65 -2.30
N LYS D 158 -68.12 14.08 -2.77
CA LYS D 158 -68.52 13.77 -4.13
C LYS D 158 -67.57 14.47 -5.11
N LEU D 159 -67.29 15.74 -4.86
CA LEU D 159 -66.39 16.51 -5.71
C LEU D 159 -64.98 15.96 -5.77
N SER D 160 -64.47 15.43 -4.66
CA SER D 160 -63.13 14.89 -4.60
C SER D 160 -62.94 13.65 -5.47
N LYS D 161 -64.01 12.89 -5.66
CA LYS D 161 -63.95 11.69 -6.47
C LYS D 161 -63.70 12.00 -7.95
N ASP D 162 -63.92 13.26 -8.31
CA ASP D 162 -63.71 13.73 -9.68
C ASP D 162 -62.24 14.12 -9.86
N LYS D 163 -61.41 13.13 -10.16
CA LYS D 163 -59.98 13.31 -10.38
C LYS D 163 -59.62 14.52 -11.25
N ASN D 164 -60.62 15.12 -11.89
CA ASN D 164 -60.36 16.30 -12.70
C ASN D 164 -60.08 17.49 -11.79
N ASN D 165 -60.56 17.39 -10.54
CA ASN D 165 -60.35 18.45 -9.55
C ASN D 165 -58.97 18.24 -8.92
N LYS D 166 -58.12 19.26 -9.03
CA LYS D 166 -56.75 19.16 -8.52
C LYS D 166 -56.48 19.72 -7.13
N ALA D 167 -57.35 20.61 -6.64
CA ALA D 167 -57.12 21.17 -5.31
C ALA D 167 -58.34 21.78 -4.62
N LEU D 168 -58.19 21.98 -3.32
CA LEU D 168 -59.24 22.58 -2.52
C LEU D 168 -58.67 23.89 -1.95
N LEU D 169 -59.10 25.00 -2.53
CA LEU D 169 -58.68 26.33 -2.09
C LEU D 169 -59.58 26.67 -0.90
N PHE D 170 -58.99 26.64 0.29
CA PHE D 170 -59.70 26.86 1.54
C PHE D 170 -59.47 28.24 2.18
N CYS D 171 -60.50 28.80 2.83
CA CYS D 171 -60.38 30.10 3.50
C CYS D 171 -60.64 29.89 4.99
N SER D 172 -59.65 30.22 5.82
CA SER D 172 -59.78 30.00 7.27
C SER D 172 -58.97 30.94 8.18
N PRO D 173 -59.64 31.83 8.93
CA PRO D 173 -61.09 32.08 9.04
C PRO D 173 -61.75 32.34 7.69
N HIS D 174 -63.01 31.94 7.57
CA HIS D 174 -63.74 32.08 6.31
C HIS D 174 -64.41 33.42 6.05
N ASN D 175 -63.82 34.21 5.15
CA ASN D 175 -64.39 35.50 4.77
C ASN D 175 -65.37 35.17 3.64
N PRO D 176 -66.59 35.75 3.67
CA PRO D 176 -67.22 36.69 4.60
C PRO D 176 -68.07 36.22 5.77
N VAL D 177 -68.34 34.93 5.90
CA VAL D 177 -69.22 34.47 6.98
C VAL D 177 -68.65 34.45 8.39
N GLY D 178 -67.35 34.74 8.52
CA GLY D 178 -66.72 34.79 9.82
C GLY D 178 -66.54 33.50 10.62
N ARG D 179 -66.63 32.37 9.94
CA ARG D 179 -66.45 31.09 10.62
C ARG D 179 -64.99 30.80 10.93
N VAL D 180 -64.73 30.32 12.14
CA VAL D 180 -63.40 29.90 12.54
C VAL D 180 -63.64 28.41 12.68
N TRP D 181 -63.17 27.64 11.69
CA TRP D 181 -63.37 26.21 11.68
C TRP D 181 -62.89 25.49 12.93
N LYS D 182 -63.68 24.54 13.42
CA LYS D 182 -63.32 23.77 14.60
C LYS D 182 -62.41 22.64 14.14
N LYS D 183 -61.67 22.04 15.07
CA LYS D 183 -60.78 20.94 14.70
C LYS D 183 -61.56 19.76 14.14
N ASP D 184 -62.71 19.46 14.76
CA ASP D 184 -63.53 18.35 14.29
C ASP D 184 -63.90 18.55 12.85
N GLU D 185 -64.18 19.80 12.47
CA GLU D 185 -64.53 20.10 11.09
C GLU D 185 -63.30 19.98 10.18
N LEU D 186 -62.14 20.38 10.69
CA LEU D 186 -60.93 20.29 9.88
C LEU D 186 -60.57 18.82 9.73
N GLN D 187 -60.77 18.05 10.77
CA GLN D 187 -60.48 16.62 10.70
C GLN D 187 -61.35 15.96 9.63
N LYS D 188 -62.65 16.26 9.63
CA LYS D 188 -63.55 15.69 8.64
C LYS D 188 -63.12 16.02 7.23
N ILE D 189 -62.69 17.26 7.00
CA ILE D 189 -62.24 17.65 5.68
C ILE D 189 -61.00 16.82 5.33
N LYS D 190 -60.07 16.76 6.29
CA LYS D 190 -58.82 16.01 6.11
C LYS D 190 -59.11 14.58 5.63
N ASP D 191 -60.08 13.94 6.28
CA ASP D 191 -60.45 12.58 5.93
C ASP D 191 -60.73 12.46 4.44
N ILE D 192 -61.34 13.50 3.88
CA ILE D 192 -61.68 13.51 2.47
C ILE D 192 -60.50 13.94 1.61
N VAL D 193 -59.64 14.79 2.16
CA VAL D 193 -58.49 15.30 1.42
C VAL D 193 -57.31 14.33 1.26
N LEU D 194 -56.82 13.76 2.37
CA LEU D 194 -55.70 12.81 2.26
C LEU D 194 -56.12 11.63 1.41
N LYS D 195 -57.38 11.25 1.54
CA LYS D 195 -57.93 10.15 0.78
C LYS D 195 -57.73 10.41 -0.71
N SER D 196 -58.17 11.59 -1.15
CA SER D 196 -58.06 11.99 -2.55
C SER D 196 -56.66 12.48 -2.91
N ASP D 197 -56.51 12.94 -4.14
CA ASP D 197 -55.24 13.45 -4.62
C ASP D 197 -55.24 14.98 -4.60
N LEU D 198 -56.27 15.56 -4.00
CA LEU D 198 -56.36 17.01 -3.94
C LEU D 198 -55.21 17.63 -3.17
N MET D 199 -54.84 18.84 -3.57
CA MET D 199 -53.79 19.59 -2.89
C MET D 199 -54.52 20.57 -1.97
N LEU D 200 -53.95 20.83 -0.79
CA LEU D 200 -54.59 21.76 0.13
C LEU D 200 -53.92 23.13 0.11
N TRP D 201 -54.72 24.15 -0.20
CA TRP D 201 -54.25 25.53 -0.22
C TRP D 201 -55.12 26.29 0.78
N SER D 202 -54.59 26.50 1.99
CA SER D 202 -55.35 27.18 3.03
C SER D 202 -54.93 28.64 3.22
N ASP D 203 -55.84 29.55 2.89
CA ASP D 203 -55.58 30.97 3.04
C ASP D 203 -55.94 31.27 4.47
N GLU D 204 -54.95 31.59 5.29
CA GLU D 204 -55.21 31.87 6.69
C GLU D 204 -54.74 33.26 7.08
N ILE D 205 -54.94 34.20 6.17
CA ILE D 205 -54.52 35.57 6.38
C ILE D 205 -55.20 36.21 7.58
N HIS D 206 -56.46 35.86 7.82
CA HIS D 206 -57.22 36.37 8.96
C HIS D 206 -57.04 35.54 10.24
N PHE D 207 -56.09 34.61 10.28
CA PHE D 207 -55.98 33.77 11.47
C PHE D 207 -55.54 34.36 12.81
N ASP D 208 -55.24 35.66 12.86
CA ASP D 208 -54.86 36.30 14.13
C ASP D 208 -56.06 37.07 14.66
N LEU D 209 -56.97 37.41 13.76
CA LEU D 209 -58.15 38.16 14.15
C LEU D 209 -59.30 37.23 14.56
N ILE D 210 -59.17 36.64 15.74
CA ILE D 210 -60.16 35.73 16.28
C ILE D 210 -60.87 36.31 17.49
N MET D 211 -62.18 36.36 17.46
CA MET D 211 -62.95 36.90 18.57
C MET D 211 -62.73 36.04 19.83
N PRO D 212 -62.67 36.68 21.01
CA PRO D 212 -62.47 35.87 22.22
C PRO D 212 -63.62 34.87 22.28
N GLY D 213 -63.35 33.68 22.78
CA GLY D 213 -64.41 32.68 22.83
C GLY D 213 -64.17 31.54 21.87
N TYR D 214 -63.38 31.81 20.84
CA TYR D 214 -63.06 30.79 19.86
C TYR D 214 -61.56 30.76 19.67
N GLU D 215 -61.06 29.68 19.08
CA GLU D 215 -59.63 29.51 18.84
C GLU D 215 -59.44 29.04 17.40
N HIS D 216 -58.41 29.55 16.75
CA HIS D 216 -58.15 29.14 15.37
C HIS D 216 -57.18 27.96 15.38
N THR D 217 -57.29 27.11 14.37
CA THR D 217 -56.41 25.97 14.27
C THR D 217 -55.78 26.01 12.89
N VAL D 218 -54.45 26.06 12.83
CA VAL D 218 -53.79 26.06 11.53
C VAL D 218 -54.09 24.70 10.92
N PHE D 219 -54.60 24.70 9.70
CA PHE D 219 -54.97 23.47 9.01
C PHE D 219 -53.86 22.39 8.93
N GLN D 220 -52.75 22.73 8.29
CA GLN D 220 -51.68 21.77 8.12
C GLN D 220 -51.03 21.26 9.40
N SER D 221 -51.35 21.85 10.54
CA SER D 221 -50.72 21.40 11.79
C SER D 221 -51.42 20.21 12.42
N ILE D 222 -52.53 19.79 11.81
CA ILE D 222 -53.28 18.67 12.35
C ILE D 222 -52.85 17.31 11.81
N ASP D 223 -51.94 17.29 10.85
CA ASP D 223 -51.50 16.03 10.26
C ASP D 223 -50.31 16.16 9.30
N GLU D 224 -49.22 15.49 9.62
CA GLU D 224 -48.01 15.52 8.80
C GLU D 224 -48.28 15.30 7.32
N GLN D 225 -48.96 14.19 7.01
CA GLN D 225 -49.27 13.85 5.63
C GLN D 225 -50.03 14.96 4.91
N LEU D 226 -50.94 15.62 5.61
CA LEU D 226 -51.70 16.70 5.02
C LEU D 226 -50.70 17.81 4.74
N ALA D 227 -49.83 18.06 5.71
CA ALA D 227 -48.83 19.09 5.58
C ALA D 227 -47.96 18.88 4.33
N ASP D 228 -47.55 17.64 4.10
CA ASP D 228 -46.73 17.31 2.94
C ASP D 228 -47.25 17.82 1.61
N LYS D 229 -48.57 17.94 1.49
CA LYS D 229 -49.15 18.44 0.25
C LYS D 229 -50.03 19.66 0.48
N THR D 230 -49.61 20.53 1.38
CA THR D 230 -50.38 21.74 1.68
C THR D 230 -49.57 23.04 1.55
N ILE D 231 -50.24 24.07 1.06
CA ILE D 231 -49.63 25.38 0.95
C ILE D 231 -50.49 26.29 1.82
N THR D 232 -49.87 26.88 2.84
CA THR D 232 -50.59 27.77 3.76
C THR D 232 -50.21 29.23 3.56
N PHE D 233 -51.16 30.04 3.12
CA PHE D 233 -50.90 31.46 2.88
C PHE D 233 -51.14 32.30 4.13
N THR D 234 -50.10 33.00 4.59
CA THR D 234 -50.22 33.86 5.77
C THR D 234 -49.60 35.22 5.50
N ALA D 235 -50.00 36.22 6.28
CA ALA D 235 -49.48 37.57 6.15
C ALA D 235 -49.81 38.34 7.42
N PRO D 236 -49.13 39.47 7.63
CA PRO D 236 -49.39 40.26 8.83
C PRO D 236 -50.32 41.42 8.50
N SER D 237 -50.58 41.63 7.20
CA SER D 237 -51.38 42.74 6.72
C SER D 237 -52.76 42.93 7.32
N LYS D 238 -53.48 41.84 7.57
CA LYS D 238 -54.79 42.00 8.17
C LYS D 238 -54.63 42.23 9.66
N THR D 239 -53.83 41.38 10.31
CA THR D 239 -53.60 41.49 11.74
C THR D 239 -53.23 42.91 12.18
N PHE D 240 -52.29 43.55 11.47
CA PHE D 240 -51.84 44.89 11.85
C PHE D 240 -52.18 46.02 10.89
N ASN D 241 -53.16 45.79 10.03
CA ASN D 241 -53.59 46.80 9.07
C ASN D 241 -52.45 47.35 8.23
N ILE D 242 -51.68 46.45 7.60
CA ILE D 242 -50.57 46.88 6.74
C ILE D 242 -50.60 46.23 5.35
N ALA D 243 -51.79 46.17 4.77
CA ALA D 243 -51.94 45.58 3.44
C ALA D 243 -51.13 46.43 2.46
N GLY D 244 -50.79 47.64 2.88
CA GLY D 244 -50.02 48.55 2.07
C GLY D 244 -48.52 48.33 2.25
N MET D 245 -48.13 47.28 2.97
CA MET D 245 -46.72 46.98 3.18
C MET D 245 -46.27 45.84 2.27
N GLY D 246 -47.24 45.25 1.59
CA GLY D 246 -46.98 44.16 0.66
C GLY D 246 -45.98 43.07 1.03
N MET D 247 -46.16 42.43 2.19
CA MET D 247 -45.24 41.36 2.54
C MET D 247 -46.02 40.17 3.08
N SER D 248 -45.90 39.03 2.41
CA SER D 248 -46.60 37.82 2.84
C SER D 248 -45.63 36.70 3.14
N ASN D 249 -46.05 35.78 3.99
CA ASN D 249 -45.22 34.64 4.35
C ASN D 249 -45.99 33.38 3.98
N ILE D 250 -45.62 32.78 2.86
CA ILE D 250 -46.28 31.56 2.37
C ILE D 250 -45.51 30.39 2.92
N ILE D 251 -46.20 29.55 3.70
CA ILE D 251 -45.54 28.42 4.32
C ILE D 251 -45.70 27.13 3.51
N ILE D 252 -44.58 26.60 3.04
CA ILE D 252 -44.58 25.36 2.25
C ILE D 252 -43.58 24.37 2.83
N LYS D 253 -44.08 23.23 3.32
CA LYS D 253 -43.24 22.20 3.93
C LYS D 253 -42.51 21.30 2.92
N ASN D 254 -43.25 20.75 1.97
CA ASN D 254 -42.70 19.87 0.94
C ASN D 254 -41.69 20.60 0.08
N PRO D 255 -40.42 20.18 0.11
CA PRO D 255 -39.36 20.81 -0.68
C PRO D 255 -39.65 20.88 -2.17
N ASP D 256 -40.33 19.86 -2.71
CA ASP D 256 -40.66 19.83 -4.13
C ASP D 256 -41.76 20.81 -4.53
N ILE D 257 -42.77 20.97 -3.68
CA ILE D 257 -43.87 21.90 -3.95
C ILE D 257 -43.36 23.31 -3.74
N ARG D 258 -42.40 23.43 -2.83
CA ARG D 258 -41.83 24.73 -2.50
C ARG D 258 -41.05 25.32 -3.68
N GLU D 259 -40.06 24.56 -4.17
CA GLU D 259 -39.24 25.02 -5.30
C GLU D 259 -40.10 25.33 -6.52
N ARG D 260 -41.06 24.45 -6.81
CA ARG D 260 -41.93 24.68 -7.96
C ARG D 260 -42.68 26.00 -7.80
N PHE D 261 -43.12 26.28 -6.58
CA PHE D 261 -43.86 27.51 -6.28
C PHE D 261 -42.93 28.70 -6.53
N THR D 262 -41.76 28.66 -5.90
CA THR D 262 -40.75 29.71 -6.03
C THR D 262 -40.42 29.99 -7.51
N LYS D 263 -40.04 28.95 -8.26
CA LYS D 263 -39.69 29.10 -9.67
C LYS D 263 -40.83 29.77 -10.42
N SER D 264 -42.05 29.38 -10.11
CA SER D 264 -43.24 29.94 -10.75
C SER D 264 -43.38 31.40 -10.33
N ARG D 265 -43.08 31.68 -9.06
CA ARG D 265 -43.16 33.04 -8.54
C ARG D 265 -42.19 33.96 -9.24
N ASP D 266 -41.00 33.45 -9.52
CA ASP D 266 -39.98 34.24 -10.17
C ASP D 266 -40.27 34.54 -11.64
N ALA D 267 -40.80 33.56 -12.37
CA ALA D 267 -41.10 33.77 -13.78
C ALA D 267 -42.26 34.74 -13.93
N THR D 268 -42.94 35.07 -12.83
CA THR D 268 -44.06 35.99 -12.88
C THR D 268 -43.75 37.34 -12.24
N SER D 269 -44.03 37.48 -10.95
CA SER D 269 -43.80 38.74 -10.24
C SER D 269 -42.39 38.90 -9.66
N GLY D 270 -41.68 37.79 -9.47
CA GLY D 270 -40.34 37.87 -8.93
C GLY D 270 -40.23 37.84 -7.42
N MET D 271 -39.05 38.21 -6.93
CA MET D 271 -38.75 38.24 -5.51
C MET D 271 -39.04 39.63 -4.96
N PRO D 272 -39.76 39.73 -3.82
CA PRO D 272 -40.06 41.04 -3.24
C PRO D 272 -38.79 41.71 -2.70
N PHE D 273 -38.47 42.90 -3.19
CA PHE D 273 -37.29 43.62 -2.73
C PHE D 273 -37.69 44.75 -1.79
N THR D 274 -38.99 44.86 -1.53
CA THR D 274 -39.54 45.88 -0.66
C THR D 274 -38.95 45.78 0.75
N THR D 275 -37.97 46.65 1.04
CA THR D 275 -37.29 46.66 2.33
C THR D 275 -38.17 46.84 3.56
N LEU D 276 -39.00 47.88 3.55
CA LEU D 276 -39.87 48.16 4.67
C LEU D 276 -40.92 47.09 4.92
N GLY D 277 -41.21 46.29 3.90
CA GLY D 277 -42.19 45.23 4.05
C GLY D 277 -41.67 44.22 5.06
N TYR D 278 -40.41 43.82 4.90
CA TYR D 278 -39.80 42.84 5.81
C TYR D 278 -39.73 43.38 7.23
N LYS D 279 -39.42 44.66 7.37
CA LYS D 279 -39.30 45.28 8.68
C LYS D 279 -40.63 45.48 9.42
N ALA D 280 -41.67 45.90 8.70
CA ALA D 280 -42.97 46.14 9.29
C ALA D 280 -43.49 44.87 9.95
N CYS D 281 -43.28 43.74 9.29
CA CYS D 281 -43.74 42.46 9.80
C CYS D 281 -43.01 42.09 11.09
N GLU D 282 -41.70 42.25 11.10
CA GLU D 282 -40.88 41.93 12.26
C GLU D 282 -41.27 42.82 13.44
N ILE D 283 -41.42 44.10 13.19
CA ILE D 283 -41.80 45.04 14.24
C ILE D 283 -43.15 44.65 14.87
N CYS D 284 -44.15 44.37 14.04
CA CYS D 284 -45.46 44.01 14.56
C CYS D 284 -45.39 42.75 15.40
N TYR D 285 -44.81 41.70 14.84
CA TYR D 285 -44.70 40.43 15.54
C TYR D 285 -43.97 40.54 16.88
N LYS D 286 -43.00 41.44 16.96
CA LYS D 286 -42.24 41.62 18.18
C LYS D 286 -42.78 42.68 19.12
N GLU D 287 -43.53 43.64 18.62
CA GLU D 287 -43.96 44.72 19.48
C GLU D 287 -45.43 45.11 19.53
N CYS D 288 -46.23 44.64 18.59
CA CYS D 288 -47.61 45.05 18.57
C CYS D 288 -48.65 44.05 19.04
N GLY D 289 -48.24 43.18 19.97
CA GLY D 289 -49.17 42.18 20.50
C GLY D 289 -50.29 42.78 21.32
N LYS D 290 -49.96 43.78 22.15
CA LYS D 290 -50.96 44.43 22.98
C LYS D 290 -51.96 45.25 22.13
N TRP D 291 -51.43 45.99 21.16
CA TRP D 291 -52.28 46.79 20.28
C TRP D 291 -53.31 45.89 19.63
N LEU D 292 -52.85 44.71 19.20
CA LEU D 292 -53.75 43.75 18.56
C LEU D 292 -54.87 43.32 19.51
N ASP D 293 -54.53 43.00 20.76
CA ASP D 293 -55.55 42.59 21.74
C ASP D 293 -56.54 43.72 21.91
N GLY D 294 -56.03 44.94 21.91
CA GLY D 294 -56.90 46.10 22.06
C GLY D 294 -57.85 46.16 20.90
N CYS D 295 -57.31 46.03 19.69
CA CYS D 295 -58.08 46.09 18.47
C CYS D 295 -59.18 45.03 18.44
N ILE D 296 -58.87 43.82 18.90
CA ILE D 296 -59.87 42.77 18.90
C ILE D 296 -61.03 43.12 19.81
N LYS D 297 -60.71 43.75 20.93
CA LYS D 297 -61.73 44.13 21.89
C LYS D 297 -62.73 45.07 21.24
N VAL D 298 -62.21 46.13 20.61
CA VAL D 298 -63.05 47.12 19.97
C VAL D 298 -63.91 46.47 18.90
N ILE D 299 -63.32 45.52 18.17
CA ILE D 299 -64.02 44.79 17.12
C ILE D 299 -65.13 43.96 17.75
N ASP D 300 -64.82 43.36 18.88
CA ASP D 300 -65.77 42.53 19.61
C ASP D 300 -66.93 43.42 20.06
N LYS D 301 -66.59 44.59 20.58
CA LYS D 301 -67.62 45.52 21.05
C LYS D 301 -68.49 45.97 19.89
N ASN D 302 -67.88 46.13 18.72
CA ASN D 302 -68.59 46.58 17.53
C ASN D 302 -69.55 45.56 16.92
N GLN D 303 -69.16 44.29 16.86
CA GLN D 303 -70.05 43.29 16.27
C GLN D 303 -71.36 43.23 17.07
N ARG D 304 -71.26 43.50 18.37
CA ARG D 304 -72.43 43.49 19.27
C ARG D 304 -73.33 44.71 19.06
N ILE D 305 -72.72 45.85 18.75
CA ILE D 305 -73.49 47.07 18.52
C ILE D 305 -74.36 46.87 17.30
N VAL D 306 -73.78 46.24 16.28
CA VAL D 306 -74.46 45.96 15.03
C VAL D 306 -75.57 44.94 15.24
N LYS D 307 -75.31 43.94 16.07
CA LYS D 307 -76.29 42.90 16.35
C LYS D 307 -77.52 43.48 17.07
N ASP D 308 -77.27 44.24 18.13
CA ASP D 308 -78.34 44.85 18.91
C ASP D 308 -79.12 45.86 18.08
N PHE D 309 -78.41 46.70 17.32
CA PHE D 309 -79.07 47.71 16.50
C PHE D 309 -80.24 47.13 15.72
N PHE D 310 -80.02 46.02 15.02
CA PHE D 310 -81.09 45.41 14.23
C PHE D 310 -82.17 44.71 15.05
N GLU D 311 -81.78 44.03 16.13
CA GLU D 311 -82.77 43.35 16.97
C GLU D 311 -83.75 44.39 17.50
N VAL D 312 -83.23 45.58 17.81
CA VAL D 312 -84.04 46.67 18.34
C VAL D 312 -84.83 47.42 17.30
N ASN D 313 -84.12 47.95 16.30
CA ASN D 313 -84.71 48.76 15.25
C ASN D 313 -85.27 48.08 14.02
N HIS D 314 -84.68 46.97 13.59
CA HIS D 314 -85.16 46.27 12.38
C HIS D 314 -85.01 44.76 12.50
N PRO D 315 -85.84 44.13 13.34
CA PRO D 315 -85.88 42.69 13.63
C PRO D 315 -85.78 41.72 12.45
N GLU D 316 -86.38 42.08 11.32
CA GLU D 316 -86.32 41.22 10.15
C GLU D 316 -84.89 41.02 9.63
N ILE D 317 -84.04 42.04 9.78
CA ILE D 317 -82.64 41.96 9.34
C ILE D 317 -81.82 41.37 10.50
N LYS D 318 -80.91 40.45 10.18
CA LYS D 318 -80.11 39.79 11.22
C LYS D 318 -78.58 39.86 11.12
N ALA D 319 -77.96 40.31 12.21
CA ALA D 319 -76.51 40.44 12.31
C ALA D 319 -75.93 39.61 13.46
N PRO D 320 -75.76 38.29 13.23
CA PRO D 320 -75.21 37.41 14.28
C PRO D 320 -73.73 37.65 14.56
N LEU D 321 -73.31 37.42 15.80
CA LEU D 321 -71.91 37.59 16.16
C LEU D 321 -71.05 36.65 15.31
N ILE D 322 -69.80 37.03 15.11
CA ILE D 322 -68.88 36.24 14.31
C ILE D 322 -67.82 35.60 15.22
N GLU D 323 -67.10 34.61 14.69
CA GLU D 323 -66.08 33.93 15.48
C GLU D 323 -64.68 34.44 15.14
N GLY D 324 -64.54 35.06 13.97
CA GLY D 324 -63.24 35.56 13.54
C GLY D 324 -63.33 36.57 12.41
N THR D 325 -62.21 37.19 12.10
CA THR D 325 -62.10 38.25 11.09
C THR D 325 -62.86 39.41 11.73
N TYR D 326 -62.76 40.61 11.17
CA TYR D 326 -63.49 41.73 11.71
C TYR D 326 -64.56 42.14 10.72
N LEU D 327 -64.98 41.15 9.92
CA LEU D 327 -66.00 41.35 8.89
C LEU D 327 -67.25 40.58 9.32
N GLN D 328 -68.37 41.30 9.49
CA GLN D 328 -69.62 40.68 9.95
C GLN D 328 -70.64 40.50 8.80
N TRP D 329 -71.34 39.37 8.83
CA TRP D 329 -72.32 38.99 7.80
C TRP D 329 -73.76 39.31 8.20
N ILE D 330 -74.38 40.28 7.52
CA ILE D 330 -75.75 40.71 7.82
C ILE D 330 -76.78 40.23 6.79
N ASP D 331 -77.83 39.57 7.27
CA ASP D 331 -78.89 39.07 6.40
C ASP D 331 -79.97 40.11 6.13
N PHE D 332 -80.02 40.61 4.89
CA PHE D 332 -81.01 41.61 4.48
C PHE D 332 -82.02 41.00 3.50
N ARG D 333 -82.08 39.67 3.41
CA ARG D 333 -83.00 39.02 2.49
C ARG D 333 -84.48 39.31 2.75
N ALA D 334 -84.82 39.55 4.01
CA ALA D 334 -86.20 39.84 4.37
C ALA D 334 -86.67 41.13 3.71
N LEU D 335 -85.71 41.96 3.29
CA LEU D 335 -86.04 43.23 2.65
C LEU D 335 -86.61 43.00 1.25
N LYS D 336 -86.55 41.75 0.80
CA LYS D 336 -87.06 41.35 -0.51
C LYS D 336 -86.59 42.28 -1.63
N MET D 337 -85.31 42.65 -1.60
CA MET D 337 -84.74 43.52 -2.63
C MET D 337 -83.64 42.77 -3.37
N ASP D 338 -83.64 42.82 -4.70
CA ASP D 338 -82.58 42.13 -5.44
C ASP D 338 -81.30 42.90 -5.19
N HIS D 339 -80.20 42.16 -5.01
CA HIS D 339 -78.91 42.75 -4.72
C HIS D 339 -78.59 44.09 -5.39
N LYS D 340 -78.95 44.24 -6.65
CA LYS D 340 -78.67 45.47 -7.37
C LYS D 340 -79.46 46.65 -6.80
N ALA D 341 -80.73 46.42 -6.52
CA ALA D 341 -81.57 47.48 -5.98
C ALA D 341 -81.21 47.78 -4.54
N MET D 342 -80.78 46.76 -3.81
CA MET D 342 -80.39 46.92 -2.41
C MET D 342 -79.09 47.71 -2.36
N GLU D 343 -78.20 47.41 -3.30
CA GLU D 343 -76.91 48.09 -3.40
C GLU D 343 -77.16 49.56 -3.70
N GLU D 344 -78.01 49.80 -4.70
CA GLU D 344 -78.38 51.16 -5.11
C GLU D 344 -78.95 51.88 -3.89
N PHE D 345 -79.80 51.18 -3.15
CA PHE D 345 -80.42 51.74 -1.95
C PHE D 345 -79.35 52.12 -0.92
N MET D 346 -78.55 51.14 -0.53
CA MET D 346 -77.50 51.34 0.46
C MET D 346 -76.58 52.51 0.13
N ILE D 347 -76.07 52.51 -1.08
CA ILE D 347 -75.14 53.54 -1.52
C ILE D 347 -75.70 54.96 -1.62
N HIS D 348 -76.92 55.11 -2.16
CA HIS D 348 -77.50 56.45 -2.32
C HIS D 348 -78.51 56.91 -1.28
N LYS D 349 -79.28 55.98 -0.71
CA LYS D 349 -80.27 56.36 0.29
C LYS D 349 -79.70 56.34 1.70
N ALA D 350 -78.85 55.36 1.99
CA ALA D 350 -78.25 55.26 3.32
C ALA D 350 -76.81 55.75 3.34
N GLN D 351 -76.18 55.86 2.17
CA GLN D 351 -74.79 56.29 2.09
C GLN D 351 -73.95 55.45 3.04
N ILE D 352 -74.26 54.16 3.10
CA ILE D 352 -73.53 53.22 3.94
C ILE D 352 -72.90 52.25 2.95
N PHE D 353 -71.58 52.19 2.92
CA PHE D 353 -70.92 51.32 1.96
C PHE D 353 -70.37 50.01 2.53
N PHE D 354 -71.06 48.93 2.20
CA PHE D 354 -70.69 47.59 2.63
C PHE D 354 -69.95 46.93 1.46
N ASP D 355 -69.53 45.70 1.68
CA ASP D 355 -68.92 44.92 0.63
C ASP D 355 -70.15 44.05 0.24
N GLU D 356 -70.88 44.49 -0.78
CA GLU D 356 -72.10 43.81 -1.21
C GLU D 356 -72.00 42.28 -1.26
N GLY D 357 -72.88 41.63 -0.52
CA GLY D 357 -72.90 40.17 -0.45
C GLY D 357 -72.78 39.36 -1.74
N TYR D 358 -73.59 39.68 -2.75
CA TYR D 358 -73.55 38.93 -4.01
C TYR D 358 -72.17 38.82 -4.67
N ILE D 359 -71.22 39.65 -4.26
CA ILE D 359 -69.89 39.59 -4.86
C ILE D 359 -69.13 38.34 -4.40
N PHE D 360 -69.64 37.71 -3.36
CA PHE D 360 -69.00 36.51 -2.84
C PHE D 360 -69.64 35.24 -3.40
N GLY D 361 -70.56 35.42 -4.34
CA GLY D 361 -71.26 34.27 -4.92
C GLY D 361 -72.74 34.42 -4.65
N ASP D 362 -73.56 33.71 -5.41
CA ASP D 362 -75.01 33.79 -5.27
C ASP D 362 -75.52 33.57 -3.85
N GLY D 363 -74.76 32.83 -3.06
CA GLY D 363 -75.17 32.54 -1.70
C GLY D 363 -75.06 33.75 -0.80
N GLY D 364 -74.55 34.85 -1.35
CA GLY D 364 -74.40 36.08 -0.60
C GLY D 364 -75.46 37.09 -0.98
N ILE D 365 -76.12 36.83 -2.11
CA ILE D 365 -77.19 37.71 -2.60
C ILE D 365 -78.19 37.91 -1.46
N GLY D 366 -78.40 39.17 -1.07
CA GLY D 366 -79.33 39.45 0.01
C GLY D 366 -78.58 39.76 1.30
N PHE D 367 -77.31 39.38 1.33
CA PHE D 367 -76.47 39.63 2.51
C PHE D 367 -75.57 40.84 2.26
N GLU D 368 -75.08 41.42 3.35
CA GLU D 368 -74.18 42.56 3.26
C GLU D 368 -73.05 42.25 4.23
N ARG D 369 -71.84 42.68 3.90
CA ARG D 369 -70.72 42.45 4.79
C ARG D 369 -70.24 43.79 5.31
N ILE D 370 -70.13 43.90 6.63
CA ILE D 370 -69.70 45.14 7.26
C ILE D 370 -68.33 45.06 7.94
N ASN D 371 -67.51 46.07 7.69
CA ASN D 371 -66.18 46.15 8.27
C ASN D 371 -66.25 46.74 9.69
N LEU D 372 -66.02 45.89 10.69
CA LEU D 372 -66.08 46.30 12.09
C LEU D 372 -64.87 47.05 12.65
N ALA D 373 -63.77 47.06 11.90
CA ALA D 373 -62.55 47.73 12.35
C ALA D 373 -62.62 49.23 12.15
N ALA D 374 -63.37 49.90 13.03
CA ALA D 374 -63.51 51.36 12.99
C ALA D 374 -64.03 51.82 14.35
N PRO D 375 -63.78 53.09 14.70
CA PRO D 375 -64.26 53.56 16.00
C PRO D 375 -65.74 53.20 16.17
N SER D 376 -66.11 52.79 17.38
CA SER D 376 -67.50 52.41 17.63
C SER D 376 -68.47 53.52 17.19
N SER D 377 -68.11 54.77 17.49
CA SER D 377 -68.96 55.92 17.15
C SER D 377 -69.21 55.97 15.65
N VAL D 378 -68.19 55.65 14.87
CA VAL D 378 -68.34 55.65 13.42
C VAL D 378 -69.43 54.64 13.08
N ILE D 379 -69.35 53.47 13.70
CA ILE D 379 -70.34 52.43 13.47
C ILE D 379 -71.74 52.95 13.77
N GLN D 380 -71.93 53.50 14.96
CA GLN D 380 -73.23 54.03 15.36
C GLN D 380 -73.76 55.01 14.32
N GLU D 381 -72.92 55.99 13.97
CA GLU D 381 -73.29 56.99 12.98
C GLU D 381 -73.78 56.31 11.70
N SER D 382 -72.98 55.37 11.21
CA SER D 382 -73.30 54.61 10.01
C SER D 382 -74.66 53.92 10.17
N LEU D 383 -74.81 53.17 11.26
CA LEU D 383 -76.04 52.44 11.52
C LEU D 383 -77.24 53.38 11.65
N GLU D 384 -77.07 54.49 12.34
CA GLU D 384 -78.16 55.44 12.51
C GLU D 384 -78.59 55.98 11.16
N ARG D 385 -77.66 56.09 10.24
CA ARG D 385 -77.98 56.60 8.91
C ARG D 385 -78.82 55.55 8.18
N LEU D 386 -78.45 54.29 8.35
CA LEU D 386 -79.18 53.19 7.71
C LEU D 386 -80.57 53.11 8.34
N ASN D 387 -80.66 53.51 9.60
CA ASN D 387 -81.92 53.47 10.33
C ASN D 387 -82.95 54.38 9.64
N LYS D 388 -82.59 55.64 9.42
CA LYS D 388 -83.50 56.58 8.78
C LYS D 388 -83.89 56.14 7.37
N ALA D 389 -82.92 55.63 6.61
CA ALA D 389 -83.20 55.18 5.25
C ALA D 389 -84.22 54.04 5.23
N LEU D 390 -84.04 53.06 6.12
CA LEU D 390 -84.94 51.92 6.21
C LEU D 390 -86.32 52.39 6.66
N LYS D 391 -86.35 53.23 7.69
CA LYS D 391 -87.62 53.77 8.20
C LYS D 391 -88.37 54.40 7.05
N ASP D 392 -87.68 55.25 6.29
CA ASP D 392 -88.30 55.90 5.12
C ASP D 392 -88.78 54.85 4.15
N LEU D 393 -87.91 53.89 3.84
CA LEU D 393 -88.24 52.81 2.93
C LEU D 393 -89.54 52.17 3.40
N LYS D 394 -89.83 52.34 4.68
CA LYS D 394 -91.02 51.80 5.30
C LYS D 394 -90.93 50.27 5.39
N MET E 1 31.07 13.03 35.53
CA MET E 1 30.77 14.22 34.68
C MET E 1 29.38 14.76 34.91
N ILE E 2 29.16 16.00 34.49
CA ILE E 2 27.86 16.62 34.63
C ILE E 2 27.21 16.51 33.26
N TYR E 3 26.00 15.96 33.22
CA TYR E 3 25.29 15.78 31.97
C TYR E 3 24.26 16.87 31.75
N ASP E 4 23.97 17.16 30.48
CA ASP E 4 23.02 18.21 30.11
C ASP E 4 21.87 17.73 29.22
N PHE E 5 20.67 17.66 29.78
CA PHE E 5 19.49 17.25 29.03
C PHE E 5 18.42 18.35 29.13
N THR E 6 18.81 19.47 29.72
CA THR E 6 17.92 20.61 29.92
C THR E 6 18.05 21.73 28.87
N THR E 7 19.27 21.98 28.40
CA THR E 7 19.48 23.03 27.41
C THR E 7 18.78 22.83 26.06
N LYS E 8 17.90 23.77 25.73
CA LYS E 8 17.18 23.71 24.46
C LYS E 8 18.21 24.02 23.37
N ILE E 9 18.28 23.18 22.34
CA ILE E 9 19.24 23.40 21.28
C ILE E 9 18.59 23.74 19.95
N SER E 10 19.41 24.21 19.02
CA SER E 10 18.94 24.58 17.70
C SER E 10 19.85 24.01 16.61
N ARG E 11 19.29 23.14 15.76
CA ARG E 11 20.08 22.54 14.68
C ARG E 11 19.73 23.19 13.33
N LYS E 12 19.34 24.45 13.36
CA LYS E 12 18.98 25.14 12.12
C LYS E 12 20.21 25.49 11.29
N ASN E 13 20.13 25.19 10.01
CA ASN E 13 21.23 25.49 9.10
C ASN E 13 22.50 24.69 9.38
N LEU E 14 22.37 23.53 10.02
CA LEU E 14 23.54 22.71 10.30
C LEU E 14 23.56 21.40 9.53
N GLY E 15 22.79 21.34 8.45
CA GLY E 15 22.74 20.13 7.65
C GLY E 15 21.83 19.04 8.19
N SER E 16 21.11 19.33 9.27
CA SER E 16 20.20 18.36 9.86
C SER E 16 19.01 18.01 8.96
N LEU E 17 18.84 16.72 8.68
CA LEU E 17 17.73 16.29 7.86
C LEU E 17 16.42 16.54 8.58
N LYS E 18 16.42 16.36 9.90
CA LYS E 18 15.22 16.58 10.67
C LYS E 18 14.75 18.03 10.67
N TRP E 19 15.66 18.96 10.91
CA TRP E 19 15.28 20.37 10.91
C TRP E 19 14.99 20.89 9.51
N ASP E 20 15.87 20.59 8.56
CA ASP E 20 15.64 21.05 7.19
C ASP E 20 14.30 20.58 6.65
N LEU E 21 13.89 19.37 7.03
CA LEU E 21 12.61 18.83 6.58
C LEU E 21 11.47 19.68 7.14
N MET E 22 11.64 20.14 8.38
CA MET E 22 10.65 20.99 9.04
C MET E 22 10.48 22.33 8.33
N TYR E 23 11.60 22.99 8.00
CA TYR E 23 11.56 24.28 7.31
C TYR E 23 11.08 24.10 5.88
N SER E 24 11.13 22.86 5.41
CA SER E 24 10.70 22.53 4.07
C SER E 24 9.19 22.40 4.04
N GLN E 25 8.64 21.85 5.12
CA GLN E 25 7.19 21.65 5.22
C GLN E 25 6.46 22.92 5.61
N ASN E 26 7.09 23.71 6.46
CA ASN E 26 6.51 24.97 6.90
C ASN E 26 7.61 25.99 7.00
N PRO E 27 7.82 26.75 5.92
CA PRO E 27 8.87 27.78 5.87
C PRO E 27 8.62 28.94 6.85
N GLU E 28 7.37 29.07 7.29
CA GLU E 28 7.01 30.14 8.22
C GLU E 28 6.98 29.67 9.66
N VAL E 29 7.54 28.49 9.90
CA VAL E 29 7.59 27.92 11.24
C VAL E 29 8.33 28.81 12.22
N GLY E 30 7.79 28.94 13.43
CA GLY E 30 8.42 29.76 14.44
C GLY E 30 9.80 29.22 14.77
N ASN E 31 10.72 30.11 15.13
CA ASN E 31 12.09 29.69 15.44
C ASN E 31 12.22 29.09 16.84
N GLU E 32 11.13 29.10 17.59
CA GLU E 32 11.11 28.53 18.93
C GLU E 32 10.71 27.05 18.83
N VAL E 33 10.18 26.66 17.67
CA VAL E 33 9.73 25.29 17.43
C VAL E 33 10.88 24.31 17.22
N VAL E 34 10.72 23.11 17.76
CA VAL E 34 11.70 22.04 17.67
C VAL E 34 11.00 20.79 17.15
N PRO E 35 11.41 20.29 15.97
CA PRO E 35 10.76 19.10 15.42
C PRO E 35 10.89 17.86 16.31
N LEU E 36 9.85 17.04 16.34
CA LEU E 36 9.84 15.82 17.14
C LEU E 36 9.60 14.62 16.23
N SER E 37 10.21 14.68 15.04
CA SER E 37 10.03 13.65 14.04
C SER E 37 11.14 12.60 13.97
N VAL E 38 12.06 12.77 13.03
CA VAL E 38 13.19 11.87 12.81
C VAL E 38 13.88 11.42 14.10
N ALA E 39 14.35 10.18 14.10
CA ALA E 39 14.99 9.61 15.27
C ALA E 39 16.47 9.87 15.54
N ASP E 40 16.75 11.04 16.09
CA ASP E 40 18.07 11.40 16.55
C ASP E 40 17.71 12.35 17.68
N MET E 41 18.52 12.42 18.72
CA MET E 41 18.20 13.25 19.88
C MET E 41 18.43 14.74 19.77
N GLU E 42 17.64 15.47 20.54
CA GLU E 42 17.76 16.92 20.62
C GLU E 42 18.51 17.17 21.93
N PHE E 43 19.51 16.32 22.16
CA PHE E 43 20.38 16.37 23.33
C PHE E 43 21.81 16.43 22.80
N LYS E 44 22.66 17.22 23.44
CA LYS E 44 24.04 17.25 23.00
C LYS E 44 24.58 15.84 23.21
N ASN E 45 25.59 15.45 22.44
CA ASN E 45 26.18 14.13 22.59
C ASN E 45 26.86 14.00 23.95
N PRO E 46 27.13 12.76 24.39
CA PRO E 46 27.77 12.51 25.68
C PRO E 46 29.12 13.22 25.80
N PRO E 47 29.34 13.93 26.90
CA PRO E 47 30.60 14.63 27.09
C PRO E 47 31.80 13.73 26.85
N GLU E 48 31.74 12.51 27.37
CA GLU E 48 32.85 11.55 27.21
C GLU E 48 33.17 11.25 25.76
N LEU E 49 32.15 11.29 24.91
CA LEU E 49 32.34 11.02 23.49
C LEU E 49 33.04 12.15 22.79
N ILE E 50 32.58 13.36 23.07
CA ILE E 50 33.13 14.57 22.48
C ILE E 50 34.58 14.77 22.91
N GLU E 51 34.84 14.65 24.20
CA GLU E 51 36.20 14.84 24.69
C GLU E 51 37.06 13.73 24.13
N GLY E 52 36.48 12.53 24.06
CA GLY E 52 37.22 11.38 23.56
C GLY E 52 37.58 11.48 22.09
N LEU E 53 36.69 12.08 21.31
CA LEU E 53 36.95 12.25 19.88
C LEU E 53 38.01 13.33 19.65
N LYS E 54 37.96 14.42 20.43
CA LYS E 54 38.93 15.49 20.29
C LYS E 54 40.30 14.97 20.72
N LYS E 55 40.29 14.15 21.76
CA LYS E 55 41.50 13.54 22.27
C LYS E 55 42.10 12.76 21.12
N TYR E 56 41.26 11.91 20.53
CA TYR E 56 41.66 11.06 19.42
C TYR E 56 42.11 11.85 18.20
N LEU E 57 41.40 12.93 17.90
CA LEU E 57 41.75 13.78 16.76
C LEU E 57 43.15 14.33 16.87
N ASP E 58 43.65 14.48 18.10
CA ASP E 58 44.99 15.00 18.34
C ASP E 58 46.04 13.92 18.22
N GLU E 59 45.63 12.67 18.26
CA GLU E 59 46.57 11.55 18.21
C GLU E 59 46.68 10.82 16.88
N THR E 60 45.52 10.58 16.27
CA THR E 60 45.42 9.78 15.06
C THR E 60 45.61 10.42 13.69
N VAL E 61 45.66 9.55 12.67
CA VAL E 61 45.78 9.95 11.28
C VAL E 61 44.52 9.43 10.58
N LEU E 62 43.74 10.36 10.03
CA LEU E 62 42.48 10.03 9.37
C LEU E 62 42.54 9.22 8.07
N GLY E 63 43.45 8.24 8.00
CA GLY E 63 43.60 7.42 6.80
C GLY E 63 42.75 6.16 6.75
N TYR E 64 43.11 5.22 5.87
CA TYR E 64 42.34 3.99 5.72
C TYR E 64 42.35 3.22 7.04
N THR E 65 41.18 3.10 7.65
CA THR E 65 41.07 2.44 8.93
C THR E 65 40.01 1.35 8.95
N GLY E 66 40.30 0.32 9.74
CA GLY E 66 39.39 -0.80 9.89
C GLY E 66 39.26 -1.03 11.39
N PRO E 67 38.47 -2.02 11.84
CA PRO E 67 38.35 -2.23 13.29
C PRO E 67 39.57 -2.90 13.92
N THR E 68 39.89 -2.50 15.15
CA THR E 68 41.01 -3.09 15.88
C THR E 68 40.45 -4.21 16.74
N GLU E 69 41.34 -5.07 17.24
CA GLU E 69 40.89 -6.18 18.06
C GLU E 69 40.25 -5.67 19.34
N GLU E 70 40.72 -4.52 19.82
CA GLU E 70 40.16 -3.93 21.03
C GLU E 70 38.72 -3.46 20.75
N TYR E 71 38.47 -3.03 19.52
CA TYR E 71 37.15 -2.58 19.11
C TYR E 71 36.17 -3.74 19.22
N LYS E 72 36.56 -4.86 18.62
CA LYS E 72 35.74 -6.06 18.65
C LYS E 72 35.48 -6.57 20.06
N LYS E 73 36.50 -6.57 20.90
CA LYS E 73 36.32 -7.06 22.27
C LYS E 73 35.31 -6.18 22.98
N THR E 74 35.43 -4.87 22.76
CA THR E 74 34.55 -3.89 23.40
C THR E 74 33.11 -4.16 23.03
N VAL E 75 32.86 -4.38 21.74
CA VAL E 75 31.54 -4.65 21.23
C VAL E 75 30.97 -5.89 21.92
N LYS E 76 31.82 -6.91 22.04
CA LYS E 76 31.49 -8.18 22.67
C LYS E 76 31.17 -8.00 24.16
N LYS E 77 31.97 -7.19 24.83
CA LYS E 77 31.78 -6.93 26.25
C LYS E 77 30.46 -6.22 26.49
N TRP E 78 30.09 -5.32 25.59
CA TRP E 78 28.85 -4.58 25.73
C TRP E 78 27.65 -5.53 25.56
N MET E 79 27.76 -6.49 24.65
CA MET E 79 26.68 -7.43 24.41
C MET E 79 26.51 -8.36 25.60
N LYS E 80 27.62 -8.67 26.27
CA LYS E 80 27.56 -9.56 27.43
C LYS E 80 27.05 -8.76 28.62
N ASP E 81 27.70 -7.63 28.88
CA ASP E 81 27.34 -6.78 30.00
C ASP E 81 25.92 -6.22 29.93
N ARG E 82 25.55 -5.68 28.78
CA ARG E 82 24.23 -5.08 28.62
C ARG E 82 23.08 -5.98 28.22
N HIS E 83 23.33 -7.06 27.49
CA HIS E 83 22.25 -7.94 27.07
C HIS E 83 22.43 -9.43 27.36
N GLN E 84 23.37 -9.77 28.23
CA GLN E 84 23.63 -11.18 28.55
C GLN E 84 23.63 -11.99 27.27
N TRP E 85 24.38 -11.51 26.29
CA TRP E 85 24.47 -12.18 24.99
C TRP E 85 25.92 -12.48 24.66
N ASP E 86 26.22 -13.75 24.41
CA ASP E 86 27.57 -14.17 24.09
C ASP E 86 27.81 -14.28 22.60
N ILE E 87 28.60 -13.36 22.05
CA ILE E 87 28.91 -13.34 20.62
C ILE E 87 30.40 -13.56 20.45
N GLN E 88 30.82 -13.98 19.26
CA GLN E 88 32.24 -14.16 19.02
C GLN E 88 32.69 -12.93 18.24
N THR E 89 33.92 -12.47 18.48
CA THR E 89 34.40 -11.27 17.79
C THR E 89 34.33 -11.39 16.28
N ASP E 90 34.48 -12.60 15.74
CA ASP E 90 34.43 -12.73 14.30
C ASP E 90 33.01 -12.82 13.72
N TRP E 91 32.00 -12.64 14.57
CA TRP E 91 30.62 -12.65 14.08
C TRP E 91 30.31 -11.22 13.64
N ILE E 92 31.17 -10.28 14.03
CA ILE E 92 30.98 -8.88 13.73
C ILE E 92 31.36 -8.38 12.35
N ILE E 93 30.37 -7.88 11.62
CA ILE E 93 30.58 -7.32 10.30
C ILE E 93 30.10 -5.87 10.32
N ASN E 94 30.94 -4.96 9.86
CA ASN E 94 30.54 -3.56 9.88
C ASN E 94 29.98 -3.04 8.57
N THR E 95 28.98 -2.17 8.68
CA THR E 95 28.35 -1.53 7.54
C THR E 95 28.15 -0.08 7.93
N ALA E 96 27.92 0.79 6.95
CA ALA E 96 27.76 2.21 7.25
C ALA E 96 26.46 2.52 7.99
N GLY E 97 25.53 1.56 8.01
CA GLY E 97 24.27 1.77 8.70
C GLY E 97 23.37 0.55 8.60
N VAL E 98 22.43 0.43 9.53
CA VAL E 98 21.52 -0.71 9.52
C VAL E 98 20.71 -0.82 8.23
N VAL E 99 20.04 0.25 7.82
CA VAL E 99 19.22 0.22 6.60
C VAL E 99 19.98 -0.36 5.42
N PRO E 100 21.21 0.12 5.18
CA PRO E 100 21.99 -0.42 4.06
C PRO E 100 22.18 -1.92 4.24
N ALA E 101 22.49 -2.32 5.47
CA ALA E 101 22.70 -3.72 5.81
C ALA E 101 21.42 -4.52 5.52
N VAL E 102 20.28 -3.96 5.91
CA VAL E 102 19.00 -4.63 5.66
C VAL E 102 18.83 -4.75 4.15
N PHE E 103 18.99 -3.63 3.45
CA PHE E 103 18.88 -3.62 2.00
C PHE E 103 19.81 -4.69 1.44
N ASN E 104 21.01 -4.77 2.02
CA ASN E 104 22.00 -5.73 1.58
C ASN E 104 21.58 -7.15 1.88
N ALA E 105 20.72 -7.31 2.88
CA ALA E 105 20.25 -8.64 3.24
C ALA E 105 19.27 -9.13 2.17
N VAL E 106 18.33 -8.26 1.80
CA VAL E 106 17.33 -8.59 0.80
C VAL E 106 18.01 -8.98 -0.50
N ARG E 107 18.93 -8.13 -0.95
CA ARG E 107 19.67 -8.35 -2.18
C ARG E 107 20.50 -9.63 -2.26
N GLU E 108 21.00 -10.10 -1.11
CA GLU E 108 21.83 -11.30 -1.12
C GLU E 108 21.11 -12.62 -0.92
N PHE E 109 20.22 -12.66 0.06
CA PHE E 109 19.52 -13.90 0.38
C PHE E 109 18.13 -14.09 -0.23
N THR E 110 17.82 -13.32 -1.26
CA THR E 110 16.54 -13.45 -1.94
C THR E 110 16.73 -12.97 -3.37
N LYS E 111 15.76 -13.26 -4.23
CA LYS E 111 15.82 -12.85 -5.62
C LYS E 111 14.47 -12.23 -5.93
N PRO E 112 14.40 -11.43 -7.01
CA PRO E 112 13.15 -10.77 -7.40
C PRO E 112 11.94 -11.72 -7.35
N GLY E 113 10.89 -11.29 -6.65
CA GLY E 113 9.68 -12.10 -6.55
C GLY E 113 9.56 -12.85 -5.24
N ASP E 114 10.66 -12.99 -4.51
CA ASP E 114 10.61 -13.70 -3.24
C ASP E 114 9.82 -12.90 -2.22
N GLY E 115 9.30 -13.59 -1.21
CA GLY E 115 8.54 -12.91 -0.19
C GLY E 115 9.31 -12.65 1.08
N VAL E 116 9.13 -11.47 1.65
CA VAL E 116 9.79 -11.10 2.90
C VAL E 116 8.71 -10.57 3.84
N ILE E 117 8.52 -11.28 4.95
CA ILE E 117 7.50 -10.91 5.93
C ILE E 117 7.92 -9.78 6.87
N ILE E 118 6.96 -8.93 7.23
CA ILE E 118 7.18 -7.82 8.15
C ILE E 118 5.91 -7.57 8.96
N ILE E 119 6.10 -7.36 10.26
CA ILE E 119 4.98 -7.11 11.16
C ILE E 119 4.70 -5.61 11.21
N THR E 120 3.67 -5.22 10.46
CA THR E 120 3.26 -3.83 10.34
C THR E 120 2.22 -3.41 11.38
N PRO E 121 2.10 -2.10 11.64
CA PRO E 121 2.87 -0.99 11.04
C PRO E 121 4.29 -0.99 11.59
N VAL E 122 5.25 -0.58 10.76
CA VAL E 122 6.65 -0.58 11.17
C VAL E 122 7.50 0.43 10.41
N TYR E 123 8.76 0.58 10.85
CA TYR E 123 9.73 1.50 10.24
C TYR E 123 9.71 1.37 8.70
N TYR E 124 9.26 2.42 8.03
CA TYR E 124 9.10 2.44 6.57
C TYR E 124 10.21 1.91 5.66
N PRO E 125 11.48 2.12 6.02
CA PRO E 125 12.50 1.59 5.10
C PRO E 125 12.37 0.09 4.94
N PHE E 126 11.72 -0.57 5.91
CA PHE E 126 11.49 -2.01 5.86
C PHE E 126 10.78 -2.34 4.55
N PHE E 127 9.79 -1.52 4.19
CA PHE E 127 9.05 -1.71 2.95
C PHE E 127 9.96 -1.39 1.77
N MET E 128 10.56 -0.20 1.81
CA MET E 128 11.45 0.25 0.75
C MET E 128 12.49 -0.81 0.42
N ALA E 129 13.10 -1.38 1.47
CA ALA E 129 14.14 -2.39 1.31
C ALA E 129 13.69 -3.57 0.46
N ILE E 130 12.42 -3.94 0.63
CA ILE E 130 11.85 -5.08 -0.08
C ILE E 130 11.34 -4.77 -1.50
N LYS E 131 10.28 -3.97 -1.61
CA LYS E 131 9.73 -3.67 -2.93
C LYS E 131 10.71 -2.95 -3.86
N ASN E 132 11.37 -1.91 -3.36
CA ASN E 132 12.32 -1.16 -4.17
C ASN E 132 13.31 -2.09 -4.88
N GLN E 133 13.37 -3.36 -4.47
CA GLN E 133 14.29 -4.29 -5.09
C GLN E 133 13.62 -5.49 -5.78
N GLU E 134 12.38 -5.30 -6.22
CA GLU E 134 11.64 -6.37 -6.91
C GLU E 134 11.32 -7.57 -6.04
N ARG E 135 11.19 -7.35 -4.73
CA ARG E 135 10.83 -8.42 -3.81
C ARG E 135 9.43 -8.11 -3.32
N LYS E 136 8.72 -9.12 -2.83
CA LYS E 136 7.34 -8.94 -2.35
C LYS E 136 7.20 -8.75 -0.85
N ILE E 137 6.49 -7.68 -0.46
CA ILE E 137 6.24 -7.38 0.94
C ILE E 137 5.12 -8.27 1.46
N ILE E 138 5.38 -8.99 2.56
CA ILE E 138 4.39 -9.86 3.15
C ILE E 138 4.07 -9.31 4.54
N GLU E 139 3.01 -8.52 4.61
CA GLU E 139 2.61 -7.90 5.86
C GLU E 139 1.87 -8.83 6.80
N CYS E 140 2.17 -8.70 8.08
CA CYS E 140 1.55 -9.50 9.13
C CYS E 140 1.10 -8.52 10.21
N GLU E 141 0.13 -7.67 9.84
CA GLU E 141 -0.39 -6.64 10.72
C GLU E 141 -0.51 -7.04 12.18
N LEU E 142 -0.05 -6.15 13.06
CA LEU E 142 -0.10 -6.36 14.50
C LEU E 142 -1.52 -6.32 15.01
N LEU E 143 -1.75 -6.86 16.19
CA LEU E 143 -3.08 -6.83 16.81
C LEU E 143 -3.05 -5.72 17.84
N GLU E 144 -4.01 -4.81 17.74
CA GLU E 144 -4.06 -3.67 18.65
C GLU E 144 -5.31 -3.68 19.53
N LYS E 145 -5.09 -3.79 20.83
CA LYS E 145 -6.16 -3.81 21.81
C LYS E 145 -5.92 -2.71 22.83
N ASP E 146 -6.75 -1.68 22.81
CA ASP E 146 -6.61 -0.57 23.75
C ASP E 146 -5.26 0.13 23.66
N GLY E 147 -4.52 -0.13 22.59
CA GLY E 147 -3.23 0.51 22.43
C GLY E 147 -2.07 -0.42 22.64
N TYR E 148 -2.34 -1.65 23.11
CA TYR E 148 -1.28 -2.64 23.33
C TYR E 148 -1.17 -3.55 22.11
N TYR E 149 -0.06 -3.44 21.40
CA TYR E 149 0.16 -4.24 20.19
C TYR E 149 0.75 -5.63 20.47
N THR E 150 0.12 -6.62 19.86
CA THR E 150 0.55 -8.01 20.01
C THR E 150 0.76 -8.64 18.64
N ILE E 151 1.46 -9.76 18.61
CA ILE E 151 1.73 -10.41 17.35
C ILE E 151 0.66 -11.42 16.96
N ASP E 152 0.31 -11.41 15.68
CA ASP E 152 -0.69 -12.31 15.13
C ASP E 152 0.01 -13.62 14.82
N PHE E 153 0.33 -14.39 15.87
CA PHE E 153 1.01 -15.66 15.70
C PHE E 153 0.28 -16.57 14.72
N GLN E 154 -1.05 -16.45 14.67
CA GLN E 154 -1.86 -17.26 13.76
C GLN E 154 -1.54 -16.92 12.31
N LYS E 155 -1.66 -15.66 11.94
CA LYS E 155 -1.37 -15.23 10.58
C LYS E 155 0.09 -15.49 10.24
N LEU E 156 0.98 -15.22 11.19
CA LEU E 156 2.40 -15.43 11.00
C LEU E 156 2.70 -16.86 10.61
N GLU E 157 2.13 -17.82 11.33
CA GLU E 157 2.35 -19.22 11.01
C GLU E 157 1.82 -19.53 9.61
N LYS E 158 0.71 -18.91 9.26
CA LYS E 158 0.14 -19.11 7.94
C LYS E 158 1.20 -18.68 6.93
N LEU E 159 1.58 -17.40 7.02
CA LEU E 159 2.59 -16.82 6.15
C LEU E 159 3.87 -17.65 6.04
N SER E 160 4.25 -18.30 7.14
CA SER E 160 5.47 -19.10 7.17
C SER E 160 5.39 -20.36 6.33
N LYS E 161 4.16 -20.81 6.04
CA LYS E 161 3.95 -22.02 5.23
C LYS E 161 4.15 -21.75 3.75
N ASP E 162 3.96 -20.50 3.33
CA ASP E 162 4.16 -20.15 1.92
C ASP E 162 5.65 -20.08 1.62
N LYS E 163 6.16 -21.14 1.04
CA LYS E 163 7.57 -21.29 0.69
C LYS E 163 8.18 -20.15 -0.11
N ASN E 164 7.36 -19.33 -0.77
CA ASN E 164 7.90 -18.22 -1.54
C ASN E 164 8.47 -17.16 -0.60
N ASN E 165 8.03 -17.21 0.66
CA ASN E 165 8.51 -16.27 1.66
C ASN E 165 9.85 -16.79 2.16
N LYS E 166 10.90 -16.00 1.93
CA LYS E 166 12.27 -16.37 2.30
C LYS E 166 12.84 -15.90 3.63
N ALA E 167 12.13 -15.02 4.33
CA ALA E 167 12.66 -14.56 5.62
C ALA E 167 11.74 -13.59 6.35
N LEU E 168 11.96 -13.46 7.67
CA LEU E 168 11.19 -12.55 8.50
C LEU E 168 12.06 -11.34 8.85
N LEU E 169 11.53 -10.14 8.58
CA LEU E 169 12.24 -8.90 8.90
C LEU E 169 11.62 -8.36 10.17
N PHE E 170 12.29 -8.63 11.29
CA PHE E 170 11.84 -8.25 12.62
C PHE E 170 12.44 -6.94 13.19
N CYS E 171 11.66 -6.24 14.01
CA CYS E 171 12.09 -5.00 14.62
C CYS E 171 11.93 -5.15 16.13
N SER E 172 13.03 -5.25 16.86
CA SER E 172 12.98 -5.42 18.31
C SER E 172 14.04 -4.66 19.07
N PRO E 173 13.66 -3.62 19.85
CA PRO E 173 12.30 -3.09 20.08
C PRO E 173 11.59 -2.73 18.79
N HIS E 174 10.27 -2.67 18.83
CA HIS E 174 9.45 -2.39 17.64
C HIS E 174 9.05 -0.93 17.41
N ASN E 175 9.63 -0.37 16.34
CA ASN E 175 9.37 1.01 15.92
C ASN E 175 8.15 0.86 15.00
N PRO E 176 7.11 1.70 15.18
CA PRO E 176 6.92 2.78 16.14
C PRO E 176 6.01 2.52 17.34
N VAL E 177 5.61 1.27 17.58
CA VAL E 177 4.71 1.00 18.69
C VAL E 177 5.39 0.99 20.05
N GLY E 178 6.70 0.85 20.06
CA GLY E 178 7.44 0.87 21.31
C GLY E 178 7.41 -0.42 22.12
N ARG E 179 7.09 -1.53 21.47
CA ARG E 179 7.05 -2.81 22.17
C ARG E 179 8.42 -3.46 22.36
N VAL E 180 8.61 -4.06 23.53
CA VAL E 180 9.83 -4.78 23.86
C VAL E 180 9.31 -6.21 24.01
N TRP E 181 9.44 -6.99 22.94
CA TRP E 181 8.97 -8.36 22.93
C TRP E 181 9.42 -9.21 24.13
N LYS E 182 8.45 -9.88 24.76
CA LYS E 182 8.75 -10.73 25.90
C LYS E 182 9.29 -12.07 25.42
N LYS E 183 10.09 -12.70 26.28
CA LYS E 183 10.69 -13.99 25.95
C LYS E 183 9.68 -15.00 25.38
N ASP E 184 8.51 -15.06 25.99
CA ASP E 184 7.49 -15.98 25.51
C ASP E 184 7.09 -15.70 24.07
N GLU E 185 6.97 -14.41 23.73
CA GLU E 185 6.60 -14.04 22.37
C GLU E 185 7.68 -14.44 21.39
N LEU E 186 8.94 -14.27 21.80
CA LEU E 186 10.05 -14.61 20.93
C LEU E 186 10.09 -16.12 20.67
N GLN E 187 9.79 -16.91 21.71
CA GLN E 187 9.77 -18.37 21.59
C GLN E 187 8.74 -18.81 20.57
N LYS E 188 7.53 -18.27 20.68
CA LYS E 188 6.46 -18.63 19.75
C LYS E 188 6.93 -18.35 18.34
N ILE E 189 7.53 -17.18 18.13
CA ILE E 189 8.01 -16.82 16.79
C ILE E 189 9.14 -17.77 16.37
N LYS E 190 10.02 -18.09 17.32
CA LYS E 190 11.13 -18.99 17.02
C LYS E 190 10.65 -20.35 16.56
N ASP E 191 9.62 -20.86 17.23
CA ASP E 191 9.07 -22.16 16.87
C ASP E 191 8.48 -22.14 15.46
N ILE E 192 8.04 -20.97 15.01
CA ILE E 192 7.48 -20.84 13.68
C ILE E 192 8.60 -20.74 12.65
N VAL E 193 9.58 -19.88 12.93
CA VAL E 193 10.72 -19.66 12.06
C VAL E 193 11.51 -20.94 11.81
N LEU E 194 11.78 -21.66 12.88
CA LEU E 194 12.55 -22.90 12.75
C LEU E 194 11.81 -23.96 11.93
N LYS E 195 10.50 -24.08 12.16
CA LYS E 195 9.72 -25.05 11.44
C LYS E 195 9.74 -24.75 9.93
N SER E 196 9.85 -23.48 9.57
CA SER E 196 9.88 -23.09 8.17
C SER E 196 11.32 -22.85 7.70
N ASP E 197 11.48 -22.45 6.44
CA ASP E 197 12.79 -22.16 5.87
C ASP E 197 13.12 -20.69 6.00
N LEU E 198 12.28 -19.96 6.71
CA LEU E 198 12.49 -18.53 6.89
C LEU E 198 13.82 -18.17 7.55
N MET E 199 14.43 -17.10 7.04
CA MET E 199 15.68 -16.59 7.59
C MET E 199 15.20 -15.50 8.53
N LEU E 200 15.88 -15.34 9.65
CA LEU E 200 15.49 -14.29 10.59
C LEU E 200 16.45 -13.12 10.50
N TRP E 201 15.90 -11.94 10.27
CA TRP E 201 16.70 -10.71 10.22
C TRP E 201 16.12 -9.85 11.34
N SER E 202 16.82 -9.78 12.47
CA SER E 202 16.32 -9.01 13.59
C SER E 202 17.00 -7.66 13.75
N ASP E 203 16.25 -6.61 13.47
CA ASP E 203 16.74 -5.25 13.56
C ASP E 203 16.52 -4.82 15.00
N GLU E 204 17.61 -4.77 15.76
CA GLU E 204 17.51 -4.41 17.16
C GLU E 204 18.30 -3.16 17.51
N ILE E 205 18.36 -2.24 16.55
CA ILE E 205 19.11 -1.01 16.74
C ILE E 205 18.71 -0.27 18.02
N HIS E 206 17.44 -0.39 18.42
CA HIS E 206 16.97 0.27 19.63
C HIS E 206 17.10 -0.54 20.91
N PHE E 207 17.85 -1.64 20.91
CA PHE E 207 17.90 -2.45 22.11
C PHE E 207 18.56 -1.90 23.38
N ASP E 208 19.12 -0.70 23.32
CA ASP E 208 19.73 -0.14 24.53
C ASP E 208 18.77 0.83 25.19
N LEU E 209 17.84 1.37 24.41
CA LEU E 209 16.87 2.33 24.90
C LEU E 209 15.64 1.62 25.49
N ILE E 210 15.78 1.08 26.70
CA ILE E 210 14.68 0.37 27.35
C ILE E 210 14.19 1.17 28.55
N MET E 211 12.88 1.37 28.64
CA MET E 211 12.33 2.13 29.75
C MET E 211 12.42 1.35 31.07
N PRO E 212 12.66 2.06 32.19
CA PRO E 212 12.76 1.40 33.50
C PRO E 212 11.61 0.42 33.72
N GLY E 213 11.94 -0.76 34.22
CA GLY E 213 10.92 -1.77 34.46
C GLY E 213 10.80 -2.82 33.39
N TYR E 214 11.47 -2.62 32.25
CA TYR E 214 11.41 -3.60 31.17
C TYR E 214 12.78 -4.12 30.77
N GLU E 215 12.81 -5.36 30.29
CA GLU E 215 14.05 -5.98 29.88
C GLU E 215 13.98 -6.48 28.45
N HIS E 216 15.00 -6.18 27.67
CA HIS E 216 15.06 -6.60 26.29
C HIS E 216 15.77 -7.95 26.15
N THR E 217 15.36 -8.74 25.18
CA THR E 217 16.00 -10.04 24.96
C THR E 217 16.48 -10.17 23.53
N VAL E 218 17.78 -10.28 23.36
CA VAL E 218 18.33 -10.44 22.01
C VAL E 218 17.72 -11.71 21.46
N PHE E 219 16.95 -11.55 20.38
CA PHE E 219 16.26 -12.66 19.74
C PHE E 219 17.07 -13.92 19.47
N GLN E 220 18.25 -13.80 18.86
CA GLN E 220 19.03 -14.99 18.54
C GLN E 220 19.72 -15.65 19.73
N SER E 221 19.70 -15.00 20.89
CA SER E 221 20.35 -15.57 22.05
C SER E 221 19.52 -16.68 22.70
N ILE E 222 18.23 -16.75 22.37
CA ILE E 222 17.34 -17.74 22.96
C ILE E 222 17.48 -19.19 22.47
N ASP E 223 18.11 -19.39 21.32
CA ASP E 223 18.25 -20.73 20.76
C ASP E 223 19.41 -20.83 19.76
N GLU E 224 20.21 -21.89 19.89
CA GLU E 224 21.37 -22.15 19.04
C GLU E 224 21.04 -22.30 17.56
N GLN E 225 20.08 -23.17 17.25
CA GLN E 225 19.68 -23.41 15.88
C GLN E 225 19.18 -22.12 15.25
N LEU E 226 18.31 -21.41 15.98
CA LEU E 226 17.78 -20.15 15.49
C LEU E 226 18.92 -19.20 15.11
N ALA E 227 19.97 -19.20 15.92
CA ALA E 227 21.12 -18.34 15.69
C ALA E 227 21.86 -18.72 14.41
N ASP E 228 21.80 -19.99 14.05
CA ASP E 228 22.47 -20.49 12.85
C ASP E 228 21.97 -19.80 11.57
N LYS E 229 20.73 -19.30 11.59
CA LYS E 229 20.21 -18.62 10.41
C LYS E 229 19.65 -17.24 10.74
N THR E 230 20.39 -16.48 11.55
CA THR E 230 19.96 -15.15 11.93
C THR E 230 21.01 -14.05 11.69
N ILE E 231 20.55 -12.93 11.16
CA ILE E 231 21.39 -11.76 10.95
C ILE E 231 20.79 -10.70 11.89
N THR E 232 21.51 -10.36 12.96
CA THR E 232 21.04 -9.37 13.92
C THR E 232 21.72 -8.03 13.67
N PHE E 233 20.92 -6.99 13.42
CA PHE E 233 21.49 -5.66 13.16
C PHE E 233 21.50 -4.83 14.42
N THR E 234 22.67 -4.35 14.81
CA THR E 234 22.80 -3.51 16.00
C THR E 234 23.73 -2.35 15.67
N ALA E 235 23.70 -1.33 16.51
CA ALA E 235 24.55 -0.17 16.32
C ALA E 235 24.43 0.75 17.53
N PRO E 236 25.44 1.58 17.74
CA PRO E 236 25.36 2.48 18.90
C PRO E 236 24.76 3.82 18.49
N SER E 237 24.37 3.92 17.22
CA SER E 237 23.82 5.17 16.69
C SER E 237 22.61 5.70 17.47
N LYS E 238 21.59 4.88 17.68
CA LYS E 238 20.41 5.36 18.41
C LYS E 238 20.67 5.55 19.90
N THR E 239 21.36 4.60 20.50
CA THR E 239 21.69 4.69 21.90
C THR E 239 22.36 6.01 22.28
N PHE E 240 23.32 6.45 21.46
CA PHE E 240 24.06 7.66 21.79
C PHE E 240 23.93 8.88 20.86
N ASN E 241 22.95 8.85 19.97
CA ASN E 241 22.72 9.98 19.07
C ASN E 241 23.91 10.21 18.16
N ILE E 242 24.47 9.14 17.61
CA ILE E 242 25.60 9.28 16.71
C ILE E 242 25.34 8.70 15.32
N ALA E 243 24.08 8.72 14.90
CA ALA E 243 23.73 8.21 13.58
C ALA E 243 24.52 8.95 12.49
N GLY E 244 25.23 10.00 12.88
CA GLY E 244 26.03 10.75 11.94
C GLY E 244 27.45 10.24 11.92
N MET E 245 27.72 9.19 12.69
CA MET E 245 29.05 8.60 12.78
C MET E 245 29.15 7.36 11.90
N GLY E 246 27.99 6.96 11.37
CA GLY E 246 27.91 5.81 10.48
C GLY E 246 28.68 4.53 10.80
N MET E 247 28.43 3.93 11.96
CA MET E 247 29.11 2.69 12.30
C MET E 247 28.15 1.64 12.84
N SER E 248 27.99 0.55 12.11
CA SER E 248 27.07 -0.51 12.52
C SER E 248 27.78 -1.83 12.79
N ASN E 249 27.27 -2.55 13.77
CA ASN E 249 27.83 -3.86 14.10
C ASN E 249 26.78 -4.92 13.76
N ILE E 250 26.90 -5.51 12.59
CA ILE E 250 25.97 -6.55 12.17
C ILE E 250 26.53 -7.87 12.68
N ILE E 251 25.76 -8.53 13.54
CA ILE E 251 26.17 -9.79 14.14
C ILE E 251 25.64 -11.00 13.36
N ILE E 252 26.57 -11.81 12.86
CA ILE E 252 26.21 -13.00 12.10
C ILE E 252 27.07 -14.20 12.46
N LYS E 253 26.47 -15.12 13.21
CA LYS E 253 27.13 -16.35 13.67
C LYS E 253 27.52 -17.29 12.53
N ASN E 254 26.55 -17.69 11.72
CA ASN E 254 26.77 -18.61 10.61
C ASN E 254 27.83 -18.11 9.63
N PRO E 255 28.91 -18.88 9.45
CA PRO E 255 30.03 -18.57 8.55
C PRO E 255 29.60 -18.36 7.11
N ASP E 256 28.74 -19.24 6.61
CA ASP E 256 28.29 -19.13 5.23
C ASP E 256 27.49 -17.87 4.99
N ILE E 257 26.61 -17.53 5.93
CA ILE E 257 25.79 -16.32 5.82
C ILE E 257 26.67 -15.08 6.02
N ARG E 258 27.63 -15.18 6.94
CA ARG E 258 28.51 -14.05 7.19
C ARG E 258 29.37 -13.75 5.97
N GLU E 259 29.93 -14.80 5.36
CA GLU E 259 30.77 -14.63 4.17
C GLU E 259 29.99 -14.02 3.00
N ARG E 260 28.80 -14.55 2.73
CA ARG E 260 27.99 -14.04 1.63
C ARG E 260 27.52 -12.61 1.86
N PHE E 261 27.24 -12.26 3.12
CA PHE E 261 26.81 -10.91 3.43
C PHE E 261 27.95 -9.95 3.17
N THR E 262 29.14 -10.36 3.58
CA THR E 262 30.33 -9.56 3.41
C THR E 262 30.67 -9.35 1.94
N LYS E 263 30.69 -10.43 1.16
CA LYS E 263 31.02 -10.33 -0.26
C LYS E 263 30.06 -9.37 -0.95
N SER E 264 28.78 -9.48 -0.61
CA SER E 264 27.73 -8.64 -1.16
C SER E 264 27.93 -7.17 -0.78
N ARG E 265 28.20 -6.94 0.50
CA ARG E 265 28.43 -5.59 1.01
C ARG E 265 29.56 -4.93 0.21
N ASP E 266 30.65 -5.66 0.04
CA ASP E 266 31.81 -5.15 -0.66
C ASP E 266 31.52 -4.79 -2.12
N ALA E 267 30.61 -5.52 -2.76
CA ALA E 267 30.28 -5.23 -4.16
C ALA E 267 29.24 -4.10 -4.24
N THR E 268 28.64 -3.74 -3.11
CA THR E 268 27.65 -2.68 -3.08
C THR E 268 28.19 -1.36 -2.51
N SER E 269 28.38 -1.31 -1.20
CA SER E 269 28.88 -0.09 -0.57
C SER E 269 30.34 -0.18 -0.18
N GLY E 270 30.87 -1.39 -0.13
CA GLY E 270 32.25 -1.59 0.26
C GLY E 270 32.43 -1.60 1.77
N MET E 271 33.66 -1.82 2.21
CA MET E 271 34.00 -1.86 3.63
C MET E 271 34.17 -0.45 4.19
N PRO E 272 33.66 -0.19 5.41
CA PRO E 272 33.77 1.13 6.03
C PRO E 272 35.22 1.46 6.43
N PHE E 273 35.68 2.66 6.06
CA PHE E 273 37.04 3.09 6.39
C PHE E 273 36.99 4.23 7.39
N THR E 274 35.77 4.70 7.67
CA THR E 274 35.52 5.79 8.59
C THR E 274 36.15 5.54 9.97
N THR E 275 37.30 6.18 10.19
CA THR E 275 38.04 6.04 11.43
C THR E 275 37.33 6.52 12.70
N LEU E 276 36.66 7.67 12.64
CA LEU E 276 35.96 8.18 13.82
C LEU E 276 34.77 7.30 14.21
N GLY E 277 34.12 6.70 13.22
CA GLY E 277 32.98 5.84 13.51
C GLY E 277 33.39 4.70 14.43
N TYR E 278 34.53 4.09 14.11
CA TYR E 278 35.04 2.98 14.90
C TYR E 278 35.34 3.42 16.34
N LYS E 279 35.92 4.61 16.48
CA LYS E 279 36.29 5.14 17.79
C LYS E 279 35.10 5.55 18.64
N ALA E 280 34.14 6.25 18.04
CA ALA E 280 32.96 6.71 18.78
C ALA E 280 32.24 5.53 19.43
N CYS E 281 32.09 4.43 18.70
CA CYS E 281 31.42 3.26 19.25
C CYS E 281 32.18 2.73 20.44
N GLU E 282 33.50 2.61 20.27
CA GLU E 282 34.32 2.10 21.35
C GLU E 282 34.27 3.03 22.55
N ILE E 283 34.34 4.33 22.29
CA ILE E 283 34.31 5.31 23.37
C ILE E 283 32.98 5.25 24.12
N CYS E 284 31.89 5.12 23.37
CA CYS E 284 30.56 5.07 23.95
C CYS E 284 30.38 3.89 24.88
N TYR E 285 30.63 2.70 24.36
CA TYR E 285 30.48 1.47 25.14
C TYR E 285 31.33 1.48 26.42
N LYS E 286 32.53 2.04 26.32
CA LYS E 286 33.43 2.11 27.47
C LYS E 286 33.21 3.24 28.48
N GLU E 287 32.85 4.43 28.00
CA GLU E 287 32.72 5.56 28.90
C GLU E 287 31.36 6.24 29.05
N CYS E 288 30.40 5.89 28.20
CA CYS E 288 29.12 6.56 28.23
C CYS E 288 27.89 5.90 28.85
N GLY E 289 28.11 4.87 29.66
CA GLY E 289 26.99 4.18 30.28
C GLY E 289 26.17 5.04 31.24
N LYS E 290 26.83 5.78 32.11
CA LYS E 290 26.13 6.63 33.07
C LYS E 290 25.25 7.58 32.29
N TRP E 291 25.86 8.24 31.30
CA TRP E 291 25.14 9.19 30.46
C TRP E 291 23.86 8.54 29.96
N LEU E 292 24.00 7.37 29.35
CA LEU E 292 22.86 6.64 28.82
C LEU E 292 21.78 6.44 29.87
N ASP E 293 22.18 6.07 31.08
CA ASP E 293 21.18 5.87 32.13
C ASP E 293 20.45 7.19 32.39
N GLY E 294 21.19 8.28 32.46
CA GLY E 294 20.56 9.57 32.69
C GLY E 294 19.69 10.00 31.53
N CYS E 295 20.09 9.66 30.32
CA CYS E 295 19.31 10.02 29.15
C CYS E 295 17.97 9.28 29.17
N ILE E 296 18.01 8.02 29.62
CA ILE E 296 16.82 7.21 29.70
C ILE E 296 15.82 7.73 30.72
N LYS E 297 16.32 8.29 31.83
CA LYS E 297 15.43 8.86 32.84
C LYS E 297 14.56 9.93 32.23
N VAL E 298 15.21 10.90 31.59
CA VAL E 298 14.51 12.01 30.96
C VAL E 298 13.47 11.54 29.94
N ILE E 299 13.84 10.55 29.13
CA ILE E 299 12.93 10.01 28.12
C ILE E 299 11.69 9.44 28.79
N ASP E 300 11.90 8.66 29.84
CA ASP E 300 10.83 8.03 30.58
C ASP E 300 9.95 9.10 31.21
N LYS E 301 10.60 10.16 31.71
CA LYS E 301 9.86 11.25 32.34
C LYS E 301 9.01 11.95 31.29
N ASN E 302 9.56 12.14 30.09
CA ASN E 302 8.82 12.81 29.03
C ASN E 302 7.59 12.04 28.55
N GLN E 303 7.73 10.72 28.42
CA GLN E 303 6.61 9.91 27.96
C GLN E 303 5.45 10.00 28.93
N ARG E 304 5.74 10.16 30.21
CA ARG E 304 4.68 10.29 31.21
C ARG E 304 4.06 11.67 31.09
N ILE E 305 4.90 12.68 30.91
CA ILE E 305 4.43 14.04 30.74
C ILE E 305 3.38 14.08 29.64
N VAL E 306 3.71 13.49 28.49
CA VAL E 306 2.83 13.43 27.34
C VAL E 306 1.53 12.71 27.69
N LYS E 307 1.65 11.46 28.11
CA LYS E 307 0.50 10.64 28.49
C LYS E 307 -0.44 11.43 29.39
N ASP E 308 0.12 12.04 30.43
CA ASP E 308 -0.64 12.83 31.39
C ASP E 308 -1.26 14.08 30.76
N PHE E 309 -0.54 14.68 29.83
CA PHE E 309 -1.02 15.88 29.17
C PHE E 309 -2.38 15.61 28.57
N PHE E 310 -2.45 14.58 27.73
CA PHE E 310 -3.69 14.20 27.08
C PHE E 310 -4.81 13.80 28.04
N GLU E 311 -4.48 13.07 29.09
CA GLU E 311 -5.50 12.64 30.05
C GLU E 311 -6.10 13.85 30.75
N VAL E 312 -5.29 14.87 30.96
CA VAL E 312 -5.74 16.09 31.63
C VAL E 312 -6.40 17.12 30.71
N ASN E 313 -6.03 17.13 29.44
CA ASN E 313 -6.57 18.10 28.50
C ASN E 313 -7.45 17.57 27.38
N HIS E 314 -6.98 16.57 26.66
CA HIS E 314 -7.76 16.02 25.55
C HIS E 314 -7.85 14.51 25.62
N PRO E 315 -8.51 14.00 26.67
CA PRO E 315 -8.71 12.58 26.94
C PRO E 315 -9.06 11.68 25.74
N GLU E 316 -9.75 12.22 24.75
CA GLU E 316 -10.11 11.40 23.60
C GLU E 316 -8.87 10.88 22.87
N ILE E 317 -7.77 11.61 22.97
CA ILE E 317 -6.51 11.23 22.34
C ILE E 317 -5.71 10.41 23.36
N LYS E 318 -5.18 9.28 22.94
CA LYS E 318 -4.44 8.41 23.85
C LYS E 318 -2.95 8.20 23.55
N ALA E 319 -2.14 8.41 24.59
CA ALA E 319 -0.69 8.24 24.50
C ALA E 319 -0.19 7.38 25.64
N PRO E 320 -0.31 6.06 25.50
CA PRO E 320 0.14 5.12 26.54
C PRO E 320 1.67 5.06 26.63
N LEU E 321 2.16 4.71 27.82
CA LEU E 321 3.60 4.59 28.04
C LEU E 321 4.16 3.49 27.14
N ILE E 322 5.45 3.59 26.84
CA ILE E 322 6.10 2.60 26.00
C ILE E 322 7.07 1.77 26.81
N GLU E 323 7.62 0.74 26.17
CA GLU E 323 8.56 -0.16 26.84
C GLU E 323 9.95 -0.04 26.23
N GLY E 324 10.00 0.44 24.99
CA GLY E 324 11.28 0.58 24.31
C GLY E 324 11.37 1.78 23.39
N THR E 325 12.62 2.16 23.11
CA THR E 325 12.94 3.31 22.25
C THR E 325 12.44 4.59 22.92
N TYR E 326 12.62 5.71 22.23
CA TYR E 326 12.17 6.99 22.76
C TYR E 326 11.16 7.59 21.81
N LEU E 327 10.40 6.70 21.18
CA LEU E 327 9.38 7.08 20.21
C LEU E 327 7.99 6.66 20.72
N GLN E 328 7.23 7.62 21.22
CA GLN E 328 5.89 7.37 21.75
C GLN E 328 4.85 7.36 20.63
N TRP E 329 3.94 6.39 20.69
CA TRP E 329 2.88 6.21 19.69
C TRP E 329 1.56 6.77 20.25
N ILE E 330 1.12 7.90 19.70
CA ILE E 330 -0.10 8.54 20.16
C ILE E 330 -1.30 8.33 19.22
N ASP E 331 -2.43 7.97 19.81
CA ASP E 331 -3.66 7.73 19.05
C ASP E 331 -4.50 9.01 18.92
N PHE E 332 -4.66 9.47 17.68
CA PHE E 332 -5.44 10.68 17.40
C PHE E 332 -6.69 10.36 16.61
N ARG E 333 -7.02 9.08 16.48
CA ARG E 333 -8.19 8.70 15.72
C ARG E 333 -9.47 9.40 16.20
N ALA E 334 -9.61 9.58 17.50
CA ALA E 334 -10.80 10.24 18.04
C ALA E 334 -11.00 11.60 17.36
N LEU E 335 -9.93 12.15 16.78
CA LEU E 335 -10.00 13.45 16.12
C LEU E 335 -10.80 13.43 14.82
N LYS E 336 -11.05 12.23 14.30
CA LYS E 336 -11.81 12.05 13.07
C LYS E 336 -11.22 12.70 11.81
N MET E 337 -9.99 13.19 11.92
CA MET E 337 -9.32 13.81 10.77
C MET E 337 -8.50 12.78 10.00
N ASP E 338 -8.77 12.64 8.71
CA ASP E 338 -8.03 11.70 7.88
C ASP E 338 -6.56 12.11 7.97
N HIS E 339 -5.65 11.15 7.81
CA HIS E 339 -4.23 11.44 7.95
C HIS E 339 -3.63 12.62 7.19
N LYS E 340 -4.02 12.83 5.94
CA LYS E 340 -3.46 13.95 5.18
C LYS E 340 -3.89 15.29 5.76
N ALA E 341 -5.14 15.37 6.22
CA ALA E 341 -5.65 16.61 6.79
C ALA E 341 -5.06 16.84 8.18
N MET E 342 -4.90 15.76 8.93
CA MET E 342 -4.35 15.84 10.29
C MET E 342 -2.90 16.31 10.21
N GLU E 343 -2.14 15.70 9.31
CA GLU E 343 -0.74 16.06 9.11
C GLU E 343 -0.66 17.56 8.79
N GLU E 344 -1.63 18.03 8.02
CA GLU E 344 -1.72 19.45 7.63
C GLU E 344 -1.93 20.27 8.89
N PHE E 345 -2.94 19.89 9.66
CA PHE E 345 -3.30 20.54 10.91
C PHE E 345 -2.08 20.67 11.82
N MET E 346 -1.44 19.54 12.11
CA MET E 346 -0.26 19.51 12.99
C MET E 346 0.86 20.42 12.49
N ILE E 347 1.24 20.26 11.22
CA ILE E 347 2.31 21.05 10.64
C ILE E 347 2.05 22.56 10.66
N HIS E 348 0.88 23.00 10.20
CA HIS E 348 0.59 24.43 10.15
C HIS E 348 -0.16 25.07 11.31
N LYS E 349 -1.11 24.35 11.90
CA LYS E 349 -1.87 24.90 13.01
C LYS E 349 -1.11 24.73 14.32
N ALA E 350 -0.81 23.48 14.66
CA ALA E 350 -0.11 23.14 15.89
C ALA E 350 1.40 23.34 15.83
N GLN E 351 1.94 23.52 14.63
CA GLN E 351 3.38 23.69 14.44
C GLN E 351 4.17 22.69 15.28
N ILE E 352 3.65 21.47 15.33
CA ILE E 352 4.27 20.38 16.06
C ILE E 352 4.57 19.33 15.01
N PHE E 353 5.84 18.97 14.87
CA PHE E 353 6.22 18.00 13.85
C PHE E 353 6.50 16.61 14.38
N PHE E 354 5.59 15.68 14.10
CA PHE E 354 5.70 14.28 14.51
C PHE E 354 6.18 13.51 13.29
N ASP E 355 6.09 12.19 13.39
CA ASP E 355 6.39 11.28 12.30
C ASP E 355 4.97 10.75 12.07
N GLU E 356 4.29 11.31 11.07
CA GLU E 356 2.91 10.93 10.78
C GLU E 356 2.75 9.42 10.72
N GLY E 357 1.80 8.91 11.51
CA GLY E 357 1.57 7.48 11.57
C GLY E 357 1.42 6.74 10.26
N TYR E 358 0.65 7.27 9.33
CA TYR E 358 0.43 6.58 8.06
C TYR E 358 1.70 6.13 7.36
N ILE E 359 2.81 6.84 7.58
CA ILE E 359 4.06 6.48 6.90
C ILE E 359 4.62 5.13 7.33
N PHE E 360 4.10 4.55 8.42
CA PHE E 360 4.58 3.25 8.86
C PHE E 360 3.64 2.15 8.39
N GLY E 361 2.62 2.54 7.64
CA GLY E 361 1.66 1.59 7.13
C GLY E 361 0.25 2.04 7.46
N ASP E 362 -0.74 1.46 6.78
CA ASP E 362 -2.14 1.79 6.99
C ASP E 362 -2.53 1.66 8.47
N GLY E 363 -2.01 0.62 9.12
CA GLY E 363 -2.30 0.44 10.53
C GLY E 363 -1.81 1.60 11.38
N GLY E 364 -1.14 2.55 10.73
CA GLY E 364 -0.62 3.72 11.43
C GLY E 364 -1.48 4.96 11.24
N ILE E 365 -2.37 4.91 10.26
CA ILE E 365 -3.28 6.01 9.96
C ILE E 365 -4.09 6.38 11.21
N GLY E 366 -4.06 7.66 11.58
CA GLY E 366 -4.77 8.13 12.76
C GLY E 366 -3.86 8.33 13.97
N PHE E 367 -2.62 7.85 13.89
CA PHE E 367 -1.65 7.98 14.97
C PHE E 367 -0.56 9.02 14.68
N GLU E 368 0.28 9.26 15.69
CA GLU E 368 1.38 10.21 15.59
C GLU E 368 2.53 9.71 16.46
N ARG E 369 3.75 9.72 15.93
CA ARG E 369 4.91 9.27 16.69
C ARG E 369 5.72 10.48 17.14
N ILE E 370 5.82 10.67 18.45
CA ILE E 370 6.55 11.80 19.01
C ILE E 370 7.93 11.40 19.52
N ASN E 371 8.94 12.21 19.21
CA ASN E 371 10.31 11.94 19.63
C ASN E 371 10.54 12.46 21.04
N LEU E 372 10.60 11.55 22.00
CA LEU E 372 10.80 11.90 23.40
C LEU E 372 12.21 12.37 23.80
N ALA E 373 13.22 12.13 22.98
CA ALA E 373 14.58 12.55 23.33
C ALA E 373 14.80 14.05 23.11
N ALA E 374 14.34 14.83 24.07
CA ALA E 374 14.46 16.28 24.05
C ALA E 374 14.24 16.71 25.49
N PRO E 375 14.64 17.94 25.85
CA PRO E 375 14.41 18.36 27.23
C PRO E 375 12.92 18.41 27.54
N SER E 376 12.54 18.07 28.76
CA SER E 376 11.15 18.09 29.18
C SER E 376 10.56 19.47 28.93
N SER E 377 11.39 20.50 29.08
CA SER E 377 10.95 21.87 28.86
C SER E 377 10.45 22.05 27.43
N VAL E 378 11.12 21.40 26.47
CA VAL E 378 10.73 21.49 25.07
C VAL E 378 9.50 20.65 24.75
N ILE E 379 9.34 19.55 25.48
CA ILE E 379 8.18 18.69 25.28
C ILE E 379 6.94 19.49 25.70
N GLN E 380 7.01 20.05 26.90
CA GLN E 380 5.93 20.86 27.44
C GLN E 380 5.55 21.95 26.45
N GLU E 381 6.54 22.71 26.00
CA GLU E 381 6.30 23.78 25.04
C GLU E 381 5.49 23.27 23.86
N SER E 382 5.94 22.15 23.30
CA SER E 382 5.28 21.55 22.14
C SER E 382 3.84 21.15 22.42
N LEU E 383 3.62 20.47 23.54
CA LEU E 383 2.28 20.02 23.91
C LEU E 383 1.36 21.21 24.17
N GLU E 384 1.90 22.28 24.74
CA GLU E 384 1.09 23.46 25.02
C GLU E 384 0.67 24.12 23.71
N ARG E 385 1.59 24.13 22.75
CA ARG E 385 1.32 24.71 21.44
C ARG E 385 0.23 23.89 20.76
N LEU E 386 0.27 22.57 20.99
CA LEU E 386 -0.72 21.65 20.42
C LEU E 386 -2.03 21.87 21.14
N ASN E 387 -1.93 22.06 22.45
CA ASN E 387 -3.09 22.28 23.27
C ASN E 387 -3.97 23.38 22.69
N LYS E 388 -3.36 24.54 22.46
CA LYS E 388 -4.08 25.68 21.91
C LYS E 388 -4.73 25.35 20.57
N ALA E 389 -3.94 24.87 19.62
CA ALA E 389 -4.46 24.53 18.31
C ALA E 389 -5.65 23.57 18.40
N LEU E 390 -5.61 22.67 19.38
CA LEU E 390 -6.68 21.70 19.57
C LEU E 390 -7.91 22.36 20.19
N LYS E 391 -7.70 23.37 21.01
CA LYS E 391 -8.80 24.08 21.66
C LYS E 391 -9.52 24.87 20.57
N ASP E 392 -8.75 25.56 19.74
CA ASP E 392 -9.30 26.34 18.64
C ASP E 392 -9.95 25.41 17.64
N LEU E 393 -9.36 24.23 17.43
CA LEU E 393 -9.93 23.27 16.49
C LEU E 393 -11.26 22.85 17.09
N LYS E 394 -11.51 23.31 18.31
CA LYS E 394 -12.74 23.03 19.04
C LYS E 394 -12.98 21.54 19.21
N MET F 1 49.90 28.36 10.20
CA MET F 1 50.47 27.52 11.30
C MET F 1 51.77 26.83 10.87
N ILE F 2 52.42 26.15 11.80
CA ILE F 2 53.67 25.44 11.51
C ILE F 2 53.26 24.04 11.03
N TYR F 3 53.84 23.60 9.93
CA TYR F 3 53.49 22.29 9.41
C TYR F 3 54.59 21.27 9.69
N ASP F 4 54.17 20.11 10.15
CA ASP F 4 55.08 19.03 10.50
C ASP F 4 55.12 17.94 9.44
N PHE F 5 56.24 17.86 8.72
CA PHE F 5 56.42 16.83 7.69
C PHE F 5 57.69 16.04 8.01
N THR F 6 58.16 16.15 9.24
CA THR F 6 59.37 15.48 9.65
C THR F 6 59.22 14.43 10.74
N THR F 7 58.26 14.60 11.64
CA THR F 7 58.08 13.65 12.73
C THR F 7 57.80 12.24 12.24
N LYS F 8 58.70 11.33 12.57
CA LYS F 8 58.54 9.93 12.19
C LYS F 8 57.40 9.37 13.04
N ILE F 9 56.31 8.94 12.40
CA ILE F 9 55.19 8.40 13.17
C ILE F 9 55.08 6.87 13.17
N SER F 10 54.23 6.36 14.07
CA SER F 10 53.98 4.94 14.23
C SER F 10 52.47 4.68 14.29
N ARG F 11 51.95 3.89 13.34
CA ARG F 11 50.52 3.60 13.36
C ARG F 11 50.28 2.12 13.68
N LYS F 12 51.15 1.58 14.51
CA LYS F 12 51.04 0.18 14.92
C LYS F 12 49.82 -0.02 15.84
N ASN F 13 49.11 -1.13 15.66
CA ASN F 13 47.93 -1.44 16.48
C ASN F 13 46.92 -0.30 16.60
N LEU F 14 46.73 0.47 15.54
CA LEU F 14 45.79 1.58 15.56
C LEU F 14 44.65 1.48 14.53
N GLY F 15 44.46 0.29 13.95
CA GLY F 15 43.40 0.11 12.98
C GLY F 15 43.73 0.55 11.56
N SER F 16 45.02 0.76 11.31
CA SER F 16 45.48 1.19 10.00
C SER F 16 45.64 0.00 9.07
N LEU F 17 44.87 -0.04 7.99
CA LEU F 17 44.96 -1.15 7.06
C LEU F 17 46.38 -1.37 6.54
N LYS F 18 47.10 -0.28 6.26
CA LYS F 18 48.44 -0.38 5.73
C LYS F 18 49.41 -1.04 6.72
N TRP F 19 49.44 -0.54 7.95
CA TRP F 19 50.34 -1.09 8.94
C TRP F 19 49.98 -2.52 9.33
N ASP F 20 48.69 -2.82 9.38
CA ASP F 20 48.28 -4.18 9.73
C ASP F 20 48.64 -5.17 8.63
N LEU F 21 48.59 -4.71 7.38
CA LEU F 21 48.92 -5.57 6.24
C LEU F 21 50.40 -5.92 6.28
N MET F 22 51.22 -4.94 6.67
CA MET F 22 52.66 -5.14 6.75
C MET F 22 52.98 -6.25 7.74
N TYR F 23 52.42 -6.15 8.94
CA TYR F 23 52.62 -7.15 10.00
C TYR F 23 52.05 -8.50 9.59
N SER F 24 50.90 -8.47 8.94
CA SER F 24 50.26 -9.69 8.50
C SER F 24 51.22 -10.40 7.55
N GLN F 25 51.97 -9.62 6.78
CA GLN F 25 52.90 -10.19 5.82
C GLN F 25 54.22 -10.64 6.42
N ASN F 26 54.75 -9.86 7.35
CA ASN F 26 56.02 -10.19 7.99
C ASN F 26 55.95 -9.93 9.50
N PRO F 27 55.40 -10.90 10.26
CA PRO F 27 55.30 -10.74 11.71
C PRO F 27 56.62 -10.35 12.36
N GLU F 28 57.72 -10.70 11.72
CA GLU F 28 59.04 -10.39 12.25
C GLU F 28 59.58 -9.04 11.78
N VAL F 29 58.75 -8.26 11.11
CA VAL F 29 59.21 -6.96 10.63
C VAL F 29 59.79 -6.12 11.76
N GLY F 30 60.84 -5.37 11.46
CA GLY F 30 61.46 -4.52 12.46
C GLY F 30 60.52 -3.40 12.91
N ASN F 31 60.66 -2.98 14.16
CA ASN F 31 59.85 -1.93 14.76
C ASN F 31 60.16 -0.56 14.19
N GLU F 32 61.33 -0.43 13.55
CA GLU F 32 61.75 0.84 12.97
C GLU F 32 61.22 1.02 11.55
N VAL F 33 60.73 -0.08 10.98
CA VAL F 33 60.19 -0.08 9.62
C VAL F 33 58.84 0.61 9.46
N VAL F 34 58.76 1.42 8.40
CA VAL F 34 57.54 2.15 8.04
C VAL F 34 57.10 1.67 6.65
N PRO F 35 55.92 1.06 6.56
CA PRO F 35 55.46 0.60 5.25
C PRO F 35 55.27 1.75 4.24
N LEU F 36 55.48 1.47 2.96
CA LEU F 36 55.33 2.47 1.90
C LEU F 36 54.41 1.95 0.81
N SER F 37 53.34 1.28 1.22
CA SER F 37 52.39 0.67 0.28
C SER F 37 51.12 1.48 -0.02
N VAL F 38 50.03 1.13 0.68
CA VAL F 38 48.72 1.75 0.52
C VAL F 38 48.81 3.28 0.39
N ALA F 39 47.87 3.86 -0.35
CA ALA F 39 47.88 5.30 -0.57
C ALA F 39 47.21 6.20 0.47
N ASP F 40 47.88 6.37 1.60
CA ASP F 40 47.44 7.33 2.60
C ASP F 40 48.78 7.86 3.15
N MET F 41 48.76 9.05 3.72
CA MET F 41 50.00 9.66 4.20
C MET F 41 50.49 9.31 5.59
N GLU F 42 51.81 9.32 5.73
CA GLU F 42 52.49 9.02 6.99
C GLU F 42 52.84 10.37 7.62
N PHE F 43 51.90 11.30 7.52
CA PHE F 43 52.00 12.65 8.06
C PHE F 43 50.71 12.84 8.85
N LYS F 44 50.74 13.73 9.83
CA LYS F 44 49.53 14.01 10.56
C LYS F 44 48.72 14.93 9.65
N ASN F 45 47.43 15.03 9.91
CA ASN F 45 46.55 15.85 9.10
C ASN F 45 46.77 17.34 9.35
N PRO F 46 46.33 18.20 8.41
CA PRO F 46 46.51 19.65 8.56
C PRO F 46 46.03 20.12 9.92
N PRO F 47 46.81 20.97 10.59
CA PRO F 47 46.39 21.45 11.92
C PRO F 47 45.04 22.15 11.84
N GLU F 48 44.87 22.94 10.77
CA GLU F 48 43.61 23.65 10.59
C GLU F 48 42.44 22.68 10.60
N LEU F 49 42.62 21.50 10.01
CA LEU F 49 41.54 20.51 9.98
C LEU F 49 41.18 20.01 11.37
N ILE F 50 42.19 19.56 12.11
CA ILE F 50 41.99 19.04 13.47
C ILE F 50 41.32 20.06 14.39
N GLU F 51 41.80 21.29 14.38
CA GLU F 51 41.22 22.33 15.22
C GLU F 51 39.79 22.65 14.77
N GLY F 52 39.58 22.58 13.46
CA GLY F 52 38.27 22.87 12.91
C GLY F 52 37.25 21.84 13.32
N LEU F 53 37.65 20.56 13.28
CA LEU F 53 36.78 19.46 13.64
C LEU F 53 36.45 19.48 15.12
N LYS F 54 37.41 19.88 15.94
CA LYS F 54 37.19 19.93 17.38
C LYS F 54 36.21 21.04 17.71
N LYS F 55 36.35 22.17 17.02
CA LYS F 55 35.46 23.31 17.20
C LYS F 55 34.04 22.95 16.78
N TYR F 56 33.92 22.23 15.67
CA TYR F 56 32.63 21.80 15.15
C TYR F 56 31.98 20.74 16.05
N LEU F 57 32.79 19.98 16.79
CA LEU F 57 32.27 18.96 17.68
C LEU F 57 31.56 19.57 18.87
N ASP F 58 31.84 20.84 19.13
CA ASP F 58 31.21 21.56 20.24
C ASP F 58 30.04 22.38 19.74
N GLU F 59 29.83 22.38 18.43
CA GLU F 59 28.76 23.17 17.84
C GLU F 59 27.67 22.34 17.18
N THR F 60 27.75 21.02 17.28
CA THR F 60 26.75 20.21 16.63
C THR F 60 26.43 18.88 17.29
N VAL F 61 25.32 18.32 16.85
CA VAL F 61 24.82 17.03 17.32
C VAL F 61 25.14 16.06 16.18
N LEU F 62 25.69 14.89 16.52
CA LEU F 62 26.06 13.91 15.50
C LEU F 62 24.92 13.05 14.97
N GLY F 63 23.83 13.69 14.59
CA GLY F 63 22.70 12.95 14.06
C GLY F 63 22.68 12.90 12.54
N TYR F 64 21.55 12.48 11.98
CA TYR F 64 21.41 12.41 10.53
C TYR F 64 21.80 13.74 9.90
N THR F 65 22.74 13.68 8.98
CA THR F 65 23.25 14.89 8.37
C THR F 65 23.41 14.84 6.86
N GLY F 66 23.12 15.97 6.23
CA GLY F 66 23.25 16.09 4.79
C GLY F 66 24.13 17.28 4.52
N PRO F 67 24.51 17.51 3.25
CA PRO F 67 25.35 18.64 2.88
C PRO F 67 24.61 19.98 2.82
N THR F 68 25.20 21.01 3.41
CA THR F 68 24.61 22.34 3.39
C THR F 68 24.97 22.99 2.06
N GLU F 69 24.20 24.00 1.68
CA GLU F 69 24.50 24.70 0.44
C GLU F 69 25.88 25.32 0.57
N GLU F 70 26.24 25.75 1.77
CA GLU F 70 27.56 26.33 2.00
C GLU F 70 28.59 25.28 1.57
N TYR F 71 28.40 24.05 2.03
CA TYR F 71 29.28 22.94 1.70
C TYR F 71 29.46 22.87 0.18
N LYS F 72 28.34 22.84 -0.53
CA LYS F 72 28.36 22.76 -1.98
C LYS F 72 29.12 23.91 -2.64
N LYS F 73 28.96 25.12 -2.12
CA LYS F 73 29.65 26.29 -2.70
C LYS F 73 31.15 26.14 -2.59
N THR F 74 31.60 25.58 -1.46
CA THR F 74 33.02 25.38 -1.19
C THR F 74 33.65 24.38 -2.15
N VAL F 75 32.93 23.30 -2.44
CA VAL F 75 33.42 22.29 -3.37
C VAL F 75 33.55 22.92 -4.76
N LYS F 76 32.54 23.71 -5.14
CA LYS F 76 32.51 24.39 -6.42
C LYS F 76 33.60 25.47 -6.50
N LYS F 77 33.89 26.10 -5.37
CA LYS F 77 34.92 27.11 -5.32
C LYS F 77 36.29 26.44 -5.50
N TRP F 78 36.44 25.26 -4.91
CA TRP F 78 37.69 24.54 -5.05
C TRP F 78 37.95 24.23 -6.53
N MET F 79 36.92 23.73 -7.22
CA MET F 79 37.04 23.41 -8.63
C MET F 79 37.43 24.64 -9.46
N LYS F 80 36.84 25.78 -9.14
CA LYS F 80 37.14 27.01 -9.87
C LYS F 80 38.55 27.51 -9.57
N ASP F 81 38.87 27.65 -8.30
CA ASP F 81 40.18 28.15 -7.89
C ASP F 81 41.34 27.23 -8.19
N ARG F 82 41.16 25.93 -7.95
CA ARG F 82 42.23 24.98 -8.15
C ARG F 82 42.32 24.28 -9.51
N HIS F 83 41.22 24.25 -10.26
CA HIS F 83 41.27 23.60 -11.56
C HIS F 83 40.61 24.33 -12.73
N GLN F 84 40.30 25.62 -12.52
CA GLN F 84 39.68 26.45 -13.55
C GLN F 84 38.48 25.71 -14.14
N TRP F 85 37.84 24.92 -13.31
CA TRP F 85 36.71 24.12 -13.73
C TRP F 85 35.40 24.64 -13.12
N ASP F 86 34.52 25.12 -13.99
CA ASP F 86 33.22 25.65 -13.60
C ASP F 86 32.16 24.57 -13.54
N ILE F 87 31.61 24.35 -12.35
CA ILE F 87 30.56 23.33 -12.14
C ILE F 87 29.38 23.98 -11.43
N GLN F 88 28.25 23.28 -11.41
CA GLN F 88 27.07 23.81 -10.72
C GLN F 88 26.94 23.02 -9.43
N THR F 89 26.43 23.66 -8.39
CA THR F 89 26.29 22.99 -7.11
C THR F 89 25.43 21.74 -7.19
N ASP F 90 24.47 21.70 -8.11
CA ASP F 90 23.61 20.52 -8.20
C ASP F 90 24.21 19.37 -9.01
N TRP F 91 25.45 19.52 -9.44
CA TRP F 91 26.13 18.47 -10.19
C TRP F 91 26.73 17.51 -9.15
N ILE F 92 26.88 18.03 -7.92
CA ILE F 92 27.49 17.28 -6.84
C ILE F 92 26.66 16.18 -6.20
N ILE F 93 27.18 14.95 -6.26
CA ILE F 93 26.54 13.79 -5.66
C ILE F 93 27.55 13.19 -4.67
N ASN F 94 27.08 12.83 -3.49
CA ASN F 94 27.97 12.29 -2.48
C ASN F 94 27.91 10.78 -2.27
N THR F 95 29.09 10.21 -2.01
CA THR F 95 29.25 8.79 -1.75
C THR F 95 30.32 8.61 -0.68
N ALA F 96 30.30 7.46 -0.02
CA ALA F 96 31.25 7.18 1.05
C ALA F 96 32.67 7.02 0.52
N GLY F 97 32.81 7.01 -0.80
CA GLY F 97 34.12 6.86 -1.42
C GLY F 97 34.06 6.73 -2.93
N VAL F 98 35.21 6.86 -3.58
CA VAL F 98 35.29 6.77 -5.03
C VAL F 98 35.10 5.35 -5.57
N VAL F 99 35.75 4.37 -4.97
CA VAL F 99 35.62 3.00 -5.45
C VAL F 99 34.15 2.57 -5.47
N PRO F 100 33.40 2.84 -4.40
CA PRO F 100 31.97 2.46 -4.38
C PRO F 100 31.23 3.15 -5.52
N ALA F 101 31.63 4.40 -5.80
CA ALA F 101 31.03 5.17 -6.87
C ALA F 101 31.30 4.51 -8.22
N VAL F 102 32.54 4.01 -8.38
CA VAL F 102 32.93 3.34 -9.63
C VAL F 102 32.16 2.04 -9.79
N PHE F 103 31.95 1.33 -8.68
CA PHE F 103 31.18 0.08 -8.70
C PHE F 103 29.77 0.44 -9.09
N ASN F 104 29.28 1.54 -8.52
CA ASN F 104 27.93 2.00 -8.77
C ASN F 104 27.69 2.36 -10.24
N ALA F 105 28.70 2.96 -10.87
CA ALA F 105 28.60 3.33 -12.28
C ALA F 105 28.46 2.09 -13.14
N VAL F 106 29.31 1.09 -12.87
CA VAL F 106 29.25 -0.17 -13.62
C VAL F 106 27.84 -0.77 -13.50
N ARG F 107 27.34 -0.79 -12.27
CA ARG F 107 26.04 -1.35 -11.97
C ARG F 107 24.88 -0.68 -12.69
N GLU F 108 24.82 0.65 -12.63
CA GLU F 108 23.74 1.40 -13.26
C GLU F 108 23.82 1.64 -14.76
N PHE F 109 25.01 1.87 -15.30
CA PHE F 109 25.10 2.14 -16.73
C PHE F 109 25.59 1.01 -17.65
N THR F 110 25.71 -0.19 -17.13
CA THR F 110 26.09 -1.34 -17.95
C THR F 110 25.28 -2.52 -17.45
N LYS F 111 25.41 -3.66 -18.13
CA LYS F 111 24.69 -4.86 -17.72
C LYS F 111 25.68 -6.02 -17.86
N PRO F 112 25.39 -7.15 -17.20
CA PRO F 112 26.30 -8.30 -17.30
C PRO F 112 26.67 -8.61 -18.75
N GLY F 113 27.95 -8.80 -19.04
CA GLY F 113 28.36 -9.08 -20.39
C GLY F 113 28.93 -7.89 -21.15
N ASP F 114 28.48 -6.68 -20.82
CA ASP F 114 28.97 -5.48 -21.47
C ASP F 114 30.46 -5.28 -21.19
N GLY F 115 31.12 -4.48 -22.02
CA GLY F 115 32.52 -4.22 -21.81
C GLY F 115 32.73 -2.85 -21.19
N VAL F 116 33.84 -2.71 -20.48
CA VAL F 116 34.22 -1.46 -19.84
C VAL F 116 35.72 -1.36 -20.10
N ILE F 117 36.15 -0.29 -20.77
CA ILE F 117 37.56 -0.12 -21.10
C ILE F 117 38.34 0.55 -19.99
N ILE F 118 39.46 -0.06 -19.59
CA ILE F 118 40.33 0.54 -18.58
C ILE F 118 41.74 0.58 -19.15
N ILE F 119 42.47 1.63 -18.81
CA ILE F 119 43.84 1.77 -19.31
C ILE F 119 44.79 1.19 -18.27
N THR F 120 45.41 0.07 -18.66
CA THR F 120 46.30 -0.71 -17.80
C THR F 120 47.80 -0.59 -18.07
N PRO F 121 48.63 -0.84 -17.04
CA PRO F 121 48.29 -1.22 -15.66
C PRO F 121 47.65 -0.06 -14.91
N VAL F 122 46.84 -0.36 -13.90
CA VAL F 122 46.15 0.67 -13.15
C VAL F 122 45.55 0.16 -11.82
N TYR F 123 45.24 1.09 -10.92
CA TYR F 123 44.64 0.79 -9.62
C TYR F 123 43.69 -0.43 -9.73
N TYR F 124 44.08 -1.53 -9.09
CA TYR F 124 43.32 -2.79 -9.16
C TYR F 124 41.81 -2.81 -8.92
N PRO F 125 41.28 -1.96 -8.04
CA PRO F 125 39.83 -2.10 -7.91
C PRO F 125 39.12 -1.80 -9.24
N PHE F 126 39.79 -1.08 -10.14
CA PHE F 126 39.19 -0.81 -11.43
C PHE F 126 38.75 -2.16 -11.99
N PHE F 127 39.68 -3.11 -12.06
CA PHE F 127 39.37 -4.45 -12.59
C PHE F 127 38.17 -5.05 -11.85
N MET F 128 38.30 -5.13 -10.54
CA MET F 128 37.27 -5.69 -9.69
C MET F 128 35.89 -5.06 -9.94
N ALA F 129 35.85 -3.73 -9.99
CA ALA F 129 34.59 -3.03 -10.21
C ALA F 129 33.85 -3.64 -11.39
N ILE F 130 34.63 -4.09 -12.37
CA ILE F 130 34.09 -4.65 -13.59
C ILE F 130 33.76 -6.15 -13.56
N LYS F 131 34.77 -6.98 -13.35
CA LYS F 131 34.56 -8.44 -13.35
C LYS F 131 33.78 -8.98 -12.16
N ASN F 132 33.92 -8.37 -10.99
CA ASN F 132 33.20 -8.82 -9.81
C ASN F 132 31.69 -8.62 -9.98
N GLN F 133 31.30 -7.99 -11.08
CA GLN F 133 29.88 -7.76 -11.36
C GLN F 133 29.45 -8.32 -12.71
N GLU F 134 30.17 -9.33 -13.19
CA GLU F 134 29.85 -9.98 -14.46
C GLU F 134 30.04 -9.13 -15.70
N ARG F 135 30.90 -8.12 -15.62
CA ARG F 135 31.15 -7.30 -16.80
C ARG F 135 32.50 -7.69 -17.38
N LYS F 136 32.71 -7.37 -18.65
CA LYS F 136 33.94 -7.72 -19.33
C LYS F 136 34.95 -6.60 -19.32
N ILE F 137 36.11 -6.89 -18.74
CA ILE F 137 37.22 -5.95 -18.66
C ILE F 137 37.90 -5.92 -20.04
N ILE F 138 37.94 -4.75 -20.66
CA ILE F 138 38.59 -4.62 -21.96
C ILE F 138 39.82 -3.76 -21.72
N GLU F 139 40.98 -4.41 -21.69
CA GLU F 139 42.22 -3.71 -21.43
C GLU F 139 42.86 -3.02 -22.62
N CYS F 140 43.21 -1.76 -22.41
CA CYS F 140 43.88 -0.95 -23.41
C CYS F 140 45.19 -0.61 -22.74
N GLU F 141 46.16 -1.51 -22.87
CA GLU F 141 47.47 -1.37 -22.24
C GLU F 141 48.22 -0.10 -22.65
N LEU F 142 48.78 0.58 -21.65
CA LEU F 142 49.56 1.80 -21.88
C LEU F 142 50.86 1.43 -22.58
N LEU F 143 51.37 2.35 -23.39
CA LEU F 143 52.62 2.11 -24.09
C LEU F 143 53.72 2.68 -23.20
N GLU F 144 54.83 1.95 -23.08
CA GLU F 144 55.94 2.39 -22.24
C GLU F 144 57.28 2.45 -23.00
N LYS F 145 57.77 3.68 -23.15
CA LYS F 145 59.02 3.97 -23.85
C LYS F 145 60.02 4.57 -22.86
N ASP F 146 61.12 3.86 -22.62
CA ASP F 146 62.13 4.32 -21.68
C ASP F 146 61.49 4.71 -20.35
N GLY F 147 60.40 4.05 -20.00
CA GLY F 147 59.75 4.35 -18.74
C GLY F 147 58.73 5.47 -18.78
N TYR F 148 58.37 5.93 -19.98
CA TYR F 148 57.38 6.97 -20.09
C TYR F 148 56.13 6.32 -20.64
N TYR F 149 55.02 6.52 -19.95
CA TYR F 149 53.77 5.91 -20.37
C TYR F 149 52.89 6.83 -21.21
N THR F 150 52.44 6.31 -22.34
CA THR F 150 51.57 7.09 -23.22
C THR F 150 50.37 6.24 -23.54
N ILE F 151 49.32 6.89 -24.04
CA ILE F 151 48.12 6.19 -24.38
C ILE F 151 48.21 5.59 -25.78
N ASP F 152 47.73 4.37 -25.92
CA ASP F 152 47.72 3.68 -27.21
C ASP F 152 46.42 4.12 -27.87
N PHE F 153 46.48 5.23 -28.60
CA PHE F 153 45.30 5.77 -29.27
C PHE F 153 44.74 4.87 -30.37
N GLN F 154 45.62 4.14 -31.06
CA GLN F 154 45.16 3.25 -32.11
C GLN F 154 44.28 2.13 -31.54
N LYS F 155 44.78 1.44 -30.52
CA LYS F 155 44.01 0.36 -29.90
C LYS F 155 42.73 0.91 -29.24
N LEU F 156 42.84 2.07 -28.60
CA LEU F 156 41.69 2.67 -27.95
C LEU F 156 40.57 2.90 -28.96
N GLU F 157 40.90 3.51 -30.09
CA GLU F 157 39.90 3.78 -31.12
C GLU F 157 39.23 2.49 -31.59
N LYS F 158 40.05 1.50 -31.92
CA LYS F 158 39.55 0.21 -32.36
C LYS F 158 38.54 -0.31 -31.32
N LEU F 159 38.97 -0.38 -30.05
CA LEU F 159 38.11 -0.84 -28.98
C LEU F 159 36.80 -0.07 -28.90
N SER F 160 36.87 1.23 -29.17
CA SER F 160 35.70 2.10 -29.13
C SER F 160 34.68 1.74 -30.21
N LYS F 161 35.10 0.96 -31.21
CA LYS F 161 34.20 0.57 -32.30
C LYS F 161 33.36 -0.66 -31.94
N ASP F 162 33.83 -1.43 -30.95
CA ASP F 162 33.10 -2.61 -30.50
C ASP F 162 31.94 -2.09 -29.66
N LYS F 163 30.75 -2.09 -30.24
CA LYS F 163 29.53 -1.60 -29.59
C LYS F 163 29.18 -2.28 -28.26
N ASN F 164 29.84 -3.39 -27.95
CA ASN F 164 29.56 -4.06 -26.70
C ASN F 164 30.28 -3.35 -25.54
N ASN F 165 31.15 -2.40 -25.87
CA ASN F 165 31.88 -1.64 -24.86
C ASN F 165 31.09 -0.38 -24.54
N LYS F 166 30.69 -0.26 -23.27
CA LYS F 166 29.84 0.84 -22.82
C LYS F 166 30.47 2.11 -22.25
N ALA F 167 31.70 2.03 -21.75
CA ALA F 167 32.34 3.20 -21.19
C ALA F 167 33.85 3.06 -21.02
N LEU F 168 34.52 4.19 -20.84
CA LEU F 168 35.96 4.21 -20.63
C LEU F 168 36.21 4.67 -19.19
N LEU F 169 36.70 3.74 -18.35
CA LEU F 169 37.01 4.05 -16.95
C LEU F 169 38.44 4.59 -16.95
N PHE F 170 38.54 5.91 -16.78
CA PHE F 170 39.82 6.61 -16.86
C PHE F 170 40.36 6.99 -15.48
N CYS F 171 41.69 7.07 -15.37
CA CYS F 171 42.33 7.45 -14.11
C CYS F 171 43.22 8.66 -14.43
N SER F 172 42.95 9.78 -13.77
CA SER F 172 43.69 11.01 -14.07
C SER F 172 43.83 11.93 -12.86
N PRO F 173 45.04 12.04 -12.31
CA PRO F 173 46.33 11.42 -12.65
C PRO F 173 46.30 9.89 -12.58
N HIS F 174 47.04 9.25 -13.48
CA HIS F 174 47.08 7.79 -13.58
C HIS F 174 47.99 7.07 -12.57
N ASN F 175 47.36 6.39 -11.61
CA ASN F 175 48.06 5.62 -10.59
C ASN F 175 48.17 4.22 -11.22
N PRO F 176 49.33 3.54 -11.11
CA PRO F 176 50.61 3.81 -10.45
C PRO F 176 51.73 4.52 -11.23
N VAL F 177 51.59 4.67 -12.53
CA VAL F 177 52.65 5.30 -13.31
C VAL F 177 52.89 6.78 -13.05
N GLY F 178 51.96 7.43 -12.38
CA GLY F 178 52.14 8.85 -12.09
C GLY F 178 52.06 9.85 -13.23
N ARG F 179 51.31 9.52 -14.28
CA ARG F 179 51.18 10.43 -15.41
C ARG F 179 50.08 11.46 -15.18
N VAL F 180 50.37 12.70 -15.54
CA VAL F 180 49.39 13.77 -15.45
C VAL F 180 49.13 14.04 -16.93
N TRP F 181 47.95 13.63 -17.39
CA TRP F 181 47.57 13.74 -18.79
C TRP F 181 47.60 15.13 -19.40
N LYS F 182 48.25 15.25 -20.56
CA LYS F 182 48.33 16.53 -21.25
C LYS F 182 47.03 16.82 -22.00
N LYS F 183 46.76 18.09 -22.23
CA LYS F 183 45.56 18.45 -22.95
C LYS F 183 45.53 17.79 -24.32
N ASP F 184 46.69 17.70 -24.96
CA ASP F 184 46.79 17.08 -26.29
C ASP F 184 46.37 15.62 -26.22
N GLU F 185 46.65 14.98 -25.09
CA GLU F 185 46.29 13.58 -24.93
C GLU F 185 44.80 13.43 -24.63
N LEU F 186 44.27 14.29 -23.77
CA LEU F 186 42.85 14.23 -23.44
C LEU F 186 42.00 14.57 -24.66
N GLN F 187 42.48 15.49 -25.49
CA GLN F 187 41.74 15.88 -26.70
C GLN F 187 41.65 14.73 -27.71
N LYS F 188 42.72 13.94 -27.84
CA LYS F 188 42.70 12.80 -28.77
C LYS F 188 41.69 11.75 -28.34
N ILE F 189 41.72 11.41 -27.04
CA ILE F 189 40.79 10.43 -26.50
C ILE F 189 39.38 10.93 -26.72
N LYS F 190 39.16 12.22 -26.44
CA LYS F 190 37.84 12.81 -26.60
C LYS F 190 37.26 12.65 -28.00
N ASP F 191 38.04 12.96 -29.02
CA ASP F 191 37.51 12.82 -30.37
C ASP F 191 37.11 11.36 -30.60
N ILE F 192 37.84 10.44 -29.98
CA ILE F 192 37.54 9.02 -30.12
C ILE F 192 36.25 8.66 -29.35
N VAL F 193 36.15 9.16 -28.12
CA VAL F 193 35.01 8.90 -27.25
C VAL F 193 33.69 9.48 -27.79
N LEU F 194 33.76 10.70 -28.31
CA LEU F 194 32.58 11.36 -28.84
C LEU F 194 32.11 10.71 -30.14
N LYS F 195 33.02 10.02 -30.81
CA LYS F 195 32.64 9.37 -32.06
C LYS F 195 32.03 8.01 -31.78
N SER F 196 31.99 7.63 -30.50
CA SER F 196 31.42 6.34 -30.09
C SER F 196 30.29 6.56 -29.10
N ASP F 197 29.71 5.48 -28.60
CA ASP F 197 28.63 5.60 -27.64
C ASP F 197 29.17 5.42 -26.23
N LEU F 198 30.49 5.46 -26.11
CA LEU F 198 31.14 5.29 -24.82
C LEU F 198 30.83 6.41 -23.85
N MET F 199 30.73 6.05 -22.57
CA MET F 199 30.52 7.03 -21.51
C MET F 199 31.91 7.24 -20.96
N LEU F 200 32.12 8.34 -20.24
CA LEU F 200 33.44 8.59 -19.66
C LEU F 200 33.33 8.68 -18.16
N TRP F 201 34.08 7.82 -17.48
CA TRP F 201 34.13 7.80 -16.03
C TRP F 201 35.57 8.17 -15.69
N SER F 202 35.79 9.45 -15.37
CA SER F 202 37.13 9.92 -15.04
C SER F 202 37.36 10.07 -13.55
N ASP F 203 38.15 9.14 -13.00
CA ASP F 203 38.48 9.13 -11.58
C ASP F 203 39.64 10.08 -11.39
N GLU F 204 39.37 11.23 -10.78
CA GLU F 204 40.43 12.21 -10.60
C GLU F 204 40.71 12.50 -9.14
N ILE F 205 40.65 11.45 -8.34
CA ILE F 205 40.86 11.53 -6.90
C ILE F 205 42.25 12.07 -6.53
N HIS F 206 43.20 12.00 -7.47
CA HIS F 206 44.55 12.49 -7.23
C HIS F 206 44.85 13.84 -7.90
N PHE F 207 43.84 14.51 -8.43
CA PHE F 207 44.16 15.74 -9.15
C PHE F 207 44.71 16.96 -8.38
N ASP F 208 44.88 16.86 -7.07
CA ASP F 208 45.43 17.99 -6.32
C ASP F 208 46.92 17.78 -6.06
N LEU F 209 47.35 16.53 -6.14
CA LEU F 209 48.74 16.18 -5.90
C LEU F 209 49.52 16.18 -7.22
N ILE F 210 49.81 17.38 -7.70
CA ILE F 210 50.52 17.56 -8.96
C ILE F 210 51.92 18.05 -8.63
N MET F 211 52.94 17.42 -9.19
CA MET F 211 54.33 17.83 -8.91
C MET F 211 54.66 19.16 -9.56
N PRO F 212 55.67 19.87 -9.01
CA PRO F 212 56.10 21.16 -9.53
C PRO F 212 56.48 21.02 -11.00
N GLY F 213 55.96 21.92 -11.83
CA GLY F 213 56.26 21.89 -13.25
C GLY F 213 55.10 21.41 -14.11
N TYR F 214 54.14 20.74 -13.50
CA TYR F 214 53.00 20.21 -14.24
C TYR F 214 51.66 20.79 -13.78
N GLU F 215 50.66 20.67 -14.63
CA GLU F 215 49.33 21.19 -14.34
C GLU F 215 48.31 20.17 -14.79
N HIS F 216 47.33 19.89 -13.92
CA HIS F 216 46.29 18.93 -14.24
C HIS F 216 45.16 19.62 -15.01
N THR F 217 44.49 18.86 -15.86
CA THR F 217 43.37 19.38 -16.64
C THR F 217 42.19 18.47 -16.36
N VAL F 218 41.11 19.00 -15.82
CA VAL F 218 39.94 18.17 -15.55
C VAL F 218 39.42 17.74 -16.91
N PHE F 219 39.27 16.44 -17.10
CA PHE F 219 38.83 15.89 -18.37
C PHE F 219 37.57 16.55 -18.97
N GLN F 220 36.47 16.56 -18.23
CA GLN F 220 35.24 17.15 -18.77
C GLN F 220 35.22 18.66 -18.95
N SER F 221 36.28 19.34 -18.53
CA SER F 221 36.32 20.80 -18.67
C SER F 221 36.81 21.23 -20.05
N ILE F 222 37.25 20.28 -20.87
CA ILE F 222 37.75 20.60 -22.21
C ILE F 222 36.68 20.60 -23.30
N ASP F 223 35.49 20.10 -23.00
CA ASP F 223 34.43 20.05 -24.00
C ASP F 223 33.06 19.80 -23.37
N GLU F 224 32.08 20.62 -23.76
CA GLU F 224 30.70 20.53 -23.25
C GLU F 224 30.06 19.20 -23.58
N GLN F 225 30.22 18.75 -24.82
CA GLN F 225 29.65 17.47 -25.26
C GLN F 225 30.18 16.31 -24.41
N LEU F 226 31.49 16.24 -24.27
CA LEU F 226 32.08 15.18 -23.47
C LEU F 226 31.45 15.25 -22.08
N ALA F 227 31.49 16.44 -21.47
CA ALA F 227 30.93 16.63 -20.14
C ALA F 227 29.49 16.14 -20.05
N ASP F 228 28.77 16.20 -21.15
CA ASP F 228 27.37 15.76 -21.19
C ASP F 228 27.23 14.28 -20.90
N LYS F 229 28.29 13.52 -21.14
CA LYS F 229 28.26 12.09 -20.87
C LYS F 229 29.50 11.65 -20.09
N THR F 230 29.82 12.42 -19.06
CA THR F 230 30.96 12.14 -18.19
C THR F 230 30.59 12.16 -16.73
N ILE F 231 31.16 11.23 -15.97
CA ILE F 231 30.95 11.18 -14.53
C ILE F 231 32.36 11.37 -13.99
N THR F 232 32.58 12.43 -13.22
CA THR F 232 33.92 12.69 -12.68
C THR F 232 33.97 12.40 -11.18
N PHE F 233 34.88 11.52 -10.78
CA PHE F 233 35.04 11.13 -9.38
C PHE F 233 36.12 11.97 -8.69
N THR F 234 35.74 12.73 -7.67
CA THR F 234 36.70 13.56 -6.94
C THR F 234 36.45 13.40 -5.45
N ALA F 235 37.45 13.76 -4.66
CA ALA F 235 37.36 13.69 -3.22
C ALA F 235 38.55 14.41 -2.62
N PRO F 236 38.45 14.79 -1.35
CA PRO F 236 39.57 15.49 -0.72
C PRO F 236 40.45 14.49 0.04
N SER F 237 40.06 13.22 0.00
CA SER F 237 40.76 12.18 0.74
C SER F 237 42.26 12.01 0.49
N LYS F 238 42.68 11.93 -0.76
CA LYS F 238 44.11 11.78 -1.02
C LYS F 238 44.86 13.09 -0.81
N THR F 239 44.24 14.18 -1.22
CA THR F 239 44.84 15.52 -1.08
C THR F 239 45.24 15.87 0.35
N PHE F 240 44.35 15.61 1.31
CA PHE F 240 44.63 15.94 2.70
C PHE F 240 44.78 14.74 3.62
N ASN F 241 44.91 13.56 3.04
CA ASN F 241 45.09 12.37 3.84
C ASN F 241 43.91 12.09 4.79
N ILE F 242 42.69 12.19 4.29
CA ILE F 242 41.52 11.89 5.13
C ILE F 242 40.65 10.82 4.49
N ALA F 243 41.29 9.77 4.00
CA ALA F 243 40.59 8.66 3.38
C ALA F 243 39.69 8.00 4.42
N GLY F 244 39.93 8.33 5.69
CA GLY F 244 39.15 7.76 6.76
C GLY F 244 37.94 8.58 7.15
N MET F 245 37.60 9.60 6.36
CA MET F 245 36.44 10.43 6.67
C MET F 245 35.20 10.08 5.86
N GLY F 246 35.36 9.20 4.90
CA GLY F 246 34.24 8.77 4.07
C GLY F 246 33.42 9.79 3.31
N MET F 247 34.07 10.66 2.54
CA MET F 247 33.32 11.64 1.78
C MET F 247 33.90 11.87 0.40
N SER F 248 33.04 11.73 -0.61
CA SER F 248 33.45 11.92 -1.99
C SER F 248 32.46 12.81 -2.71
N ASN F 249 32.96 13.54 -3.70
CA ASN F 249 32.09 14.42 -4.47
C ASN F 249 32.11 13.97 -5.93
N ILE F 250 31.01 13.37 -6.37
CA ILE F 250 30.90 12.90 -7.73
C ILE F 250 30.16 13.97 -8.52
N ILE F 251 30.87 14.57 -9.49
CA ILE F 251 30.34 15.63 -10.32
C ILE F 251 29.75 15.05 -11.61
N ILE F 252 28.43 15.17 -11.73
CA ILE F 252 27.72 14.66 -12.91
C ILE F 252 26.83 15.76 -13.51
N LYS F 253 27.27 16.32 -14.63
CA LYS F 253 26.57 17.39 -15.32
C LYS F 253 25.17 17.01 -15.85
N ASN F 254 25.11 16.00 -16.71
CA ASN F 254 23.84 15.54 -17.29
C ASN F 254 22.79 15.16 -16.25
N PRO F 255 21.64 15.84 -16.25
CA PRO F 255 20.55 15.58 -15.29
C PRO F 255 20.11 14.12 -15.26
N ASP F 256 19.87 13.55 -16.43
CA ASP F 256 19.42 12.17 -16.48
C ASP F 256 20.43 11.24 -15.83
N ILE F 257 21.68 11.32 -16.30
CA ILE F 257 22.76 10.49 -15.76
C ILE F 257 22.94 10.71 -14.26
N ARG F 258 22.78 11.94 -13.80
CA ARG F 258 22.92 12.23 -12.37
C ARG F 258 21.85 11.49 -11.57
N GLU F 259 20.62 11.55 -12.06
CA GLU F 259 19.48 10.92 -11.38
C GLU F 259 19.55 9.40 -11.40
N ARG F 260 20.08 8.83 -12.47
CA ARG F 260 20.20 7.39 -12.54
C ARG F 260 21.28 6.97 -11.55
N PHE F 261 22.35 7.74 -11.49
CA PHE F 261 23.43 7.43 -10.57
C PHE F 261 22.93 7.56 -9.13
N THR F 262 22.17 8.61 -8.86
CA THR F 262 21.64 8.86 -7.52
C THR F 262 20.72 7.75 -7.03
N LYS F 263 19.78 7.32 -7.88
CA LYS F 263 18.84 6.27 -7.50
C LYS F 263 19.56 4.94 -7.32
N SER F 264 20.57 4.71 -8.15
CA SER F 264 21.33 3.49 -8.07
C SER F 264 22.11 3.44 -6.75
N ARG F 265 22.51 4.61 -6.28
CA ARG F 265 23.26 4.69 -5.03
C ARG F 265 22.35 4.42 -3.83
N ASP F 266 21.15 5.00 -3.86
CA ASP F 266 20.20 4.83 -2.77
C ASP F 266 19.76 3.38 -2.53
N ALA F 267 19.66 2.59 -3.60
CA ALA F 267 19.25 1.20 -3.45
C ALA F 267 20.40 0.29 -2.99
N THR F 268 21.62 0.80 -2.99
CA THR F 268 22.75 -0.01 -2.56
C THR F 268 23.42 0.45 -1.26
N SER F 269 24.18 1.53 -1.31
CA SER F 269 24.86 2.01 -0.12
C SER F 269 24.05 3.07 0.62
N GLY F 270 23.23 3.80 -0.12
CA GLY F 270 22.42 4.84 0.50
C GLY F 270 23.10 6.19 0.51
N MET F 271 22.47 7.16 1.13
CA MET F 271 22.99 8.52 1.21
C MET F 271 23.90 8.65 2.44
N PRO F 272 25.07 9.29 2.28
CA PRO F 272 25.98 9.46 3.42
C PRO F 272 25.43 10.43 4.46
N PHE F 273 25.41 10.02 5.72
CA PHE F 273 24.91 10.85 6.81
C PHE F 273 26.05 11.30 7.71
N THR F 274 27.27 10.89 7.32
CA THR F 274 28.49 11.22 8.07
C THR F 274 28.62 12.73 8.27
N THR F 275 28.29 13.18 9.46
CA THR F 275 28.37 14.61 9.75
C THR F 275 29.78 15.23 9.67
N LEU F 276 30.79 14.52 10.16
CA LEU F 276 32.14 15.07 10.11
C LEU F 276 32.78 14.98 8.72
N GLY F 277 32.23 14.12 7.87
CA GLY F 277 32.75 13.97 6.53
C GLY F 277 32.55 15.21 5.67
N TYR F 278 31.36 15.83 5.77
CA TYR F 278 31.06 17.03 5.00
C TYR F 278 31.87 18.20 5.50
N LYS F 279 31.96 18.33 6.82
CA LYS F 279 32.68 19.43 7.45
C LYS F 279 34.18 19.33 7.21
N ALA F 280 34.71 18.12 7.23
CA ALA F 280 36.15 17.92 7.04
C ALA F 280 36.57 18.42 5.66
N CYS F 281 35.75 18.11 4.66
CA CYS F 281 36.03 18.52 3.28
C CYS F 281 35.93 20.03 3.18
N GLU F 282 34.93 20.60 3.85
CA GLU F 282 34.78 22.04 3.80
C GLU F 282 35.97 22.75 4.42
N ILE F 283 36.36 22.33 5.61
CA ILE F 283 37.49 22.94 6.31
C ILE F 283 38.74 22.84 5.46
N CYS F 284 38.98 21.66 4.93
CA CYS F 284 40.14 21.45 4.09
C CYS F 284 40.22 22.41 2.91
N TYR F 285 39.15 22.52 2.14
CA TYR F 285 39.15 23.41 1.00
C TYR F 285 39.31 24.86 1.39
N LYS F 286 38.72 25.22 2.54
CA LYS F 286 38.78 26.59 3.02
C LYS F 286 40.06 27.01 3.75
N GLU F 287 40.61 26.11 4.57
CA GLU F 287 41.76 26.47 5.37
C GLU F 287 43.07 25.71 5.22
N CYS F 288 43.11 24.67 4.40
CA CYS F 288 44.34 23.89 4.32
C CYS F 288 45.12 23.89 3.01
N GLY F 289 45.00 24.96 2.24
CA GLY F 289 45.73 25.04 0.98
C GLY F 289 47.24 25.12 1.17
N LYS F 290 47.67 25.84 2.20
CA LYS F 290 49.10 26.01 2.48
C LYS F 290 49.76 24.72 2.93
N TRP F 291 49.02 23.92 3.68
CA TRP F 291 49.53 22.65 4.17
C TRP F 291 49.75 21.77 2.97
N LEU F 292 48.76 21.74 2.08
CA LEU F 292 48.83 20.98 0.84
C LEU F 292 50.11 21.35 0.09
N ASP F 293 50.27 22.64 -0.17
CA ASP F 293 51.44 23.13 -0.88
C ASP F 293 52.76 22.70 -0.20
N GLY F 294 52.79 22.73 1.12
CA GLY F 294 53.99 22.33 1.83
C GLY F 294 54.21 20.83 1.77
N CYS F 295 53.12 20.10 1.64
CA CYS F 295 53.16 18.65 1.57
C CYS F 295 53.73 18.26 0.21
N ILE F 296 53.28 18.96 -0.82
CA ILE F 296 53.74 18.71 -2.17
C ILE F 296 55.24 18.93 -2.35
N LYS F 297 55.82 19.94 -1.68
CA LYS F 297 57.25 20.17 -1.83
C LYS F 297 58.05 18.99 -1.27
N VAL F 298 57.59 18.44 -0.16
CA VAL F 298 58.26 17.31 0.47
C VAL F 298 58.19 16.08 -0.45
N ILE F 299 57.01 15.83 -1.00
CA ILE F 299 56.82 14.71 -1.90
C ILE F 299 57.79 14.82 -3.08
N ASP F 300 57.85 16.02 -3.68
CA ASP F 300 58.72 16.30 -4.81
C ASP F 300 60.17 16.08 -4.38
N LYS F 301 60.49 16.46 -3.14
CA LYS F 301 61.85 16.28 -2.66
C LYS F 301 62.17 14.79 -2.54
N ASN F 302 61.23 14.02 -1.98
CA ASN F 302 61.43 12.59 -1.79
C ASN F 302 61.58 11.79 -3.09
N GLN F 303 60.79 12.12 -4.11
CA GLN F 303 60.89 11.40 -5.38
C GLN F 303 62.27 11.64 -5.99
N ARG F 304 62.82 12.83 -5.76
CA ARG F 304 64.16 13.14 -6.28
C ARG F 304 65.21 12.39 -5.44
N ILE F 305 64.95 12.20 -4.15
CA ILE F 305 65.87 11.47 -3.30
C ILE F 305 65.89 10.02 -3.78
N VAL F 306 64.72 9.47 -4.10
CA VAL F 306 64.61 8.11 -4.58
C VAL F 306 65.33 8.00 -5.93
N LYS F 307 64.97 8.88 -6.86
CA LYS F 307 65.57 8.88 -8.20
C LYS F 307 67.10 8.89 -8.10
N ASP F 308 67.64 9.79 -7.29
CA ASP F 308 69.08 9.90 -7.11
C ASP F 308 69.67 8.65 -6.48
N PHE F 309 68.94 8.05 -5.53
CA PHE F 309 69.40 6.86 -4.85
C PHE F 309 69.84 5.76 -5.81
N PHE F 310 68.95 5.39 -6.71
CA PHE F 310 69.27 4.33 -7.66
C PHE F 310 70.40 4.72 -8.62
N GLU F 311 70.30 5.90 -9.22
CA GLU F 311 71.32 6.35 -10.15
C GLU F 311 72.70 6.19 -9.55
N VAL F 312 72.84 6.49 -8.25
CA VAL F 312 74.12 6.40 -7.55
C VAL F 312 74.48 5.00 -7.03
N ASN F 313 73.50 4.29 -6.50
CA ASN F 313 73.73 2.98 -5.91
C ASN F 313 73.46 1.74 -6.76
N HIS F 314 72.39 1.77 -7.54
CA HIS F 314 72.01 0.65 -8.38
C HIS F 314 71.40 1.15 -9.69
N PRO F 315 72.23 1.78 -10.53
CA PRO F 315 71.87 2.35 -11.83
C PRO F 315 70.91 1.58 -12.72
N GLU F 316 70.99 0.25 -12.73
CA GLU F 316 70.10 -0.53 -13.59
C GLU F 316 68.65 -0.47 -13.17
N ILE F 317 68.41 -0.12 -11.92
CA ILE F 317 67.05 0.00 -11.41
C ILE F 317 66.69 1.45 -11.67
N LYS F 318 65.46 1.71 -12.10
CA LYS F 318 65.09 3.08 -12.40
C LYS F 318 63.83 3.64 -11.75
N ALA F 319 64.02 4.78 -11.11
CA ALA F 319 62.94 5.47 -10.44
C ALA F 319 62.89 6.88 -11.03
N PRO F 320 62.24 7.02 -12.19
CA PRO F 320 62.16 8.35 -12.82
C PRO F 320 61.10 9.20 -12.09
N LEU F 321 61.22 10.51 -12.21
CA LEU F 321 60.28 11.43 -11.57
C LEU F 321 58.86 11.27 -12.10
N ILE F 322 57.87 11.51 -11.25
CA ILE F 322 56.48 11.42 -11.69
C ILE F 322 55.92 12.84 -11.83
N GLU F 323 54.77 12.97 -12.48
CA GLU F 323 54.17 14.28 -12.67
C GLU F 323 53.04 14.51 -11.67
N GLY F 324 52.39 13.42 -11.25
CA GLY F 324 51.28 13.51 -10.32
C GLY F 324 51.23 12.40 -9.28
N THR F 325 50.33 12.55 -8.32
CA THR F 325 50.17 11.61 -7.20
C THR F 325 51.48 11.62 -6.41
N TYR F 326 51.51 10.92 -5.28
CA TYR F 326 52.74 10.86 -4.50
C TYR F 326 53.22 9.41 -4.53
N LEU F 327 52.86 8.73 -5.62
CA LEU F 327 53.21 7.32 -5.83
C LEU F 327 54.15 7.17 -7.04
N GLN F 328 55.41 6.89 -6.75
CA GLN F 328 56.43 6.73 -7.77
C GLN F 328 56.57 5.28 -8.24
N TRP F 329 56.73 5.12 -9.55
CA TRP F 329 56.83 3.83 -10.25
C TRP F 329 58.30 3.39 -10.49
N ILE F 330 58.79 2.41 -9.73
CA ILE F 330 60.17 1.95 -9.89
C ILE F 330 60.34 0.72 -10.77
N ASP F 331 61.18 0.83 -11.79
CA ASP F 331 61.44 -0.25 -12.74
C ASP F 331 62.58 -1.16 -12.27
N PHE F 332 62.21 -2.35 -11.78
CA PHE F 332 63.19 -3.30 -11.28
C PHE F 332 63.49 -4.44 -12.25
N ARG F 333 62.86 -4.43 -13.42
CA ARG F 333 63.07 -5.51 -14.38
C ARG F 333 64.54 -5.85 -14.59
N ALA F 334 65.41 -4.84 -14.67
CA ALA F 334 66.83 -5.09 -14.86
C ALA F 334 67.37 -6.11 -13.85
N LEU F 335 66.64 -6.29 -12.75
CA LEU F 335 67.05 -7.23 -11.72
C LEU F 335 66.86 -8.69 -12.13
N LYS F 336 65.90 -8.93 -13.02
CA LYS F 336 65.59 -10.27 -13.51
C LYS F 336 64.91 -11.18 -12.49
N MET F 337 64.38 -10.62 -11.41
CA MET F 337 63.68 -11.44 -10.41
C MET F 337 62.22 -11.48 -10.79
N ASP F 338 61.64 -12.68 -10.86
CA ASP F 338 60.24 -12.79 -11.19
C ASP F 338 59.49 -12.04 -10.09
N HIS F 339 58.28 -11.60 -10.41
CA HIS F 339 57.50 -10.82 -9.46
C HIS F 339 57.30 -11.42 -8.08
N LYS F 340 57.10 -12.74 -8.01
CA LYS F 340 56.86 -13.36 -6.72
C LYS F 340 58.11 -13.45 -5.86
N ALA F 341 59.23 -13.76 -6.49
CA ALA F 341 60.49 -13.87 -5.77
C ALA F 341 60.98 -12.48 -5.42
N MET F 342 60.53 -11.49 -6.19
CA MET F 342 60.90 -10.10 -5.95
C MET F 342 60.08 -9.61 -4.76
N GLU F 343 58.82 -10.02 -4.69
CA GLU F 343 57.96 -9.65 -3.59
C GLU F 343 58.46 -10.31 -2.30
N GLU F 344 58.99 -11.52 -2.42
CA GLU F 344 59.52 -12.25 -1.28
C GLU F 344 60.73 -11.50 -0.74
N PHE F 345 61.57 -11.04 -1.66
CA PHE F 345 62.78 -10.29 -1.33
C PHE F 345 62.48 -8.97 -0.63
N MET F 346 61.49 -8.24 -1.14
CA MET F 346 61.13 -6.94 -0.56
C MET F 346 60.58 -7.03 0.86
N ILE F 347 59.65 -7.95 1.06
CA ILE F 347 59.01 -8.14 2.35
C ILE F 347 59.89 -8.74 3.44
N HIS F 348 60.67 -9.76 3.10
CA HIS F 348 61.49 -10.38 4.12
C HIS F 348 62.95 -9.98 4.18
N LYS F 349 63.56 -9.73 3.03
CA LYS F 349 64.97 -9.34 3.04
C LYS F 349 65.20 -7.85 3.20
N ALA F 350 64.46 -7.04 2.47
CA ALA F 350 64.65 -5.59 2.56
C ALA F 350 63.72 -4.92 3.55
N GLN F 351 62.64 -5.63 3.90
CA GLN F 351 61.65 -5.09 4.82
C GLN F 351 61.22 -3.70 4.39
N ILE F 352 61.00 -3.56 3.10
CA ILE F 352 60.54 -2.32 2.51
C ILE F 352 59.20 -2.75 1.89
N PHE F 353 58.11 -2.13 2.31
CA PHE F 353 56.82 -2.55 1.80
C PHE F 353 56.22 -1.62 0.77
N PHE F 354 56.43 -2.00 -0.49
CA PHE F 354 55.92 -1.27 -1.63
C PHE F 354 54.53 -1.82 -1.94
N ASP F 355 54.01 -1.36 -3.06
CA ASP F 355 52.76 -1.89 -3.54
C ASP F 355 53.39 -2.56 -4.76
N GLU F 356 53.51 -3.89 -4.71
CA GLU F 356 54.11 -4.66 -5.80
C GLU F 356 53.49 -4.31 -7.14
N GLY F 357 54.34 -4.01 -8.12
CA GLY F 357 53.86 -3.64 -9.44
C GLY F 357 52.86 -4.56 -10.09
N TYR F 358 53.09 -5.86 -9.99
CA TYR F 358 52.20 -6.83 -10.62
C TYR F 358 50.73 -6.74 -10.22
N ILE F 359 50.41 -6.15 -9.07
CA ILE F 359 49.00 -6.09 -8.67
C ILE F 359 48.15 -5.12 -9.49
N PHE F 360 48.80 -4.29 -10.31
CA PHE F 360 48.04 -3.33 -11.12
C PHE F 360 47.84 -3.90 -12.54
N GLY F 361 48.17 -5.18 -12.71
CA GLY F 361 48.03 -5.83 -14.00
C GLY F 361 49.38 -6.35 -14.47
N ASP F 362 49.38 -7.21 -15.48
CA ASP F 362 50.63 -7.79 -15.98
C ASP F 362 51.59 -6.70 -16.44
N GLY F 363 51.05 -5.52 -16.74
CA GLY F 363 51.91 -4.42 -17.17
C GLY F 363 52.78 -3.89 -16.04
N GLY F 364 52.43 -4.24 -14.80
CA GLY F 364 53.19 -3.79 -13.66
C GLY F 364 54.21 -4.81 -13.18
N ILE F 365 54.18 -6.01 -13.77
CA ILE F 365 55.10 -7.08 -13.38
C ILE F 365 56.54 -6.60 -13.51
N GLY F 366 57.26 -6.57 -12.40
CA GLY F 366 58.64 -6.13 -12.45
C GLY F 366 58.86 -4.72 -11.95
N PHE F 367 57.75 -4.03 -11.64
CA PHE F 367 57.80 -2.68 -11.11
C PHE F 367 57.42 -2.67 -9.64
N GLU F 368 57.71 -1.55 -8.97
CA GLU F 368 57.40 -1.39 -7.56
C GLU F 368 56.88 0.03 -7.35
N ARG F 369 55.78 0.15 -6.61
CA ARG F 369 55.22 1.46 -6.35
C ARG F 369 55.60 1.90 -4.94
N ILE F 370 56.19 3.08 -4.83
CA ILE F 370 56.60 3.58 -3.52
C ILE F 370 55.82 4.83 -3.10
N ASN F 371 55.25 4.78 -1.89
CA ASN F 371 54.48 5.90 -1.34
C ASN F 371 55.46 6.92 -0.80
N LEU F 372 55.51 8.10 -1.43
CA LEU F 372 56.43 9.16 -1.04
C LEU F 372 55.92 10.09 0.06
N ALA F 373 54.66 9.91 0.46
CA ALA F 373 54.05 10.73 1.51
C ALA F 373 54.55 10.30 2.88
N ALA F 374 55.72 10.82 3.26
CA ALA F 374 56.33 10.51 4.55
C ALA F 374 57.57 11.37 4.70
N PRO F 375 58.04 11.57 5.94
CA PRO F 375 59.23 12.39 6.13
C PRO F 375 60.40 11.92 5.25
N SER F 376 61.25 12.85 4.81
CA SER F 376 62.39 12.46 4.00
C SER F 376 63.28 11.44 4.72
N SER F 377 63.49 11.63 6.01
CA SER F 377 64.31 10.74 6.80
C SER F 377 63.84 9.29 6.74
N VAL F 378 62.52 9.09 6.70
CA VAL F 378 61.95 7.75 6.65
C VAL F 378 62.24 7.14 5.29
N ILE F 379 62.09 7.93 4.24
CA ILE F 379 62.37 7.45 2.89
C ILE F 379 63.85 7.02 2.83
N GLN F 380 64.72 7.84 3.41
CA GLN F 380 66.15 7.54 3.43
C GLN F 380 66.41 6.25 4.18
N GLU F 381 65.80 6.11 5.35
CA GLU F 381 65.95 4.90 6.15
C GLU F 381 65.61 3.69 5.29
N SER F 382 64.39 3.69 4.74
CA SER F 382 63.89 2.60 3.91
C SER F 382 64.83 2.31 2.73
N LEU F 383 65.34 3.35 2.09
CA LEU F 383 66.22 3.18 0.95
C LEU F 383 67.55 2.55 1.33
N GLU F 384 68.11 2.98 2.46
CA GLU F 384 69.39 2.43 2.92
C GLU F 384 69.25 0.96 3.32
N ARG F 385 68.07 0.59 3.80
CA ARG F 385 67.80 -0.80 4.21
C ARG F 385 67.69 -1.64 2.94
N LEU F 386 67.17 -1.03 1.88
CA LEU F 386 67.03 -1.71 0.59
C LEU F 386 68.39 -1.76 -0.11
N ASN F 387 69.24 -0.78 0.20
CA ASN F 387 70.58 -0.71 -0.38
C ASN F 387 71.38 -1.92 0.08
N LYS F 388 71.41 -2.15 1.39
CA LYS F 388 72.12 -3.29 1.96
C LYS F 388 71.56 -4.59 1.38
N ALA F 389 70.25 -4.75 1.40
CA ALA F 389 69.64 -5.97 0.88
C ALA F 389 70.05 -6.25 -0.56
N LEU F 390 70.04 -5.21 -1.40
CA LEU F 390 70.41 -5.36 -2.80
C LEU F 390 71.86 -5.79 -2.95
N LYS F 391 72.76 -5.15 -2.22
CA LYS F 391 74.17 -5.51 -2.28
C LYS F 391 74.36 -6.97 -1.93
N ASP F 392 73.63 -7.43 -0.91
CA ASP F 392 73.71 -8.83 -0.49
C ASP F 392 73.21 -9.69 -1.63
N LEU F 393 72.10 -9.27 -2.23
CA LEU F 393 71.53 -10.00 -3.36
C LEU F 393 72.65 -10.13 -4.38
N LYS F 394 73.67 -9.28 -4.20
CA LYS F 394 74.85 -9.25 -5.03
C LYS F 394 74.55 -8.72 -6.42
N MET G 1 -50.38 -21.51 -15.00
CA MET G 1 -50.12 -22.87 -14.43
C MET G 1 -51.25 -23.86 -14.70
N ILE G 2 -51.01 -25.11 -14.31
CA ILE G 2 -52.01 -26.16 -14.48
C ILE G 2 -52.70 -26.32 -13.14
N TYR G 3 -54.02 -26.16 -13.15
CA TYR G 3 -54.80 -26.24 -11.93
C TYR G 3 -55.48 -27.59 -11.72
N ASP G 4 -55.47 -28.06 -10.48
CA ASP G 4 -56.07 -29.36 -10.17
C ASP G 4 -57.39 -29.24 -9.42
N PHE G 5 -58.47 -29.70 -10.06
CA PHE G 5 -59.78 -29.69 -9.42
C PHE G 5 -60.37 -31.08 -9.54
N THR G 6 -59.50 -32.05 -9.78
CA THR G 6 -59.90 -33.44 -9.95
C THR G 6 -59.32 -34.44 -8.95
N THR G 7 -58.13 -34.17 -8.43
CA THR G 7 -57.53 -35.08 -7.47
C THR G 7 -58.33 -35.23 -6.19
N LYS G 8 -58.84 -36.43 -5.93
CA LYS G 8 -59.62 -36.67 -4.72
C LYS G 8 -58.61 -36.63 -3.57
N ILE G 9 -58.84 -35.77 -2.59
CA ILE G 9 -57.90 -35.67 -1.48
C ILE G 9 -58.48 -36.18 -0.16
N SER G 10 -57.60 -36.48 0.79
CA SER G 10 -58.03 -36.98 2.09
C SER G 10 -57.46 -36.10 3.20
N ARG G 11 -58.34 -35.61 4.07
CA ARG G 11 -57.93 -34.74 5.18
C ARG G 11 -58.10 -35.49 6.49
N LYS G 12 -57.99 -36.81 6.46
CA LYS G 12 -58.15 -37.62 7.66
C LYS G 12 -56.93 -37.48 8.58
N ASN G 13 -57.18 -37.40 9.88
CA ASN G 13 -56.11 -37.26 10.88
C ASN G 13 -55.15 -36.11 10.59
N LEU G 14 -55.71 -34.95 10.23
CA LEU G 14 -54.90 -33.78 9.92
C LEU G 14 -55.35 -32.55 10.67
N GLY G 15 -56.25 -32.74 11.64
CA GLY G 15 -56.75 -31.62 12.41
C GLY G 15 -57.86 -30.84 11.71
N SER G 16 -58.49 -31.46 10.73
CA SER G 16 -59.56 -30.84 9.99
C SER G 16 -60.86 -30.90 10.78
N LEU G 17 -61.35 -29.76 11.26
CA LEU G 17 -62.59 -29.74 12.02
C LEU G 17 -63.71 -30.44 11.24
N LYS G 18 -63.75 -30.23 9.93
CA LYS G 18 -64.75 -30.85 9.07
C LYS G 18 -64.64 -32.38 9.02
N TRP G 19 -63.44 -32.89 8.74
CA TRP G 19 -63.25 -34.34 8.67
C TRP G 19 -63.37 -35.01 10.02
N ASP G 20 -62.93 -34.34 11.08
CA ASP G 20 -63.00 -34.91 12.42
C ASP G 20 -64.45 -34.92 12.90
N LEU G 21 -65.26 -34.00 12.40
CA LEU G 21 -66.66 -33.93 12.78
C LEU G 21 -67.37 -35.15 12.19
N MET G 22 -66.97 -35.51 10.98
CA MET G 22 -67.57 -36.65 10.29
C MET G 22 -67.34 -37.96 11.02
N TYR G 23 -66.09 -38.26 11.34
CA TYR G 23 -65.76 -39.51 12.04
C TYR G 23 -66.41 -39.53 13.42
N SER G 24 -66.58 -38.35 13.99
CA SER G 24 -67.19 -38.23 15.31
C SER G 24 -68.68 -38.54 15.24
N GLN G 25 -69.29 -38.17 14.13
CA GLN G 25 -70.71 -38.40 13.93
C GLN G 25 -70.96 -39.82 13.51
N ASN G 26 -70.02 -40.40 12.79
CA ASN G 26 -70.16 -41.76 12.31
C ASN G 26 -68.80 -42.43 12.22
N PRO G 27 -68.32 -42.98 13.35
CA PRO G 27 -67.03 -43.66 13.43
C PRO G 27 -66.90 -44.79 12.42
N GLU G 28 -68.03 -45.35 12.02
CA GLU G 28 -68.01 -46.46 11.07
C GLU G 28 -67.98 -46.01 9.61
N VAL G 29 -67.99 -44.69 9.39
CA VAL G 29 -67.97 -44.13 8.05
C VAL G 29 -66.87 -44.73 7.16
N GLY G 30 -67.20 -44.94 5.90
CA GLY G 30 -66.23 -45.49 4.97
C GLY G 30 -65.07 -44.53 4.75
N ASN G 31 -63.96 -45.05 4.24
CA ASN G 31 -62.80 -44.19 4.01
C ASN G 31 -62.81 -43.54 2.63
N GLU G 32 -63.81 -43.85 1.82
CA GLU G 32 -63.91 -43.26 0.50
C GLU G 32 -64.81 -42.03 0.62
N VAL G 33 -65.46 -41.91 1.77
CA VAL G 33 -66.38 -40.81 2.04
C VAL G 33 -65.71 -39.46 2.29
N VAL G 34 -66.22 -38.45 1.58
CA VAL G 34 -65.71 -37.09 1.70
C VAL G 34 -66.86 -36.24 2.23
N PRO G 35 -66.63 -35.52 3.34
CA PRO G 35 -67.70 -34.69 3.90
C PRO G 35 -68.05 -33.52 3.00
N LEU G 36 -69.34 -33.18 2.95
CA LEU G 36 -69.82 -32.07 2.14
C LEU G 36 -70.51 -31.07 3.07
N SER G 37 -69.89 -30.81 4.21
CA SER G 37 -70.44 -29.93 5.22
C SER G 37 -69.82 -28.52 5.38
N VAL G 38 -68.78 -28.43 6.21
CA VAL G 38 -68.11 -27.17 6.49
C VAL G 38 -67.59 -26.45 5.25
N ALA G 39 -67.78 -25.13 5.22
CA ALA G 39 -67.34 -24.31 4.10
C ALA G 39 -65.85 -24.10 3.89
N ASP G 40 -65.16 -25.13 3.44
CA ASP G 40 -63.76 -25.04 3.05
C ASP G 40 -63.64 -26.07 1.92
N MET G 41 -63.01 -25.67 0.83
CA MET G 41 -62.87 -26.52 -0.35
C MET G 41 -62.12 -27.85 -0.21
N GLU G 42 -62.55 -28.85 -0.98
CA GLU G 42 -61.87 -30.13 -0.99
C GLU G 42 -60.94 -30.11 -2.22
N PHE G 43 -60.38 -28.94 -2.45
CA PHE G 43 -59.45 -28.72 -3.53
C PHE G 43 -58.16 -28.30 -2.86
N LYS G 44 -57.02 -28.68 -3.46
CA LYS G 44 -55.76 -28.26 -2.90
C LYS G 44 -55.76 -26.75 -3.15
N ASN G 45 -54.92 -26.02 -2.43
CA ASN G 45 -54.87 -24.57 -2.60
C ASN G 45 -54.19 -24.15 -3.91
N PRO G 46 -54.42 -22.90 -4.35
CA PRO G 46 -53.83 -22.38 -5.58
C PRO G 46 -52.32 -22.60 -5.57
N PRO G 47 -51.77 -23.09 -6.69
CA PRO G 47 -50.32 -23.33 -6.77
C PRO G 47 -49.48 -22.08 -6.52
N GLU G 48 -49.95 -20.94 -7.03
CA GLU G 48 -49.22 -19.69 -6.83
C GLU G 48 -49.08 -19.38 -5.34
N LEU G 49 -50.10 -19.71 -4.57
CA LEU G 49 -50.07 -19.46 -3.13
C LEU G 49 -49.08 -20.36 -2.42
N ILE G 50 -49.12 -21.66 -2.70
CA ILE G 50 -48.20 -22.58 -2.06
C ILE G 50 -46.76 -22.24 -2.48
N GLU G 51 -46.54 -21.94 -3.77
CA GLU G 51 -45.19 -21.59 -4.24
C GLU G 51 -44.75 -20.28 -3.60
N GLY G 52 -45.70 -19.35 -3.48
CA GLY G 52 -45.43 -18.05 -2.90
C GLY G 52 -45.12 -18.08 -1.41
N LEU G 53 -45.89 -18.86 -0.66
CA LEU G 53 -45.68 -18.97 0.78
C LEU G 53 -44.29 -19.56 1.06
N LYS G 54 -43.89 -20.54 0.27
CA LYS G 54 -42.58 -21.18 0.44
C LYS G 54 -41.45 -20.23 0.06
N LYS G 55 -41.70 -19.41 -0.95
CA LYS G 55 -40.72 -18.43 -1.40
C LYS G 55 -40.54 -17.43 -0.28
N TYR G 56 -41.66 -17.10 0.36
CA TYR G 56 -41.66 -16.13 1.45
C TYR G 56 -41.04 -16.68 2.72
N LEU G 57 -41.31 -17.94 3.03
CA LEU G 57 -40.74 -18.53 4.22
C LEU G 57 -39.22 -18.44 4.16
N ASP G 58 -38.65 -18.54 2.96
CA ASP G 58 -37.20 -18.46 2.82
C ASP G 58 -36.65 -17.04 2.95
N GLU G 59 -37.53 -16.04 2.87
CA GLU G 59 -37.08 -14.66 2.94
C GLU G 59 -37.40 -13.94 4.23
N THR G 60 -38.57 -14.20 4.77
CA THR G 60 -39.03 -13.50 5.95
C THR G 60 -38.68 -14.09 7.33
N VAL G 61 -38.94 -13.28 8.35
CA VAL G 61 -38.74 -13.62 9.74
C VAL G 61 -40.15 -13.63 10.32
N LEU G 62 -40.56 -14.75 10.89
CA LEU G 62 -41.90 -14.90 11.44
C LEU G 62 -42.15 -14.14 12.73
N GLY G 63 -41.70 -12.89 12.78
CA GLY G 63 -41.86 -12.06 13.97
C GLY G 63 -43.19 -11.32 14.03
N TYR G 64 -43.25 -10.28 14.86
CA TYR G 64 -44.46 -9.49 15.01
C TYR G 64 -44.70 -8.77 13.70
N THR G 65 -45.79 -9.11 13.03
CA THR G 65 -46.10 -8.54 11.75
C THR G 65 -47.47 -7.89 11.65
N GLY G 66 -47.56 -6.91 10.75
CA GLY G 66 -48.80 -6.19 10.52
C GLY G 66 -48.86 -5.95 9.03
N PRO G 67 -49.92 -5.29 8.54
CA PRO G 67 -50.01 -5.03 7.10
C PRO G 67 -49.06 -3.94 6.59
N THR G 68 -48.49 -4.15 5.42
CA THR G 68 -47.61 -3.15 4.81
C THR G 68 -48.52 -2.27 3.97
N GLU G 69 -47.97 -1.24 3.34
CA GLU G 69 -48.78 -0.37 2.52
C GLU G 69 -49.16 -1.06 1.22
N GLU G 70 -48.28 -1.92 0.73
CA GLU G 70 -48.54 -2.66 -0.50
C GLU G 70 -49.70 -3.62 -0.33
N TYR G 71 -49.83 -4.19 0.88
CA TYR G 71 -50.91 -5.11 1.19
C TYR G 71 -52.23 -4.34 1.10
N LYS G 72 -52.29 -3.21 1.79
CA LYS G 72 -53.49 -2.37 1.79
C LYS G 72 -53.87 -1.94 0.39
N LYS G 73 -52.88 -1.52 -0.39
CA LYS G 73 -53.14 -1.10 -1.77
C LYS G 73 -53.72 -2.28 -2.52
N THR G 74 -53.17 -3.46 -2.29
CA THR G 74 -53.63 -4.68 -2.98
C THR G 74 -55.09 -4.98 -2.67
N VAL G 75 -55.49 -4.87 -1.40
CA VAL G 75 -56.86 -5.13 -1.00
C VAL G 75 -57.73 -4.10 -1.72
N LYS G 76 -57.29 -2.85 -1.67
CA LYS G 76 -57.99 -1.75 -2.31
C LYS G 76 -58.09 -2.02 -3.81
N LYS G 77 -56.99 -2.49 -4.41
CA LYS G 77 -56.99 -2.77 -5.84
C LYS G 77 -57.99 -3.87 -6.20
N TRP G 78 -58.08 -4.88 -5.33
CA TRP G 78 -59.01 -5.99 -5.56
C TRP G 78 -60.45 -5.50 -5.49
N MET G 79 -60.74 -4.69 -4.48
CA MET G 79 -62.09 -4.18 -4.31
C MET G 79 -62.53 -3.40 -5.55
N LYS G 80 -61.59 -2.71 -6.19
CA LYS G 80 -61.90 -1.92 -7.39
C LYS G 80 -62.13 -2.81 -8.59
N ASP G 81 -61.05 -3.44 -9.05
CA ASP G 81 -61.12 -4.33 -10.20
C ASP G 81 -62.26 -5.36 -10.15
N ARG G 82 -62.44 -6.00 -8.99
CA ARG G 82 -63.45 -7.04 -8.84
C ARG G 82 -64.86 -6.66 -8.38
N HIS G 83 -65.03 -5.53 -7.73
CA HIS G 83 -66.37 -5.17 -7.28
C HIS G 83 -66.73 -3.72 -7.58
N GLN G 84 -65.87 -3.02 -8.33
CA GLN G 84 -66.12 -1.63 -8.65
C GLN G 84 -66.44 -0.90 -7.35
N TRP G 85 -65.57 -1.11 -6.37
CA TRP G 85 -65.74 -0.50 -5.06
C TRP G 85 -64.49 0.29 -4.71
N ASP G 86 -64.67 1.61 -4.52
CA ASP G 86 -63.57 2.49 -4.17
C ASP G 86 -63.43 2.62 -2.66
N ILE G 87 -62.35 2.10 -2.11
CA ILE G 87 -62.11 2.19 -0.67
C ILE G 87 -60.76 2.89 -0.46
N GLN G 88 -60.44 3.19 0.78
CA GLN G 88 -59.16 3.82 1.09
C GLN G 88 -58.31 2.88 1.94
N THR G 89 -57.00 2.95 1.77
CA THR G 89 -56.12 2.07 2.53
C THR G 89 -56.41 2.10 4.02
N ASP G 90 -56.73 3.27 4.55
CA ASP G 90 -56.96 3.38 5.98
C ASP G 90 -58.34 2.91 6.48
N TRP G 91 -59.14 2.32 5.59
CA TRP G 91 -60.47 1.81 5.96
C TRP G 91 -60.35 0.34 6.32
N ILE G 92 -59.19 -0.26 6.05
CA ILE G 92 -58.98 -1.67 6.30
C ILE G 92 -58.51 -2.05 7.70
N ILE G 93 -59.39 -2.73 8.43
CA ILE G 93 -59.11 -3.20 9.80
C ILE G 93 -59.03 -4.73 9.78
N ASN G 94 -57.91 -5.28 10.22
CA ASN G 94 -57.72 -6.73 10.22
C ASN G 94 -58.13 -7.44 11.49
N THR G 95 -58.76 -8.60 11.31
CA THR G 95 -59.17 -9.45 12.42
C THR G 95 -58.83 -10.88 11.98
N ALA G 96 -58.78 -11.81 12.92
CA ALA G 96 -58.44 -13.21 12.59
C ALA G 96 -59.65 -13.97 12.08
N GLY G 97 -60.61 -13.24 11.50
CA GLY G 97 -61.80 -13.89 11.00
C GLY G 97 -63.04 -13.02 11.05
N VAL G 98 -64.01 -13.36 10.21
CA VAL G 98 -65.26 -12.63 10.13
C VAL G 98 -66.16 -12.89 11.34
N VAL G 99 -66.30 -14.14 11.77
CA VAL G 99 -67.17 -14.40 12.90
C VAL G 99 -66.78 -13.58 14.12
N PRO G 100 -65.48 -13.53 14.44
CA PRO G 100 -65.06 -12.73 15.60
C PRO G 100 -65.32 -11.24 15.41
N ALA G 101 -65.17 -10.76 14.18
CA ALA G 101 -65.41 -9.36 13.88
C ALA G 101 -66.89 -9.04 14.11
N VAL G 102 -67.76 -10.00 13.86
CA VAL G 102 -69.18 -9.82 14.08
C VAL G 102 -69.42 -9.78 15.59
N PHE G 103 -68.86 -10.75 16.31
CA PHE G 103 -69.00 -10.77 17.76
C PHE G 103 -68.49 -9.46 18.30
N ASN G 104 -67.44 -8.91 17.69
CA ASN G 104 -66.90 -7.65 18.16
C ASN G 104 -67.81 -6.48 17.80
N ALA G 105 -68.45 -6.54 16.64
CA ALA G 105 -69.36 -5.47 16.22
C ALA G 105 -70.55 -5.42 17.17
N VAL G 106 -71.03 -6.61 17.56
CA VAL G 106 -72.15 -6.74 18.48
C VAL G 106 -71.74 -6.20 19.85
N ARG G 107 -70.59 -6.66 20.32
CA ARG G 107 -70.07 -6.28 21.61
C ARG G 107 -69.75 -4.79 21.75
N GLU G 108 -69.39 -4.14 20.64
CA GLU G 108 -69.03 -2.73 20.68
C GLU G 108 -70.14 -1.72 20.40
N PHE G 109 -71.01 -2.00 19.45
CA PHE G 109 -72.06 -1.04 19.13
C PHE G 109 -73.47 -1.34 19.63
N THR G 110 -73.56 -2.15 20.68
CA THR G 110 -74.83 -2.46 21.29
C THR G 110 -74.57 -2.77 22.75
N LYS G 111 -75.64 -2.96 23.50
CA LYS G 111 -75.55 -3.28 24.92
C LYS G 111 -76.58 -4.37 25.17
N PRO G 112 -76.40 -5.16 26.24
CA PRO G 112 -77.38 -6.22 26.50
C PRO G 112 -78.83 -5.72 26.43
N GLY G 113 -79.70 -6.53 25.86
CA GLY G 113 -81.09 -6.13 25.74
C GLY G 113 -81.37 -5.49 24.39
N ASP G 114 -80.36 -4.86 23.81
CA ASP G 114 -80.53 -4.23 22.50
C ASP G 114 -80.92 -5.27 21.48
N GLY G 115 -81.59 -4.83 20.42
CA GLY G 115 -82.00 -5.76 19.39
C GLY G 115 -81.12 -5.65 18.17
N VAL G 116 -80.91 -6.79 17.51
CA VAL G 116 -80.13 -6.87 16.28
C VAL G 116 -80.98 -7.67 15.32
N ILE G 117 -81.17 -7.15 14.12
CA ILE G 117 -81.99 -7.81 13.11
C ILE G 117 -81.20 -8.71 12.17
N ILE G 118 -81.72 -9.91 11.94
CA ILE G 118 -81.08 -10.84 11.02
C ILE G 118 -82.13 -11.49 10.12
N ILE G 119 -81.77 -11.68 8.85
CA ILE G 119 -82.65 -12.28 7.87
C ILE G 119 -82.36 -13.78 7.83
N THR G 120 -83.23 -14.55 8.48
CA THR G 120 -83.09 -15.99 8.58
C THR G 120 -83.96 -16.74 7.58
N PRO G 121 -83.65 -18.03 7.33
CA PRO G 121 -82.54 -18.80 7.90
C PRO G 121 -81.21 -18.23 7.43
N VAL G 122 -80.18 -18.38 8.26
CA VAL G 122 -78.87 -17.83 7.91
C VAL G 122 -77.74 -18.50 8.71
N TYR G 123 -76.51 -18.31 8.24
CA TYR G 123 -75.32 -18.85 8.87
C TYR G 123 -75.48 -18.74 10.39
N TYR G 124 -75.55 -19.88 11.05
CA TYR G 124 -75.77 -19.96 12.49
C TYR G 124 -74.99 -19.08 13.48
N PRO G 125 -73.71 -18.75 13.19
CA PRO G 125 -72.99 -17.90 14.15
C PRO G 125 -73.61 -16.52 14.34
N PHE G 126 -74.44 -16.09 13.39
CA PHE G 126 -75.10 -14.80 13.49
C PHE G 126 -75.95 -14.83 14.77
N PHE G 127 -76.68 -15.92 14.95
CA PHE G 127 -77.52 -16.07 16.14
C PHE G 127 -76.65 -16.01 17.39
N MET G 128 -75.58 -16.78 17.37
CA MET G 128 -74.66 -16.85 18.50
C MET G 128 -74.00 -15.51 18.84
N ALA G 129 -73.52 -14.80 17.83
CA ALA G 129 -72.87 -13.51 18.05
C ALA G 129 -73.80 -12.59 18.82
N ILE G 130 -75.09 -12.79 18.64
CA ILE G 130 -76.08 -11.95 19.30
C ILE G 130 -76.53 -12.47 20.66
N LYS G 131 -77.22 -13.60 20.70
CA LYS G 131 -77.74 -14.11 21.97
C LYS G 131 -76.67 -14.38 23.01
N ASN G 132 -75.55 -14.97 22.58
CA ASN G 132 -74.47 -15.28 23.49
C ASN G 132 -73.90 -14.04 24.17
N GLN G 133 -74.32 -12.86 23.73
CA GLN G 133 -73.82 -11.64 24.36
C GLN G 133 -74.98 -10.82 24.94
N GLU G 134 -76.00 -11.53 25.43
CA GLU G 134 -77.15 -10.88 26.04
C GLU G 134 -77.94 -9.93 25.15
N ARG G 135 -77.76 -10.04 23.84
CA ARG G 135 -78.51 -9.18 22.93
C ARG G 135 -79.75 -9.92 22.43
N LYS G 136 -80.66 -9.19 21.80
CA LYS G 136 -81.89 -9.77 21.29
C LYS G 136 -81.89 -10.09 19.80
N ILE G 137 -82.10 -11.36 19.47
CA ILE G 137 -82.14 -11.80 18.07
C ILE G 137 -83.49 -11.45 17.42
N ILE G 138 -83.46 -10.52 16.46
CA ILE G 138 -84.65 -10.09 15.75
C ILE G 138 -84.69 -10.74 14.36
N GLU G 139 -85.57 -11.71 14.18
CA GLU G 139 -85.66 -12.42 12.92
C GLU G 139 -86.62 -11.84 11.89
N CYS G 140 -86.09 -11.55 10.71
CA CYS G 140 -86.88 -11.05 9.62
C CYS G 140 -86.83 -12.15 8.56
N GLU G 141 -87.48 -13.26 8.90
CA GLU G 141 -87.54 -14.45 8.03
C GLU G 141 -87.67 -14.12 6.55
N LEU G 142 -87.10 -14.99 5.72
CA LEU G 142 -87.15 -14.82 4.28
C LEU G 142 -88.45 -15.42 3.77
N LEU G 143 -88.85 -14.98 2.59
CA LEU G 143 -90.07 -15.45 1.95
C LEU G 143 -89.65 -16.45 0.89
N GLU G 144 -90.04 -17.71 1.09
CA GLU G 144 -89.68 -18.77 0.14
C GLU G 144 -90.82 -19.07 -0.82
N LYS G 145 -90.51 -19.03 -2.12
CA LYS G 145 -91.50 -19.29 -3.17
C LYS G 145 -90.96 -20.25 -4.22
N ASP G 146 -91.36 -21.51 -4.13
CA ASP G 146 -90.91 -22.49 -5.10
C ASP G 146 -89.39 -22.59 -5.07
N GLY G 147 -88.81 -22.40 -3.91
CA GLY G 147 -87.36 -22.48 -3.77
C GLY G 147 -86.61 -21.17 -3.91
N TYR G 148 -87.30 -20.09 -4.30
CA TYR G 148 -86.62 -18.82 -4.44
C TYR G 148 -86.87 -17.94 -3.23
N TYR G 149 -85.79 -17.48 -2.61
CA TYR G 149 -85.89 -16.65 -1.42
C TYR G 149 -85.84 -15.16 -1.71
N THR G 150 -86.70 -14.42 -1.01
CA THR G 150 -86.78 -12.97 -1.16
C THR G 150 -87.03 -12.28 0.18
N ILE G 151 -86.63 -11.01 0.26
CA ILE G 151 -86.77 -10.24 1.48
C ILE G 151 -88.15 -9.66 1.77
N ASP G 152 -88.56 -9.77 3.02
CA ASP G 152 -89.85 -9.27 3.52
C ASP G 152 -89.66 -7.80 3.86
N PHE G 153 -89.65 -6.94 2.84
CA PHE G 153 -89.46 -5.50 3.07
C PHE G 153 -90.51 -4.84 3.95
N GLN G 154 -91.67 -5.47 4.06
CA GLN G 154 -92.75 -4.93 4.88
C GLN G 154 -92.40 -5.13 6.35
N LYS G 155 -92.06 -6.36 6.71
CA LYS G 155 -91.68 -6.72 8.07
C LYS G 155 -90.35 -6.05 8.45
N LEU G 156 -89.44 -6.00 7.47
CA LEU G 156 -88.14 -5.40 7.70
C LEU G 156 -88.29 -3.92 8.07
N GLU G 157 -89.16 -3.20 7.37
CA GLU G 157 -89.37 -1.79 7.69
C GLU G 157 -90.01 -1.63 9.07
N LYS G 158 -90.89 -2.56 9.41
CA LYS G 158 -91.56 -2.54 10.70
C LYS G 158 -90.50 -2.61 11.80
N LEU G 159 -89.72 -3.68 11.76
CA LEU G 159 -88.66 -3.90 12.74
C LEU G 159 -87.66 -2.76 12.82
N SER G 160 -87.41 -2.08 11.71
CA SER G 160 -86.47 -0.97 11.72
C SER G 160 -87.03 0.21 12.49
N LYS G 161 -88.34 0.20 12.70
CA LYS G 161 -89.02 1.25 13.45
C LYS G 161 -88.80 1.07 14.95
N ASP G 162 -88.71 -0.19 15.40
CA ASP G 162 -88.48 -0.46 16.81
C ASP G 162 -87.10 0.08 17.16
N LYS G 163 -87.11 1.18 17.91
CA LYS G 163 -85.89 1.87 18.34
C LYS G 163 -84.96 1.05 19.20
N ASN G 164 -85.41 -0.10 19.69
CA ASN G 164 -84.55 -0.94 20.51
C ASN G 164 -83.50 -1.62 19.65
N ASN G 165 -83.84 -1.82 18.38
CA ASN G 165 -82.95 -2.48 17.43
C ASN G 165 -81.88 -1.49 16.98
N LYS G 166 -80.61 -1.86 17.16
CA LYS G 166 -79.51 -0.98 16.79
C LYS G 166 -78.83 -1.29 15.47
N ALA G 167 -79.13 -2.46 14.89
CA ALA G 167 -78.49 -2.81 13.63
C ALA G 167 -79.11 -3.98 12.88
N LEU G 168 -78.69 -4.11 11.62
CA LEU G 168 -79.14 -5.17 10.72
C LEU G 168 -77.91 -6.00 10.34
N LEU G 169 -77.88 -7.26 10.74
CA LEU G 169 -76.76 -8.11 10.40
C LEU G 169 -77.10 -8.79 9.07
N PHE G 170 -76.52 -8.23 8.00
CA PHE G 170 -76.77 -8.70 6.64
C PHE G 170 -75.73 -9.65 6.07
N CYS G 171 -76.21 -10.66 5.35
CA CYS G 171 -75.36 -11.67 4.71
C CYS G 171 -75.50 -11.51 3.20
N SER G 172 -74.38 -11.25 2.52
CA SER G 172 -74.41 -11.04 1.07
C SER G 172 -73.08 -11.39 0.38
N PRO G 173 -73.05 -12.46 -0.43
CA PRO G 173 -74.15 -13.38 -0.76
C PRO G 173 -74.72 -14.01 0.50
N HIS G 174 -75.95 -14.49 0.38
CA HIS G 174 -76.61 -15.08 1.52
C HIS G 174 -76.53 -16.60 1.61
N ASN G 175 -75.84 -17.08 2.63
CA ASN G 175 -75.70 -18.50 2.89
C ASN G 175 -76.78 -18.84 3.91
N PRO G 176 -77.39 -20.03 3.82
CA PRO G 176 -77.22 -21.14 2.86
C PRO G 176 -78.07 -21.19 1.60
N VAL G 177 -78.91 -20.19 1.37
CA VAL G 177 -79.76 -20.20 0.19
C VAL G 177 -79.04 -19.84 -1.11
N GLY G 178 -77.85 -19.28 -1.00
CA GLY G 178 -77.10 -18.93 -2.21
C GLY G 178 -77.68 -17.79 -3.02
N ARG G 179 -78.33 -16.85 -2.35
CA ARG G 179 -78.90 -15.69 -3.05
C ARG G 179 -77.90 -14.57 -3.20
N VAL G 180 -77.91 -13.93 -4.36
CA VAL G 180 -77.05 -12.78 -4.62
C VAL G 180 -78.04 -11.65 -4.87
N TRP G 181 -78.17 -10.77 -3.88
CA TRP G 181 -79.11 -9.64 -3.92
C TRP G 181 -78.96 -8.68 -5.10
N LYS G 182 -80.10 -8.30 -5.68
CA LYS G 182 -80.14 -7.40 -6.83
C LYS G 182 -80.00 -5.95 -6.40
N LYS G 183 -79.65 -5.08 -7.35
CA LYS G 183 -79.48 -3.67 -7.05
C LYS G 183 -80.76 -3.05 -6.53
N ASP G 184 -81.90 -3.56 -6.96
CA ASP G 184 -83.20 -3.04 -6.55
C ASP G 184 -83.55 -3.45 -5.13
N GLU G 185 -83.17 -4.66 -4.76
CA GLU G 185 -83.43 -5.16 -3.41
C GLU G 185 -82.55 -4.40 -2.41
N LEU G 186 -81.32 -4.13 -2.79
CA LEU G 186 -80.37 -3.41 -1.94
C LEU G 186 -80.82 -1.96 -1.77
N GLN G 187 -81.44 -1.41 -2.81
CA GLN G 187 -81.92 -0.04 -2.76
C GLN G 187 -83.02 0.08 -1.72
N LYS G 188 -83.99 -0.84 -1.77
CA LYS G 188 -85.12 -0.84 -0.83
C LYS G 188 -84.68 -1.04 0.62
N ILE G 189 -83.68 -1.89 0.85
CA ILE G 189 -83.20 -2.10 2.21
C ILE G 189 -82.45 -0.85 2.61
N LYS G 190 -81.70 -0.29 1.66
CA LYS G 190 -80.92 0.93 1.89
C LYS G 190 -81.78 2.08 2.39
N ASP G 191 -82.95 2.26 1.78
CA ASP G 191 -83.84 3.34 2.20
C ASP G 191 -84.38 3.09 3.58
N ILE G 192 -84.71 1.84 3.87
CA ILE G 192 -85.23 1.49 5.18
C ILE G 192 -84.17 1.74 6.27
N VAL G 193 -82.91 1.50 5.94
CA VAL G 193 -81.83 1.71 6.90
C VAL G 193 -81.55 3.19 7.12
N LEU G 194 -81.39 3.95 6.03
CA LEU G 194 -81.13 5.39 6.13
C LEU G 194 -82.29 6.12 6.80
N LYS G 195 -83.48 5.53 6.73
CA LYS G 195 -84.68 6.11 7.33
C LYS G 195 -84.71 5.92 8.85
N SER G 196 -84.03 4.88 9.34
CA SER G 196 -83.98 4.60 10.78
C SER G 196 -82.58 4.91 11.28
N ASP G 197 -82.28 4.49 12.51
CA ASP G 197 -80.96 4.73 13.07
C ASP G 197 -80.14 3.45 13.06
N LEU G 198 -80.59 2.47 12.28
CA LEU G 198 -79.88 1.20 12.19
C LEU G 198 -78.48 1.36 11.61
N MET G 199 -77.58 0.49 12.05
CA MET G 199 -76.22 0.47 11.56
C MET G 199 -76.24 -0.69 10.58
N LEU G 200 -75.42 -0.66 9.54
CA LEU G 200 -75.41 -1.79 8.63
C LEU G 200 -74.13 -2.62 8.79
N TRP G 201 -74.31 -3.90 9.13
CA TRP G 201 -73.20 -4.83 9.28
C TRP G 201 -73.40 -5.82 8.15
N SER G 202 -72.67 -5.63 7.06
CA SER G 202 -72.82 -6.51 5.91
C SER G 202 -71.67 -7.51 5.80
N ASP G 203 -72.01 -8.79 5.99
CA ASP G 203 -71.03 -9.86 5.90
C ASP G 203 -71.01 -10.36 4.45
N GLU G 204 -69.95 -10.00 3.73
CA GLU G 204 -69.80 -10.36 2.33
C GLU G 204 -68.64 -11.30 2.02
N ILE G 205 -68.36 -12.16 3.00
CA ILE G 205 -67.25 -13.11 2.88
C ILE G 205 -67.34 -14.02 1.65
N HIS G 206 -68.52 -14.15 1.07
CA HIS G 206 -68.68 -14.99 -0.13
C HIS G 206 -68.78 -14.20 -1.43
N PHE G 207 -68.61 -12.88 -1.37
CA PHE G 207 -68.78 -12.08 -2.57
C PHE G 207 -67.90 -12.33 -3.80
N ASP G 208 -66.91 -13.21 -3.70
CA ASP G 208 -66.07 -13.53 -4.86
C ASP G 208 -66.47 -14.85 -5.52
N LEU G 209 -67.36 -15.58 -4.86
CA LEU G 209 -67.84 -16.87 -5.38
C LEU G 209 -69.25 -16.64 -5.93
N ILE G 210 -69.29 -15.97 -7.09
CA ILE G 210 -70.52 -15.64 -7.77
C ILE G 210 -70.66 -16.51 -9.02
N MET G 211 -71.77 -17.23 -9.12
CA MET G 211 -72.03 -18.10 -10.26
C MET G 211 -72.20 -17.31 -11.57
N PRO G 212 -71.93 -17.95 -12.72
CA PRO G 212 -72.07 -17.27 -14.01
C PRO G 212 -73.47 -16.70 -14.21
N GLY G 213 -73.51 -15.47 -14.72
CA GLY G 213 -74.77 -14.79 -14.96
C GLY G 213 -75.07 -13.74 -13.91
N TYR G 214 -74.66 -13.98 -12.69
CA TYR G 214 -74.92 -13.03 -11.63
C TYR G 214 -73.78 -12.08 -11.35
N GLU G 215 -74.11 -10.99 -10.68
CA GLU G 215 -73.11 -9.98 -10.35
C GLU G 215 -73.38 -9.44 -8.95
N HIS G 216 -72.38 -9.55 -8.08
CA HIS G 216 -72.51 -9.08 -6.71
C HIS G 216 -72.37 -7.57 -6.62
N THR G 217 -72.99 -6.99 -5.59
CA THR G 217 -72.94 -5.55 -5.35
C THR G 217 -72.57 -5.29 -3.90
N VAL G 218 -71.45 -4.61 -3.67
CA VAL G 218 -71.03 -4.30 -2.31
C VAL G 218 -72.06 -3.31 -1.77
N PHE G 219 -72.85 -3.77 -0.80
CA PHE G 219 -73.92 -2.97 -0.20
C PHE G 219 -73.58 -1.52 0.14
N GLN G 220 -72.42 -1.28 0.75
CA GLN G 220 -72.07 0.09 1.12
C GLN G 220 -71.56 0.94 -0.04
N SER G 221 -71.43 0.35 -1.22
CA SER G 221 -70.93 1.08 -2.39
C SER G 221 -72.04 1.86 -3.13
N ILE G 222 -73.29 1.49 -2.91
CA ILE G 222 -74.42 2.14 -3.57
C ILE G 222 -74.78 3.52 -3.01
N ASP G 223 -74.37 3.80 -1.78
CA ASP G 223 -74.70 5.09 -1.16
C ASP G 223 -73.66 5.55 -0.14
N GLU G 224 -73.28 6.83 -0.24
CA GLU G 224 -72.28 7.43 0.64
C GLU G 224 -72.71 7.51 2.09
N GLN G 225 -73.96 7.92 2.32
CA GLN G 225 -74.48 8.05 3.68
C GLN G 225 -74.74 6.69 4.30
N LEU G 226 -74.85 5.67 3.47
CA LEU G 226 -75.08 4.33 3.98
C LEU G 226 -73.73 3.83 4.49
N ALA G 227 -72.70 4.12 3.71
CA ALA G 227 -71.34 3.72 4.05
C ALA G 227 -70.86 4.38 5.33
N ASP G 228 -71.35 5.60 5.57
CA ASP G 228 -70.97 6.37 6.76
C ASP G 228 -71.32 5.66 8.07
N LYS G 229 -72.25 4.71 8.01
CA LYS G 229 -72.64 3.98 9.21
C LYS G 229 -72.73 2.49 8.90
N THR G 230 -71.79 2.02 8.07
CA THR G 230 -71.75 0.62 7.68
C THR G 230 -70.41 -0.07 7.94
N ILE G 231 -70.48 -1.34 8.29
CA ILE G 231 -69.29 -2.14 8.50
C ILE G 231 -69.43 -3.34 7.59
N THR G 232 -68.46 -3.48 6.69
CA THR G 232 -68.45 -4.56 5.73
C THR G 232 -67.35 -5.57 6.05
N PHE G 233 -67.75 -6.82 6.25
CA PHE G 233 -66.80 -7.88 6.57
C PHE G 233 -66.41 -8.62 5.29
N THR G 234 -65.14 -8.56 4.93
CA THR G 234 -64.67 -9.26 3.74
C THR G 234 -63.47 -10.10 4.16
N ALA G 235 -63.08 -11.02 3.30
CA ALA G 235 -61.94 -11.88 3.59
C ALA G 235 -61.61 -12.75 2.39
N PRO G 236 -60.37 -13.23 2.31
CA PRO G 236 -59.99 -14.08 1.18
C PRO G 236 -60.11 -15.56 1.54
N SER G 237 -60.45 -15.83 2.81
CA SER G 237 -60.57 -17.20 3.28
C SER G 237 -61.48 -18.12 2.47
N LYS G 238 -62.70 -17.67 2.19
CA LYS G 238 -63.63 -18.48 1.41
C LYS G 238 -63.23 -18.59 -0.05
N THR G 239 -62.79 -17.46 -0.63
CA THR G 239 -62.39 -17.40 -2.04
C THR G 239 -61.23 -18.31 -2.43
N PHE G 240 -60.20 -18.40 -1.58
CA PHE G 240 -59.03 -19.23 -1.89
C PHE G 240 -58.81 -20.43 -0.97
N ASN G 241 -59.86 -20.80 -0.23
CA ASN G 241 -59.80 -21.94 0.67
C ASN G 241 -58.70 -21.79 1.72
N ILE G 242 -58.60 -20.60 2.32
CA ILE G 242 -57.59 -20.37 3.34
C ILE G 242 -58.15 -19.89 4.68
N ALA G 243 -59.21 -20.55 5.14
CA ALA G 243 -59.82 -20.21 6.41
C ALA G 243 -58.83 -20.57 7.53
N GLY G 244 -57.81 -21.34 7.17
CA GLY G 244 -56.79 -21.74 8.12
C GLY G 244 -55.62 -20.78 8.20
N MET G 245 -55.69 -19.68 7.46
CA MET G 245 -54.65 -18.66 7.48
C MET G 245 -55.08 -17.49 8.35
N GLY G 246 -56.35 -17.53 8.75
CA GLY G 246 -56.92 -16.51 9.63
C GLY G 246 -56.60 -15.05 9.42
N MET G 247 -57.10 -14.47 8.33
CA MET G 247 -56.89 -13.06 8.03
C MET G 247 -58.12 -12.50 7.33
N SER G 248 -58.63 -11.38 7.83
CA SER G 248 -59.81 -10.76 7.25
C SER G 248 -59.56 -9.29 6.99
N ASN G 249 -60.43 -8.69 6.19
CA ASN G 249 -60.32 -7.27 5.88
C ASN G 249 -61.67 -6.61 6.12
N ILE G 250 -61.85 -6.09 7.33
CA ILE G 250 -63.09 -5.43 7.72
C ILE G 250 -63.03 -3.97 7.26
N ILE G 251 -63.90 -3.61 6.33
CA ILE G 251 -63.91 -2.26 5.78
C ILE G 251 -64.87 -1.30 6.49
N ILE G 252 -64.30 -0.28 7.13
CA ILE G 252 -65.07 0.72 7.85
C ILE G 252 -64.67 2.11 7.35
N LYS G 253 -65.63 2.86 6.83
CA LYS G 253 -65.36 4.20 6.32
C LYS G 253 -65.30 5.28 7.40
N ASN G 254 -66.33 5.32 8.25
CA ASN G 254 -66.40 6.33 9.30
C ASN G 254 -65.31 6.18 10.36
N PRO G 255 -64.35 7.11 10.39
CA PRO G 255 -63.24 7.09 11.35
C PRO G 255 -63.68 6.75 12.78
N ASP G 256 -64.75 7.38 13.25
CA ASP G 256 -65.23 7.13 14.62
C ASP G 256 -65.67 5.68 14.84
N ILE G 257 -66.39 5.09 13.89
CA ILE G 257 -66.84 3.71 14.04
C ILE G 257 -65.65 2.75 13.94
N ARG G 258 -64.66 3.13 13.12
CA ARG G 258 -63.48 2.32 12.91
C ARG G 258 -62.60 2.28 14.15
N GLU G 259 -62.37 3.44 14.75
CA GLU G 259 -61.55 3.54 15.94
C GLU G 259 -62.14 2.77 17.12
N ARG G 260 -63.47 2.75 17.22
CA ARG G 260 -64.15 2.03 18.28
C ARG G 260 -64.04 0.54 18.05
N PHE G 261 -64.28 0.11 16.81
CA PHE G 261 -64.18 -1.30 16.47
C PHE G 261 -62.76 -1.74 16.79
N THR G 262 -61.80 -0.91 16.41
CA THR G 262 -60.39 -1.18 16.65
C THR G 262 -60.06 -1.27 18.14
N LYS G 263 -60.66 -0.39 18.94
CA LYS G 263 -60.41 -0.40 20.37
C LYS G 263 -61.03 -1.65 21.00
N SER G 264 -62.26 -1.96 20.60
CA SER G 264 -62.93 -3.13 21.13
C SER G 264 -62.17 -4.39 20.73
N ARG G 265 -61.65 -4.38 19.50
CA ARG G 265 -60.90 -5.50 18.99
C ARG G 265 -59.63 -5.71 19.80
N ASP G 266 -58.98 -4.61 20.18
CA ASP G 266 -57.76 -4.69 20.97
C ASP G 266 -57.99 -5.10 22.42
N ALA G 267 -59.21 -4.89 22.92
CA ALA G 267 -59.52 -5.24 24.29
C ALA G 267 -59.96 -6.70 24.39
N THR G 268 -60.24 -7.33 23.25
CA THR G 268 -60.66 -8.73 23.24
C THR G 268 -59.61 -9.65 22.64
N SER G 269 -59.65 -9.83 21.33
CA SER G 269 -58.70 -10.70 20.65
C SER G 269 -57.34 -10.05 20.36
N GLY G 270 -57.32 -8.73 20.25
CA GLY G 270 -56.07 -8.05 19.96
C GLY G 270 -55.82 -7.83 18.48
N MET G 271 -54.59 -7.47 18.14
CA MET G 271 -54.18 -7.22 16.77
C MET G 271 -53.52 -8.46 16.15
N PRO G 272 -53.99 -8.89 14.96
CA PRO G 272 -53.41 -10.06 14.32
C PRO G 272 -51.95 -9.77 13.97
N PHE G 273 -51.04 -10.65 14.38
CA PHE G 273 -49.61 -10.47 14.08
C PHE G 273 -49.16 -11.59 13.15
N THR G 274 -50.10 -12.43 12.74
CA THR G 274 -49.82 -13.55 11.86
C THR G 274 -49.25 -13.12 10.51
N THR G 275 -47.94 -13.32 10.35
CA THR G 275 -47.19 -12.96 9.14
C THR G 275 -47.63 -13.62 7.83
N LEU G 276 -47.81 -14.94 7.84
CA LEU G 276 -48.21 -15.64 6.61
C LEU G 276 -49.66 -15.32 6.26
N GLY G 277 -50.43 -14.89 7.25
CA GLY G 277 -51.82 -14.55 6.99
C GLY G 277 -51.89 -13.38 6.02
N TYR G 278 -51.13 -12.33 6.29
CA TYR G 278 -51.14 -11.15 5.43
C TYR G 278 -50.60 -11.46 4.03
N LYS G 279 -49.53 -12.24 3.97
CA LYS G 279 -48.92 -12.60 2.70
C LYS G 279 -49.80 -13.42 1.79
N ALA G 280 -50.59 -14.32 2.37
CA ALA G 280 -51.48 -15.20 1.61
C ALA G 280 -52.52 -14.38 0.86
N CYS G 281 -53.14 -13.46 1.58
CA CYS G 281 -54.15 -12.58 0.99
C CYS G 281 -53.56 -11.83 -0.18
N GLU G 282 -52.40 -11.21 0.06
CA GLU G 282 -51.71 -10.45 -0.98
C GLU G 282 -51.36 -11.32 -2.17
N ILE G 283 -50.90 -12.54 -1.92
CA ILE G 283 -50.53 -13.43 -3.02
C ILE G 283 -51.76 -13.88 -3.83
N CYS G 284 -52.87 -14.15 -3.17
CA CYS G 284 -54.08 -14.57 -3.87
C CYS G 284 -54.66 -13.48 -4.76
N TYR G 285 -54.86 -12.30 -4.18
CA TYR G 285 -55.43 -11.18 -4.91
C TYR G 285 -54.62 -10.83 -6.15
N LYS G 286 -53.30 -10.97 -6.05
CA LYS G 286 -52.42 -10.62 -7.15
C LYS G 286 -52.13 -11.71 -8.16
N GLU G 287 -52.12 -12.97 -7.72
CA GLU G 287 -51.75 -14.06 -8.62
C GLU G 287 -52.70 -15.23 -8.80
N CYS G 288 -53.73 -15.31 -7.97
CA CYS G 288 -54.64 -16.45 -8.06
C CYS G 288 -56.00 -16.14 -8.65
N GLY G 289 -56.04 -15.22 -9.60
CA GLY G 289 -57.32 -14.89 -10.22
C GLY G 289 -57.81 -15.99 -11.15
N LYS G 290 -56.89 -16.53 -11.94
CA LYS G 290 -57.21 -17.60 -12.89
C LYS G 290 -57.61 -18.87 -12.18
N TRP G 291 -56.98 -19.15 -11.04
CA TRP G 291 -57.31 -20.35 -10.28
C TRP G 291 -58.73 -20.19 -9.76
N LEU G 292 -59.09 -18.97 -9.38
CA LEU G 292 -60.44 -18.68 -8.89
C LEU G 292 -61.48 -18.92 -9.98
N ASP G 293 -61.22 -18.41 -11.20
CA ASP G 293 -62.16 -18.61 -12.31
C ASP G 293 -62.32 -20.10 -12.58
N GLY G 294 -61.20 -20.82 -12.61
CA GLY G 294 -61.26 -22.24 -12.86
C GLY G 294 -62.11 -22.93 -11.82
N CYS G 295 -61.91 -22.55 -10.56
CA CYS G 295 -62.62 -23.12 -9.43
C CYS G 295 -64.13 -22.94 -9.56
N ILE G 296 -64.55 -21.74 -9.91
CA ILE G 296 -65.96 -21.42 -10.04
C ILE G 296 -66.65 -22.22 -11.14
N LYS G 297 -65.93 -22.52 -12.22
CA LYS G 297 -66.49 -23.30 -13.32
C LYS G 297 -66.82 -24.69 -12.81
N VAL G 298 -65.90 -25.27 -12.04
CA VAL G 298 -66.11 -26.60 -11.49
C VAL G 298 -67.31 -26.61 -10.55
N ILE G 299 -67.43 -25.56 -9.74
CA ILE G 299 -68.52 -25.43 -8.79
C ILE G 299 -69.85 -25.33 -9.53
N ASP G 300 -69.87 -24.50 -10.58
CA ASP G 300 -71.05 -24.31 -11.40
C ASP G 300 -71.42 -25.65 -12.05
N LYS G 301 -70.38 -26.39 -12.43
CA LYS G 301 -70.57 -27.69 -13.07
C LYS G 301 -71.20 -28.68 -12.08
N ASN G 302 -70.78 -28.60 -10.81
CA ASN G 302 -71.31 -29.48 -9.79
C ASN G 302 -72.73 -29.17 -9.34
N GLN G 303 -73.07 -27.90 -9.19
CA GLN G 303 -74.41 -27.55 -8.77
C GLN G 303 -75.41 -28.10 -9.81
N ARG G 304 -74.95 -28.22 -11.05
CA ARG G 304 -75.78 -28.72 -12.14
C ARG G 304 -75.82 -30.24 -12.12
N ILE G 305 -74.79 -30.86 -11.57
CA ILE G 305 -74.76 -32.31 -11.49
C ILE G 305 -75.79 -32.73 -10.43
N VAL G 306 -75.84 -31.93 -9.36
CA VAL G 306 -76.74 -32.16 -8.24
C VAL G 306 -78.19 -31.93 -8.65
N LYS G 307 -78.44 -30.78 -9.27
CA LYS G 307 -79.78 -30.43 -9.75
C LYS G 307 -80.31 -31.54 -10.67
N ASP G 308 -79.48 -31.91 -11.64
CA ASP G 308 -79.84 -32.95 -12.60
C ASP G 308 -80.03 -34.30 -11.96
N PHE G 309 -79.20 -34.63 -10.99
CA PHE G 309 -79.29 -35.91 -10.31
C PHE G 309 -80.69 -36.17 -9.76
N PHE G 310 -81.27 -35.15 -9.12
CA PHE G 310 -82.61 -35.31 -8.57
C PHE G 310 -83.71 -35.35 -9.63
N GLU G 311 -83.54 -34.59 -10.70
CA GLU G 311 -84.55 -34.58 -11.76
C GLU G 311 -84.60 -35.93 -12.48
N VAL G 312 -83.52 -36.68 -12.42
CA VAL G 312 -83.48 -37.97 -13.09
C VAL G 312 -83.76 -39.16 -12.17
N ASN G 313 -83.44 -39.01 -10.89
CA ASN G 313 -83.65 -40.11 -9.94
C ASN G 313 -84.75 -39.88 -8.88
N HIS G 314 -84.78 -38.70 -8.28
CA HIS G 314 -85.77 -38.41 -7.24
C HIS G 314 -86.32 -37.00 -7.41
N PRO G 315 -87.22 -36.81 -8.38
CA PRO G 315 -87.89 -35.56 -8.74
C PRO G 315 -88.57 -34.78 -7.61
N GLU G 316 -89.05 -35.48 -6.59
CA GLU G 316 -89.73 -34.79 -5.51
C GLU G 316 -88.75 -33.93 -4.71
N ILE G 317 -87.47 -34.30 -4.76
CA ILE G 317 -86.44 -33.54 -4.06
C ILE G 317 -85.95 -32.50 -5.06
N LYS G 318 -85.76 -31.27 -4.62
CA LYS G 318 -85.35 -30.21 -5.54
C LYS G 318 -84.06 -29.47 -5.17
N ALA G 319 -83.11 -29.49 -6.11
CA ALA G 319 -81.82 -28.83 -5.92
C ALA G 319 -81.67 -27.71 -6.93
N PRO G 320 -82.32 -26.57 -6.69
CA PRO G 320 -82.20 -25.45 -7.63
C PRO G 320 -80.77 -24.90 -7.73
N LEU G 321 -80.51 -24.14 -8.79
CA LEU G 321 -79.18 -23.55 -8.98
C LEU G 321 -79.04 -22.33 -8.10
N ILE G 322 -77.85 -22.11 -7.58
CA ILE G 322 -77.65 -20.96 -6.70
C ILE G 322 -77.04 -19.78 -7.45
N GLU G 323 -77.11 -18.59 -6.87
CA GLU G 323 -76.56 -17.41 -7.52
C GLU G 323 -75.15 -17.11 -7.00
N GLY G 324 -74.88 -17.53 -5.76
CA GLY G 324 -73.57 -17.30 -5.16
C GLY G 324 -73.11 -18.39 -4.22
N THR G 325 -71.86 -18.31 -3.79
CA THR G 325 -71.22 -19.27 -2.89
C THR G 325 -71.20 -20.62 -3.58
N TYR G 326 -70.52 -21.59 -2.99
CA TYR G 326 -70.47 -22.95 -3.54
C TYR G 326 -71.29 -23.85 -2.61
N LEU G 327 -72.25 -23.23 -1.94
CA LEU G 327 -73.14 -23.92 -0.99
C LEU G 327 -74.57 -23.99 -1.54
N GLN G 328 -74.95 -25.19 -1.97
CA GLN G 328 -76.26 -25.42 -2.58
C GLN G 328 -77.36 -25.89 -1.60
N TRP G 329 -78.50 -25.22 -1.66
CA TRP G 329 -79.66 -25.48 -0.80
C TRP G 329 -80.57 -26.52 -1.45
N ILE G 330 -80.63 -27.72 -0.88
CA ILE G 330 -81.47 -28.78 -1.43
C ILE G 330 -82.75 -28.97 -0.63
N ASP G 331 -83.90 -28.96 -1.31
CA ASP G 331 -85.21 -29.12 -0.66
C ASP G 331 -85.61 -30.60 -0.52
N PHE G 332 -85.50 -31.15 0.68
CA PHE G 332 -85.87 -32.55 0.93
C PHE G 332 -87.25 -32.74 1.56
N ARG G 333 -87.97 -31.65 1.80
CA ARG G 333 -89.28 -31.70 2.43
C ARG G 333 -90.27 -32.76 1.94
N ALA G 334 -90.29 -33.02 0.63
CA ALA G 334 -91.20 -34.01 0.05
C ALA G 334 -90.93 -35.43 0.56
N LEU G 335 -89.84 -35.61 1.30
CA LEU G 335 -89.48 -36.91 1.85
C LEU G 335 -90.33 -37.20 3.08
N LYS G 336 -90.92 -36.14 3.64
CA LYS G 336 -91.78 -36.24 4.82
C LYS G 336 -91.10 -36.76 6.08
N MET G 337 -89.82 -36.41 6.25
CA MET G 337 -89.04 -36.81 7.42
C MET G 337 -88.70 -35.56 8.24
N ASP G 338 -88.74 -35.67 9.56
CA ASP G 338 -88.40 -34.52 10.41
C ASP G 338 -86.88 -34.33 10.28
N HIS G 339 -86.38 -33.14 10.63
CA HIS G 339 -84.95 -32.89 10.48
C HIS G 339 -84.02 -33.83 11.23
N LYS G 340 -84.40 -34.26 12.43
CA LYS G 340 -83.55 -35.17 13.18
C LYS G 340 -83.50 -36.53 12.51
N ALA G 341 -84.66 -37.02 12.06
CA ALA G 341 -84.73 -38.32 11.40
C ALA G 341 -84.03 -38.25 10.06
N MET G 342 -84.04 -37.07 9.47
CA MET G 342 -83.42 -36.84 8.18
C MET G 342 -81.90 -36.99 8.39
N GLU G 343 -81.39 -36.16 9.30
CA GLU G 343 -79.97 -36.11 9.66
C GLU G 343 -79.42 -37.49 10.05
N GLU G 344 -80.24 -38.27 10.74
CA GLU G 344 -79.85 -39.60 11.16
C GLU G 344 -79.66 -40.46 9.91
N PHE G 345 -80.55 -40.25 8.94
CA PHE G 345 -80.54 -40.98 7.67
C PHE G 345 -79.33 -40.64 6.80
N MET G 346 -79.06 -39.35 6.62
CA MET G 346 -77.93 -38.93 5.80
C MET G 346 -76.60 -39.40 6.38
N ILE G 347 -76.46 -39.34 7.69
CA ILE G 347 -75.21 -39.73 8.32
C ILE G 347 -74.97 -41.22 8.37
N HIS G 348 -75.97 -41.97 8.79
CA HIS G 348 -75.80 -43.40 8.92
C HIS G 348 -76.29 -44.25 7.78
N LYS G 349 -77.23 -43.72 6.99
CA LYS G 349 -77.76 -44.48 5.86
C LYS G 349 -77.20 -44.12 4.51
N ALA G 350 -76.92 -42.84 4.28
CA ALA G 350 -76.38 -42.41 2.99
C ALA G 350 -74.91 -42.06 3.14
N GLN G 351 -74.49 -41.88 4.40
CA GLN G 351 -73.12 -41.51 4.71
C GLN G 351 -72.71 -40.26 3.94
N ILE G 352 -73.66 -39.37 3.74
CA ILE G 352 -73.38 -38.13 3.08
C ILE G 352 -73.52 -37.10 4.18
N PHE G 353 -72.47 -36.31 4.36
CA PHE G 353 -72.47 -35.31 5.41
C PHE G 353 -72.71 -33.89 4.93
N PHE G 354 -73.97 -33.48 5.05
CA PHE G 354 -74.39 -32.14 4.67
C PHE G 354 -74.26 -31.29 5.89
N ASP G 355 -74.66 -30.04 5.73
CA ASP G 355 -74.74 -29.10 6.82
C ASP G 355 -76.27 -29.07 6.95
N GLU G 356 -76.79 -29.88 7.86
CA GLU G 356 -78.24 -30.00 8.06
C GLU G 356 -78.97 -28.68 8.09
N GLY G 357 -79.95 -28.55 7.19
CA GLY G 357 -80.72 -27.33 7.05
C GLY G 357 -81.23 -26.61 8.29
N TYR G 358 -81.68 -27.36 9.28
CA TYR G 358 -82.23 -26.77 10.49
C TYR G 358 -81.26 -25.93 11.32
N ILE G 359 -79.96 -26.22 11.24
CA ILE G 359 -78.97 -25.47 12.01
C ILE G 359 -78.93 -24.00 11.63
N PHE G 360 -79.54 -23.65 10.51
CA PHE G 360 -79.57 -22.26 10.08
C PHE G 360 -80.86 -21.61 10.58
N GLY G 361 -81.67 -22.39 11.29
CA GLY G 361 -82.93 -21.91 11.82
C GLY G 361 -84.08 -22.79 11.37
N ASP G 362 -85.23 -22.62 12.02
CA ASP G 362 -86.41 -23.41 11.69
C ASP G 362 -86.74 -23.30 10.20
N GLY G 363 -86.40 -22.16 9.61
CA GLY G 363 -86.66 -21.98 8.20
C GLY G 363 -85.82 -22.92 7.35
N GLY G 364 -84.86 -23.57 7.98
CA GLY G 364 -84.01 -24.50 7.25
C GLY G 364 -84.46 -25.93 7.43
N ILE G 365 -85.43 -26.14 8.32
CA ILE G 365 -85.96 -27.46 8.58
C ILE G 365 -86.46 -28.07 7.28
N GLY G 366 -85.98 -29.28 6.98
CA GLY G 366 -86.39 -29.95 5.76
C GLY G 366 -85.41 -29.74 4.62
N PHE G 367 -84.38 -28.92 4.82
CA PHE G 367 -83.39 -28.68 3.77
C PHE G 367 -82.03 -29.28 4.10
N GLU G 368 -81.14 -29.27 3.09
CA GLU G 368 -79.79 -29.78 3.22
C GLU G 368 -78.86 -28.84 2.44
N ARG G 369 -77.78 -28.41 3.08
CA ARG G 369 -76.82 -27.52 2.43
C ARG G 369 -75.64 -28.38 1.98
N ILE G 370 -75.37 -28.38 0.69
CA ILE G 370 -74.28 -29.17 0.17
C ILE G 370 -73.10 -28.31 -0.29
N ASN G 371 -71.89 -28.78 0.02
CA ASN G 371 -70.64 -28.10 -0.34
C ASN G 371 -70.17 -28.62 -1.71
N LEU G 372 -70.31 -27.79 -2.75
CA LEU G 372 -69.92 -28.15 -4.10
C LEU G 372 -68.43 -28.00 -4.38
N ALA G 373 -67.69 -27.43 -3.43
CA ALA G 373 -66.26 -27.22 -3.60
C ALA G 373 -65.48 -28.53 -3.46
N ALA G 374 -65.64 -29.40 -4.45
CA ALA G 374 -64.95 -30.68 -4.45
C ALA G 374 -64.93 -31.20 -5.87
N PRO G 375 -64.20 -32.30 -6.12
CA PRO G 375 -64.17 -32.82 -7.49
C PRO G 375 -65.55 -33.31 -7.92
N SER G 376 -65.87 -33.13 -9.20
CA SER G 376 -67.16 -33.56 -9.74
C SER G 376 -67.37 -35.07 -9.51
N SER G 377 -66.28 -35.81 -9.58
CA SER G 377 -66.31 -37.26 -9.39
C SER G 377 -66.68 -37.59 -7.95
N VAL G 378 -66.21 -36.75 -7.04
CA VAL G 378 -66.49 -36.92 -5.63
C VAL G 378 -67.96 -36.62 -5.44
N ILE G 379 -68.42 -35.54 -6.06
CA ILE G 379 -69.83 -35.18 -5.96
C ILE G 379 -70.68 -36.33 -6.51
N GLN G 380 -70.27 -36.86 -7.65
CA GLN G 380 -71.00 -37.97 -8.28
C GLN G 380 -71.01 -39.20 -7.38
N GLU G 381 -69.84 -39.53 -6.83
CA GLU G 381 -69.70 -40.67 -5.93
C GLU G 381 -70.70 -40.55 -4.81
N SER G 382 -70.72 -39.38 -4.17
CA SER G 382 -71.60 -39.10 -3.06
C SER G 382 -73.08 -39.26 -3.42
N LEU G 383 -73.49 -38.69 -4.54
CA LEU G 383 -74.89 -38.78 -4.93
C LEU G 383 -75.32 -40.21 -5.25
N GLU G 384 -74.43 -40.99 -5.85
CA GLU G 384 -74.80 -42.37 -6.18
C GLU G 384 -75.00 -43.16 -4.90
N ARG G 385 -74.25 -42.77 -3.87
CA ARG G 385 -74.33 -43.42 -2.57
C ARG G 385 -75.69 -43.04 -1.94
N LEU G 386 -76.05 -41.77 -2.08
CA LEU G 386 -77.32 -41.27 -1.55
C LEU G 386 -78.46 -41.85 -2.37
N ASN G 387 -78.20 -42.03 -3.66
CA ASN G 387 -79.18 -42.58 -4.59
C ASN G 387 -79.62 -43.96 -4.14
N LYS G 388 -78.66 -44.78 -3.72
CA LYS G 388 -78.96 -46.13 -3.26
C LYS G 388 -79.69 -46.11 -1.91
N ALA G 389 -79.31 -45.18 -1.03
CA ALA G 389 -79.94 -45.09 0.28
C ALA G 389 -81.39 -44.66 0.15
N LEU G 390 -81.67 -43.80 -0.83
CA LEU G 390 -83.02 -43.33 -1.05
C LEU G 390 -83.91 -44.46 -1.55
N LYS G 391 -83.41 -45.22 -2.52
CA LYS G 391 -84.16 -46.34 -3.08
C LYS G 391 -84.53 -47.35 -2.01
N ASP G 392 -83.61 -47.57 -1.07
CA ASP G 392 -83.87 -48.50 0.02
C ASP G 392 -84.94 -47.94 0.93
N LEU G 393 -84.85 -46.63 1.20
CA LEU G 393 -85.83 -45.96 2.05
C LEU G 393 -87.17 -46.16 1.33
N LYS G 394 -87.08 -46.37 0.02
CA LYS G 394 -88.24 -46.59 -0.83
C LYS G 394 -88.97 -45.29 -1.17
N MET H 1 -28.00 -29.11 11.38
CA MET H 1 -27.83 -28.05 10.36
C MET H 1 -26.91 -26.93 10.85
N ILE H 2 -26.58 -26.02 9.95
CA ILE H 2 -25.72 -24.89 10.27
C ILE H 2 -26.65 -23.72 10.64
N TYR H 3 -26.38 -23.09 11.78
CA TYR H 3 -27.20 -21.99 12.27
C TYR H 3 -26.54 -20.65 12.06
N ASP H 4 -27.27 -19.72 11.46
CA ASP H 4 -26.75 -18.40 11.15
C ASP H 4 -27.18 -17.34 12.17
N PHE H 5 -26.24 -16.90 13.00
CA PHE H 5 -26.54 -15.86 13.99
C PHE H 5 -25.64 -14.65 13.76
N THR H 6 -25.11 -14.52 12.54
CA THR H 6 -24.21 -13.42 12.17
C THR H 6 -24.71 -12.48 11.08
N THR H 7 -25.48 -13.00 10.13
CA THR H 7 -25.99 -12.17 9.04
C THR H 7 -26.88 -11.02 9.50
N LYS H 8 -26.42 -9.80 9.23
CA LYS H 8 -27.17 -8.60 9.58
C LYS H 8 -28.34 -8.50 8.62
N ILE H 9 -29.56 -8.65 9.14
CA ILE H 9 -30.74 -8.59 8.28
C ILE H 9 -31.46 -7.26 8.33
N SER H 10 -32.27 -7.00 7.30
CA SER H 10 -33.06 -5.77 7.21
C SER H 10 -34.53 -6.15 7.06
N ARG H 11 -35.36 -5.66 7.97
CA ARG H 11 -36.79 -5.96 7.95
C ARG H 11 -37.58 -4.73 7.55
N LYS H 12 -37.01 -3.91 6.67
CA LYS H 12 -37.67 -2.68 6.22
C LYS H 12 -38.74 -2.93 5.16
N ASN H 13 -39.85 -2.22 5.30
CA ASN H 13 -40.98 -2.34 4.37
C ASN H 13 -41.47 -3.76 4.31
N LEU H 14 -41.36 -4.48 5.43
CA LEU H 14 -41.81 -5.87 5.45
C LEU H 14 -42.91 -6.12 6.48
N GLY H 15 -43.53 -5.06 6.96
CA GLY H 15 -44.61 -5.20 7.92
C GLY H 15 -44.18 -5.46 9.34
N SER H 16 -42.87 -5.48 9.58
CA SER H 16 -42.37 -5.71 10.93
C SER H 16 -42.74 -4.54 11.80
N LEU H 17 -43.47 -4.80 12.89
CA LEU H 17 -43.89 -3.72 13.79
C LEU H 17 -42.72 -2.92 14.36
N LYS H 18 -41.67 -3.61 14.77
CA LYS H 18 -40.51 -2.95 15.33
C LYS H 18 -39.88 -1.97 14.35
N TRP H 19 -39.59 -2.44 13.15
CA TRP H 19 -38.97 -1.58 12.15
C TRP H 19 -39.84 -0.42 11.70
N ASP H 20 -41.13 -0.64 11.48
CA ASP H 20 -42.00 0.46 11.06
C ASP H 20 -42.08 1.52 12.15
N LEU H 21 -42.03 1.08 13.40
CA LEU H 21 -42.08 2.01 14.52
C LEU H 21 -40.83 2.86 14.52
N MET H 22 -39.69 2.26 14.19
CA MET H 22 -38.43 2.98 14.14
C MET H 22 -38.48 4.09 13.11
N TYR H 23 -38.87 3.74 11.89
CA TYR H 23 -38.95 4.73 10.82
C TYR H 23 -39.99 5.77 11.17
N SER H 24 -41.05 5.33 11.83
CA SER H 24 -42.13 6.23 12.25
C SER H 24 -41.59 7.30 13.20
N GLN H 25 -40.76 6.88 14.16
CA GLN H 25 -40.18 7.79 15.14
C GLN H 25 -39.09 8.69 14.58
N ASN H 26 -38.29 8.16 13.66
CA ASN H 26 -37.19 8.93 13.07
C ASN H 26 -37.03 8.60 11.59
N PRO H 27 -37.86 9.20 10.73
CA PRO H 27 -37.82 8.98 9.28
C PRO H 27 -36.40 9.14 8.71
N GLU H 28 -35.64 10.06 9.30
CA GLU H 28 -34.29 10.33 8.85
C GLU H 28 -33.28 9.35 9.45
N VAL H 29 -33.77 8.24 10.00
CA VAL H 29 -32.90 7.23 10.60
C VAL H 29 -31.96 6.61 9.56
N GLY H 30 -30.78 6.20 9.99
CA GLY H 30 -29.83 5.58 9.08
C GLY H 30 -30.24 4.18 8.63
N ASN H 31 -29.82 3.81 7.43
CA ASN H 31 -30.16 2.49 6.88
C ASN H 31 -29.18 1.44 7.39
N GLU H 32 -28.26 1.84 8.25
CA GLU H 32 -27.31 0.91 8.82
C GLU H 32 -27.83 0.57 10.20
N VAL H 33 -28.82 1.34 10.64
CA VAL H 33 -29.42 1.16 11.95
C VAL H 33 -30.43 0.02 12.06
N VAL H 34 -30.29 -0.74 13.14
CA VAL H 34 -31.20 -1.84 13.44
C VAL H 34 -31.75 -1.53 14.81
N PRO H 35 -33.09 -1.46 14.93
CA PRO H 35 -33.72 -1.17 16.22
C PRO H 35 -33.51 -2.31 17.21
N LEU H 36 -33.53 -1.98 18.49
CA LEU H 36 -33.32 -3.00 19.53
C LEU H 36 -34.43 -2.91 20.58
N SER H 37 -35.67 -2.75 20.11
CA SER H 37 -36.83 -2.61 20.98
C SER H 37 -37.74 -3.82 21.12
N VAL H 38 -38.81 -3.85 20.32
CA VAL H 38 -39.79 -4.95 20.35
C VAL H 38 -39.14 -6.32 20.50
N ALA H 39 -39.76 -7.16 21.31
CA ALA H 39 -39.22 -8.48 21.57
C ALA H 39 -39.44 -9.54 20.51
N ASP H 40 -38.52 -9.57 19.55
CA ASP H 40 -38.50 -10.58 18.52
C ASP H 40 -37.09 -10.51 17.96
N MET H 41 -36.58 -11.66 17.51
CA MET H 41 -35.21 -11.79 17.05
C MET H 41 -34.83 -11.31 15.66
N GLU H 42 -33.65 -10.71 15.58
CA GLU H 42 -33.12 -10.24 14.32
C GLU H 42 -32.31 -11.38 13.73
N PHE H 43 -32.79 -12.60 13.96
CA PHE H 43 -32.20 -13.82 13.46
C PHE H 43 -33.26 -14.48 12.59
N LYS H 44 -32.85 -15.12 11.51
CA LYS H 44 -33.80 -15.82 10.67
C LYS H 44 -34.27 -17.02 11.51
N ASN H 45 -35.48 -17.51 11.24
CA ASN H 45 -36.01 -18.63 12.00
C ASN H 45 -35.19 -19.90 11.83
N PRO H 46 -35.35 -20.86 12.75
CA PRO H 46 -34.62 -22.12 12.69
C PRO H 46 -34.80 -22.76 11.31
N PRO H 47 -33.73 -23.33 10.75
CA PRO H 47 -33.81 -23.98 9.42
C PRO H 47 -34.80 -25.13 9.41
N GLU H 48 -34.74 -25.95 10.46
CA GLU H 48 -35.63 -27.10 10.59
C GLU H 48 -37.09 -26.70 10.43
N LEU H 49 -37.44 -25.59 11.07
CA LEU H 49 -38.80 -25.06 11.02
C LEU H 49 -39.20 -24.67 9.62
N ILE H 50 -38.37 -23.81 9.01
CA ILE H 50 -38.61 -23.32 7.66
C ILE H 50 -38.80 -24.45 6.68
N GLU H 51 -37.97 -25.50 6.78
CA GLU H 51 -38.11 -26.63 5.88
C GLU H 51 -39.40 -27.38 6.25
N GLY H 52 -39.60 -27.63 7.54
CA GLY H 52 -40.78 -28.33 8.00
C GLY H 52 -42.08 -27.70 7.52
N LEU H 53 -42.16 -26.38 7.59
CA LEU H 53 -43.36 -25.67 7.16
C LEU H 53 -43.58 -25.82 5.66
N LYS H 54 -42.52 -25.67 4.88
CA LYS H 54 -42.60 -25.80 3.42
C LYS H 54 -43.10 -27.19 3.02
N LYS H 55 -42.59 -28.20 3.70
CA LYS H 55 -42.98 -29.57 3.44
C LYS H 55 -44.46 -29.74 3.78
N TYR H 56 -44.87 -29.23 4.93
CA TYR H 56 -46.26 -29.32 5.35
C TYR H 56 -47.20 -28.61 4.37
N LEU H 57 -46.73 -27.53 3.76
CA LEU H 57 -47.59 -26.81 2.82
C LEU H 57 -47.96 -27.68 1.62
N ASP H 58 -47.02 -28.53 1.19
CA ASP H 58 -47.25 -29.41 0.05
C ASP H 58 -48.11 -30.63 0.41
N GLU H 59 -48.44 -30.79 1.69
CA GLU H 59 -49.23 -31.95 2.11
C GLU H 59 -50.60 -31.63 2.68
N THR H 60 -50.85 -30.37 3.02
CA THR H 60 -52.12 -30.00 3.62
C THR H 60 -52.91 -28.90 2.95
N VAL H 61 -54.19 -28.85 3.31
CA VAL H 61 -55.11 -27.85 2.81
C VAL H 61 -55.22 -26.84 3.94
N LEU H 62 -55.16 -25.56 3.61
CA LEU H 62 -55.21 -24.52 4.62
C LEU H 62 -56.62 -24.16 5.09
N GLY H 63 -57.39 -25.18 5.48
CA GLY H 63 -58.74 -24.95 5.95
C GLY H 63 -58.84 -24.90 7.46
N TYR H 64 -60.06 -24.90 7.98
CA TYR H 64 -60.28 -24.87 9.44
C TYR H 64 -59.51 -26.02 10.04
N THR H 65 -58.67 -25.71 11.02
CA THR H 65 -57.85 -26.72 11.66
C THR H 65 -57.84 -26.62 13.18
N GLY H 66 -57.61 -27.76 13.81
CA GLY H 66 -57.53 -27.83 15.27
C GLY H 66 -56.29 -28.60 15.65
N PRO H 67 -56.03 -28.78 16.95
CA PRO H 67 -54.84 -29.53 17.35
C PRO H 67 -55.04 -31.05 17.36
N THR H 68 -53.99 -31.77 16.97
CA THR H 68 -54.02 -33.23 16.95
C THR H 68 -53.45 -33.75 18.27
N GLU H 69 -53.77 -34.99 18.60
CA GLU H 69 -53.28 -35.58 19.84
C GLU H 69 -51.76 -35.62 19.85
N GLU H 70 -51.16 -35.67 18.66
CA GLU H 70 -49.70 -35.67 18.56
C GLU H 70 -49.18 -34.31 19.02
N TYR H 71 -49.81 -33.26 18.53
CA TYR H 71 -49.46 -31.89 18.89
C TYR H 71 -49.48 -31.73 20.42
N LYS H 72 -50.59 -32.13 21.03
CA LYS H 72 -50.75 -32.05 22.48
C LYS H 72 -49.69 -32.82 23.25
N LYS H 73 -49.37 -34.03 22.79
CA LYS H 73 -48.35 -34.85 23.45
C LYS H 73 -47.01 -34.15 23.35
N THR H 74 -46.74 -33.56 22.19
CA THR H 74 -45.47 -32.88 21.99
C THR H 74 -45.35 -31.69 22.95
N VAL H 75 -46.46 -31.02 23.22
CA VAL H 75 -46.41 -29.89 24.14
C VAL H 75 -46.14 -30.44 25.54
N LYS H 76 -46.77 -31.54 25.88
CA LYS H 76 -46.58 -32.19 27.17
C LYS H 76 -45.12 -32.67 27.33
N LYS H 77 -44.55 -33.21 26.27
CA LYS H 77 -43.19 -33.71 26.32
C LYS H 77 -42.18 -32.58 26.53
N TRP H 78 -42.43 -31.46 25.87
CA TRP H 78 -41.54 -30.32 25.99
C TRP H 78 -41.54 -29.83 27.42
N MET H 79 -42.69 -29.87 28.07
CA MET H 79 -42.78 -29.41 29.45
C MET H 79 -42.04 -30.38 30.36
N LYS H 80 -42.15 -31.68 30.08
CA LYS H 80 -41.48 -32.69 30.89
C LYS H 80 -39.96 -32.63 30.76
N ASP H 81 -39.47 -32.57 29.53
CA ASP H 81 -38.02 -32.57 29.30
C ASP H 81 -37.32 -31.25 29.63
N ARG H 82 -37.91 -30.15 29.18
CA ARG H 82 -37.33 -28.83 29.38
C ARG H 82 -37.63 -28.18 30.72
N HIS H 83 -38.74 -28.53 31.35
CA HIS H 83 -39.06 -27.90 32.62
C HIS H 83 -39.44 -28.83 33.77
N GLN H 84 -39.18 -30.12 33.63
CA GLN H 84 -39.51 -31.08 34.67
C GLN H 84 -40.92 -30.80 35.19
N TRP H 85 -41.84 -30.57 34.25
CA TRP H 85 -43.22 -30.25 34.57
C TRP H 85 -44.23 -31.22 33.96
N ASP H 86 -44.88 -32.00 34.81
CA ASP H 86 -45.85 -32.99 34.37
C ASP H 86 -47.24 -32.42 34.18
N ILE H 87 -47.69 -32.33 32.94
CA ILE H 87 -49.01 -31.81 32.64
C ILE H 87 -49.81 -32.83 31.84
N GLN H 88 -51.13 -32.73 31.91
CA GLN H 88 -51.98 -33.63 31.16
C GLN H 88 -52.36 -32.90 29.87
N THR H 89 -52.51 -33.65 28.79
CA THR H 89 -52.85 -33.03 27.51
C THR H 89 -54.14 -32.22 27.54
N ASP H 90 -55.08 -32.56 28.43
CA ASP H 90 -56.32 -31.80 28.46
C ASP H 90 -56.24 -30.54 29.31
N TRP H 91 -55.02 -30.15 29.67
CA TRP H 91 -54.81 -28.94 30.43
C TRP H 91 -54.53 -27.83 29.41
N ILE H 92 -54.28 -28.23 28.16
CA ILE H 92 -53.96 -27.30 27.09
C ILE H 92 -55.12 -26.63 26.38
N ILE H 93 -55.09 -25.31 26.39
CA ILE H 93 -56.09 -24.51 25.72
C ILE H 93 -55.29 -23.55 24.88
N ASN H 94 -55.59 -23.53 23.58
CA ASN H 94 -54.86 -22.66 22.67
C ASN H 94 -55.55 -21.33 22.46
N THR H 95 -54.74 -20.29 22.28
CA THR H 95 -55.23 -18.95 22.02
C THR H 95 -54.24 -18.42 20.99
N ALA H 96 -54.60 -17.34 20.30
CA ALA H 96 -53.72 -16.77 19.29
C ALA H 96 -52.44 -16.22 19.92
N GLY H 97 -52.52 -15.81 21.18
CA GLY H 97 -51.36 -15.28 21.86
C GLY H 97 -51.53 -15.25 23.37
N VAL H 98 -50.46 -14.90 24.08
CA VAL H 98 -50.48 -14.84 25.53
C VAL H 98 -51.23 -13.62 26.05
N VAL H 99 -51.01 -12.45 25.44
CA VAL H 99 -51.69 -11.23 25.86
C VAL H 99 -53.22 -11.38 25.81
N PRO H 100 -53.76 -11.92 24.71
CA PRO H 100 -55.21 -12.07 24.65
C PRO H 100 -55.72 -13.01 25.73
N ALA H 101 -54.92 -14.02 26.07
CA ALA H 101 -55.31 -14.97 27.10
C ALA H 101 -55.32 -14.22 28.44
N VAL H 102 -54.42 -13.26 28.59
CA VAL H 102 -54.35 -12.46 29.80
C VAL H 102 -55.57 -11.57 29.91
N PHE H 103 -55.96 -10.98 28.78
CA PHE H 103 -57.14 -10.12 28.74
C PHE H 103 -58.37 -10.96 29.08
N ASN H 104 -58.41 -12.16 28.54
CA ASN H 104 -59.53 -13.05 28.77
C ASN H 104 -59.61 -13.51 30.22
N ALA H 105 -58.46 -13.68 30.86
CA ALA H 105 -58.44 -14.11 32.24
C ALA H 105 -59.03 -13.00 33.13
N VAL H 106 -58.72 -11.75 32.79
CA VAL H 106 -59.22 -10.61 33.51
C VAL H 106 -60.73 -10.52 33.30
N ARG H 107 -61.15 -10.78 32.08
CA ARG H 107 -62.54 -10.69 31.70
C ARG H 107 -63.42 -11.75 32.38
N GLU H 108 -62.91 -12.97 32.46
CA GLU H 108 -63.63 -14.09 33.04
C GLU H 108 -63.56 -14.27 34.54
N PHE H 109 -62.39 -14.04 35.13
CA PHE H 109 -62.26 -14.26 36.56
C PHE H 109 -62.27 -13.03 37.46
N THR H 110 -62.72 -11.91 36.91
CA THR H 110 -62.82 -10.68 37.67
C THR H 110 -63.97 -9.87 37.09
N LYS H 111 -64.41 -8.86 37.81
CA LYS H 111 -65.49 -7.99 37.36
C LYS H 111 -64.99 -6.56 37.50
N PRO H 112 -65.70 -5.59 36.90
CA PRO H 112 -65.27 -4.18 36.99
C PRO H 112 -65.10 -3.76 38.45
N GLY H 113 -64.05 -2.99 38.73
CA GLY H 113 -63.80 -2.55 40.09
C GLY H 113 -62.87 -3.49 40.83
N ASP H 114 -62.82 -4.75 40.41
CA ASP H 114 -61.95 -5.74 41.04
C ASP H 114 -60.49 -5.37 40.83
N GLY H 115 -59.64 -5.76 41.78
CA GLY H 115 -58.24 -5.43 41.65
C GLY H 115 -57.37 -6.62 41.29
N VAL H 116 -56.42 -6.38 40.38
CA VAL H 116 -55.47 -7.40 39.95
C VAL H 116 -54.08 -6.91 40.32
N ILE H 117 -53.36 -7.71 41.09
CA ILE H 117 -52.02 -7.37 41.55
C ILE H 117 -50.91 -7.70 40.55
N ILE H 118 -50.09 -6.71 40.23
CA ILE H 118 -48.97 -6.95 39.33
C ILE H 118 -47.69 -6.49 40.00
N ILE H 119 -46.59 -7.16 39.69
CA ILE H 119 -45.30 -6.83 40.27
C ILE H 119 -44.54 -5.92 39.31
N THR H 120 -44.64 -4.62 39.56
CA THR H 120 -44.02 -3.60 38.73
C THR H 120 -42.58 -3.22 39.13
N PRO H 121 -41.79 -2.72 38.16
CA PRO H 121 -42.13 -2.50 36.75
C PRO H 121 -42.25 -3.81 35.95
N VAL H 122 -43.16 -3.84 34.99
CA VAL H 122 -43.39 -5.04 34.18
C VAL H 122 -43.91 -4.71 32.80
N TYR H 123 -43.93 -5.73 31.94
CA TYR H 123 -44.43 -5.66 30.56
C TYR H 123 -45.73 -4.86 30.56
N TYR H 124 -45.69 -3.68 29.93
CA TYR H 124 -46.83 -2.77 29.89
C TYR H 124 -48.22 -3.28 29.54
N PRO H 125 -48.34 -4.33 28.72
CA PRO H 125 -49.71 -4.76 28.44
C PRO H 125 -50.41 -5.27 29.69
N PHE H 126 -49.63 -5.63 30.71
CA PHE H 126 -50.21 -6.10 31.95
C PHE H 126 -51.13 -4.99 32.47
N PHE H 127 -50.62 -3.76 32.49
CA PHE H 127 -51.39 -2.61 32.95
C PHE H 127 -52.67 -2.44 32.12
N MET H 128 -52.52 -2.51 30.80
CA MET H 128 -53.63 -2.35 29.86
C MET H 128 -54.74 -3.37 30.05
N ALA H 129 -54.36 -4.65 30.11
CA ALA H 129 -55.33 -5.72 30.27
C ALA H 129 -56.25 -5.46 31.46
N ILE H 130 -55.75 -4.76 32.45
CA ILE H 130 -56.54 -4.47 33.65
C ILE H 130 -57.40 -3.23 33.55
N LYS H 131 -56.78 -2.05 33.43
CA LYS H 131 -57.56 -0.82 33.38
C LYS H 131 -58.37 -0.61 32.11
N ASN H 132 -57.86 -1.07 30.97
CA ASN H 132 -58.62 -0.93 29.72
C ASN H 132 -59.95 -1.68 29.87
N GLN H 133 -60.04 -2.57 30.85
CA GLN H 133 -61.28 -3.32 31.03
C GLN H 133 -62.06 -2.93 32.28
N GLU H 134 -61.69 -1.81 32.89
CA GLU H 134 -62.37 -1.32 34.08
C GLU H 134 -61.91 -1.94 35.41
N ARG H 135 -60.85 -2.73 35.39
CA ARG H 135 -60.37 -3.32 36.64
C ARG H 135 -59.27 -2.46 37.24
N LYS H 136 -59.08 -2.54 38.55
CA LYS H 136 -58.06 -1.72 39.20
C LYS H 136 -56.68 -2.36 39.24
N ILE H 137 -55.68 -1.57 38.85
CA ILE H 137 -54.29 -2.00 38.83
C ILE H 137 -53.71 -1.89 40.24
N ILE H 138 -53.38 -3.03 40.84
CA ILE H 138 -52.80 -3.02 42.17
C ILE H 138 -51.31 -3.30 42.02
N GLU H 139 -50.51 -2.26 42.19
CA GLU H 139 -49.06 -2.38 42.02
C GLU H 139 -48.29 -2.80 43.25
N CYS H 140 -47.29 -3.65 43.02
CA CYS H 140 -46.43 -4.15 44.08
C CYS H 140 -44.99 -3.95 43.62
N GLU H 141 -44.58 -2.68 43.59
CA GLU H 141 -43.24 -2.28 43.15
C GLU H 141 -42.10 -3.18 43.60
N LEU H 142 -41.29 -3.60 42.63
CA LEU H 142 -40.13 -4.44 42.87
C LEU H 142 -39.13 -3.58 43.63
N LEU H 143 -38.44 -4.19 44.57
CA LEU H 143 -37.45 -3.47 45.35
C LEU H 143 -36.16 -3.55 44.52
N GLU H 144 -35.43 -2.43 44.44
CA GLU H 144 -34.18 -2.40 43.66
C GLU H 144 -32.96 -2.04 44.50
N LYS H 145 -31.99 -2.95 44.51
CA LYS H 145 -30.75 -2.81 45.26
C LYS H 145 -29.55 -3.07 44.36
N ASP H 146 -28.72 -2.06 44.15
CA ASP H 146 -27.53 -2.20 43.30
C ASP H 146 -27.88 -2.86 41.97
N GLY H 147 -29.04 -2.49 41.42
CA GLY H 147 -29.45 -3.03 40.13
C GLY H 147 -30.11 -4.39 40.17
N TYR H 148 -30.21 -5.02 41.33
CA TYR H 148 -30.84 -6.32 41.42
C TYR H 148 -32.26 -6.15 41.92
N TYR H 149 -33.19 -6.87 41.29
CA TYR H 149 -34.59 -6.75 41.66
C TYR H 149 -35.13 -7.92 42.48
N THR H 150 -35.85 -7.58 43.55
CA THR H 150 -36.48 -8.57 44.44
C THR H 150 -37.92 -8.20 44.74
N ILE H 151 -38.65 -9.17 45.28
CA ILE H 151 -40.06 -9.00 45.60
C ILE H 151 -40.32 -8.42 46.99
N ASP H 152 -41.26 -7.47 47.06
CA ASP H 152 -41.62 -6.88 48.33
C ASP H 152 -42.69 -7.78 48.93
N PHE H 153 -42.25 -8.84 49.60
CA PHE H 153 -43.17 -9.78 50.21
C PHE H 153 -44.09 -9.10 51.23
N GLN H 154 -43.54 -8.21 52.03
CA GLN H 154 -44.35 -7.52 53.01
C GLN H 154 -45.50 -6.81 52.33
N LYS H 155 -45.21 -6.13 51.22
CA LYS H 155 -46.27 -5.42 50.50
C LYS H 155 -47.24 -6.39 49.86
N LEU H 156 -46.68 -7.43 49.23
CA LEU H 156 -47.50 -8.42 48.57
C LEU H 156 -48.47 -9.06 49.55
N GLU H 157 -47.97 -9.40 50.74
CA GLU H 157 -48.84 -10.00 51.74
C GLU H 157 -49.93 -9.01 52.13
N LYS H 158 -49.54 -7.75 52.29
CA LYS H 158 -50.48 -6.71 52.64
C LYS H 158 -51.61 -6.65 51.60
N LEU H 159 -51.22 -6.45 50.34
CA LEU H 159 -52.20 -6.36 49.26
C LEU H 159 -53.10 -7.59 49.16
N SER H 160 -52.57 -8.75 49.52
CA SER H 160 -53.36 -9.99 49.45
C SER H 160 -54.47 -10.02 50.50
N LYS H 161 -54.39 -9.12 51.47
CA LYS H 161 -55.40 -9.06 52.51
C LYS H 161 -56.67 -8.38 52.01
N ASP H 162 -56.51 -7.53 51.00
CA ASP H 162 -57.63 -6.81 50.41
C ASP H 162 -58.43 -7.81 49.57
N LYS H 163 -59.58 -8.24 50.11
CA LYS H 163 -60.42 -9.21 49.43
C LYS H 163 -60.96 -8.70 48.09
N ASN H 164 -60.78 -7.41 47.83
CA ASN H 164 -61.24 -6.87 46.56
C ASN H 164 -60.27 -7.30 45.47
N ASN H 165 -59.05 -7.64 45.87
CA ASN H 165 -58.02 -8.08 44.92
C ASN H 165 -58.26 -9.56 44.65
N LYS H 166 -58.50 -9.88 43.39
CA LYS H 166 -58.82 -11.24 43.00
C LYS H 166 -57.71 -12.10 42.43
N ALA H 167 -56.60 -11.51 42.01
CA ALA H 167 -55.53 -12.32 41.46
C ALA H 167 -54.17 -11.65 41.32
N LEU H 168 -53.17 -12.47 41.08
CA LEU H 168 -51.81 -11.98 40.90
C LEU H 168 -51.40 -12.29 39.46
N LEU H 169 -51.05 -11.25 38.71
CA LEU H 169 -50.60 -11.41 37.33
C LEU H 169 -49.09 -11.39 37.41
N PHE H 170 -48.51 -12.59 37.41
CA PHE H 170 -47.07 -12.79 37.54
C PHE H 170 -46.37 -12.94 36.19
N CYS H 171 -45.11 -12.52 36.14
CA CYS H 171 -44.31 -12.60 34.92
C CYS H 171 -43.01 -13.35 35.26
N SER H 172 -42.80 -14.50 34.60
CA SER H 172 -41.64 -15.32 34.90
C SER H 172 -41.10 -16.16 33.75
N PRO H 173 -39.89 -15.84 33.24
CA PRO H 173 -38.97 -14.77 33.63
C PRO H 173 -39.60 -13.39 33.58
N HIS H 174 -39.17 -12.51 34.48
CA HIS H 174 -39.73 -11.17 34.57
C HIS H 174 -39.14 -10.12 33.62
N ASN H 175 -39.96 -9.73 32.63
CA ASN H 175 -39.59 -8.71 31.66
C ASN H 175 -40.06 -7.39 32.26
N PRO H 176 -39.25 -6.32 32.19
CA PRO H 176 -37.90 -6.15 31.62
C PRO H 176 -36.66 -6.34 32.47
N VAL H 177 -36.78 -6.66 33.76
CA VAL H 177 -35.57 -6.79 34.59
C VAL H 177 -34.70 -8.03 34.39
N GLY H 178 -35.19 -9.05 33.71
CA GLY H 178 -34.38 -10.23 33.47
C GLY H 178 -34.29 -11.26 34.60
N ARG H 179 -35.12 -11.11 35.62
CA ARG H 179 -35.10 -12.04 36.74
C ARG H 179 -35.73 -13.41 36.48
N VAL H 180 -35.00 -14.46 36.86
CA VAL H 180 -35.52 -15.81 36.77
C VAL H 180 -35.72 -16.12 38.26
N TRP H 181 -36.96 -16.07 38.71
CA TRP H 181 -37.28 -16.30 40.11
C TRP H 181 -36.77 -17.62 40.69
N LYS H 182 -36.23 -17.57 41.91
CA LYS H 182 -35.71 -18.78 42.54
C LYS H 182 -36.85 -19.52 43.24
N LYS H 183 -36.68 -20.82 43.46
CA LYS H 183 -37.71 -21.60 44.15
C LYS H 183 -38.04 -20.97 45.51
N ASP H 184 -37.01 -20.51 46.22
CA ASP H 184 -37.20 -19.87 47.52
C ASP H 184 -38.16 -18.70 47.42
N GLU H 185 -38.06 -17.95 46.32
CA GLU H 185 -38.92 -16.78 46.11
C GLU H 185 -40.33 -17.19 45.70
N LEU H 186 -40.45 -18.26 44.92
CA LEU H 186 -41.76 -18.71 44.49
C LEU H 186 -42.49 -19.24 45.72
N GLN H 187 -41.75 -19.98 46.54
CA GLN H 187 -42.31 -20.58 47.75
C GLN H 187 -42.86 -19.53 48.72
N LYS H 188 -42.23 -18.35 48.78
CA LYS H 188 -42.73 -17.30 49.68
C LYS H 188 -44.03 -16.72 49.16
N ILE H 189 -44.10 -16.52 47.84
CA ILE H 189 -45.29 -15.96 47.23
C ILE H 189 -46.44 -16.95 47.35
N LYS H 190 -46.16 -18.23 47.09
CA LYS H 190 -47.18 -19.26 47.18
C LYS H 190 -47.92 -19.24 48.53
N ASP H 191 -47.18 -19.32 49.63
CA ASP H 191 -47.82 -19.30 50.94
C ASP H 191 -48.75 -18.10 51.01
N ILE H 192 -48.23 -16.94 50.59
CA ILE H 192 -49.04 -15.75 50.61
C ILE H 192 -50.31 -15.99 49.79
N VAL H 193 -50.14 -16.47 48.57
CA VAL H 193 -51.26 -16.74 47.67
C VAL H 193 -52.25 -17.76 48.22
N LEU H 194 -51.75 -18.94 48.60
CA LEU H 194 -52.63 -19.98 49.13
C LEU H 194 -53.36 -19.51 50.39
N LYS H 195 -52.69 -18.70 51.19
CA LYS H 195 -53.27 -18.17 52.41
C LYS H 195 -54.41 -17.19 52.08
N SER H 196 -54.56 -16.87 50.80
CA SER H 196 -55.61 -15.94 50.36
C SER H 196 -56.48 -16.55 49.26
N ASP H 197 -57.41 -15.75 48.74
CA ASP H 197 -58.30 -16.22 47.68
C ASP H 197 -57.80 -15.77 46.32
N LEU H 198 -56.54 -15.33 46.27
CA LEU H 198 -55.94 -14.88 45.02
C LEU H 198 -55.72 -16.01 44.01
N MET H 199 -55.98 -15.74 42.75
CA MET H 199 -55.74 -16.71 41.68
C MET H 199 -54.33 -16.38 41.23
N LEU H 200 -53.69 -17.30 40.53
CA LEU H 200 -52.36 -17.03 40.00
C LEU H 200 -52.43 -17.16 38.50
N TRP H 201 -51.95 -16.11 37.83
CA TRP H 201 -51.88 -16.06 36.38
C TRP H 201 -50.39 -15.87 36.13
N SER H 202 -49.71 -16.94 35.74
CA SER H 202 -48.28 -16.88 35.52
C SER H 202 -47.92 -16.88 34.05
N ASP H 203 -47.39 -15.74 33.60
CA ASP H 203 -46.97 -15.54 32.22
C ASP H 203 -45.53 -16.01 32.13
N GLU H 204 -45.33 -17.18 31.53
CA GLU H 204 -44.00 -17.74 31.41
C GLU H 204 -43.59 -17.89 29.95
N ILE H 205 -44.05 -16.97 29.12
CA ILE H 205 -43.73 -17.01 27.70
C ILE H 205 -42.22 -16.95 27.41
N HIS H 206 -41.43 -16.52 28.40
CA HIS H 206 -39.98 -16.43 28.26
C HIS H 206 -39.24 -17.56 28.99
N PHE H 207 -39.95 -18.59 29.43
CA PHE H 207 -39.27 -19.63 30.20
C PHE H 207 -38.28 -20.57 29.52
N ASP H 208 -37.99 -20.35 28.23
CA ASP H 208 -37.03 -21.19 27.53
C ASP H 208 -35.75 -20.41 27.26
N LEU H 209 -35.80 -19.11 27.52
CA LEU H 209 -34.65 -18.25 27.30
C LEU H 209 -33.99 -17.97 28.65
N ILE H 210 -33.29 -18.97 29.16
CA ILE H 210 -32.62 -18.89 30.44
C ILE H 210 -31.10 -18.80 30.23
N MET H 211 -30.50 -17.73 30.75
CA MET H 211 -29.05 -17.53 30.63
C MET H 211 -28.26 -18.63 31.33
N PRO H 212 -27.06 -18.94 30.81
CA PRO H 212 -26.25 -19.98 31.43
C PRO H 212 -26.06 -19.66 32.92
N GLY H 213 -26.24 -20.65 33.78
CA GLY H 213 -26.08 -20.42 35.20
C GLY H 213 -27.40 -20.33 35.96
N TYR H 214 -28.51 -20.20 35.23
CA TYR H 214 -29.80 -20.12 35.90
C TYR H 214 -30.77 -21.16 35.36
N GLU H 215 -31.66 -21.60 36.21
CA GLU H 215 -32.65 -22.60 35.84
C GLU H 215 -34.03 -22.00 36.13
N HIS H 216 -34.97 -22.18 35.22
CA HIS H 216 -36.30 -21.66 35.41
C HIS H 216 -37.21 -22.65 36.13
N THR H 217 -38.10 -22.13 36.96
CA THR H 217 -39.05 -22.97 37.69
C THR H 217 -40.49 -22.53 37.39
N VAL H 218 -41.29 -23.47 36.88
CA VAL H 218 -42.68 -23.22 36.54
C VAL H 218 -43.44 -23.11 37.84
N PHE H 219 -43.97 -21.92 38.10
CA PHE H 219 -44.68 -21.65 39.33
C PHE H 219 -45.61 -22.75 39.84
N GLN H 220 -46.65 -23.08 39.08
CA GLN H 220 -47.61 -24.08 39.51
C GLN H 220 -47.07 -25.48 39.68
N SER H 221 -45.79 -25.70 39.38
CA SER H 221 -45.24 -27.05 39.49
C SER H 221 -44.66 -27.33 40.86
N ILE H 222 -44.68 -26.34 41.74
CA ILE H 222 -44.11 -26.52 43.07
C ILE H 222 -45.14 -26.88 44.14
N ASP H 223 -46.41 -26.93 43.75
CA ASP H 223 -47.45 -27.25 44.71
C ASP H 223 -48.78 -27.58 44.04
N GLU H 224 -49.33 -28.74 44.40
CA GLU H 224 -50.59 -29.24 43.86
C GLU H 224 -51.75 -28.26 44.04
N GLN H 225 -51.92 -27.81 45.28
CA GLN H 225 -52.98 -26.89 45.64
C GLN H 225 -52.92 -25.59 44.87
N LEU H 226 -51.71 -25.02 44.78
CA LEU H 226 -51.53 -23.79 44.04
C LEU H 226 -51.91 -24.02 42.59
N ALA H 227 -51.35 -25.07 42.00
CA ALA H 227 -51.66 -25.40 40.62
C ALA H 227 -53.18 -25.46 40.41
N ASP H 228 -53.92 -25.88 41.43
CA ASP H 228 -55.38 -25.99 41.34
C ASP H 228 -56.10 -24.68 40.99
N LYS H 229 -55.43 -23.55 41.20
CA LYS H 229 -56.02 -22.26 40.88
C LYS H 229 -55.04 -21.37 40.15
N THR H 230 -54.23 -21.98 39.29
CA THR H 230 -53.23 -21.26 38.51
C THR H 230 -53.48 -21.43 37.03
N ILE H 231 -53.15 -20.37 36.28
CA ILE H 231 -53.27 -20.39 34.83
C ILE H 231 -51.87 -20.01 34.36
N THR H 232 -51.21 -20.93 33.68
CA THR H 232 -49.87 -20.67 33.18
C THR H 232 -49.92 -20.42 31.68
N PHE H 233 -49.39 -19.28 31.28
CA PHE H 233 -49.38 -18.95 29.87
C PHE H 233 -48.03 -19.30 29.27
N THR H 234 -48.06 -20.01 28.16
CA THR H 234 -46.84 -20.40 27.49
C THR H 234 -47.05 -20.30 26.00
N ALA H 235 -45.94 -20.26 25.27
CA ALA H 235 -46.00 -20.19 23.83
C ALA H 235 -44.60 -20.53 23.33
N PRO H 236 -44.48 -20.87 22.05
CA PRO H 236 -43.15 -21.18 21.53
C PRO H 236 -42.59 -19.94 20.86
N SER H 237 -43.45 -18.94 20.66
CA SER H 237 -43.11 -17.69 19.98
C SER H 237 -41.83 -16.97 20.36
N LYS H 238 -41.57 -16.75 21.65
CA LYS H 238 -40.33 -16.07 22.00
C LYS H 238 -39.14 -16.98 21.85
N THR H 239 -39.32 -18.23 22.27
CA THR H 239 -38.27 -19.23 22.21
C THR H 239 -37.71 -19.38 20.82
N PHE H 240 -38.59 -19.46 19.81
CA PHE H 240 -38.16 -19.65 18.43
C PHE H 240 -38.40 -18.51 17.45
N ASN H 241 -38.74 -17.34 17.98
CA ASN H 241 -38.95 -16.16 17.15
C ASN H 241 -40.10 -16.29 16.17
N ILE H 242 -41.20 -16.88 16.64
CA ILE H 242 -42.36 -17.05 15.79
C ILE H 242 -43.59 -16.43 16.44
N ALA H 243 -43.45 -15.17 16.82
CA ALA H 243 -44.56 -14.44 17.43
C ALA H 243 -45.56 -14.16 16.33
N GLY H 244 -45.15 -14.41 15.09
CA GLY H 244 -46.01 -14.19 13.94
C GLY H 244 -46.71 -15.45 13.48
N MET H 245 -46.57 -16.55 14.22
CA MET H 245 -47.23 -17.78 13.84
C MET H 245 -48.55 -17.95 14.60
N GLY H 246 -48.82 -17.00 15.47
CA GLY H 246 -50.05 -16.97 16.26
C GLY H 246 -50.56 -18.23 16.95
N MET H 247 -49.76 -18.81 17.84
CA MET H 247 -50.20 -20.00 18.55
C MET H 247 -49.68 -20.02 20.00
N SER H 248 -50.56 -20.38 20.93
CA SER H 248 -50.17 -20.42 22.33
C SER H 248 -50.76 -21.62 23.04
N ASN H 249 -50.09 -22.02 24.11
CA ASN H 249 -50.53 -23.16 24.92
C ASN H 249 -50.76 -22.72 26.35
N ILE H 250 -52.01 -22.45 26.68
CA ILE H 250 -52.40 -22.01 28.00
C ILE H 250 -52.72 -23.23 28.85
N ILE H 251 -51.91 -23.47 29.87
CA ILE H 251 -52.08 -24.64 30.73
C ILE H 251 -52.94 -24.33 31.95
N ILE H 252 -54.06 -25.05 32.07
CA ILE H 252 -54.99 -24.87 33.18
C ILE H 252 -55.34 -26.23 33.75
N LYS H 253 -54.86 -26.52 34.96
CA LYS H 253 -55.11 -27.82 35.59
C LYS H 253 -56.57 -27.99 36.01
N ASN H 254 -57.04 -27.07 36.84
CA ASN H 254 -58.40 -27.10 37.34
C ASN H 254 -59.45 -27.10 36.23
N PRO H 255 -60.22 -28.20 36.11
CA PRO H 255 -61.27 -28.38 35.10
C PRO H 255 -62.25 -27.23 35.06
N ASP H 256 -62.71 -26.80 36.22
CA ASP H 256 -63.68 -25.73 36.28
C ASP H 256 -63.09 -24.44 35.69
N ILE H 257 -61.92 -24.07 36.19
CA ILE H 257 -61.25 -22.87 35.71
C ILE H 257 -61.00 -22.96 34.21
N ARG H 258 -60.65 -24.15 33.74
CA ARG H 258 -60.38 -24.36 32.33
C ARG H 258 -61.60 -24.13 31.46
N GLU H 259 -62.71 -24.77 31.82
CA GLU H 259 -63.95 -24.63 31.06
C GLU H 259 -64.39 -23.17 30.99
N ARG H 260 -64.33 -22.47 32.12
CA ARG H 260 -64.72 -21.06 32.12
C ARG H 260 -63.81 -20.26 31.19
N PHE H 261 -62.55 -20.66 31.11
CA PHE H 261 -61.60 -19.96 30.26
C PHE H 261 -61.94 -20.19 28.80
N THR H 262 -62.23 -21.45 28.47
CA THR H 262 -62.57 -21.80 27.10
C THR H 262 -63.82 -21.06 26.63
N LYS H 263 -64.88 -21.09 27.44
CA LYS H 263 -66.12 -20.40 27.07
C LYS H 263 -65.88 -18.91 26.84
N SER H 264 -65.13 -18.28 27.74
CA SER H 264 -64.86 -16.85 27.61
C SER H 264 -64.06 -16.60 26.34
N ARG H 265 -63.14 -17.52 26.02
CA ARG H 265 -62.34 -17.37 24.83
C ARG H 265 -63.22 -17.48 23.59
N ASP H 266 -64.21 -18.36 23.63
CA ASP H 266 -65.08 -18.55 22.48
C ASP H 266 -66.07 -17.43 22.23
N ALA H 267 -66.34 -16.61 23.24
CA ALA H 267 -67.29 -15.50 23.03
C ALA H 267 -66.54 -14.28 22.51
N THR H 268 -65.26 -14.18 22.81
CA THR H 268 -64.49 -13.04 22.37
C THR H 268 -63.76 -13.25 21.05
N SER H 269 -62.69 -14.05 21.08
CA SER H 269 -61.90 -14.31 19.87
C SER H 269 -62.27 -15.62 19.20
N GLY H 270 -62.46 -16.65 20.01
CA GLY H 270 -62.81 -17.95 19.47
C GLY H 270 -61.61 -18.87 19.42
N MET H 271 -61.85 -20.10 18.98
CA MET H 271 -60.80 -21.11 18.85
C MET H 271 -59.88 -20.76 17.69
N PRO H 272 -58.55 -20.87 17.89
CA PRO H 272 -57.62 -20.56 16.81
C PRO H 272 -57.79 -21.62 15.73
N PHE H 273 -57.94 -21.20 14.48
CA PHE H 273 -58.11 -22.14 13.38
C PHE H 273 -56.85 -22.23 12.52
N THR H 274 -55.85 -21.43 12.87
CA THR H 274 -54.60 -21.42 12.13
C THR H 274 -54.04 -22.83 11.98
N THR H 275 -53.93 -23.28 10.74
CA THR H 275 -53.43 -24.61 10.46
C THR H 275 -51.91 -24.72 10.61
N LEU H 276 -51.18 -23.68 10.22
CA LEU H 276 -49.72 -23.67 10.31
C LEU H 276 -49.19 -23.32 11.69
N GLY H 277 -50.01 -22.62 12.49
CA GLY H 277 -49.61 -22.25 13.84
C GLY H 277 -49.37 -23.50 14.68
N TYR H 278 -50.31 -24.44 14.61
CA TYR H 278 -50.19 -25.68 15.37
C TYR H 278 -48.97 -26.48 14.93
N LYS H 279 -48.73 -26.52 13.63
CA LYS H 279 -47.61 -27.25 13.06
C LYS H 279 -46.28 -26.62 13.43
N ALA H 280 -46.23 -25.30 13.38
CA ALA H 280 -45.00 -24.60 13.70
C ALA H 280 -44.55 -24.98 15.11
N CYS H 281 -45.43 -24.85 16.10
CA CYS H 281 -45.06 -25.18 17.47
C CYS H 281 -44.57 -26.63 17.57
N GLU H 282 -45.23 -27.55 16.89
CA GLU H 282 -44.79 -28.94 16.95
C GLU H 282 -43.40 -29.16 16.34
N ILE H 283 -43.11 -28.52 15.21
CA ILE H 283 -41.81 -28.69 14.59
C ILE H 283 -40.69 -28.16 15.49
N CYS H 284 -40.90 -26.99 16.07
CA CYS H 284 -39.89 -26.39 16.93
C CYS H 284 -39.50 -27.24 18.13
N TYR H 285 -40.50 -27.74 18.85
CA TYR H 285 -40.26 -28.57 20.03
C TYR H 285 -39.55 -29.89 19.72
N LYS H 286 -39.81 -30.44 18.54
CA LYS H 286 -39.20 -31.70 18.15
C LYS H 286 -37.86 -31.55 17.46
N GLU H 287 -37.70 -30.50 16.67
CA GLU H 287 -36.47 -30.36 15.90
C GLU H 287 -35.50 -29.20 16.12
N CYS H 288 -35.98 -28.09 16.68
CA CYS H 288 -35.11 -26.92 16.84
C CYS H 288 -34.45 -26.67 18.19
N GLY H 289 -34.42 -27.68 19.04
CA GLY H 289 -33.79 -27.52 20.35
C GLY H 289 -32.33 -27.13 20.27
N LYS H 290 -31.60 -27.64 19.26
CA LYS H 290 -30.17 -27.32 19.10
C LYS H 290 -30.01 -25.85 18.70
N TRP H 291 -30.83 -25.42 17.75
CA TRP H 291 -30.79 -24.04 17.27
C TRP H 291 -31.03 -23.09 18.45
N LEU H 292 -31.97 -23.46 19.32
CA LEU H 292 -32.28 -22.67 20.50
C LEU H 292 -31.07 -22.47 21.40
N ASP H 293 -30.28 -23.54 21.55
CA ASP H 293 -29.09 -23.49 22.39
C ASP H 293 -28.00 -22.59 21.81
N GLY H 294 -27.90 -22.56 20.48
CA GLY H 294 -26.90 -21.71 19.85
C GLY H 294 -27.32 -20.27 19.99
N CYS H 295 -28.63 -20.05 19.86
CA CYS H 295 -29.19 -18.71 19.97
C CYS H 295 -28.92 -18.18 21.37
N ILE H 296 -29.15 -19.01 22.38
CA ILE H 296 -28.88 -18.54 23.74
C ILE H 296 -27.40 -18.18 23.90
N LYS H 297 -26.50 -19.00 23.37
CA LYS H 297 -25.07 -18.71 23.48
C LYS H 297 -24.76 -17.29 22.97
N VAL H 298 -25.37 -16.90 21.86
CA VAL H 298 -25.13 -15.57 21.31
C VAL H 298 -25.72 -14.52 22.24
N ILE H 299 -26.90 -14.78 22.77
CA ILE H 299 -27.54 -13.84 23.67
C ILE H 299 -26.64 -13.62 24.89
N ASP H 300 -26.08 -14.71 25.41
CA ASP H 300 -25.21 -14.62 26.58
C ASP H 300 -23.98 -13.78 26.25
N LYS H 301 -23.46 -13.94 25.04
CA LYS H 301 -22.29 -13.19 24.62
C LYS H 301 -22.61 -11.70 24.50
N ASN H 302 -23.83 -11.39 24.06
CA ASN H 302 -24.22 -9.99 23.90
C ASN H 302 -24.47 -9.20 25.19
N GLN H 303 -25.19 -9.80 26.14
CA GLN H 303 -25.47 -9.11 27.41
C GLN H 303 -24.15 -8.71 28.06
N ARG H 304 -23.13 -9.55 27.90
CA ARG H 304 -21.81 -9.29 28.44
C ARG H 304 -21.09 -8.18 27.68
N ILE H 305 -21.33 -8.10 26.37
CA ILE H 305 -20.72 -7.05 25.55
C ILE H 305 -21.30 -5.71 25.97
N VAL H 306 -22.61 -5.68 26.19
CA VAL H 306 -23.27 -4.46 26.60
C VAL H 306 -22.71 -3.97 27.92
N LYS H 307 -22.78 -4.84 28.93
CA LYS H 307 -22.28 -4.55 30.27
C LYS H 307 -20.85 -4.01 30.25
N ASP H 308 -19.97 -4.69 29.53
CA ASP H 308 -18.58 -4.25 29.45
C ASP H 308 -18.46 -2.88 28.81
N PHE H 309 -19.16 -2.68 27.70
CA PHE H 309 -19.13 -1.42 26.98
C PHE H 309 -19.29 -0.22 27.91
N PHE H 310 -20.32 -0.25 28.76
CA PHE H 310 -20.53 0.87 29.67
C PHE H 310 -19.46 0.99 30.74
N GLU H 311 -19.06 -0.12 31.32
CA GLU H 311 -18.02 -0.10 32.35
C GLU H 311 -16.76 0.58 31.79
N VAL H 312 -16.47 0.30 30.53
CA VAL H 312 -15.30 0.83 29.85
C VAL H 312 -15.45 2.24 29.27
N ASN H 313 -16.65 2.61 28.84
CA ASN H 313 -16.83 3.93 28.23
C ASN H 313 -17.72 4.87 29.03
N HIS H 314 -18.69 4.31 29.75
CA HIS H 314 -19.62 5.11 30.54
C HIS H 314 -20.06 4.35 31.80
N PRO H 315 -19.15 4.26 32.78
CA PRO H 315 -19.36 3.57 34.06
C PRO H 315 -20.55 4.07 34.88
N GLU H 316 -20.90 5.34 34.73
CA GLU H 316 -22.03 5.87 35.48
C GLU H 316 -23.33 5.22 35.00
N ILE H 317 -23.28 4.67 33.79
CA ILE H 317 -24.41 3.98 33.20
C ILE H 317 -24.11 2.52 33.47
N LYS H 318 -25.12 1.77 33.91
CA LYS H 318 -24.90 0.37 34.26
C LYS H 318 -25.82 -0.63 33.56
N ALA H 319 -25.20 -1.67 33.02
CA ALA H 319 -25.93 -2.72 32.33
C ALA H 319 -25.49 -4.07 32.87
N PRO H 320 -26.11 -4.53 33.96
CA PRO H 320 -25.78 -5.82 34.57
C PRO H 320 -26.29 -7.02 33.77
N LEU H 321 -25.72 -8.18 34.06
CA LEU H 321 -26.12 -9.42 33.39
C LEU H 321 -27.51 -9.82 33.87
N ILE H 322 -28.29 -10.43 32.98
CA ILE H 322 -29.64 -10.85 33.30
C ILE H 322 -29.67 -12.38 33.44
N GLU H 323 -30.73 -12.88 34.07
CA GLU H 323 -30.87 -14.31 34.30
C GLU H 323 -31.73 -14.97 33.22
N GLY H 324 -32.67 -14.18 32.69
CA GLY H 324 -33.57 -14.69 31.65
C GLY H 324 -33.97 -13.69 30.56
N THR H 325 -34.69 -14.18 29.56
CA THR H 325 -35.12 -13.38 28.42
C THR H 325 -33.86 -12.84 27.75
N TYR H 326 -34.03 -12.24 26.57
CA TYR H 326 -32.89 -11.66 25.88
C TYR H 326 -33.08 -10.14 25.92
N LEU H 327 -33.72 -9.70 26.99
CA LEU H 327 -34.02 -8.28 27.22
C LEU H 327 -33.24 -7.71 28.41
N GLN H 328 -32.14 -7.04 28.12
CA GLN H 328 -31.25 -6.46 29.11
C GLN H 328 -31.74 -5.12 29.66
N TRP H 329 -31.64 -4.98 30.99
CA TRP H 329 -32.07 -3.78 31.71
C TRP H 329 -30.87 -2.88 32.01
N ILE H 330 -30.86 -1.67 31.44
CA ILE H 330 -29.75 -0.73 31.63
C ILE H 330 -30.12 0.51 32.45
N ASP H 331 -29.32 0.82 33.46
CA ASP H 331 -29.55 1.99 34.32
C ASP H 331 -28.87 3.25 33.74
N PHE H 332 -29.67 4.21 33.27
CA PHE H 332 -29.18 5.46 32.70
C PHE H 332 -29.54 6.66 33.58
N ARG H 333 -29.92 6.41 34.83
CA ARG H 333 -30.29 7.50 35.74
C ARG H 333 -29.16 8.50 36.00
N ALA H 334 -27.92 8.05 35.87
CA ALA H 334 -26.75 8.90 36.09
C ALA H 334 -26.70 10.08 35.10
N LEU H 335 -27.26 9.86 33.92
CA LEU H 335 -27.27 10.88 32.86
C LEU H 335 -28.20 12.04 33.20
N LYS H 336 -28.84 11.96 34.35
CA LYS H 336 -29.75 13.00 34.84
C LYS H 336 -30.72 13.60 33.82
N MET H 337 -31.18 12.80 32.86
CA MET H 337 -32.13 13.28 31.85
C MET H 337 -33.52 12.74 32.16
N ASP H 338 -34.53 13.59 32.08
CA ASP H 338 -35.88 13.12 32.32
C ASP H 338 -36.15 12.11 31.20
N HIS H 339 -37.05 11.16 31.44
CA HIS H 339 -37.33 10.12 30.46
C HIS H 339 -37.71 10.59 29.05
N LYS H 340 -38.63 11.52 28.93
CA LYS H 340 -39.03 12.02 27.62
C LYS H 340 -37.85 12.60 26.85
N ALA H 341 -37.00 13.35 27.55
CA ALA H 341 -35.83 13.96 26.94
C ALA H 341 -34.77 12.92 26.57
N MET H 342 -34.62 11.91 27.42
CA MET H 342 -33.64 10.87 27.16
C MET H 342 -34.08 10.07 25.93
N GLU H 343 -35.40 9.89 25.81
CA GLU H 343 -35.98 9.19 24.67
C GLU H 343 -35.67 9.98 23.40
N GLU H 344 -35.81 11.30 23.49
CA GLU H 344 -35.53 12.20 22.38
C GLU H 344 -34.06 12.02 22.00
N PHE H 345 -33.20 11.92 23.02
CA PHE H 345 -31.78 11.76 22.80
C PHE H 345 -31.46 10.43 22.11
N MET H 346 -32.01 9.34 22.63
CA MET H 346 -31.76 8.03 22.08
C MET H 346 -32.23 7.90 20.62
N ILE H 347 -33.44 8.36 20.34
CA ILE H 347 -34.01 8.28 19.00
C ILE H 347 -33.31 9.12 17.94
N HIS H 348 -33.23 10.42 18.16
CA HIS H 348 -32.63 11.32 17.18
C HIS H 348 -31.14 11.60 17.30
N LYS H 349 -30.52 11.31 18.43
CA LYS H 349 -29.10 11.59 18.59
C LYS H 349 -28.18 10.37 18.46
N ALA H 350 -28.52 9.31 19.17
CA ALA H 350 -27.72 8.09 19.14
C ALA H 350 -28.33 7.15 18.11
N GLN H 351 -29.58 7.41 17.76
CA GLN H 351 -30.30 6.57 16.80
C GLN H 351 -30.26 5.12 17.25
N ILE H 352 -30.46 4.93 18.54
CA ILE H 352 -30.49 3.61 19.14
C ILE H 352 -31.90 3.49 19.69
N PHE H 353 -32.66 2.55 19.12
CA PHE H 353 -34.04 2.36 19.52
C PHE H 353 -34.27 1.27 20.55
N PHE H 354 -34.45 1.70 21.79
CA PHE H 354 -34.68 0.79 22.91
C PHE H 354 -36.18 0.71 23.14
N ASP H 355 -36.53 0.20 24.30
CA ASP H 355 -37.91 0.13 24.76
C ASP H 355 -37.76 1.00 26.00
N GLU H 356 -38.04 2.29 25.86
CA GLU H 356 -37.91 3.23 26.96
C GLU H 356 -38.49 2.67 28.26
N GLY H 357 -37.62 2.56 29.26
CA GLY H 357 -38.01 2.02 30.56
C GLY H 357 -39.33 2.52 31.13
N TYR H 358 -39.63 3.81 30.95
CA TYR H 358 -40.84 4.37 31.50
C TYR H 358 -42.14 3.72 31.02
N ILE H 359 -42.11 3.03 29.88
CA ILE H 359 -43.32 2.39 29.40
C ILE H 359 -43.70 1.20 30.27
N PHE H 360 -42.74 0.72 31.06
CA PHE H 360 -43.00 -0.41 31.93
C PHE H 360 -43.45 0.03 33.31
N GLY H 361 -43.65 1.34 33.48
CA GLY H 361 -44.08 1.88 34.76
C GLY H 361 -43.10 2.91 35.29
N ASP H 362 -43.53 3.69 36.29
CA ASP H 362 -42.68 4.72 36.86
C ASP H 362 -41.33 4.21 37.39
N GLY H 363 -41.30 2.96 37.82
CA GLY H 363 -40.07 2.38 38.33
C GLY H 363 -39.06 2.08 37.24
N GLY H 364 -39.40 2.40 36.00
CA GLY H 364 -38.49 2.15 34.89
C GLY H 364 -37.90 3.44 34.37
N ILE H 365 -38.50 4.56 34.77
CA ILE H 365 -38.03 5.88 34.35
C ILE H 365 -36.53 6.02 34.61
N GLY H 366 -35.77 6.27 33.55
CA GLY H 366 -34.34 6.42 33.68
C GLY H 366 -33.61 5.20 33.17
N PHE H 367 -34.36 4.14 32.90
CA PHE H 367 -33.77 2.90 32.39
C PHE H 367 -34.04 2.72 30.91
N GLU H 368 -33.34 1.77 30.29
CA GLU H 368 -33.51 1.46 28.87
C GLU H 368 -33.45 -0.05 28.70
N ARG H 369 -34.33 -0.61 27.87
CA ARG H 369 -34.31 -2.03 27.64
C ARG H 369 -33.80 -2.30 26.24
N ILE H 370 -32.71 -3.05 26.15
CA ILE H 370 -32.08 -3.39 24.88
C ILE H 370 -32.33 -4.86 24.53
N ASN H 371 -32.61 -5.12 23.25
CA ASN H 371 -32.89 -6.46 22.76
C ASN H 371 -31.56 -7.12 22.34
N LEU H 372 -31.13 -8.12 23.09
CA LEU H 372 -29.88 -8.80 22.79
C LEU H 372 -29.95 -9.84 21.67
N ALA H 373 -31.13 -10.05 21.10
CA ALA H 373 -31.30 -11.02 20.05
C ALA H 373 -30.98 -10.45 18.67
N ALA H 374 -29.68 -10.43 18.35
CA ALA H 374 -29.19 -9.93 17.06
C ALA H 374 -27.73 -10.33 16.92
N PRO H 375 -27.19 -10.30 15.69
CA PRO H 375 -25.77 -10.67 15.55
C PRO H 375 -24.91 -9.76 16.41
N SER H 376 -23.91 -10.32 17.08
CA SER H 376 -23.03 -9.54 17.94
C SER H 376 -22.54 -8.25 17.25
N SER H 377 -22.24 -8.36 15.96
CA SER H 377 -21.76 -7.20 15.19
C SER H 377 -22.78 -6.07 15.17
N VAL H 378 -24.06 -6.40 15.23
CA VAL H 378 -25.13 -5.40 15.20
C VAL H 378 -25.18 -4.65 16.53
N ILE H 379 -24.91 -5.36 17.62
CA ILE H 379 -24.92 -4.74 18.93
C ILE H 379 -23.74 -3.77 19.04
N GLN H 380 -22.57 -4.24 18.59
CA GLN H 380 -21.36 -3.44 18.61
C GLN H 380 -21.60 -2.12 17.88
N GLU H 381 -22.21 -2.22 16.71
CA GLU H 381 -22.51 -1.04 15.91
C GLU H 381 -23.39 -0.08 16.69
N SER H 382 -24.51 -0.57 17.20
CA SER H 382 -25.45 0.26 17.96
C SER H 382 -24.78 0.96 19.15
N LEU H 383 -23.98 0.21 19.91
CA LEU H 383 -23.30 0.75 21.08
C LEU H 383 -22.31 1.86 20.70
N GLU H 384 -21.46 1.59 19.72
CA GLU H 384 -20.47 2.58 19.29
C GLU H 384 -21.17 3.86 18.82
N ARG H 385 -22.35 3.71 18.25
CA ARG H 385 -23.11 4.84 17.78
C ARG H 385 -23.60 5.61 19.00
N LEU H 386 -23.96 4.88 20.06
CA LEU H 386 -24.42 5.50 21.30
C LEU H 386 -23.20 6.06 22.02
N ASN H 387 -22.06 5.41 21.82
CA ASN H 387 -20.82 5.83 22.44
C ASN H 387 -20.47 7.25 21.97
N LYS H 388 -20.42 7.43 20.65
CA LYS H 388 -20.11 8.73 20.08
C LYS H 388 -21.16 9.76 20.47
N ALA H 389 -22.43 9.35 20.42
CA ALA H 389 -23.54 10.23 20.76
C ALA H 389 -23.46 10.66 22.23
N LEU H 390 -22.98 9.77 23.09
CA LEU H 390 -22.85 10.08 24.51
C LEU H 390 -21.70 11.07 24.74
N LYS H 391 -20.55 10.77 24.15
CA LYS H 391 -19.37 11.63 24.27
C LYS H 391 -19.73 13.04 23.82
N ASP H 392 -20.40 13.14 22.67
CA ASP H 392 -20.82 14.43 22.15
C ASP H 392 -21.70 15.12 23.19
N LEU H 393 -22.59 14.35 23.82
CA LEU H 393 -23.49 14.90 24.84
C LEU H 393 -22.60 15.43 25.97
N LYS H 394 -21.33 15.00 25.94
CA LYS H 394 -20.32 15.40 26.91
C LYS H 394 -20.49 14.70 28.25
#